data_6PSN
#
_entry.id   6PSN
#
_cell.length_a   1.00
_cell.length_b   1.00
_cell.length_c   1.00
_cell.angle_alpha   90.00
_cell.angle_beta   90.00
_cell.angle_gamma   90.00
#
_symmetry.space_group_name_H-M   'P 1'
#
loop_
_entity.id
_entity.type
_entity.pdbx_description
1 polymer 'Protective antigen'
2 polymer 'Lethal factor'
3 non-polymer 'CALCIUM ION'
#
loop_
_entity_poly.entity_id
_entity_poly.type
_entity_poly.pdbx_seq_one_letter_code
_entity_poly.pdbx_strand_id
1 'polypeptide(L)'
;STSAGPTVPDRDNDGIPDSLEVEGYTVDVKNKRTFLSPWISNIHEKKGLTKYKSSPEKWSTASDPYSDFEKVTGRIDKNV
SPEARHPLVAAYPIVHVDMENIILSKNEDQSTQNTDSQTRTISKNTSTSRTHTSEVHGNAEVHASFFDIGGSVSAGFSNS
NSSTVAIDHSLSLAGERTWAETMGLNTADTARLNANIRYVNTGTAPIYNVLPTTSLVLGKNQTLATIKAKENQLSQILAP
NNYYPSKNLAPIALNAQDDFSSTPITMNYNQFLELEKTKQLRLDTDQVYGNIATYNFENGRVRVDTGSNWSEVLPQIQET
TARIIFNGKDLNLVERRIAAVNPSDPLETTKPDMTLKEALKIAFGFNEPNGNLQYQGKDITEFDFNFDQQTSQNIKNQLA
ELNATNIYTVLDKIKLNAKMNILIRDKRFHYDRNNIAVGADESVVKEAHREVINSSTEGLLLNIDKDIRKILSGYIVEIE
DTEGLKEVINDRYDMLNISSLRQDGKTFIDFKKYNDKLPLYISNPNYKVNVYAVTKENTIINPSENGDTSTNGIKKILIF
SKKGYEIG
;
A,B,C,D,E,F,G
2 'polypeptide(L)'
;MNIKKEFIKVISMSCLVTAITLSGPVFIPLVQGAGGHGDVGMHVKEKEKNKDENKRKDEERNKTQEEHLKEIMKHIVKIE
VKGEEAVKKEAAEKLLEKVPSDVLEMYKAIGGKIYIVDGDITKHISLEALSEDKKKIKDIYGKDALLHEHYVYAKEGYEP
VLVIQSSEDYVENTEKALNVYYEIGKILSRDILSKINQPYQKFLDVLNTIKNASDSDGQDLLFTNQLKEHPTDFSVEFLE
QNSNEVQEVFAKAFAYYIEPQHRDVLQLYAPEAFNYMDKFNEQEINLSLEELKDQRMLARYEKWEKIKQHYQHWSDSLSE
EGRGLLKKLQIPIEPKKDDIIHSLSQEEKELLKRIQIDSSDFLSTEEKEFLKKLQIDIRDSLSEEEKELLNRIQVDSSNP
LSEKEKEFLKKLKLDIQPYDINQRLQDTGGLIDSPSINLDVRKQYKRDIQNIDALLHQSIGSTLYNKIYLYENMNINNLT
ATLGADLVDSTDNTKINRGIFNEFKKNFKYSISSNYMIVDINERPALDNERLKWRIQLSPDTRAGYLENGKLILQRNIGL
EIKDVQIIKQSEKEYIRIDAKVVPKSKIDTKIQEAQLNINQEWNKALGLPKYTKLITFNVHNRYASNIVESAYLILNEWK
NNIQSDLIKKVTNYLVDGNGRFVFTDITLPNIAEQYTHQDEIYEQVHSKGLYVPESRSILLHGPSKGVELRNDSEGFIHE
FGHAVDDYAGYLLDKNQSDLVTNSKKFIDIFKEEGSNLTSYGRTNEAEFFAEAFRLMHSTDHAERLKVQKNAPKTFQFIN
DQIKFIINS
;
L
#
loop_
_chem_comp.id
_chem_comp.type
_chem_comp.name
_chem_comp.formula
CA non-polymer 'CALCIUM ION' 'Ca 2'
#
# COMPACT_ATOMS: atom_id res chain seq x y z
N THR A 7 56.48 -0.84 11.30
CA THR A 7 55.16 -0.89 10.68
C THR A 7 55.26 -0.72 9.16
N VAL A 8 54.90 -1.77 8.44
CA VAL A 8 54.98 -1.77 6.97
C VAL A 8 53.76 -1.04 6.42
N PRO A 9 53.91 -0.19 5.40
CA PRO A 9 52.77 0.54 4.86
C PRO A 9 51.89 -0.29 3.93
N ASP A 10 50.60 0.02 3.98
CA ASP A 10 49.58 -0.49 3.05
C ASP A 10 48.60 0.67 2.85
N ARG A 11 48.87 1.49 1.84
CA ARG A 11 48.05 2.68 1.60
C ARG A 11 46.65 2.29 1.17
N ASP A 12 46.54 1.23 0.37
CA ASP A 12 45.26 0.71 -0.08
C ASP A 12 44.46 0.04 1.02
N ASN A 13 45.07 -0.20 2.19
CA ASN A 13 44.42 -0.63 3.42
C ASN A 13 43.76 -2.00 3.25
N ASP A 14 44.21 -2.76 2.26
CA ASP A 14 43.65 -4.05 1.95
C ASP A 14 44.38 -5.18 2.62
N GLY A 15 45.12 -4.90 3.69
CA GLY A 15 45.77 -5.93 4.46
C GLY A 15 47.01 -6.50 3.84
N ILE A 16 47.47 -5.92 2.74
CA ILE A 16 48.63 -6.41 2.01
C ILE A 16 49.50 -5.23 1.62
N PRO A 17 50.78 -5.27 1.97
CA PRO A 17 51.64 -4.10 1.82
C PRO A 17 51.91 -3.76 0.36
N ASP A 18 52.45 -2.56 0.19
CA ASP A 18 52.44 -1.91 -1.10
C ASP A 18 53.55 -2.44 -2.00
N SER A 19 54.73 -2.66 -1.42
CA SER A 19 55.86 -3.17 -2.17
C SER A 19 55.62 -4.57 -2.69
N LEU A 20 54.84 -5.38 -1.97
CA LEU A 20 54.54 -6.71 -2.44
C LEU A 20 53.60 -6.66 -3.64
N GLU A 21 52.59 -5.79 -3.58
CA GLU A 21 51.67 -5.62 -4.70
C GLU A 21 52.37 -5.07 -5.93
N VAL A 22 53.40 -4.25 -5.71
CA VAL A 22 54.17 -3.73 -6.83
C VAL A 22 55.06 -4.82 -7.41
N GLU A 23 55.86 -5.45 -6.56
CA GLU A 23 56.98 -6.26 -7.02
C GLU A 23 56.63 -7.73 -7.22
N GLY A 24 55.43 -8.14 -6.86
CA GLY A 24 55.11 -9.52 -7.05
C GLY A 24 55.04 -10.28 -5.74
N TYR A 25 54.06 -11.17 -5.65
CA TYR A 25 53.84 -11.92 -4.43
C TYR A 25 53.06 -13.18 -4.78
N THR A 26 52.75 -13.96 -3.75
CA THR A 26 51.98 -15.18 -3.87
C THR A 26 51.45 -15.57 -2.51
N VAL A 27 50.52 -16.52 -2.52
CA VAL A 27 49.93 -17.09 -1.32
C VAL A 27 50.25 -18.58 -1.32
N ASP A 28 50.76 -19.08 -0.21
CA ASP A 28 51.13 -20.49 -0.16
C ASP A 28 50.79 -21.09 1.20
N VAL A 29 50.17 -22.26 1.17
CA VAL A 29 49.95 -22.99 2.41
C VAL A 29 51.19 -23.78 2.74
N LYS A 30 51.46 -23.94 4.03
CA LYS A 30 52.61 -24.73 4.45
C LYS A 30 52.19 -26.02 5.14
N ASN A 31 51.42 -25.93 6.22
CA ASN A 31 50.90 -27.13 6.84
C ASN A 31 49.39 -27.18 6.72
N LYS A 32 48.69 -26.20 7.29
CA LYS A 32 47.29 -25.94 7.00
C LYS A 32 47.03 -24.44 7.00
N ARG A 33 48.06 -23.64 6.73
CA ARG A 33 47.98 -22.21 6.99
C ARG A 33 48.50 -21.42 5.81
N THR A 34 47.71 -20.44 5.38
CA THR A 34 48.02 -19.61 4.24
C THR A 34 49.01 -18.53 4.64
N PHE A 35 50.10 -18.42 3.88
CA PHE A 35 51.18 -17.48 4.14
C PHE A 35 51.36 -16.60 2.92
N LEU A 36 51.43 -15.31 3.15
CA LEU A 36 51.52 -14.32 2.06
C LEU A 36 52.99 -14.06 1.81
N SER A 37 53.53 -14.75 0.90
CA SER A 37 54.94 -14.54 0.62
C SER A 37 55.12 -13.52 -0.50
N PRO A 38 56.21 -12.78 -0.50
CA PRO A 38 56.64 -12.11 -1.72
C PRO A 38 57.17 -13.14 -2.70
N TRP A 39 57.27 -12.73 -3.96
CA TRP A 39 57.60 -13.66 -5.02
C TRP A 39 59.08 -14.05 -4.96
N ILE A 40 59.33 -15.36 -4.92
CA ILE A 40 60.66 -15.93 -5.07
C ILE A 40 60.59 -16.97 -6.18
N SER A 41 61.41 -16.80 -7.21
CA SER A 41 61.31 -17.67 -8.38
C SER A 41 61.95 -19.03 -8.15
N ASN A 42 62.72 -19.20 -7.08
CA ASN A 42 63.37 -20.49 -6.88
C ASN A 42 62.41 -21.54 -6.35
N ILE A 43 61.38 -21.12 -5.65
CA ILE A 43 60.51 -22.01 -4.90
C ILE A 43 59.12 -22.02 -5.49
N HIS A 44 58.53 -20.84 -5.66
CA HIS A 44 57.13 -20.74 -6.00
C HIS A 44 56.88 -21.06 -7.45
N GLU A 45 57.88 -20.84 -8.30
CA GLU A 45 57.78 -21.20 -9.69
C GLU A 45 57.81 -22.72 -9.87
N LYS A 46 58.58 -23.41 -9.04
CA LYS A 46 58.60 -24.86 -9.10
C LYS A 46 57.31 -25.46 -8.59
N LYS A 47 56.64 -24.77 -7.68
CA LYS A 47 55.36 -25.25 -7.17
C LYS A 47 54.22 -24.94 -8.13
N GLY A 48 54.44 -24.07 -9.10
CA GLY A 48 53.38 -23.68 -10.01
C GLY A 48 52.54 -22.54 -9.50
N LEU A 49 53.01 -21.81 -8.50
CA LEU A 49 52.25 -20.71 -7.95
C LEU A 49 52.30 -19.53 -8.90
N THR A 50 51.20 -18.79 -8.97
CA THR A 50 51.08 -17.70 -9.92
C THR A 50 51.52 -16.40 -9.26
N LYS A 51 52.45 -15.71 -9.90
CA LYS A 51 52.95 -14.44 -9.40
C LYS A 51 51.86 -13.37 -9.57
N TYR A 52 51.63 -12.60 -8.51
CA TYR A 52 50.53 -11.66 -8.46
C TYR A 52 51.06 -10.24 -8.33
N LYS A 53 50.48 -9.33 -9.10
CA LYS A 53 50.77 -7.92 -8.96
C LYS A 53 49.45 -7.15 -8.94
N SER A 54 49.39 -6.10 -8.14
CA SER A 54 48.18 -5.31 -8.03
C SER A 54 48.53 -3.90 -7.57
N SER A 55 47.51 -3.10 -7.38
CA SER A 55 47.79 -1.72 -7.07
C SER A 55 48.13 -1.54 -5.59
N PRO A 56 49.13 -0.71 -5.30
CA PRO A 56 49.41 -0.36 -3.91
C PRO A 56 48.43 0.65 -3.35
N GLU A 57 47.60 1.26 -4.18
CA GLU A 57 46.68 2.26 -3.71
C GLU A 57 45.22 1.90 -3.96
N LYS A 58 44.95 0.78 -4.62
CA LYS A 58 43.58 0.34 -4.77
C LYS A 58 43.34 -0.82 -3.83
N TRP A 59 42.36 -0.64 -2.95
CA TRP A 59 41.84 -1.71 -2.11
C TRP A 59 41.31 -2.84 -2.97
N SER A 60 40.69 -2.50 -4.10
CA SER A 60 40.30 -3.44 -5.13
C SER A 60 40.86 -2.92 -6.43
N THR A 61 41.87 -3.60 -6.95
CA THR A 61 42.56 -3.13 -8.15
C THR A 61 41.65 -3.23 -9.38
N ALA A 62 40.76 -4.22 -9.40
CA ALA A 62 39.80 -4.33 -10.47
C ALA A 62 38.53 -3.54 -10.19
N SER A 63 38.46 -2.83 -9.07
CA SER A 63 37.35 -1.99 -8.59
C SER A 63 36.06 -2.75 -8.34
N ASP A 64 36.05 -4.07 -8.50
CA ASP A 64 34.94 -4.91 -8.10
C ASP A 64 34.83 -4.91 -6.58
N PRO A 65 33.65 -5.21 -6.00
CA PRO A 65 33.48 -5.11 -4.54
C PRO A 65 34.15 -6.24 -3.75
N TYR A 66 35.40 -6.53 -4.08
CA TYR A 66 36.17 -7.58 -3.44
C TYR A 66 37.61 -7.10 -3.39
N SER A 67 38.25 -7.23 -2.24
CA SER A 67 39.62 -6.73 -2.12
C SER A 67 40.58 -7.62 -2.89
N ASP A 68 41.80 -7.12 -3.01
CA ASP A 68 42.87 -7.91 -3.59
C ASP A 68 43.18 -9.10 -2.70
N PHE A 69 43.21 -8.86 -1.39
CA PHE A 69 43.58 -9.88 -0.43
C PHE A 69 42.54 -10.96 -0.31
N GLU A 70 41.25 -10.59 -0.34
CA GLU A 70 40.18 -11.58 -0.32
C GLU A 70 40.23 -12.44 -1.57
N LYS A 71 40.61 -11.84 -2.68
CA LYS A 71 40.60 -12.55 -3.95
C LYS A 71 41.78 -13.51 -4.05
N VAL A 72 42.91 -13.16 -3.47
CA VAL A 72 44.03 -14.08 -3.50
C VAL A 72 43.98 -15.07 -2.35
N THR A 73 43.28 -14.73 -1.28
CA THR A 73 43.25 -15.61 -0.12
C THR A 73 42.20 -16.69 -0.30
N GLY A 74 41.08 -16.33 -0.88
CA GLY A 74 39.94 -17.22 -0.99
C GLY A 74 38.82 -16.89 -0.05
N ARG A 75 38.96 -15.86 0.77
CA ARG A 75 37.89 -15.45 1.68
C ARG A 75 36.88 -14.57 0.93
N ILE A 76 36.13 -15.25 0.08
CA ILE A 76 35.29 -14.61 -0.91
C ILE A 76 34.04 -15.47 -1.08
N ASP A 77 33.02 -14.89 -1.71
CA ASP A 77 31.92 -15.68 -2.23
C ASP A 77 32.47 -16.69 -3.22
N LYS A 78 32.24 -17.97 -2.94
CA LYS A 78 32.84 -19.03 -3.74
C LYS A 78 32.16 -19.20 -5.09
N ASN A 79 31.03 -18.53 -5.32
CA ASN A 79 30.39 -18.57 -6.62
C ASN A 79 31.13 -17.74 -7.65
N VAL A 80 32.09 -16.94 -7.22
CA VAL A 80 33.02 -16.29 -8.14
C VAL A 80 33.78 -17.35 -8.90
N SER A 81 33.84 -17.19 -10.23
CA SER A 81 34.53 -18.13 -11.10
C SER A 81 36.03 -18.14 -10.78
N PRO A 82 36.69 -19.28 -10.99
CA PRO A 82 38.11 -19.37 -10.63
C PRO A 82 39.01 -18.48 -11.44
N GLU A 83 38.69 -18.26 -12.72
CA GLU A 83 39.48 -17.33 -13.52
C GLU A 83 39.29 -15.89 -13.09
N ALA A 84 38.24 -15.59 -12.33
CA ALA A 84 38.08 -14.28 -11.75
C ALA A 84 38.79 -14.17 -10.41
N ARG A 85 39.50 -15.19 -9.98
CA ARG A 85 40.23 -15.07 -8.73
C ARG A 85 41.56 -14.34 -8.89
N HIS A 86 41.91 -13.96 -10.10
CA HIS A 86 43.08 -13.11 -10.27
C HIS A 86 42.70 -11.65 -10.06
N PRO A 87 43.56 -10.86 -9.41
CA PRO A 87 43.18 -9.48 -9.05
C PRO A 87 43.00 -8.57 -10.25
N LEU A 88 43.68 -8.84 -11.34
CA LEU A 88 43.51 -8.02 -12.52
C LEU A 88 42.33 -8.46 -13.36
N VAL A 89 41.61 -9.49 -12.93
CA VAL A 89 40.42 -9.97 -13.61
C VAL A 89 39.21 -9.48 -12.84
N ALA A 90 38.31 -8.79 -13.52
CA ALA A 90 37.11 -8.28 -12.88
C ALA A 90 36.10 -9.41 -12.63
N ALA A 91 35.26 -9.20 -11.63
CA ALA A 91 34.22 -10.15 -11.27
C ALA A 91 32.90 -9.40 -11.20
N TYR A 92 31.98 -9.73 -12.11
CA TYR A 92 30.74 -8.98 -12.17
C TYR A 92 29.67 -9.84 -12.83
N PRO A 93 28.41 -9.67 -12.47
CA PRO A 93 27.34 -10.40 -13.14
C PRO A 93 26.94 -9.77 -14.45
N ILE A 94 26.48 -10.61 -15.36
CA ILE A 94 25.86 -10.19 -16.61
C ILE A 94 24.52 -10.89 -16.66
N VAL A 95 23.46 -10.12 -16.54
CA VAL A 95 22.11 -10.66 -16.45
C VAL A 95 21.29 -10.10 -17.61
N HIS A 96 20.63 -10.99 -18.34
CA HIS A 96 19.65 -10.58 -19.32
C HIS A 96 18.50 -11.58 -19.29
N VAL A 97 17.33 -11.10 -19.64
CA VAL A 97 16.10 -11.86 -19.51
C VAL A 97 15.65 -12.32 -20.88
N ASP A 98 15.29 -13.58 -21.01
CA ASP A 98 14.65 -14.11 -22.19
C ASP A 98 13.17 -14.35 -21.93
N MET A 99 12.40 -14.39 -23.00
CA MET A 99 10.95 -14.53 -22.92
C MET A 99 10.55 -15.80 -23.65
N GLU A 100 10.02 -16.77 -22.91
CA GLU A 100 9.72 -18.03 -23.57
C GLU A 100 8.32 -18.04 -24.15
N ASN A 101 7.37 -17.38 -23.50
CA ASN A 101 6.00 -17.55 -23.93
C ASN A 101 5.16 -16.34 -23.59
N ILE A 102 4.17 -16.09 -24.43
CA ILE A 102 3.17 -15.05 -24.23
C ILE A 102 1.87 -15.72 -23.82
N ILE A 103 1.08 -15.04 -23.01
CA ILE A 103 -0.30 -15.43 -22.73
C ILE A 103 -1.13 -14.16 -22.81
N LEU A 104 -2.00 -14.09 -23.79
CA LEU A 104 -2.95 -12.98 -23.89
C LEU A 104 -4.34 -13.51 -23.58
N SER A 105 -5.11 -12.72 -22.83
CA SER A 105 -6.48 -13.07 -22.49
C SER A 105 -7.38 -11.93 -22.92
N LYS A 106 -8.40 -12.25 -23.70
CA LYS A 106 -9.33 -11.24 -24.16
C LYS A 106 -10.33 -10.95 -23.04
N ASN A 107 -10.30 -9.72 -22.53
CA ASN A 107 -11.22 -9.31 -21.48
C ASN A 107 -12.55 -8.96 -22.12
N GLU A 108 -13.30 -10.00 -22.46
CA GLU A 108 -14.61 -9.87 -23.07
C GLU A 108 -15.59 -10.62 -22.19
N ASP A 109 -16.70 -9.99 -21.84
CA ASP A 109 -17.67 -10.66 -20.99
C ASP A 109 -18.94 -10.97 -21.78
N GLN A 110 -19.26 -12.26 -21.85
CA GLN A 110 -20.39 -12.72 -22.63
C GLN A 110 -21.44 -13.33 -21.72
N SER A 111 -22.68 -13.28 -22.16
CA SER A 111 -23.79 -13.81 -21.37
C SER A 111 -24.85 -14.38 -22.30
N THR A 112 -25.48 -15.45 -21.84
CA THR A 112 -26.60 -16.07 -22.55
C THR A 112 -27.81 -16.08 -21.64
N GLN A 113 -28.97 -15.79 -22.22
CA GLN A 113 -30.22 -15.75 -21.49
C GLN A 113 -31.24 -16.65 -22.16
N ASN A 114 -31.90 -17.48 -21.36
CA ASN A 114 -33.00 -18.32 -21.83
C ASN A 114 -34.25 -17.89 -21.09
N THR A 115 -35.38 -17.79 -21.80
CA THR A 115 -36.61 -17.28 -21.21
C THR A 115 -37.80 -18.09 -21.72
N ASP A 116 -38.69 -18.48 -20.81
CA ASP A 116 -39.94 -19.13 -21.16
C ASP A 116 -41.11 -18.29 -20.66
N SER A 117 -42.18 -18.22 -21.45
CA SER A 117 -43.32 -17.36 -21.12
C SER A 117 -44.61 -18.01 -21.55
N GLN A 118 -45.53 -18.19 -20.61
CA GLN A 118 -46.85 -18.77 -20.90
C GLN A 118 -47.92 -17.75 -20.53
N THR A 119 -48.72 -17.36 -21.51
CA THR A 119 -49.69 -16.28 -21.36
C THR A 119 -51.09 -16.81 -21.61
N ARG A 120 -52.00 -16.54 -20.67
CA ARG A 120 -53.39 -16.95 -20.81
C ARG A 120 -54.24 -15.69 -20.89
N THR A 121 -54.79 -15.42 -22.07
CA THR A 121 -55.57 -14.20 -22.31
C THR A 121 -57.02 -14.58 -22.52
N ILE A 122 -57.88 -14.13 -21.60
CA ILE A 122 -59.30 -14.43 -21.64
C ILE A 122 -60.03 -13.13 -21.96
N SER A 123 -60.75 -13.12 -23.08
CA SER A 123 -61.25 -11.89 -23.67
C SER A 123 -62.76 -11.95 -23.83
N LYS A 124 -63.41 -10.82 -23.58
CA LYS A 124 -64.85 -10.67 -23.77
C LYS A 124 -65.10 -9.62 -24.84
N ASN A 125 -66.25 -9.71 -25.52
CA ASN A 125 -66.64 -8.72 -26.50
C ASN A 125 -68.16 -8.73 -26.58
N THR A 126 -68.77 -7.58 -26.86
CA THR A 126 -70.19 -7.53 -27.19
C THR A 126 -70.42 -6.48 -28.27
N SER A 127 -71.64 -6.46 -28.81
CA SER A 127 -71.94 -5.64 -29.98
C SER A 127 -73.44 -5.40 -30.11
N THR A 128 -73.80 -4.24 -30.67
CA THR A 128 -75.10 -4.01 -31.30
C THR A 128 -74.86 -3.32 -32.64
N SER A 129 -75.92 -3.24 -33.44
CA SER A 129 -75.89 -2.67 -34.77
C SER A 129 -77.31 -2.27 -35.17
N ARG A 130 -77.46 -1.16 -35.89
CA ARG A 130 -78.78 -0.72 -36.34
C ARG A 130 -78.73 -0.21 -37.77
N THR A 131 -79.47 -0.86 -38.66
CA THR A 131 -79.40 -0.66 -40.10
C THR A 131 -80.69 -0.02 -40.56
N HIS A 132 -80.62 0.97 -41.44
CA HIS A 132 -81.81 1.60 -42.00
C HIS A 132 -81.70 1.64 -43.52
N THR A 133 -82.58 0.89 -44.19
CA THR A 133 -82.43 0.59 -45.61
C THR A 133 -83.62 1.17 -46.39
N SER A 134 -83.30 1.97 -47.42
CA SER A 134 -84.28 2.42 -48.39
C SER A 134 -83.98 1.77 -49.75
N GLU A 135 -84.95 1.85 -50.65
CA GLU A 135 -84.95 1.09 -51.89
C GLU A 135 -86.00 1.64 -52.85
N VAL A 136 -85.62 1.88 -54.11
CA VAL A 136 -86.53 2.37 -55.14
C VAL A 136 -86.38 1.49 -56.38
N HIS A 137 -87.38 0.65 -56.65
CA HIS A 137 -87.39 -0.30 -57.75
C HIS A 137 -88.09 0.26 -58.99
N GLY A 138 -87.64 -0.19 -60.17
CA GLY A 138 -88.31 0.14 -61.41
C GLY A 138 -88.55 -1.11 -62.23
N ASN A 139 -89.44 -0.99 -63.22
CA ASN A 139 -89.84 -2.10 -64.07
C ASN A 139 -90.55 -1.55 -65.30
N ALA A 140 -90.31 -2.19 -66.45
CA ALA A 140 -91.09 -2.03 -67.66
C ALA A 140 -91.25 -3.40 -68.28
N GLU A 141 -92.30 -3.60 -69.08
CA GLU A 141 -92.61 -4.92 -69.60
C GLU A 141 -93.37 -4.81 -70.91
N VAL A 142 -92.96 -5.60 -71.91
CA VAL A 142 -93.64 -5.65 -73.20
C VAL A 142 -94.01 -7.10 -73.50
N HIS A 143 -95.30 -7.39 -73.54
CA HIS A 143 -95.82 -8.73 -73.80
C HIS A 143 -96.41 -8.78 -75.19
N ALA A 144 -96.23 -9.92 -75.87
CA ALA A 144 -96.71 -10.07 -77.24
C ALA A 144 -97.19 -11.51 -77.47
N SER A 145 -98.34 -11.63 -78.14
CA SER A 145 -98.94 -12.92 -78.43
C SER A 145 -99.26 -13.04 -79.92
N PHE A 146 -100.08 -14.04 -80.28
CA PHE A 146 -100.62 -14.11 -81.63
C PHE A 146 -101.40 -12.86 -81.99
N PHE A 147 -102.24 -12.37 -81.09
CA PHE A 147 -103.04 -11.18 -81.35
C PHE A 147 -103.13 -10.26 -80.14
N ASP A 148 -102.37 -10.51 -79.08
CA ASP A 148 -102.46 -9.74 -77.85
C ASP A 148 -101.09 -9.16 -77.52
N ILE A 149 -101.02 -7.84 -77.41
CA ILE A 149 -99.80 -7.12 -77.08
C ILE A 149 -100.10 -6.20 -75.90
N GLY A 150 -99.24 -6.26 -74.88
CA GLY A 150 -99.41 -5.42 -73.71
C GLY A 150 -98.09 -4.76 -73.31
N GLY A 151 -98.21 -3.73 -72.49
CA GLY A 151 -97.05 -3.12 -71.87
C GLY A 151 -97.38 -2.64 -70.47
N SER A 152 -96.36 -2.64 -69.62
CA SER A 152 -96.54 -2.42 -68.18
C SER A 152 -95.36 -1.62 -67.62
N VAL A 153 -95.64 -0.72 -66.70
CA VAL A 153 -94.62 0.11 -66.05
C VAL A 153 -94.84 0.05 -64.54
N SER A 154 -93.78 -0.26 -63.79
CA SER A 154 -93.90 -0.44 -62.36
C SER A 154 -92.76 0.27 -61.62
N ALA A 155 -93.03 0.64 -60.37
CA ALA A 155 -92.05 1.27 -59.50
C ALA A 155 -92.35 0.95 -58.06
N GLY A 156 -91.30 0.75 -57.26
CA GLY A 156 -91.41 0.24 -55.91
C GLY A 156 -90.64 1.04 -54.86
N PHE A 157 -91.21 1.20 -53.68
CA PHE A 157 -90.60 1.99 -52.61
C PHE A 157 -90.47 1.22 -51.30
N SER A 158 -89.30 0.65 -51.05
CA SER A 158 -89.08 -0.24 -49.93
C SER A 158 -88.25 0.45 -48.85
N ASN A 159 -88.80 0.56 -47.65
CA ASN A 159 -88.04 0.95 -46.47
C ASN A 159 -87.69 -0.31 -45.68
N SER A 160 -86.61 -0.22 -44.89
CA SER A 160 -86.21 -1.34 -44.03
C SER A 160 -85.34 -0.84 -42.88
N ASN A 161 -85.30 -1.64 -41.80
CA ASN A 161 -84.65 -1.29 -40.55
C ASN A 161 -84.33 -2.56 -39.76
N SER A 162 -83.05 -2.76 -39.49
CA SER A 162 -82.49 -3.95 -38.85
C SER A 162 -81.79 -3.56 -37.55
N SER A 163 -81.56 -4.53 -36.67
CA SER A 163 -80.79 -4.30 -35.45
C SER A 163 -80.17 -5.60 -34.95
N THR A 164 -78.83 -5.69 -35.03
CA THR A 164 -78.06 -6.90 -34.78
C THR A 164 -77.36 -6.80 -33.43
N VAL A 165 -77.67 -7.72 -32.52
CA VAL A 165 -77.10 -7.71 -31.18
C VAL A 165 -76.25 -8.96 -30.99
N ALA A 166 -74.98 -8.77 -30.62
CA ALA A 166 -73.96 -9.80 -30.68
C ALA A 166 -73.14 -9.85 -29.39
N ILE A 167 -72.47 -10.98 -29.17
CA ILE A 167 -71.59 -11.15 -28.00
C ILE A 167 -70.57 -12.23 -28.32
N ASP A 168 -69.36 -12.09 -27.75
CA ASP A 168 -68.21 -12.95 -28.03
C ASP A 168 -67.49 -13.27 -26.72
N HIS A 169 -66.99 -14.50 -26.60
CA HIS A 169 -66.01 -14.89 -25.59
C HIS A 169 -64.78 -15.42 -26.29
N SER A 170 -63.61 -15.37 -25.63
CA SER A 170 -62.36 -15.71 -26.28
C SER A 170 -61.33 -16.22 -25.27
N LEU A 171 -60.51 -17.20 -25.68
CA LEU A 171 -59.31 -17.62 -24.96
C LEU A 171 -58.09 -17.40 -25.85
N SER A 172 -56.91 -17.41 -25.22
CA SER A 172 -55.63 -17.34 -25.94
C SER A 172 -54.53 -17.95 -25.07
N LEU A 173 -53.79 -18.91 -25.62
CA LEU A 173 -52.70 -19.55 -24.91
C LEU A 173 -51.40 -19.32 -25.67
N ALA A 174 -50.53 -18.46 -25.14
CA ALA A 174 -49.32 -18.02 -25.84
C ALA A 174 -48.09 -18.55 -25.13
N GLY A 175 -47.39 -19.48 -25.77
CA GLY A 175 -46.16 -20.05 -25.22
C GLY A 175 -44.97 -19.57 -26.02
N GLU A 176 -43.95 -19.10 -25.32
CA GLU A 176 -42.81 -18.44 -25.94
C GLU A 176 -41.50 -18.92 -25.33
N ARG A 177 -40.54 -19.22 -26.19
CA ARG A 177 -39.18 -19.57 -25.77
C ARG A 177 -38.21 -18.61 -26.44
N THR A 178 -37.43 -17.93 -25.61
CA THR A 178 -36.56 -16.84 -26.04
C THR A 178 -35.11 -17.20 -25.76
N TRP A 179 -34.27 -17.12 -26.79
CA TRP A 179 -32.85 -17.31 -26.65
C TRP A 179 -32.13 -15.98 -26.91
N ALA A 180 -31.14 -15.67 -26.08
CA ALA A 180 -30.45 -14.39 -26.18
C ALA A 180 -28.98 -14.56 -25.87
N GLU A 181 -28.16 -13.75 -26.54
CA GLU A 181 -26.71 -13.79 -26.37
C GLU A 181 -26.14 -12.40 -26.48
N THR A 182 -25.18 -12.07 -25.62
CA THR A 182 -24.63 -10.74 -25.51
C THR A 182 -23.13 -10.83 -25.31
N MET A 183 -22.37 -9.97 -26.00
CA MET A 183 -20.92 -9.93 -25.86
C MET A 183 -20.50 -8.49 -25.61
N GLY A 184 -20.19 -8.18 -24.35
CA GLY A 184 -19.69 -6.87 -23.99
C GLY A 184 -18.17 -6.79 -24.03
N LEU A 185 -17.69 -5.58 -24.29
CA LEU A 185 -16.28 -5.30 -24.51
C LEU A 185 -16.02 -3.87 -24.11
N ASN A 186 -14.79 -3.60 -23.67
CA ASN A 186 -14.31 -2.25 -23.43
C ASN A 186 -13.04 -2.07 -24.24
N THR A 187 -13.03 -1.05 -25.10
CA THR A 187 -11.93 -0.85 -26.05
C THR A 187 -10.63 -0.48 -25.38
N ALA A 188 -10.67 0.04 -24.16
CA ALA A 188 -9.45 0.39 -23.47
C ALA A 188 -8.85 -0.79 -22.72
N ASP A 189 -9.64 -1.81 -22.43
CA ASP A 189 -9.21 -2.93 -21.61
C ASP A 189 -9.55 -4.23 -22.30
N THR A 190 -9.12 -4.36 -23.56
CA THR A 190 -9.47 -5.55 -24.32
C THR A 190 -8.70 -6.77 -23.85
N ALA A 191 -7.40 -6.62 -23.57
CA ALA A 191 -6.56 -7.78 -23.35
C ALA A 191 -5.74 -7.63 -22.08
N ARG A 192 -5.39 -8.77 -21.51
CA ARG A 192 -4.49 -8.85 -20.37
C ARG A 192 -3.32 -9.75 -20.74
N LEU A 193 -2.14 -9.37 -20.30
CA LEU A 193 -0.92 -10.04 -20.70
C LEU A 193 -0.32 -10.87 -19.58
N ASN A 194 0.52 -11.83 -19.96
CA ASN A 194 1.27 -12.63 -19.01
C ASN A 194 2.51 -13.17 -19.72
N ALA A 195 3.67 -12.89 -19.16
CA ALA A 195 4.94 -13.30 -19.74
C ALA A 195 5.50 -14.51 -19.00
N ASN A 196 6.14 -15.40 -19.74
CA ASN A 196 6.89 -16.51 -19.16
C ASN A 196 8.36 -16.30 -19.45
N ILE A 197 9.13 -16.01 -18.41
CA ILE A 197 10.49 -15.51 -18.56
C ILE A 197 11.45 -16.25 -17.64
N ARG A 198 12.72 -16.23 -18.03
CA ARG A 198 13.79 -16.76 -17.20
C ARG A 198 14.88 -15.71 -17.03
N TYR A 199 15.73 -15.98 -16.05
CA TYR A 199 16.86 -15.12 -15.72
C TYR A 199 18.13 -15.90 -16.03
N VAL A 200 19.08 -15.25 -16.70
CA VAL A 200 20.31 -15.90 -17.13
C VAL A 200 21.47 -15.10 -16.59
N ASN A 201 22.43 -15.77 -15.96
CA ASN A 201 23.67 -15.10 -15.58
C ASN A 201 24.79 -15.63 -16.45
N THR A 202 25.29 -14.79 -17.33
CA THR A 202 26.48 -15.09 -18.10
C THR A 202 27.71 -14.41 -17.53
N GLY A 203 27.58 -13.74 -16.40
CA GLY A 203 28.69 -13.02 -15.81
C GLY A 203 29.67 -13.89 -15.06
N THR A 204 30.33 -13.30 -14.08
CA THR A 204 31.34 -13.96 -13.27
C THR A 204 31.09 -13.87 -11.78
N ALA A 205 30.50 -12.80 -11.32
CA ALA A 205 30.12 -12.73 -9.93
C ALA A 205 28.62 -13.01 -9.80
N PRO A 206 28.19 -13.62 -8.71
CA PRO A 206 26.75 -13.76 -8.48
C PRO A 206 26.15 -12.44 -8.03
N ILE A 207 24.84 -12.34 -8.22
CA ILE A 207 24.08 -11.15 -7.87
C ILE A 207 22.89 -11.58 -7.03
N TYR A 208 22.60 -10.83 -5.98
CA TYR A 208 21.58 -11.21 -5.01
C TYR A 208 20.42 -10.23 -5.01
N ASN A 209 19.23 -10.78 -4.75
CA ASN A 209 17.95 -10.07 -4.77
C ASN A 209 17.72 -9.40 -6.12
N VAL A 210 17.62 -10.24 -7.14
CA VAL A 210 17.59 -9.77 -8.51
C VAL A 210 16.20 -9.25 -8.83
N LEU A 211 16.14 -7.99 -9.26
CA LEU A 211 14.88 -7.39 -9.74
C LEU A 211 15.18 -6.68 -11.05
N PRO A 212 14.92 -7.35 -12.16
CA PRO A 212 15.10 -6.69 -13.46
C PRO A 212 13.98 -5.72 -13.74
N THR A 213 14.31 -4.69 -14.50
CA THR A 213 13.32 -3.76 -15.04
C THR A 213 13.21 -4.07 -16.52
N THR A 214 12.04 -4.53 -16.95
CA THR A 214 11.86 -4.95 -18.33
C THR A 214 10.76 -4.15 -18.99
N SER A 215 10.55 -4.43 -20.28
CA SER A 215 9.61 -3.67 -21.09
C SER A 215 8.98 -4.53 -22.17
N LEU A 216 7.65 -4.54 -22.19
CA LEU A 216 6.86 -5.11 -23.27
C LEU A 216 6.71 -4.09 -24.40
N VAL A 217 7.09 -4.49 -25.62
CA VAL A 217 7.15 -3.60 -26.78
C VAL A 217 6.46 -4.27 -27.96
N LEU A 218 5.56 -3.55 -28.61
CA LEU A 218 5.01 -3.94 -29.91
C LEU A 218 5.75 -3.28 -31.05
N GLY A 219 5.70 -3.94 -32.21
CA GLY A 219 6.04 -3.31 -33.46
C GLY A 219 7.50 -2.99 -33.58
N LYS A 220 7.78 -1.81 -34.14
CA LYS A 220 9.16 -1.33 -34.22
C LYS A 220 9.62 -0.87 -32.86
N ASN A 221 8.96 0.14 -32.30
CA ASN A 221 9.33 0.65 -30.99
C ASN A 221 8.11 1.07 -30.18
N GLN A 222 6.96 0.46 -30.43
CA GLN A 222 5.76 0.84 -29.69
C GLN A 222 5.77 0.07 -28.38
N THR A 223 6.16 0.76 -27.32
CA THR A 223 6.27 0.13 -26.02
C THR A 223 4.90 -0.01 -25.40
N LEU A 224 4.52 -1.25 -25.08
CA LEU A 224 3.31 -1.45 -24.31
C LEU A 224 3.49 -0.97 -22.88
N ALA A 225 4.50 -1.51 -22.21
CA ALA A 225 4.59 -1.25 -20.77
C ALA A 225 6.01 -1.44 -20.32
N THR A 226 6.34 -0.80 -19.21
CA THR A 226 7.61 -0.98 -18.54
C THR A 226 7.34 -1.41 -17.11
N ILE A 227 7.85 -2.58 -16.74
CA ILE A 227 7.53 -3.21 -15.47
C ILE A 227 8.81 -3.53 -14.73
N LYS A 228 8.89 -3.06 -13.49
CA LYS A 228 9.91 -3.51 -12.56
C LYS A 228 9.46 -4.81 -11.91
N ALA A 229 10.41 -5.73 -11.71
CA ALA A 229 10.09 -7.02 -11.12
C ALA A 229 9.64 -6.87 -9.68
N LYS A 230 8.53 -7.51 -9.33
CA LYS A 230 7.97 -7.38 -8.01
C LYS A 230 8.40 -8.54 -7.12
N GLU A 231 7.79 -8.63 -5.94
CA GLU A 231 8.24 -9.60 -4.95
C GLU A 231 7.87 -11.03 -5.32
N ASN A 232 6.86 -11.21 -6.18
CA ASN A 232 6.66 -12.53 -6.76
C ASN A 232 7.76 -12.89 -7.72
N GLN A 233 8.43 -11.89 -8.30
CA GLN A 233 9.41 -12.11 -9.33
C GLN A 233 10.84 -11.96 -8.80
N LEU A 234 11.02 -12.05 -7.49
CA LEU A 234 12.35 -11.86 -6.93
C LEU A 234 13.16 -13.13 -7.11
N SER A 235 14.44 -12.97 -7.44
CA SER A 235 15.39 -14.06 -7.45
C SER A 235 16.42 -13.79 -6.38
N GLN A 236 16.51 -14.71 -5.42
CA GLN A 236 17.43 -14.52 -4.31
C GLN A 236 18.87 -14.68 -4.74
N ILE A 237 19.16 -15.74 -5.49
CA ILE A 237 20.51 -16.03 -5.95
C ILE A 237 20.47 -16.16 -7.47
N LEU A 238 21.41 -15.51 -8.15
CA LEU A 238 21.68 -15.84 -9.53
C LEU A 238 23.19 -16.00 -9.66
N ALA A 239 23.66 -17.22 -9.43
CA ALA A 239 25.05 -17.55 -9.64
C ALA A 239 25.36 -17.54 -11.13
N PRO A 240 26.62 -17.28 -11.51
CA PRO A 240 26.97 -17.29 -12.93
C PRO A 240 26.85 -18.67 -13.56
N ASN A 241 26.58 -18.65 -14.87
CA ASN A 241 26.26 -19.82 -15.68
C ASN A 241 25.08 -20.58 -15.10
N ASN A 242 24.05 -19.84 -14.71
CA ASN A 242 22.85 -20.45 -14.17
C ASN A 242 21.62 -19.67 -14.63
N TYR A 243 20.48 -20.31 -14.42
CA TYR A 243 19.17 -19.80 -14.76
C TYR A 243 18.34 -19.67 -13.50
N TYR A 244 17.43 -18.70 -13.51
CA TYR A 244 16.39 -18.63 -12.50
C TYR A 244 15.06 -18.60 -13.23
N PRO A 245 14.21 -19.60 -13.06
CA PRO A 245 14.46 -20.83 -12.30
C PRO A 245 15.29 -21.79 -13.13
N SER A 246 15.61 -22.94 -12.56
CA SER A 246 16.45 -23.91 -13.23
C SER A 246 15.78 -24.44 -14.49
N LYS A 247 16.62 -25.00 -15.37
CA LYS A 247 16.20 -25.32 -16.72
C LYS A 247 15.18 -26.45 -16.75
N ASN A 248 15.22 -27.35 -15.77
CA ASN A 248 14.20 -28.39 -15.69
C ASN A 248 12.84 -27.81 -15.31
N LEU A 249 12.82 -26.73 -14.57
CA LEU A 249 11.57 -26.14 -14.15
C LEU A 249 11.05 -25.19 -15.22
N ALA A 250 9.80 -24.79 -15.06
CA ALA A 250 9.15 -23.91 -16.02
C ALA A 250 9.43 -22.45 -15.68
N PRO A 251 9.48 -21.56 -16.68
CA PRO A 251 9.80 -20.15 -16.42
C PRO A 251 8.71 -19.46 -15.63
N ILE A 252 9.05 -18.31 -15.09
CA ILE A 252 8.16 -17.62 -14.17
C ILE A 252 7.20 -16.74 -14.94
N ALA A 253 6.14 -16.32 -14.25
CA ALA A 253 5.03 -15.59 -14.85
C ALA A 253 5.03 -14.15 -14.34
N LEU A 254 5.04 -13.22 -15.27
CA LEU A 254 4.90 -11.79 -14.97
C LEU A 254 3.59 -11.29 -15.55
N ASN A 255 2.70 -10.83 -14.69
CA ASN A 255 1.39 -10.40 -15.18
C ASN A 255 0.85 -9.17 -14.44
N ALA A 256 1.70 -8.41 -13.77
CA ALA A 256 1.20 -7.39 -12.87
C ALA A 256 1.84 -6.05 -13.17
N GLN A 257 1.14 -4.99 -12.77
CA GLN A 257 1.64 -3.64 -12.89
C GLN A 257 1.78 -2.93 -11.56
N ASP A 258 0.93 -3.25 -10.59
CA ASP A 258 0.97 -2.57 -9.30
C ASP A 258 2.20 -2.96 -8.51
N ASP A 259 2.52 -2.11 -7.54
CA ASP A 259 3.57 -2.43 -6.59
C ASP A 259 3.12 -3.48 -5.60
N PHE A 260 1.81 -3.69 -5.47
CA PHE A 260 1.31 -4.80 -4.69
C PHE A 260 0.64 -5.84 -5.57
N SER A 261 0.86 -5.75 -6.88
CA SER A 261 0.51 -6.77 -7.86
C SER A 261 -1.00 -7.03 -7.90
N SER A 262 -1.75 -5.95 -8.07
CA SER A 262 -3.20 -6.05 -8.08
C SER A 262 -3.81 -5.52 -9.37
N THR A 263 -3.00 -5.28 -10.39
CA THR A 263 -3.53 -4.82 -11.66
C THR A 263 -2.88 -5.60 -12.79
N PRO A 264 -3.67 -6.22 -13.66
CA PRO A 264 -3.11 -6.93 -14.81
C PRO A 264 -2.58 -5.96 -15.84
N ILE A 265 -1.77 -6.50 -16.74
CA ILE A 265 -1.13 -5.72 -17.79
C ILE A 265 -2.13 -5.57 -18.93
N THR A 266 -2.53 -4.33 -19.20
CA THR A 266 -3.68 -4.00 -20.02
C THR A 266 -3.26 -3.68 -21.45
N MET A 267 -4.07 -4.12 -22.41
CA MET A 267 -3.89 -3.79 -23.81
C MET A 267 -5.22 -3.33 -24.39
N ASN A 268 -5.19 -2.26 -25.16
CA ASN A 268 -6.39 -1.71 -25.78
C ASN A 268 -6.69 -2.44 -27.09
N TYR A 269 -7.55 -1.84 -27.91
CA TYR A 269 -8.16 -2.56 -29.01
C TYR A 269 -7.25 -2.63 -30.22
N ASN A 270 -6.69 -1.49 -30.62
CA ASN A 270 -5.89 -1.42 -31.84
C ASN A 270 -4.61 -2.21 -31.70
N GLN A 271 -4.00 -2.14 -30.52
CA GLN A 271 -2.81 -2.95 -30.25
C GLN A 271 -3.14 -4.43 -30.23
N PHE A 272 -4.35 -4.79 -29.78
CA PHE A 272 -4.77 -6.17 -29.79
C PHE A 272 -4.93 -6.70 -31.20
N LEU A 273 -5.52 -5.88 -32.08
CA LEU A 273 -5.64 -6.26 -33.48
C LEU A 273 -4.28 -6.38 -34.15
N GLU A 274 -3.39 -5.43 -33.87
CA GLU A 274 -2.07 -5.45 -34.47
C GLU A 274 -1.24 -6.62 -33.96
N LEU A 275 -1.45 -7.01 -32.71
CA LEU A 275 -0.74 -8.16 -32.18
C LEU A 275 -1.25 -9.45 -32.81
N GLU A 276 -2.57 -9.60 -32.92
CA GLU A 276 -3.07 -10.81 -33.56
C GLU A 276 -2.84 -10.84 -35.07
N LYS A 277 -2.51 -9.71 -35.67
CA LYS A 277 -2.10 -9.75 -37.07
C LYS A 277 -0.61 -10.07 -37.21
N THR A 278 0.24 -9.32 -36.51
CA THR A 278 1.66 -9.35 -36.78
C THR A 278 2.43 -10.33 -35.92
N LYS A 279 1.91 -10.66 -34.74
CA LYS A 279 2.53 -11.58 -33.78
C LYS A 279 3.92 -11.15 -33.36
N GLN A 280 4.19 -9.84 -33.37
CA GLN A 280 5.49 -9.31 -33.02
C GLN A 280 5.38 -8.64 -31.66
N LEU A 281 5.87 -9.33 -30.64
CA LEU A 281 5.83 -8.81 -29.27
C LEU A 281 7.19 -9.10 -28.66
N ARG A 282 8.00 -8.06 -28.50
CA ARG A 282 9.35 -8.23 -28.03
C ARG A 282 9.50 -7.69 -26.62
N LEU A 283 10.59 -8.10 -26.00
CA LEU A 283 10.83 -7.89 -24.58
C LEU A 283 12.22 -7.30 -24.41
N ASP A 284 12.31 -6.16 -23.74
CA ASP A 284 13.60 -5.53 -23.51
C ASP A 284 13.96 -5.53 -22.04
N THR A 285 15.25 -5.67 -21.77
CA THR A 285 15.80 -5.68 -20.42
C THR A 285 16.53 -4.35 -20.23
N ASP A 286 15.88 -3.42 -19.53
CA ASP A 286 16.42 -2.08 -19.44
C ASP A 286 17.51 -1.98 -18.38
N GLN A 287 17.20 -2.39 -17.15
CA GLN A 287 18.20 -2.38 -16.09
C GLN A 287 17.81 -3.40 -15.06
N VAL A 288 18.79 -3.83 -14.28
CA VAL A 288 18.63 -4.94 -13.35
C VAL A 288 19.06 -4.47 -11.98
N TYR A 289 18.17 -4.57 -11.00
CA TYR A 289 18.54 -4.29 -9.63
C TYR A 289 19.06 -5.57 -8.97
N GLY A 290 20.03 -5.40 -8.08
CA GLY A 290 20.63 -6.52 -7.38
C GLY A 290 21.78 -6.14 -6.48
N ASN A 291 21.95 -6.89 -5.40
CA ASN A 291 22.86 -6.51 -4.34
C ASN A 291 24.13 -7.36 -4.33
N ILE A 292 25.11 -6.89 -3.58
CA ILE A 292 26.37 -7.60 -3.34
C ILE A 292 26.33 -8.15 -1.93
N ALA A 293 26.78 -9.39 -1.77
CA ALA A 293 27.12 -9.92 -0.46
C ALA A 293 28.64 -9.89 -0.30
N THR A 294 29.09 -9.36 0.82
CA THR A 294 30.52 -9.20 1.08
C THR A 294 30.97 -10.13 2.19
N TYR A 295 32.25 -10.45 2.17
CA TYR A 295 32.84 -11.28 3.19
C TYR A 295 32.95 -10.51 4.50
N ASN A 296 32.75 -11.21 5.61
CA ASN A 296 32.98 -10.66 6.93
C ASN A 296 34.22 -11.29 7.53
N PHE A 297 35.16 -10.45 7.95
CA PHE A 297 36.36 -10.94 8.61
C PHE A 297 36.08 -11.39 10.03
N GLU A 298 34.91 -11.04 10.57
CA GLU A 298 34.57 -11.43 11.93
C GLU A 298 34.37 -12.93 12.04
N ASN A 299 33.41 -13.47 11.32
CA ASN A 299 33.04 -14.87 11.46
C ASN A 299 33.12 -15.64 10.15
N GLY A 300 33.70 -15.04 9.12
CA GLY A 300 33.77 -15.69 7.83
C GLY A 300 32.48 -15.67 7.03
N ARG A 301 31.38 -15.20 7.60
CA ARG A 301 30.10 -15.32 6.93
C ARG A 301 29.91 -14.21 5.92
N VAL A 302 29.62 -14.59 4.68
CA VAL A 302 29.39 -13.60 3.63
C VAL A 302 27.96 -13.11 3.78
N ARG A 303 27.80 -11.81 3.97
CA ARG A 303 26.51 -11.21 4.31
C ARG A 303 26.11 -10.21 3.25
N VAL A 304 24.82 -10.11 3.00
CA VAL A 304 24.29 -9.18 2.02
C VAL A 304 24.19 -7.81 2.65
N ASP A 305 24.79 -6.81 2.01
CA ASP A 305 24.45 -5.42 2.26
C ASP A 305 23.28 -5.09 1.36
N THR A 306 22.12 -4.84 1.96
CA THR A 306 20.96 -4.41 1.18
C THR A 306 21.11 -2.99 0.69
N GLY A 307 22.00 -2.20 1.28
CA GLY A 307 22.18 -0.83 0.84
C GLY A 307 22.89 -0.74 -0.50
N SER A 308 24.01 -1.44 -0.63
CA SER A 308 24.80 -1.36 -1.85
C SER A 308 24.18 -2.23 -2.95
N ASN A 309 24.36 -1.79 -4.18
CA ASN A 309 23.91 -2.54 -5.35
C ASN A 309 24.96 -2.46 -6.43
N TRP A 310 24.84 -3.34 -7.42
CA TRP A 310 25.76 -3.37 -8.55
C TRP A 310 25.64 -2.14 -9.44
N SER A 311 24.56 -1.37 -9.28
CA SER A 311 24.41 -0.10 -9.97
C SER A 311 25.53 0.85 -9.63
N GLU A 312 26.07 0.76 -8.41
CA GLU A 312 27.19 1.59 -8.04
C GLU A 312 28.47 1.15 -8.72
N VAL A 313 28.56 -0.12 -9.10
CA VAL A 313 29.84 -0.76 -9.33
C VAL A 313 30.09 -0.97 -10.82
N LEU A 314 29.07 -1.35 -11.57
CA LEU A 314 29.26 -1.68 -12.99
C LEU A 314 29.81 -0.55 -13.86
N PRO A 315 29.37 0.73 -13.75
CA PRO A 315 30.06 1.75 -14.54
C PRO A 315 31.46 2.02 -14.07
N GLN A 316 31.78 1.76 -12.81
CA GLN A 316 33.16 1.87 -12.36
C GLN A 316 34.03 0.83 -13.02
N ILE A 317 33.49 -0.36 -13.24
CA ILE A 317 34.25 -1.40 -13.91
C ILE A 317 34.39 -1.09 -15.39
N GLN A 318 33.31 -0.59 -16.00
CA GLN A 318 33.30 -0.35 -17.43
C GLN A 318 34.24 0.77 -17.84
N GLU A 319 34.44 1.75 -16.97
CA GLU A 319 35.26 2.89 -17.34
C GLU A 319 36.73 2.71 -16.99
N THR A 320 37.11 1.57 -16.44
CA THR A 320 38.47 1.37 -16.00
C THR A 320 39.15 0.15 -16.59
N THR A 321 38.43 -0.64 -17.39
CA THR A 321 38.96 -1.90 -17.86
C THR A 321 38.90 -1.95 -19.39
N ALA A 322 39.62 -2.92 -19.94
CA ALA A 322 39.48 -3.30 -21.32
C ALA A 322 38.59 -4.53 -21.39
N ARG A 323 37.68 -4.53 -22.36
CA ARG A 323 36.73 -5.62 -22.53
C ARG A 323 37.14 -6.50 -23.70
N ILE A 324 37.14 -7.80 -23.48
CA ILE A 324 37.51 -8.77 -24.51
C ILE A 324 36.41 -9.82 -24.60
N ILE A 325 35.88 -10.01 -25.80
CA ILE A 325 34.86 -11.01 -26.06
C ILE A 325 35.47 -12.07 -26.96
N PHE A 326 35.23 -13.34 -26.62
CA PHE A 326 35.86 -14.47 -27.27
C PHE A 326 34.87 -15.62 -27.35
N ASN A 327 34.85 -16.31 -28.48
CA ASN A 327 33.83 -17.33 -28.73
C ASN A 327 34.44 -18.63 -29.20
N GLY A 328 35.64 -18.95 -28.73
CA GLY A 328 36.22 -20.22 -29.12
C GLY A 328 35.77 -21.39 -28.28
N LYS A 329 35.10 -21.12 -27.16
CA LYS A 329 34.55 -22.18 -26.32
C LYS A 329 33.09 -22.37 -26.76
N ASP A 330 32.92 -23.28 -27.71
CA ASP A 330 31.62 -23.77 -28.18
C ASP A 330 30.76 -22.65 -28.75
N LEU A 331 31.43 -21.72 -29.45
CA LEU A 331 30.80 -20.67 -30.24
C LEU A 331 29.93 -19.74 -29.39
N ASN A 332 30.31 -19.57 -28.13
CA ASN A 332 29.54 -18.81 -27.18
C ASN A 332 30.32 -17.57 -26.77
N LEU A 333 29.67 -16.42 -26.85
CA LEU A 333 30.34 -15.15 -26.58
C LEU A 333 30.65 -15.03 -25.10
N VAL A 334 31.94 -15.05 -24.78
CA VAL A 334 32.43 -14.96 -23.42
C VAL A 334 33.11 -13.63 -23.25
N GLU A 335 32.64 -12.83 -22.31
CA GLU A 335 33.11 -11.48 -22.08
C GLU A 335 33.92 -11.43 -20.79
N ARG A 336 35.11 -10.83 -20.87
CA ARG A 336 35.93 -10.61 -19.69
C ARG A 336 36.50 -9.21 -19.71
N ARG A 337 36.45 -8.55 -18.56
CA ARG A 337 37.01 -7.21 -18.40
C ARG A 337 38.26 -7.29 -17.56
N ILE A 338 39.34 -6.69 -18.05
CA ILE A 338 40.64 -6.78 -17.44
C ILE A 338 41.11 -5.37 -17.15
N ALA A 339 41.59 -5.14 -15.94
CA ALA A 339 42.01 -3.80 -15.53
C ALA A 339 43.24 -3.37 -16.32
N ALA A 340 43.14 -2.21 -16.96
CA ALA A 340 44.24 -1.67 -17.74
C ALA A 340 44.32 -0.16 -17.51
N VAL A 341 45.49 0.39 -17.81
CA VAL A 341 45.85 1.72 -17.35
C VAL A 341 45.26 2.77 -18.29
N ASN A 342 44.58 3.76 -17.70
CA ASN A 342 44.29 5.01 -18.37
C ASN A 342 45.39 5.99 -18.04
N PRO A 343 46.13 6.48 -19.04
CA PRO A 343 47.28 7.35 -18.73
C PRO A 343 46.90 8.71 -18.20
N SER A 344 45.73 9.22 -18.54
CA SER A 344 45.33 10.55 -18.10
C SER A 344 44.76 10.57 -16.70
N ASP A 345 44.69 9.43 -16.02
CA ASP A 345 44.14 9.33 -14.67
C ASP A 345 45.26 8.88 -13.75
N PRO A 346 45.66 9.70 -12.77
CA PRO A 346 46.84 9.35 -11.96
C PRO A 346 46.63 8.17 -11.07
N LEU A 347 45.43 8.01 -10.50
CA LEU A 347 45.16 6.84 -9.68
C LEU A 347 45.11 5.58 -10.53
N GLU A 348 44.62 5.69 -11.77
CA GLU A 348 44.53 4.53 -12.63
C GLU A 348 45.90 4.08 -13.10
N THR A 349 46.88 4.97 -13.13
CA THR A 349 48.23 4.62 -13.53
C THR A 349 49.00 3.84 -12.47
N THR A 350 48.43 3.66 -11.30
CA THR A 350 49.10 2.95 -10.22
C THR A 350 49.03 1.43 -10.38
N LYS A 351 48.36 0.95 -11.41
CA LYS A 351 48.26 -0.48 -11.67
C LYS A 351 49.49 -0.98 -12.40
N PRO A 352 49.83 -2.26 -12.24
CA PRO A 352 50.87 -2.85 -13.07
C PRO A 352 50.42 -2.96 -14.52
N ASP A 353 51.42 -2.96 -15.41
CA ASP A 353 51.14 -2.94 -16.84
C ASP A 353 50.62 -4.29 -17.30
N MET A 354 49.76 -4.25 -18.31
CA MET A 354 49.15 -5.47 -18.86
C MET A 354 49.45 -5.57 -20.35
N THR A 355 50.23 -6.58 -20.70
CA THR A 355 50.36 -6.93 -22.11
C THR A 355 49.14 -7.73 -22.55
N LEU A 356 48.97 -7.83 -23.86
CA LEU A 356 47.84 -8.56 -24.39
C LEU A 356 47.96 -10.06 -24.15
N LYS A 357 49.18 -10.60 -24.30
CA LYS A 357 49.38 -12.03 -24.17
C LYS A 357 49.17 -12.50 -22.74
N GLU A 358 49.66 -11.71 -21.77
CA GLU A 358 49.43 -12.00 -20.37
C GLU A 358 47.94 -11.96 -20.04
N ALA A 359 47.23 -11.00 -20.63
CA ALA A 359 45.80 -10.88 -20.41
C ALA A 359 45.05 -12.10 -20.96
N LEU A 360 45.43 -12.52 -22.17
CA LEU A 360 44.80 -13.69 -22.77
C LEU A 360 45.16 -14.96 -22.02
N LYS A 361 46.32 -14.99 -21.39
CA LYS A 361 46.71 -16.14 -20.60
C LYS A 361 45.89 -16.23 -19.32
N ILE A 362 45.75 -15.11 -18.61
CA ILE A 362 45.09 -15.18 -17.32
C ILE A 362 43.58 -15.16 -17.45
N ALA A 363 43.05 -14.65 -18.56
CA ALA A 363 41.62 -14.45 -18.66
C ALA A 363 40.91 -15.65 -19.26
N PHE A 364 41.56 -16.33 -20.20
CA PHE A 364 40.92 -17.38 -20.95
C PHE A 364 41.57 -18.73 -20.71
N GLY A 365 42.53 -18.80 -19.79
CA GLY A 365 43.22 -20.04 -19.54
C GLY A 365 44.17 -20.42 -20.65
N PHE A 366 44.69 -19.45 -21.38
CA PHE A 366 45.60 -19.76 -22.47
C PHE A 366 46.96 -20.18 -21.92
N ASN A 367 47.74 -20.83 -22.78
CA ASN A 367 49.05 -21.28 -22.39
C ASN A 367 49.99 -21.24 -23.59
N GLU A 368 51.28 -21.27 -23.29
CA GLU A 368 52.32 -21.54 -24.28
C GLU A 368 53.02 -22.83 -23.88
N PRO A 369 52.43 -23.97 -24.25
CA PRO A 369 53.05 -25.26 -23.89
C PRO A 369 54.32 -25.53 -24.67
N ASN A 370 54.50 -24.90 -25.82
CA ASN A 370 55.71 -25.02 -26.61
C ASN A 370 56.13 -23.62 -27.07
N GLY A 371 56.01 -22.64 -26.18
CA GLY A 371 56.31 -21.28 -26.55
C GLY A 371 55.33 -20.64 -27.49
N ASN A 372 54.15 -21.23 -27.67
CA ASN A 372 53.15 -20.73 -28.62
C ASN A 372 51.80 -20.65 -27.93
N LEU A 373 51.18 -19.48 -28.04
CA LEU A 373 49.97 -19.19 -27.29
C LEU A 373 48.81 -20.02 -27.82
N GLN A 374 48.19 -20.79 -26.93
CA GLN A 374 47.19 -21.74 -27.37
C GLN A 374 45.99 -21.75 -26.44
N TYR A 375 44.82 -21.93 -27.06
CA TYR A 375 43.57 -22.08 -26.34
C TYR A 375 43.34 -23.56 -26.63
N GLN A 376 43.28 -24.37 -25.57
CA GLN A 376 43.14 -25.82 -25.69
C GLN A 376 44.28 -26.29 -26.61
N GLY A 377 43.96 -27.05 -27.64
CA GLY A 377 44.96 -27.54 -28.57
C GLY A 377 45.05 -26.72 -29.85
N LYS A 378 44.34 -25.58 -29.88
CA LYS A 378 44.27 -24.73 -31.05
C LYS A 378 45.24 -23.57 -30.94
N ASP A 379 45.89 -23.24 -32.05
CA ASP A 379 46.78 -22.11 -32.09
C ASP A 379 46.00 -20.80 -32.07
N ILE A 380 46.65 -19.76 -31.57
CA ILE A 380 46.08 -18.42 -31.57
C ILE A 380 45.99 -17.86 -32.98
N THR A 381 46.84 -18.35 -33.90
CA THR A 381 46.89 -17.82 -35.25
C THR A 381 45.67 -18.20 -36.07
N GLU A 382 44.87 -19.15 -35.61
CA GLU A 382 43.61 -19.46 -36.26
C GLU A 382 42.46 -18.59 -35.76
N PHE A 383 42.76 -17.59 -34.94
CA PHE A 383 41.77 -16.64 -34.47
C PHE A 383 42.07 -15.26 -35.04
N ASP A 384 41.01 -14.54 -35.36
CA ASP A 384 41.14 -13.19 -35.90
C ASP A 384 40.64 -12.14 -34.92
N PHE A 385 41.19 -10.95 -35.05
CA PHE A 385 41.01 -9.86 -34.12
C PHE A 385 40.15 -8.77 -34.73
N ASN A 386 39.35 -8.13 -33.88
CA ASN A 386 38.45 -7.08 -34.31
C ASN A 386 38.42 -6.01 -33.24
N PHE A 387 38.41 -4.76 -33.68
CA PHE A 387 38.52 -3.64 -32.79
C PHE A 387 37.56 -2.55 -33.23
N ASP A 388 37.01 -1.83 -32.27
CA ASP A 388 36.35 -0.59 -32.64
C ASP A 388 37.39 0.47 -32.95
N GLN A 389 36.89 1.60 -33.45
CA GLN A 389 37.71 2.57 -34.17
C GLN A 389 38.78 3.19 -33.28
N GLN A 390 38.43 3.47 -32.03
CA GLN A 390 39.40 4.02 -31.09
C GLN A 390 40.48 3.00 -30.75
N THR A 391 40.07 1.78 -30.43
CA THR A 391 41.04 0.74 -30.08
C THR A 391 41.85 0.34 -31.31
N SER A 392 41.21 0.28 -32.48
CA SER A 392 41.94 -0.03 -33.70
C SER A 392 42.95 1.05 -34.04
N GLN A 393 42.60 2.31 -33.80
CA GLN A 393 43.54 3.40 -33.98
C GLN A 393 44.72 3.30 -33.02
N ASN A 394 44.44 2.93 -31.77
CA ASN A 394 45.52 2.83 -30.79
C ASN A 394 46.44 1.65 -31.11
N ILE A 395 45.86 0.55 -31.57
CA ILE A 395 46.67 -0.60 -31.99
C ILE A 395 47.48 -0.25 -33.23
N LYS A 396 46.92 0.55 -34.13
CA LYS A 396 47.65 1.04 -35.29
C LYS A 396 48.85 1.87 -34.88
N ASN A 397 48.66 2.73 -33.88
CA ASN A 397 49.74 3.57 -33.39
C ASN A 397 50.82 2.74 -32.70
N GLN A 398 50.41 1.73 -31.94
CA GLN A 398 51.38 0.89 -31.25
C GLN A 398 52.17 0.03 -32.23
N LEU A 399 51.51 -0.46 -33.28
CA LEU A 399 52.24 -1.22 -34.30
C LEU A 399 53.13 -0.32 -35.14
N ALA A 400 52.74 0.94 -35.32
CA ALA A 400 53.60 1.89 -35.98
C ALA A 400 54.86 2.16 -35.17
N GLU A 401 54.70 2.23 -33.85
CA GLU A 401 55.88 2.46 -33.01
C GLU A 401 56.75 1.23 -32.90
N LEU A 402 56.15 0.04 -32.93
CA LEU A 402 56.94 -1.18 -32.81
C LEU A 402 57.53 -1.62 -34.14
N ASN A 403 57.15 -0.97 -35.25
CA ASN A 403 57.64 -1.25 -36.59
C ASN A 403 57.36 -2.69 -37.01
N ALA A 404 56.28 -3.27 -36.52
CA ALA A 404 55.91 -4.64 -36.83
C ALA A 404 54.64 -4.65 -37.66
N THR A 405 54.41 -5.76 -38.35
CA THR A 405 53.24 -5.93 -39.19
C THR A 405 52.29 -6.98 -38.65
N ASN A 406 52.78 -8.19 -38.40
CA ASN A 406 51.94 -9.22 -37.81
C ASN A 406 51.74 -8.91 -36.34
N ILE A 407 50.48 -8.81 -35.94
CA ILE A 407 50.17 -8.63 -34.53
C ILE A 407 50.48 -9.91 -33.77
N TYR A 408 50.40 -11.07 -34.44
CA TYR A 408 50.54 -12.37 -33.77
C TYR A 408 51.95 -12.61 -33.28
N THR A 409 52.91 -11.85 -33.78
CA THR A 409 54.29 -11.93 -33.33
C THR A 409 54.56 -11.08 -32.10
N VAL A 410 53.74 -10.07 -31.84
CA VAL A 410 54.11 -9.06 -30.87
C VAL A 410 53.09 -8.98 -29.74
N LEU A 411 52.42 -10.10 -29.47
CA LEU A 411 51.34 -10.15 -28.48
C LEU A 411 51.83 -9.91 -27.06
N ASP A 412 53.10 -10.17 -26.81
CA ASP A 412 53.74 -9.88 -25.53
C ASP A 412 54.12 -8.43 -25.37
N LYS A 413 53.89 -7.59 -26.38
CA LYS A 413 54.32 -6.21 -26.35
C LYS A 413 53.16 -5.25 -26.49
N ILE A 414 51.95 -5.74 -26.70
CA ILE A 414 50.80 -4.87 -26.93
C ILE A 414 50.33 -4.33 -25.59
N LYS A 415 50.55 -3.05 -25.37
CA LYS A 415 50.10 -2.42 -24.14
C LYS A 415 48.61 -2.13 -24.21
N LEU A 416 47.88 -2.57 -23.20
CA LEU A 416 46.45 -2.38 -23.16
C LEU A 416 46.11 -1.14 -22.36
N ASN A 417 44.90 -0.62 -22.57
CA ASN A 417 44.46 0.59 -21.89
C ASN A 417 43.01 0.41 -21.49
N ALA A 418 42.50 1.39 -20.75
CA ALA A 418 41.12 1.34 -20.32
C ALA A 418 40.19 1.58 -21.51
N LYS A 419 38.98 1.05 -21.38
CA LYS A 419 37.88 1.22 -22.34
C LYS A 419 38.18 0.61 -23.70
N MET A 420 39.12 -0.31 -23.80
CA MET A 420 39.36 -1.00 -25.05
C MET A 420 38.30 -2.09 -25.25
N ASN A 421 38.14 -2.49 -26.52
CA ASN A 421 37.18 -3.51 -26.90
C ASN A 421 37.83 -4.42 -27.93
N ILE A 422 37.95 -5.70 -27.60
CA ILE A 422 38.70 -6.66 -28.41
C ILE A 422 37.80 -7.86 -28.66
N LEU A 423 37.43 -8.06 -29.92
CA LEU A 423 36.65 -9.23 -30.32
C LEU A 423 37.58 -10.24 -30.97
N ILE A 424 37.58 -11.46 -30.47
CA ILE A 424 38.45 -12.49 -31.00
C ILE A 424 37.58 -13.64 -31.45
N ARG A 425 37.58 -13.91 -32.75
CA ARG A 425 36.73 -14.94 -33.31
C ARG A 425 37.57 -16.02 -33.98
N ASP A 426 36.90 -17.09 -34.40
CA ASP A 426 37.57 -18.13 -35.18
C ASP A 426 37.63 -17.69 -36.64
N LYS A 427 38.76 -17.98 -37.28
CA LYS A 427 38.90 -17.66 -38.69
C LYS A 427 38.14 -18.60 -39.60
N ARG A 428 37.74 -19.76 -39.09
CA ARG A 428 37.09 -20.76 -39.94
C ARG A 428 35.68 -20.32 -40.30
N PHE A 429 34.86 -20.02 -39.30
CA PHE A 429 33.44 -19.86 -39.54
C PHE A 429 33.14 -18.48 -40.09
N HIS A 430 31.95 -18.35 -40.67
CA HIS A 430 31.49 -17.05 -41.14
C HIS A 430 30.52 -16.49 -40.11
N TYR A 431 30.53 -15.17 -39.96
CA TYR A 431 29.78 -14.53 -38.90
C TYR A 431 28.80 -13.53 -39.51
N ASP A 432 27.70 -13.32 -38.79
CA ASP A 432 26.63 -12.41 -39.15
C ASP A 432 26.83 -11.04 -38.50
N ARG A 433 25.79 -10.20 -38.56
CA ARG A 433 25.80 -8.90 -37.89
C ARG A 433 26.00 -9.06 -36.39
N ASN A 434 25.30 -10.03 -35.78
CA ASN A 434 25.35 -10.25 -34.35
C ASN A 434 26.52 -11.14 -33.91
N ASN A 435 27.47 -11.39 -34.82
CA ASN A 435 28.70 -12.15 -34.56
C ASN A 435 28.42 -13.56 -34.02
N ILE A 436 27.40 -14.18 -34.57
CA ILE A 436 27.08 -15.57 -34.29
C ILE A 436 27.76 -16.39 -35.38
N ALA A 437 28.16 -17.62 -35.06
CA ALA A 437 28.72 -18.49 -36.08
C ALA A 437 27.60 -19.01 -36.98
N VAL A 438 27.70 -18.75 -38.28
CA VAL A 438 26.61 -19.02 -39.20
C VAL A 438 26.94 -20.11 -40.20
N GLY A 439 28.22 -20.36 -40.50
CA GLY A 439 28.58 -21.24 -41.61
C GLY A 439 30.07 -21.26 -41.91
N ALA A 440 30.58 -22.41 -42.30
CA ALA A 440 32.00 -22.58 -42.57
C ALA A 440 32.26 -22.59 -44.07
N ASP A 441 33.50 -22.88 -44.44
CA ASP A 441 33.83 -23.27 -45.80
C ASP A 441 33.55 -24.76 -45.97
N GLU A 442 33.57 -25.20 -47.23
CA GLU A 442 33.24 -26.59 -47.56
C GLU A 442 34.28 -27.57 -47.04
N SER A 443 35.57 -27.20 -47.13
CA SER A 443 36.70 -27.98 -46.63
C SER A 443 36.59 -28.40 -45.16
N VAL A 444 35.93 -27.59 -44.36
CA VAL A 444 35.82 -27.83 -42.92
C VAL A 444 34.65 -28.74 -42.59
N VAL A 445 33.51 -28.48 -43.24
CA VAL A 445 32.29 -29.24 -43.04
C VAL A 445 32.49 -30.71 -43.42
N LYS A 446 33.18 -30.95 -44.53
CA LYS A 446 33.46 -32.32 -44.98
C LYS A 446 34.38 -33.04 -44.00
N GLU A 447 35.41 -32.36 -43.51
CA GLU A 447 36.42 -32.88 -42.59
C GLU A 447 35.82 -33.45 -41.30
N ALA A 448 34.72 -32.88 -40.83
CA ALA A 448 34.10 -33.35 -39.60
C ALA A 448 33.19 -34.56 -39.82
N HIS A 449 32.88 -34.88 -41.07
CA HIS A 449 31.98 -35.97 -41.40
C HIS A 449 32.69 -37.21 -41.93
N ARG A 450 34.00 -37.32 -41.69
CA ARG A 450 34.79 -38.44 -42.22
C ARG A 450 34.75 -39.63 -41.26
N GLU A 451 33.81 -39.62 -40.30
CA GLU A 451 33.72 -40.69 -39.32
C GLU A 451 32.29 -41.22 -39.36
N VAL A 452 32.10 -42.34 -40.05
CA VAL A 452 30.81 -43.01 -40.17
C VAL A 452 30.82 -44.21 -39.24
N ILE A 453 29.76 -44.36 -38.44
CA ILE A 453 29.67 -45.40 -37.44
C ILE A 453 28.70 -46.49 -37.86
N ASN A 454 27.45 -46.13 -38.15
CA ASN A 454 26.41 -47.08 -38.53
C ASN A 454 25.80 -46.66 -39.85
N SER A 455 25.82 -47.55 -40.83
CA SER A 455 25.19 -47.33 -42.12
C SER A 455 23.93 -48.20 -42.20
N SER A 456 22.78 -47.56 -42.35
CA SER A 456 21.50 -48.25 -42.45
C SER A 456 20.61 -47.49 -43.42
N THR A 457 19.54 -48.15 -43.85
CA THR A 457 18.51 -47.50 -44.65
C THR A 457 17.52 -46.73 -43.79
N GLU A 458 17.72 -46.74 -42.48
CA GLU A 458 16.90 -46.02 -41.51
C GLU A 458 17.55 -44.73 -41.07
N GLY A 459 18.86 -44.73 -40.88
CA GLY A 459 19.54 -43.49 -40.57
C GLY A 459 21.04 -43.63 -40.74
N LEU A 460 21.73 -42.58 -40.30
CA LEU A 460 23.19 -42.54 -40.28
C LEU A 460 23.65 -42.08 -38.91
N LEU A 461 24.65 -42.78 -38.38
CA LEU A 461 25.26 -42.45 -37.11
C LEU A 461 26.69 -41.99 -37.37
N LEU A 462 26.99 -40.75 -37.02
CA LEU A 462 28.32 -40.19 -37.23
C LEU A 462 28.81 -39.55 -35.94
N ASN A 463 30.12 -39.43 -35.84
CA ASN A 463 30.79 -38.72 -34.75
C ASN A 463 31.09 -37.28 -35.15
N ILE A 464 30.04 -36.55 -35.54
CA ILE A 464 30.19 -35.16 -35.97
C ILE A 464 30.66 -34.29 -34.82
N ASP A 465 31.63 -33.41 -35.10
CA ASP A 465 32.21 -32.50 -34.11
C ASP A 465 31.17 -31.50 -33.61
N LYS A 466 31.07 -31.40 -32.28
CA LYS A 466 30.08 -30.58 -31.57
C LYS A 466 30.06 -29.12 -31.99
N ASP A 467 31.22 -28.53 -32.24
CA ASP A 467 31.32 -27.16 -32.74
C ASP A 467 30.68 -27.04 -34.12
N ILE A 468 31.14 -27.89 -35.05
CA ILE A 468 30.72 -27.94 -36.45
C ILE A 468 29.21 -28.02 -36.62
N ARG A 469 28.58 -29.03 -36.00
CA ARG A 469 27.14 -29.28 -36.12
C ARG A 469 26.25 -28.08 -35.75
N LYS A 470 26.75 -27.18 -34.90
CA LYS A 470 25.98 -26.03 -34.46
C LYS A 470 25.78 -24.95 -35.52
N ILE A 471 26.39 -25.05 -36.69
CA ILE A 471 26.17 -24.07 -37.75
C ILE A 471 25.41 -24.68 -38.93
N LEU A 472 24.89 -25.88 -38.76
CA LEU A 472 24.15 -26.57 -39.83
C LEU A 472 22.67 -26.59 -39.47
N SER A 473 21.84 -26.00 -40.33
CA SER A 473 20.41 -25.98 -40.09
C SER A 473 19.79 -27.36 -40.22
N GLY A 474 20.11 -28.07 -41.28
CA GLY A 474 19.48 -29.35 -41.53
C GLY A 474 20.19 -30.10 -42.63
N TYR A 475 19.53 -31.17 -43.11
CA TYR A 475 20.12 -32.08 -44.07
C TYR A 475 19.19 -32.32 -45.26
N ILE A 476 19.79 -32.70 -46.39
CA ILE A 476 19.08 -33.01 -47.63
C ILE A 476 19.45 -34.44 -48.03
N VAL A 477 18.44 -35.28 -48.31
CA VAL A 477 18.66 -36.67 -48.69
C VAL A 477 18.11 -36.87 -50.10
N GLU A 478 18.98 -37.23 -51.05
CA GLU A 478 18.55 -37.57 -52.40
C GLU A 478 19.20 -38.89 -52.82
N ILE A 479 18.82 -39.35 -54.01
CA ILE A 479 19.29 -40.61 -54.59
C ILE A 479 19.68 -40.33 -56.04
N GLU A 480 20.91 -40.71 -56.41
CA GLU A 480 21.44 -40.46 -57.74
C GLU A 480 21.41 -41.75 -58.58
N ASP A 481 20.95 -41.62 -59.81
CA ASP A 481 20.98 -42.72 -60.78
C ASP A 481 22.42 -42.99 -61.23
N THR A 482 22.63 -44.17 -61.82
CA THR A 482 23.92 -44.50 -62.43
C THR A 482 24.23 -43.65 -63.65
N GLU A 483 23.22 -43.08 -64.30
CA GLU A 483 23.40 -42.03 -65.29
C GLU A 483 23.26 -40.64 -64.67
N GLY A 484 22.49 -40.54 -63.59
CA GLY A 484 22.33 -39.29 -62.86
C GLY A 484 20.94 -38.72 -62.88
N LEU A 485 20.21 -38.94 -61.78
CA LEU A 485 18.95 -38.28 -61.51
C LEU A 485 19.03 -37.60 -60.15
N LYS A 486 18.04 -36.73 -59.89
CA LYS A 486 17.97 -35.99 -58.64
C LYS A 486 16.56 -36.20 -58.06
N GLU A 487 16.41 -37.30 -57.33
CA GLU A 487 15.17 -37.63 -56.65
C GLU A 487 15.40 -37.44 -55.14
N VAL A 488 14.77 -36.41 -54.57
CA VAL A 488 15.03 -35.99 -53.20
C VAL A 488 13.89 -36.52 -52.33
N ILE A 489 14.26 -37.28 -51.30
CA ILE A 489 13.29 -37.82 -50.34
C ILE A 489 12.62 -36.70 -49.57
N ASN A 490 13.41 -35.90 -48.87
CA ASN A 490 12.90 -34.79 -48.06
C ASN A 490 12.99 -33.50 -48.87
N ASP A 491 12.12 -33.38 -49.87
CA ASP A 491 12.20 -32.28 -50.83
C ASP A 491 11.23 -31.17 -50.43
N ARG A 492 11.50 -30.57 -49.27
CA ARG A 492 10.85 -29.34 -48.82
C ARG A 492 11.84 -28.56 -47.97
N TYR A 493 11.59 -27.25 -47.91
CA TYR A 493 12.40 -26.35 -47.09
C TYR A 493 12.33 -26.70 -45.61
N ASP A 494 11.18 -27.21 -45.15
CA ASP A 494 10.98 -27.58 -43.76
C ASP A 494 11.06 -29.08 -43.50
N MET A 495 11.67 -29.83 -44.41
CA MET A 495 11.94 -31.26 -44.20
C MET A 495 13.43 -31.49 -43.99
N LEU A 496 14.13 -30.49 -43.46
CA LEU A 496 15.58 -30.56 -43.28
C LEU A 496 15.97 -31.12 -41.91
N ASN A 497 15.18 -30.84 -40.88
CA ASN A 497 15.52 -31.25 -39.53
C ASN A 497 15.34 -32.76 -39.35
N ILE A 498 16.43 -33.51 -39.49
CA ILE A 498 16.44 -34.95 -39.25
C ILE A 498 17.55 -35.28 -38.26
N SER A 499 18.52 -34.37 -38.14
CA SER A 499 19.72 -34.62 -37.35
C SER A 499 19.40 -34.55 -35.87
N SER A 500 19.42 -35.71 -35.20
CA SER A 500 19.29 -35.82 -33.76
C SER A 500 20.66 -36.05 -33.13
N LEU A 501 20.77 -35.70 -31.85
CA LEU A 501 22.02 -35.84 -31.11
C LEU A 501 21.80 -36.78 -29.94
N ARG A 502 22.39 -37.97 -30.02
CA ARG A 502 22.33 -38.91 -28.92
C ARG A 502 23.21 -38.44 -27.77
N GLN A 503 22.94 -38.95 -26.57
CA GLN A 503 23.71 -38.55 -25.39
C GLN A 503 25.09 -39.20 -25.32
N ASP A 504 25.44 -40.08 -26.27
CA ASP A 504 26.77 -40.68 -26.27
C ASP A 504 27.82 -39.83 -26.97
N GLY A 505 27.45 -38.67 -27.50
CA GLY A 505 28.38 -37.84 -28.25
C GLY A 505 28.47 -38.17 -29.72
N LYS A 506 27.40 -38.70 -30.31
CA LYS A 506 27.37 -39.05 -31.72
C LYS A 506 26.07 -38.55 -32.33
N THR A 507 26.18 -37.68 -33.32
CA THR A 507 25.00 -37.13 -33.99
C THR A 507 24.36 -38.21 -34.87
N PHE A 508 23.03 -38.30 -34.80
CA PHE A 508 22.30 -39.34 -35.51
C PHE A 508 21.38 -38.72 -36.54
N ILE A 509 21.53 -39.14 -37.78
CA ILE A 509 20.70 -38.76 -38.91
C ILE A 509 19.59 -39.80 -39.02
N ASP A 510 18.40 -39.39 -39.47
CA ASP A 510 17.25 -40.30 -39.57
C ASP A 510 16.53 -40.05 -40.88
N PHE A 511 16.49 -41.07 -41.75
CA PHE A 511 15.73 -40.96 -42.99
C PHE A 511 14.24 -41.15 -42.73
N LYS A 512 13.89 -41.94 -41.71
CA LYS A 512 12.51 -42.40 -41.51
C LYS A 512 11.54 -41.29 -41.16
N LYS A 513 12.03 -40.23 -40.48
CA LYS A 513 11.19 -39.12 -40.00
C LYS A 513 10.42 -38.43 -41.13
N TYR A 514 11.02 -38.32 -42.30
CA TYR A 514 10.33 -37.70 -43.43
C TYR A 514 10.19 -38.68 -44.58
N ASN A 515 9.85 -39.92 -44.26
CA ASN A 515 9.56 -40.92 -45.30
C ASN A 515 8.32 -41.73 -44.93
N ASP A 516 7.43 -41.19 -44.08
CA ASP A 516 6.21 -41.82 -43.59
C ASP A 516 6.52 -43.13 -42.84
N LYS A 517 7.43 -43.00 -41.86
CA LYS A 517 7.80 -44.01 -40.86
C LYS A 517 8.56 -45.20 -41.44
N LEU A 518 8.80 -45.20 -42.76
CA LEU A 518 9.45 -46.28 -43.49
C LEU A 518 10.89 -45.91 -43.85
N PRO A 519 11.79 -46.90 -43.91
CA PRO A 519 13.15 -46.64 -44.41
C PRO A 519 13.21 -46.26 -45.88
N LEU A 520 14.42 -45.97 -46.37
CA LEU A 520 14.64 -45.56 -47.75
C LEU A 520 14.24 -46.67 -48.73
N TYR A 521 14.15 -46.28 -50.00
CA TYR A 521 13.69 -47.16 -51.06
C TYR A 521 14.85 -47.35 -52.03
N ILE A 522 15.49 -48.52 -51.96
CA ILE A 522 16.60 -48.86 -52.86
C ILE A 522 16.02 -49.67 -54.00
N SER A 523 15.73 -48.97 -55.12
CA SER A 523 15.20 -49.62 -56.31
C SER A 523 16.25 -50.51 -56.98
N ASN A 524 17.52 -50.15 -56.87
CA ASN A 524 18.65 -50.88 -57.41
C ASN A 524 19.80 -50.66 -56.45
N PRO A 525 20.45 -51.73 -55.93
CA PRO A 525 21.57 -51.54 -55.00
C PRO A 525 22.86 -51.05 -55.62
N ASN A 526 22.83 -50.59 -56.86
CA ASN A 526 23.98 -49.93 -57.47
C ASN A 526 23.80 -48.43 -57.61
N TYR A 527 22.76 -47.84 -57.01
CA TYR A 527 22.62 -46.38 -57.03
C TYR A 527 23.57 -45.73 -56.03
N LYS A 528 23.41 -44.42 -55.87
CA LYS A 528 24.14 -43.63 -54.91
C LYS A 528 23.15 -42.98 -53.95
N VAL A 529 23.41 -43.14 -52.66
CA VAL A 529 22.60 -42.52 -51.62
C VAL A 529 23.35 -41.29 -51.14
N ASN A 530 22.87 -40.12 -51.52
CA ASN A 530 23.52 -38.86 -51.19
C ASN A 530 22.83 -38.21 -50.00
N VAL A 531 23.64 -37.72 -49.06
CA VAL A 531 23.15 -36.92 -47.94
C VAL A 531 23.96 -35.63 -47.92
N TYR A 532 23.25 -34.50 -47.97
CA TYR A 532 23.85 -33.17 -48.08
C TYR A 532 23.40 -32.34 -46.88
N ALA A 533 24.18 -31.31 -46.54
CA ALA A 533 23.88 -30.47 -45.39
C ALA A 533 23.74 -29.01 -45.78
N VAL A 534 23.03 -28.26 -44.94
CA VAL A 534 22.67 -26.87 -45.22
C VAL A 534 23.14 -26.00 -44.07
N THR A 535 24.02 -25.04 -44.35
CA THR A 535 24.43 -24.06 -43.34
C THR A 535 23.31 -23.07 -43.05
N LYS A 536 23.42 -22.42 -41.88
CA LYS A 536 22.45 -21.39 -41.50
C LYS A 536 22.46 -20.19 -42.44
N GLU A 537 23.63 -19.86 -43.00
CA GLU A 537 23.70 -18.75 -43.95
C GLU A 537 23.08 -19.09 -45.30
N ASN A 538 22.86 -20.38 -45.59
CA ASN A 538 22.27 -20.80 -46.84
C ASN A 538 20.83 -21.28 -46.72
N THR A 539 20.35 -21.54 -45.50
CA THR A 539 19.02 -22.09 -45.32
C THR A 539 17.93 -21.05 -45.61
N ILE A 540 16.75 -21.55 -45.96
CA ILE A 540 15.57 -20.72 -46.11
C ILE A 540 14.55 -21.15 -45.08
N ILE A 541 13.61 -20.25 -44.78
CA ILE A 541 12.67 -20.45 -43.70
C ILE A 541 11.24 -20.22 -44.17
N ASN A 542 11.11 -19.84 -45.45
CA ASN A 542 9.82 -19.66 -46.11
C ASN A 542 9.99 -20.04 -47.56
N PRO A 543 8.89 -20.39 -48.25
CA PRO A 543 8.97 -20.64 -49.70
C PRO A 543 9.35 -19.40 -50.49
N SER A 544 9.73 -19.61 -51.75
CA SER A 544 10.08 -18.53 -52.66
C SER A 544 8.88 -17.68 -53.04
N GLU A 545 9.12 -16.74 -53.97
CA GLU A 545 8.10 -15.81 -54.47
C GLU A 545 6.80 -16.50 -54.93
N ASN A 546 6.89 -17.39 -55.91
CA ASN A 546 5.68 -17.98 -56.44
C ASN A 546 5.06 -19.06 -55.55
N GLY A 547 5.67 -20.23 -55.45
CA GLY A 547 5.19 -21.26 -54.55
C GLY A 547 6.23 -22.26 -54.06
N ASP A 548 7.51 -21.94 -54.18
CA ASP A 548 8.55 -22.98 -54.19
C ASP A 548 8.85 -23.56 -52.83
N THR A 549 8.17 -24.66 -52.50
CA THR A 549 8.40 -25.44 -51.29
C THR A 549 9.37 -26.59 -51.52
N SER A 550 10.41 -26.39 -52.33
CA SER A 550 11.33 -27.46 -52.69
C SER A 550 12.76 -27.11 -52.27
N THR A 551 13.64 -28.13 -52.33
CA THR A 551 15.05 -27.99 -52.01
C THR A 551 15.88 -27.59 -53.23
N ASN A 552 15.23 -26.99 -54.22
CA ASN A 552 15.86 -26.64 -55.49
C ASN A 552 16.91 -25.55 -55.32
N GLY A 553 16.49 -24.37 -54.84
CA GLY A 553 17.41 -23.27 -54.65
C GLY A 553 18.05 -23.22 -53.27
N ILE A 554 18.88 -24.22 -52.94
CA ILE A 554 19.59 -24.27 -51.67
C ILE A 554 21.04 -24.67 -51.96
N LYS A 555 21.98 -23.96 -51.30
CA LYS A 555 23.41 -24.20 -51.50
C LYS A 555 23.83 -25.38 -50.63
N LYS A 556 23.64 -26.57 -51.20
CA LYS A 556 23.94 -27.82 -50.53
C LYS A 556 25.44 -28.15 -50.62
N ILE A 557 25.90 -29.02 -49.71
CA ILE A 557 27.31 -29.35 -49.56
C ILE A 557 27.42 -30.87 -49.47
N LEU A 558 28.37 -31.45 -50.20
CA LEU A 558 28.52 -32.90 -50.29
C LEU A 558 29.16 -33.42 -49.01
N ILE A 559 28.38 -34.14 -48.20
CA ILE A 559 28.90 -34.83 -47.02
C ILE A 559 28.96 -36.35 -47.21
N PHE A 560 27.91 -36.95 -47.74
CA PHE A 560 27.79 -38.41 -47.76
C PHE A 560 27.44 -38.87 -49.17
N SER A 561 28.25 -39.77 -49.70
CA SER A 561 27.97 -40.40 -50.99
C SER A 561 28.53 -41.81 -51.04
N LYS A 562 27.69 -42.80 -50.73
CA LYS A 562 28.09 -44.20 -50.77
C LYS A 562 27.10 -45.00 -51.60
N LYS A 563 27.55 -46.16 -52.07
CA LYS A 563 26.71 -47.04 -52.88
C LYS A 563 25.64 -47.72 -52.01
N GLY A 564 24.76 -48.46 -52.68
CA GLY A 564 23.64 -49.11 -52.01
C GLY A 564 23.98 -50.47 -51.45
N TYR A 565 25.02 -51.11 -51.97
CA TYR A 565 25.48 -52.39 -51.46
C TYR A 565 26.48 -52.24 -50.31
N GLU A 566 26.80 -50.99 -49.94
CA GLU A 566 27.76 -50.72 -48.89
C GLU A 566 27.09 -50.14 -47.65
N ILE A 567 25.77 -50.30 -47.53
CA ILE A 567 25.01 -49.75 -46.43
C ILE A 567 24.33 -50.89 -45.69
N GLY A 568 23.53 -51.68 -46.40
CA GLY A 568 22.87 -52.83 -45.82
C GLY A 568 21.61 -53.22 -46.55
N THR B 7 53.42 20.44 11.78
CA THR B 7 52.11 20.21 11.20
C THR B 7 51.73 21.31 10.21
N VAL B 8 51.62 20.94 8.94
CA VAL B 8 51.30 21.91 7.89
C VAL B 8 49.79 22.16 7.89
N PRO B 9 49.35 23.40 7.73
CA PRO B 9 47.90 23.67 7.75
C PRO B 9 47.20 23.34 6.44
N ASP B 10 45.94 22.91 6.59
CA ASP B 10 44.99 22.72 5.49
C ASP B 10 43.63 23.11 6.06
N ARG B 11 43.29 24.40 5.89
CA ARG B 11 42.05 24.91 6.47
C ARG B 11 40.84 24.30 5.79
N ASP B 12 40.94 24.09 4.48
CA ASP B 12 39.89 23.47 3.71
C ASP B 12 39.73 21.99 3.98
N ASN B 13 40.66 21.38 4.73
CA ASN B 13 40.57 20.03 5.28
C ASN B 13 40.46 18.98 4.18
N ASP B 14 40.90 19.33 2.97
CA ASP B 14 40.80 18.46 1.82
C ASP B 14 42.06 17.66 1.59
N GLY B 15 42.90 17.51 2.62
CA GLY B 15 44.06 16.67 2.53
C GLY B 15 45.21 17.28 1.78
N ILE B 16 45.11 18.55 1.41
CA ILE B 16 46.13 19.22 0.63
C ILE B 16 46.36 20.61 1.23
N PRO B 17 47.61 20.95 1.54
CA PRO B 17 47.87 22.18 2.29
C PRO B 17 47.60 23.43 1.48
N ASP B 18 47.57 24.53 2.22
CA ASP B 18 46.97 25.75 1.71
C ASP B 18 47.92 26.49 0.78
N SER B 19 49.21 26.53 1.14
CA SER B 19 50.20 27.21 0.33
C SER B 19 50.38 26.53 -1.02
N LEU B 20 50.20 25.22 -1.09
CA LEU B 20 50.31 24.56 -2.38
C LEU B 20 49.14 24.92 -3.29
N GLU B 21 47.93 24.96 -2.72
CA GLU B 21 46.75 25.35 -3.50
C GLU B 21 46.84 26.79 -3.96
N VAL B 22 47.49 27.63 -3.17
CA VAL B 22 47.68 29.02 -3.58
C VAL B 22 48.74 29.12 -4.67
N GLU B 23 49.91 28.54 -4.43
CA GLU B 23 51.09 28.84 -5.22
C GLU B 23 51.28 27.89 -6.39
N GLY B 24 50.47 26.86 -6.49
CA GLY B 24 50.66 25.96 -7.61
C GLY B 24 51.24 24.63 -7.17
N TYR B 25 50.74 23.57 -7.79
CA TYR B 25 51.16 22.22 -7.42
C TYR B 25 50.84 21.30 -8.59
N THR B 26 51.14 20.03 -8.39
CA THR B 26 50.88 18.99 -9.37
C THR B 26 50.93 17.63 -8.68
N VAL B 27 50.46 16.62 -9.40
CA VAL B 27 50.47 15.24 -8.96
C VAL B 27 51.32 14.46 -9.95
N ASP B 28 52.26 13.66 -9.44
CA ASP B 28 53.13 12.92 -10.34
C ASP B 28 53.42 11.53 -9.79
N VAL B 29 53.31 10.54 -10.64
CA VAL B 29 53.72 9.19 -10.26
C VAL B 29 55.22 9.07 -10.46
N LYS B 30 55.85 8.27 -9.61
CA LYS B 30 57.28 8.03 -9.74
C LYS B 30 57.58 6.60 -10.16
N ASN B 31 57.15 5.62 -9.37
CA ASN B 31 57.31 4.24 -9.77
C ASN B 31 55.95 3.60 -10.01
N LYS B 32 55.12 3.53 -8.97
CA LYS B 32 53.70 3.24 -9.11
C LYS B 32 52.90 4.05 -8.11
N ARG B 33 53.44 5.20 -7.69
CA ARG B 33 52.90 5.90 -6.53
C ARG B 33 52.75 7.38 -6.82
N THR B 34 51.55 7.89 -6.52
CA THR B 34 51.22 9.28 -6.76
C THR B 34 51.80 10.15 -5.66
N PHE B 35 52.50 11.20 -6.06
CA PHE B 35 53.18 12.11 -5.15
C PHE B 35 52.68 13.52 -5.43
N LEU B 36 52.31 14.22 -4.38
CA LEU B 36 51.72 15.55 -4.50
C LEU B 36 52.86 16.56 -4.38
N SER B 37 53.36 16.95 -5.48
CA SER B 37 54.45 17.90 -5.43
C SER B 37 53.92 19.33 -5.54
N PRO B 38 54.62 20.29 -4.95
CA PRO B 38 54.42 21.68 -5.37
C PRO B 38 55.02 21.89 -6.74
N TRP B 39 54.62 23.00 -7.37
CA TRP B 39 54.99 23.23 -8.75
C TRP B 39 56.46 23.63 -8.87
N ILE B 40 57.20 22.90 -9.70
CA ILE B 40 58.55 23.24 -10.11
C ILE B 40 58.58 23.25 -11.62
N SER B 41 58.97 24.38 -12.20
CA SER B 41 58.91 24.54 -13.64
C SER B 41 60.05 23.83 -14.36
N ASN B 42 61.09 23.40 -13.65
CA ASN B 42 62.21 22.76 -14.31
C ASN B 42 61.90 21.34 -14.72
N ILE B 43 61.01 20.68 -14.00
CA ILE B 43 60.78 19.26 -14.13
C ILE B 43 59.39 18.98 -14.66
N HIS B 44 58.38 19.56 -14.03
CA HIS B 44 57.00 19.20 -14.31
C HIS B 44 56.52 19.80 -15.61
N GLU B 45 57.10 20.93 -16.00
CA GLU B 45 56.79 21.53 -17.29
C GLU B 45 57.35 20.72 -18.43
N LYS B 46 58.52 20.10 -18.23
CA LYS B 46 59.07 19.24 -19.27
C LYS B 46 58.28 17.95 -19.40
N LYS B 47 57.67 17.50 -18.31
CA LYS B 47 56.84 16.31 -18.38
C LYS B 47 55.47 16.58 -18.94
N GLY B 48 55.07 17.85 -19.05
CA GLY B 48 53.74 18.17 -19.52
C GLY B 48 52.70 18.18 -18.44
N LEU B 49 53.10 18.21 -17.18
CA LEU B 49 52.15 18.21 -16.08
C LEU B 49 51.50 19.57 -15.97
N THR B 50 50.23 19.58 -15.61
CA THR B 50 49.46 20.81 -15.56
C THR B 50 49.52 21.41 -14.16
N LYS B 51 49.93 22.67 -14.09
CA LYS B 51 50.00 23.37 -12.82
C LYS B 51 48.59 23.65 -12.30
N TYR B 52 48.37 23.36 -11.03
CA TYR B 52 47.05 23.41 -10.42
C TYR B 52 47.01 24.47 -9.33
N LYS B 53 45.95 25.26 -9.32
CA LYS B 53 45.70 26.19 -8.23
C LYS B 53 44.25 26.05 -7.80
N SER B 54 44.01 26.19 -6.49
CA SER B 54 42.66 26.05 -5.97
C SER B 54 42.56 26.81 -4.67
N SER B 55 41.41 26.72 -4.05
CA SER B 55 41.21 27.52 -2.86
C SER B 55 41.82 26.85 -1.63
N PRO B 56 42.47 27.63 -0.78
CA PRO B 56 42.95 27.11 0.50
C PRO B 56 41.86 26.93 1.52
N GLU B 57 40.66 27.46 1.26
CA GLU B 57 39.59 27.37 2.22
C GLU B 57 38.38 26.65 1.68
N LYS B 58 38.39 26.23 0.42
CA LYS B 58 37.30 25.43 -0.10
C LYS B 58 37.77 23.99 -0.22
N TRP B 59 37.07 23.10 0.48
CA TRP B 59 37.24 21.67 0.31
C TRP B 59 36.97 21.26 -1.12
N SER B 60 36.00 21.90 -1.75
CA SER B 60 35.74 21.77 -3.18
C SER B 60 35.69 23.19 -3.73
N THR B 61 36.71 23.55 -4.50
CA THR B 61 36.82 24.91 -4.99
C THR B 61 35.74 25.21 -6.03
N ALA B 62 35.32 24.21 -6.79
CA ALA B 62 34.22 24.37 -7.72
C ALA B 62 32.87 24.12 -7.08
N SER B 63 32.84 23.80 -5.77
CA SER B 63 31.66 23.53 -4.94
C SER B 63 30.86 22.30 -5.38
N ASP B 64 31.32 21.57 -6.38
CA ASP B 64 30.76 20.29 -6.75
C ASP B 64 31.06 19.28 -5.63
N PRO B 65 30.29 18.18 -5.52
CA PRO B 65 30.49 17.25 -4.40
C PRO B 65 31.71 16.35 -4.54
N TYR B 66 32.85 16.94 -4.89
CA TYR B 66 34.11 16.23 -5.06
C TYR B 66 35.20 17.16 -4.60
N SER B 67 36.13 16.65 -3.80
CA SER B 67 37.18 17.50 -3.27
C SER B 67 38.16 17.89 -4.37
N ASP B 68 39.02 18.84 -4.03
CA ASP B 68 40.13 19.19 -4.91
C ASP B 68 41.09 18.02 -5.04
N PHE B 69 41.36 17.36 -3.92
CA PHE B 69 42.35 16.28 -3.88
C PHE B 69 41.85 15.05 -4.61
N GLU B 70 40.57 14.72 -4.47
CA GLU B 70 40.00 13.59 -5.22
C GLU B 70 40.04 13.87 -6.71
N LYS B 71 39.86 15.12 -7.09
CA LYS B 71 39.78 15.46 -8.49
C LYS B 71 41.16 15.46 -9.13
N VAL B 72 42.20 15.84 -8.38
CA VAL B 72 43.53 15.80 -8.95
C VAL B 72 44.16 14.42 -8.79
N THR B 73 43.70 13.64 -7.82
CA THR B 73 44.31 12.35 -7.58
C THR B 73 43.75 11.31 -8.53
N GLY B 74 42.45 11.39 -8.80
CA GLY B 74 41.76 10.38 -9.57
C GLY B 74 40.88 9.47 -8.74
N ARG B 75 40.83 9.67 -7.42
CA ARG B 75 39.97 8.86 -6.56
C ARG B 75 38.55 9.42 -6.59
N ILE B 76 37.91 9.19 -7.73
CA ILE B 76 36.66 9.84 -8.07
C ILE B 76 35.85 8.83 -8.87
N ASP B 77 34.55 9.11 -9.01
CA ASP B 77 33.73 8.45 -10.01
C ASP B 77 34.34 8.70 -11.38
N LYS B 78 34.71 7.62 -12.07
CA LYS B 78 35.43 7.73 -13.33
C LYS B 78 34.53 8.17 -14.47
N ASN B 79 33.22 8.20 -14.28
CA ASN B 79 32.32 8.72 -15.30
C ASN B 79 32.38 10.22 -15.43
N VAL B 80 33.05 10.90 -14.51
CA VAL B 80 33.37 12.31 -14.66
C VAL B 80 34.26 12.48 -15.88
N SER B 81 33.90 13.43 -16.74
CA SER B 81 34.64 13.72 -17.95
C SER B 81 36.05 14.19 -17.62
N PRO B 82 37.03 13.91 -18.49
CA PRO B 82 38.42 14.27 -18.18
C PRO B 82 38.65 15.76 -18.11
N GLU B 83 37.94 16.56 -18.91
CA GLU B 83 38.09 18.00 -18.81
C GLU B 83 37.48 18.55 -17.53
N ALA B 84 36.63 17.77 -16.86
CA ALA B 84 36.15 18.15 -15.54
C ALA B 84 37.08 17.71 -14.43
N ARG B 85 38.23 17.12 -14.77
CA ARG B 85 39.16 16.74 -13.72
C ARG B 85 40.01 17.90 -13.24
N HIS B 86 39.86 19.07 -13.83
CA HIS B 86 40.52 20.24 -13.30
C HIS B 86 39.69 20.85 -12.18
N PRO B 87 40.32 21.32 -11.10
CA PRO B 87 39.56 21.79 -9.94
C PRO B 87 38.73 23.03 -10.20
N LEU B 88 39.15 23.87 -11.12
CA LEU B 88 38.37 25.05 -11.44
C LEU B 88 37.27 24.77 -12.45
N VAL B 89 37.14 23.52 -12.88
CA VAL B 89 36.08 23.10 -13.79
C VAL B 89 35.03 22.36 -12.99
N ALA B 90 33.79 22.82 -13.09
CA ALA B 90 32.70 22.18 -12.37
C ALA B 90 32.31 20.87 -13.02
N ALA B 91 31.75 19.98 -12.22
CA ALA B 91 31.28 18.67 -12.69
C ALA B 91 29.84 18.50 -12.22
N TYR B 92 28.91 18.45 -13.17
CA TYR B 92 27.51 18.38 -12.80
C TYR B 92 26.72 17.77 -13.94
N PRO B 93 25.63 17.07 -13.66
CA PRO B 93 24.78 16.55 -14.73
C PRO B 93 23.84 17.59 -15.29
N ILE B 94 23.52 17.43 -16.55
CA ILE B 94 22.49 18.20 -17.23
C ILE B 94 21.55 17.18 -17.84
N VAL B 95 20.34 17.10 -17.31
CA VAL B 95 19.38 16.10 -17.71
C VAL B 95 18.14 16.80 -18.24
N HIS B 96 17.69 16.40 -19.42
CA HIS B 96 16.41 16.83 -19.93
C HIS B 96 15.79 15.66 -20.68
N VAL B 97 14.46 15.64 -20.69
CA VAL B 97 13.70 14.51 -21.21
C VAL B 97 13.11 14.89 -22.55
N ASP B 98 13.24 14.01 -23.53
CA ASP B 98 12.56 14.14 -24.81
C ASP B 98 11.42 13.14 -24.88
N MET B 99 10.45 13.44 -25.75
CA MET B 99 9.24 12.64 -25.90
C MET B 99 9.19 12.12 -27.32
N GLU B 100 9.30 10.80 -27.49
CA GLU B 100 9.32 10.29 -28.84
C GLU B 100 7.94 10.02 -29.38
N ASN B 101 7.01 9.59 -28.53
CA ASN B 101 5.75 9.12 -29.07
C ASN B 101 4.64 9.28 -28.04
N ILE B 102 3.44 9.51 -28.57
CA ILE B 102 2.21 9.59 -27.79
C ILE B 102 1.43 8.31 -28.05
N ILE B 103 0.68 7.86 -27.05
CA ILE B 103 -0.31 6.82 -27.21
C ILE B 103 -1.56 7.27 -26.46
N LEU B 104 -2.62 7.55 -27.20
CA LEU B 104 -3.90 7.86 -26.59
C LEU B 104 -4.86 6.70 -26.83
N SER B 105 -5.63 6.37 -25.81
CA SER B 105 -6.63 5.31 -25.91
C SER B 105 -7.98 5.88 -25.51
N LYS B 106 -8.96 5.71 -26.37
CA LYS B 106 -10.29 6.20 -26.08
C LYS B 106 -11.00 5.23 -25.15
N ASN B 107 -11.30 5.68 -23.94
CA ASN B 107 -11.99 4.85 -22.96
C ASN B 107 -13.48 4.87 -23.29
N GLU B 108 -13.83 4.09 -24.30
CA GLU B 108 -15.21 3.96 -24.75
C GLU B 108 -15.56 2.49 -24.70
N ASP B 109 -16.70 2.16 -24.09
CA ASP B 109 -17.08 0.75 -24.00
C ASP B 109 -18.28 0.47 -24.89
N GLN B 110 -18.11 -0.43 -25.84
CA GLN B 110 -19.14 -0.74 -26.80
C GLN B 110 -19.58 -2.19 -26.64
N SER B 111 -20.82 -2.44 -27.02
CA SER B 111 -21.39 -3.78 -26.89
C SER B 111 -22.36 -4.03 -28.03
N THR B 112 -22.40 -5.28 -28.47
CA THR B 112 -23.33 -5.73 -29.49
C THR B 112 -24.16 -6.87 -28.93
N GLN B 113 -25.45 -6.85 -29.24
CA GLN B 113 -26.38 -7.86 -28.77
C GLN B 113 -27.12 -8.47 -29.95
N ASN B 114 -27.18 -9.79 -29.99
CA ASN B 114 -27.95 -10.52 -30.97
C ASN B 114 -29.03 -11.29 -30.23
N THR B 115 -30.25 -11.30 -30.78
CA THR B 115 -31.39 -11.91 -30.09
C THR B 115 -32.26 -12.65 -31.09
N ASP B 116 -32.66 -13.87 -30.76
CA ASP B 116 -33.62 -14.62 -31.57
C ASP B 116 -34.84 -14.95 -30.71
N SER B 117 -36.03 -14.91 -31.32
CA SER B 117 -37.27 -15.09 -30.58
C SER B 117 -38.30 -15.82 -31.43
N GLN B 118 -38.79 -16.95 -30.95
CA GLN B 118 -39.81 -17.74 -31.64
C GLN B 118 -41.04 -17.82 -30.76
N THR B 119 -42.17 -17.32 -31.26
CA THR B 119 -43.39 -17.18 -30.49
C THR B 119 -44.50 -17.99 -31.13
N ARG B 120 -45.15 -18.83 -30.35
CA ARG B 120 -46.28 -19.63 -30.83
C ARG B 120 -47.53 -19.19 -30.09
N THR B 121 -48.44 -18.53 -30.81
CA THR B 121 -49.64 -17.97 -30.22
C THR B 121 -50.85 -18.73 -30.73
N ILE B 122 -51.53 -19.43 -29.82
CA ILE B 122 -52.69 -20.24 -30.16
C ILE B 122 -53.92 -19.56 -29.57
N SER B 123 -54.85 -19.18 -30.43
CA SER B 123 -55.92 -18.26 -30.06
C SER B 123 -57.28 -18.89 -30.33
N LYS B 124 -58.22 -18.63 -29.44
CA LYS B 124 -59.60 -19.08 -29.58
C LYS B 124 -60.51 -17.87 -29.66
N ASN B 125 -61.67 -18.02 -30.31
CA ASN B 125 -62.66 -16.95 -30.38
C ASN B 125 -64.02 -17.61 -30.55
N THR B 126 -65.07 -16.99 -30.02
CA THR B 126 -66.43 -17.40 -30.34
C THR B 126 -67.32 -16.17 -30.42
N SER B 127 -68.56 -16.37 -30.90
CA SER B 127 -69.44 -15.25 -31.21
C SER B 127 -70.90 -15.71 -31.26
N THR B 128 -71.80 -14.79 -30.90
CA THR B 128 -73.21 -14.84 -31.31
C THR B 128 -73.62 -13.46 -31.80
N SER B 129 -74.80 -13.39 -32.41
CA SER B 129 -75.34 -12.18 -32.99
C SER B 129 -76.85 -12.33 -33.10
N ARG B 130 -77.60 -11.24 -32.89
CA ARG B 130 -79.06 -11.29 -33.02
C ARG B 130 -79.58 -10.04 -33.71
N THR B 131 -80.22 -10.23 -34.86
CA THR B 131 -80.62 -9.16 -35.77
C THR B 131 -82.14 -9.06 -35.76
N HIS B 132 -82.67 -7.85 -35.73
CA HIS B 132 -84.12 -7.65 -35.80
C HIS B 132 -84.44 -6.62 -36.87
N THR B 133 -85.16 -7.12 -37.86
CA THR B 133 -85.58 -6.41 -39.05
C THR B 133 -87.07 -6.06 -39.35
N SER B 134 -87.30 -4.75 -39.43
CA SER B 134 -88.52 -4.05 -39.85
C SER B 134 -88.24 -3.56 -41.31
N GLU B 135 -89.29 -3.47 -42.17
CA GLU B 135 -89.33 -3.15 -43.60
C GLU B 135 -90.72 -2.68 -44.00
N VAL B 136 -90.80 -1.57 -44.73
CA VAL B 136 -92.08 -1.03 -45.21
C VAL B 136 -91.93 -0.72 -46.70
N HIS B 137 -92.58 -1.53 -47.54
CA HIS B 137 -92.51 -1.46 -49.00
C HIS B 137 -93.66 -0.63 -49.56
N GLY B 138 -93.41 0.04 -50.69
CA GLY B 138 -94.45 0.71 -51.43
C GLY B 138 -94.40 0.34 -52.90
N ASN B 139 -95.50 0.64 -53.60
CA ASN B 139 -95.66 0.30 -55.00
C ASN B 139 -96.82 1.09 -55.59
N ALA B 140 -96.66 1.52 -56.84
CA ALA B 140 -97.74 2.03 -57.67
C ALA B 140 -97.53 1.49 -59.07
N GLU B 141 -98.59 1.39 -59.87
CA GLU B 141 -98.50 0.75 -61.17
C GLU B 141 -99.56 1.30 -62.11
N VAL B 142 -99.16 1.62 -63.35
CA VAL B 142 -100.08 2.09 -64.38
C VAL B 142 -99.93 1.22 -65.60
N HIS B 143 -100.99 0.46 -65.92
CA HIS B 143 -101.00 -0.46 -67.06
C HIS B 143 -101.86 0.13 -68.17
N ALA B 144 -101.46 -0.07 -69.42
CA ALA B 144 -102.19 0.46 -70.55
C ALA B 144 -102.14 -0.50 -71.72
N SER B 145 -103.28 -0.68 -72.39
CA SER B 145 -103.39 -1.58 -73.53
C SER B 145 -104.02 -0.87 -74.71
N PHE B 146 -104.47 -1.64 -75.72
CA PHE B 146 -105.28 -1.08 -76.80
C PHE B 146 -106.53 -0.41 -76.26
N PHE B 147 -107.24 -1.08 -75.34
CA PHE B 147 -108.46 -0.52 -74.78
C PHE B 147 -108.57 -0.74 -73.28
N ASP B 148 -107.52 -1.23 -72.62
CA ASP B 148 -107.57 -1.57 -71.20
C ASP B 148 -106.48 -0.79 -70.46
N ILE B 149 -106.91 0.01 -69.48
CA ILE B 149 -106.01 0.82 -68.66
C ILE B 149 -106.31 0.50 -67.20
N GLY B 150 -105.26 0.21 -66.42
CA GLY B 150 -105.42 -0.08 -65.02
C GLY B 150 -104.40 0.68 -64.18
N GLY B 151 -104.67 0.75 -62.88
CA GLY B 151 -103.72 1.28 -61.93
C GLY B 151 -103.82 0.55 -60.61
N SER B 152 -102.69 0.48 -59.91
CA SER B 152 -102.55 -0.37 -58.74
C SER B 152 -101.67 0.31 -57.70
N VAL B 153 -102.02 0.17 -56.42
CA VAL B 153 -101.26 0.74 -55.31
C VAL B 153 -101.03 -0.35 -54.26
N SER B 154 -99.77 -0.53 -53.85
CA SER B 154 -99.43 -1.61 -52.93
C SER B 154 -98.49 -1.11 -51.83
N ALA B 155 -98.55 -1.78 -50.69
CA ALA B 155 -97.69 -1.48 -49.55
C ALA B 155 -97.45 -2.75 -48.73
N GLY B 156 -96.23 -2.88 -48.21
CA GLY B 156 -95.78 -4.11 -47.58
C GLY B 156 -95.13 -3.92 -46.22
N PHE B 157 -95.37 -4.88 -45.33
CA PHE B 157 -94.80 -4.87 -43.99
C PHE B 157 -94.05 -6.18 -43.81
N SER B 158 -92.72 -6.11 -43.77
CA SER B 158 -91.91 -7.32 -43.61
C SER B 158 -91.18 -7.35 -42.28
N ASN B 159 -91.27 -8.49 -41.60
CA ASN B 159 -90.62 -8.67 -40.30
C ASN B 159 -89.56 -9.76 -40.37
N SER B 160 -88.36 -9.42 -39.91
CA SER B 160 -87.24 -10.36 -39.89
C SER B 160 -86.51 -10.26 -38.56
N ASN B 161 -85.92 -11.40 -38.13
CA ASN B 161 -85.15 -11.67 -36.92
C ASN B 161 -84.17 -12.81 -37.18
N SER B 162 -82.89 -12.53 -37.03
CA SER B 162 -81.78 -13.44 -37.32
C SER B 162 -80.96 -13.68 -36.06
N SER B 163 -80.16 -14.74 -36.05
CA SER B 163 -79.23 -15.01 -34.95
C SER B 163 -78.06 -15.86 -35.43
N THR B 164 -76.87 -15.25 -35.45
CA THR B 164 -75.65 -15.82 -36.03
C THR B 164 -74.72 -16.28 -34.93
N VAL B 165 -74.39 -17.57 -34.91
CA VAL B 165 -73.54 -18.15 -33.88
C VAL B 165 -72.26 -18.66 -34.53
N ALA B 166 -71.11 -18.21 -34.04
CA ALA B 166 -69.83 -18.34 -34.71
C ALA B 166 -68.75 -18.81 -33.74
N ILE B 167 -67.66 -19.35 -34.28
CA ILE B 167 -66.51 -19.80 -33.50
C ILE B 167 -65.27 -19.81 -34.39
N ASP B 168 -64.11 -19.52 -33.80
CA ASP B 168 -62.84 -19.35 -34.48
C ASP B 168 -61.73 -20.05 -33.69
N HIS B 169 -60.79 -20.67 -34.41
CA HIS B 169 -59.51 -21.10 -33.86
C HIS B 169 -58.39 -20.43 -34.64
N SER B 170 -57.21 -20.29 -34.04
CA SER B 170 -56.13 -19.51 -34.64
C SER B 170 -54.76 -19.99 -34.18
N LEU B 171 -53.78 -19.98 -35.09
CA LEU B 171 -52.37 -20.15 -34.76
C LEU B 171 -51.59 -18.89 -35.16
N SER B 172 -50.38 -18.75 -34.63
CA SER B 172 -49.46 -17.66 -35.00
C SER B 172 -48.03 -18.09 -34.70
N LEU B 173 -47.15 -18.02 -35.69
CA LEU B 173 -45.75 -18.36 -35.53
C LEU B 173 -44.89 -17.15 -35.84
N ALA B 174 -44.30 -16.55 -34.80
CA ALA B 174 -43.59 -15.27 -34.92
C ALA B 174 -42.11 -15.49 -34.67
N GLY B 175 -41.31 -15.35 -35.72
CA GLY B 175 -39.86 -15.49 -35.62
C GLY B 175 -39.19 -14.13 -35.78
N GLU B 176 -38.28 -13.82 -34.87
CA GLU B 176 -37.69 -12.49 -34.79
C GLU B 176 -36.19 -12.58 -34.58
N ARG B 177 -35.45 -11.78 -35.33
CA ARG B 177 -34.00 -11.65 -35.16
C ARG B 177 -33.68 -10.18 -34.92
N THR B 178 -33.03 -9.91 -33.80
CA THR B 178 -32.79 -8.57 -33.31
C THR B 178 -31.29 -8.31 -33.23
N TRP B 179 -30.85 -7.23 -33.87
CA TRP B 179 -29.47 -6.78 -33.79
C TRP B 179 -29.42 -5.46 -33.02
N ALA B 180 -28.44 -5.32 -32.14
CA ALA B 180 -28.35 -4.15 -31.28
C ALA B 180 -26.89 -3.78 -31.07
N GLU B 181 -26.65 -2.47 -30.93
CA GLU B 181 -25.30 -1.95 -30.74
C GLU B 181 -25.37 -0.74 -29.82
N THR B 182 -24.40 -0.64 -28.90
CA THR B 182 -24.40 0.38 -27.87
C THR B 182 -22.98 0.88 -27.67
N MET B 183 -22.82 2.19 -27.54
CA MET B 183 -21.51 2.80 -27.30
C MET B 183 -21.62 3.74 -26.10
N GLY B 184 -21.14 3.28 -24.95
CA GLY B 184 -21.10 4.10 -23.76
C GLY B 184 -19.79 4.86 -23.63
N LEU B 185 -19.89 6.01 -22.96
CA LEU B 185 -18.81 6.97 -22.82
C LEU B 185 -19.01 7.74 -21.54
N ASN B 186 -17.91 8.17 -20.94
CA ASN B 186 -17.94 9.10 -19.81
C ASN B 186 -17.10 10.30 -20.19
N THR B 187 -17.70 11.50 -20.12
CA THR B 187 -17.06 12.71 -20.60
C THR B 187 -15.87 13.12 -19.75
N ALA B 188 -15.78 12.66 -18.51
CA ALA B 188 -14.65 13.00 -17.68
C ALA B 188 -13.47 12.07 -17.89
N ASP B 189 -13.70 10.88 -18.43
CA ASP B 189 -12.68 9.85 -18.57
C ASP B 189 -12.67 9.32 -19.98
N THR B 190 -12.57 10.23 -20.96
CA THR B 190 -12.62 9.81 -22.34
C THR B 190 -11.35 9.10 -22.77
N ALA B 191 -10.20 9.61 -22.37
CA ALA B 191 -8.95 9.13 -22.93
C ALA B 191 -7.94 8.80 -21.84
N ARG B 192 -7.05 7.88 -22.17
CA ARG B 192 -5.91 7.53 -21.33
C ARG B 192 -4.63 7.72 -22.13
N LEU B 193 -3.61 8.23 -21.45
CA LEU B 193 -2.38 8.62 -22.11
C LEU B 193 -1.24 7.67 -21.80
N ASN B 194 -0.25 7.69 -22.69
CA ASN B 194 1.00 6.94 -22.48
C ASN B 194 2.10 7.61 -23.27
N ALA B 195 3.17 7.96 -22.59
CA ALA B 195 4.31 8.65 -23.19
C ALA B 195 5.45 7.69 -23.43
N ASN B 196 6.17 7.89 -24.53
CA ASN B 196 7.41 7.17 -24.80
C ASN B 196 8.55 8.16 -24.76
N ILE B 197 9.40 8.04 -23.75
CA ILE B 197 10.37 9.06 -23.42
C ILE B 197 11.74 8.47 -23.19
N ARG B 198 12.77 9.29 -23.36
CA ARG B 198 14.14 8.94 -23.02
C ARG B 198 14.74 9.98 -22.11
N TYR B 199 15.85 9.58 -21.50
CA TYR B 199 16.62 10.44 -20.61
C TYR B 199 17.96 10.72 -21.26
N VAL B 200 18.37 11.98 -21.23
CA VAL B 200 19.60 12.42 -21.90
C VAL B 200 20.46 13.11 -20.87
N ASN B 201 21.74 12.72 -20.81
CA ASN B 201 22.68 13.47 -19.98
C ASN B 201 23.65 14.20 -20.89
N THR B 202 23.53 15.51 -20.92
CA THR B 202 24.51 16.34 -21.60
C THR B 202 25.48 16.97 -20.63
N GLY B 203 25.41 16.63 -19.35
CA GLY B 203 26.28 17.22 -18.35
C GLY B 203 27.67 16.64 -18.33
N THR B 204 28.29 16.69 -17.16
CA THR B 204 29.66 16.24 -16.95
C THR B 204 29.80 15.25 -15.82
N ALA B 205 28.98 15.35 -14.79
CA ALA B 205 28.98 14.34 -13.76
C ALA B 205 27.80 13.40 -13.96
N PRO B 206 27.93 12.13 -13.62
CA PRO B 206 26.77 11.24 -13.66
C PRO B 206 25.85 11.50 -12.48
N ILE B 207 24.61 11.08 -12.64
CA ILE B 207 23.57 11.27 -11.64
C ILE B 207 22.91 9.91 -11.41
N TYR B 208 22.64 9.60 -10.15
CA TYR B 208 22.14 8.28 -9.78
C TYR B 208 20.74 8.36 -9.20
N ASN B 209 19.95 7.31 -9.48
CA ASN B 209 18.55 7.18 -9.10
C ASN B 209 17.74 8.35 -9.66
N VAL B 210 17.71 8.42 -10.97
CA VAL B 210 17.13 9.57 -11.66
C VAL B 210 15.62 9.46 -11.63
N LEU B 211 14.96 10.49 -11.10
CA LEU B 211 13.51 10.59 -11.13
C LEU B 211 13.15 11.99 -11.59
N PRO B 212 12.88 12.17 -12.87
CA PRO B 212 12.45 13.49 -13.35
C PRO B 212 11.01 13.75 -12.99
N THR B 213 10.70 15.03 -12.81
CA THR B 213 9.34 15.50 -12.65
C THR B 213 8.97 16.19 -13.95
N THR B 214 8.00 15.64 -14.66
CA THR B 214 7.63 16.15 -15.96
C THR B 214 6.16 16.57 -15.99
N SER B 215 5.75 17.11 -17.13
CA SER B 215 4.42 17.69 -17.27
C SER B 215 3.90 17.53 -18.70
N LEU B 216 2.72 16.93 -18.82
CA LEU B 216 1.94 16.90 -20.05
C LEU B 216 1.13 18.17 -20.19
N VAL B 217 1.30 18.87 -21.33
CA VAL B 217 0.71 20.18 -21.56
C VAL B 217 0.04 20.19 -22.94
N LEU B 218 -1.22 20.64 -22.99
CA LEU B 218 -1.88 20.97 -24.23
C LEU B 218 -1.78 22.44 -24.57
N GLY B 219 -1.89 22.72 -25.86
CA GLY B 219 -2.16 24.08 -26.32
C GLY B 219 -1.01 25.02 -26.08
N LYS B 220 -1.36 26.24 -25.66
CA LYS B 220 -0.35 27.22 -25.29
C LYS B 220 0.25 26.86 -23.95
N ASN B 221 -0.57 26.84 -22.91
CA ASN B 221 -0.10 26.50 -21.59
C ASN B 221 -1.12 25.70 -20.80
N GLN B 222 -1.98 24.95 -21.47
CA GLN B 222 -2.99 24.17 -20.77
C GLN B 222 -2.35 22.87 -20.33
N THR B 223 -1.98 22.80 -19.06
CA THR B 223 -1.29 21.63 -18.53
C THR B 223 -2.29 20.53 -18.28
N LEU B 224 -2.08 19.38 -18.92
CA LEU B 224 -2.87 18.21 -18.58
C LEU B 224 -2.51 17.70 -17.21
N ALA B 225 -1.23 17.40 -17.00
CA ALA B 225 -0.88 16.70 -15.78
C ALA B 225 0.58 16.95 -15.46
N THR B 226 0.92 16.79 -14.19
CA THR B 226 2.30 16.84 -13.73
C THR B 226 2.59 15.53 -13.01
N ILE B 227 3.60 14.81 -13.50
CA ILE B 227 3.88 13.46 -13.03
C ILE B 227 5.33 13.38 -12.60
N LYS B 228 5.55 12.93 -11.36
CA LYS B 228 6.87 12.52 -10.93
C LYS B 228 7.14 11.10 -11.36
N ALA B 229 8.37 10.82 -11.78
CA ALA B 229 8.75 9.50 -12.26
C ALA B 229 8.68 8.49 -11.12
N LYS B 230 8.03 7.36 -11.39
CA LYS B 230 7.82 6.35 -10.38
C LYS B 230 8.88 5.26 -10.49
N GLU B 231 8.70 4.17 -9.74
CA GLU B 231 9.73 3.14 -9.65
C GLU B 231 9.84 2.31 -10.91
N ASN B 232 8.80 2.29 -11.74
CA ASN B 232 8.96 1.74 -13.07
C ASN B 232 9.82 2.62 -13.93
N GLN B 233 9.87 3.91 -13.63
CA GLN B 233 10.56 4.88 -14.46
C GLN B 233 11.90 5.28 -13.87
N LEU B 234 12.44 4.49 -12.96
CA LEU B 234 13.70 4.86 -12.33
C LEU B 234 14.86 4.54 -13.26
N SER B 235 15.84 5.45 -13.28
CA SER B 235 17.09 5.21 -13.96
C SER B 235 18.19 5.17 -12.92
N GLN B 236 18.87 4.03 -12.84
CA GLN B 236 19.91 3.86 -11.83
C GLN B 236 21.13 4.69 -12.14
N ILE B 237 21.60 4.64 -13.39
CA ILE B 237 22.78 5.36 -13.83
C ILE B 237 22.39 6.22 -15.01
N LEU B 238 22.80 7.49 -15.00
CA LEU B 238 22.79 8.28 -16.22
C LEU B 238 24.16 8.95 -16.31
N ALA B 239 25.10 8.26 -16.94
CA ALA B 239 26.40 8.81 -17.21
C ALA B 239 26.28 9.91 -18.27
N PRO B 240 27.20 10.88 -18.27
CA PRO B 240 27.14 11.94 -19.29
C PRO B 240 27.40 11.42 -20.69
N ASN B 241 26.80 12.14 -21.65
CA ASN B 241 26.75 11.77 -23.07
C ASN B 241 26.14 10.39 -23.25
N ASN B 242 25.06 10.12 -22.54
CA ASN B 242 24.36 8.86 -22.64
C ASN B 242 22.85 9.06 -22.55
N TYR B 243 22.15 8.01 -22.91
CA TYR B 243 20.70 7.96 -22.91
C TYR B 243 20.25 6.86 -21.97
N TYR B 244 19.07 7.06 -21.39
CA TYR B 244 18.38 5.98 -20.68
C TYR B 244 17.01 5.86 -21.28
N PRO B 245 16.68 4.73 -21.92
CA PRO B 245 17.57 3.60 -22.16
C PRO B 245 18.45 3.90 -23.36
N SER B 246 19.32 2.96 -23.71
CA SER B 246 20.26 3.16 -24.79
C SER B 246 19.53 3.33 -26.12
N LYS B 247 20.25 3.92 -27.08
CA LYS B 247 19.66 4.37 -28.32
C LYS B 247 19.17 3.22 -29.19
N ASN B 248 19.80 2.05 -29.08
CA ASN B 248 19.32 0.89 -29.81
C ASN B 248 18.00 0.39 -29.24
N LEU B 249 17.77 0.58 -27.96
CA LEU B 249 16.54 0.12 -27.35
C LEU B 249 15.44 1.15 -27.52
N ALA B 250 14.22 0.73 -27.23
CA ALA B 250 13.05 1.58 -27.38
C ALA B 250 12.83 2.41 -26.11
N PRO B 251 12.29 3.62 -26.23
CA PRO B 251 12.09 4.49 -25.06
C PRO B 251 11.08 3.92 -24.09
N ILE B 252 11.07 4.47 -22.89
CA ILE B 252 10.27 3.91 -21.83
C ILE B 252 8.88 4.51 -21.86
N ALA B 253 7.97 3.85 -21.16
CA ALA B 253 6.54 4.17 -21.18
C ALA B 253 6.13 4.75 -19.84
N LEU B 254 5.54 5.93 -19.87
CA LEU B 254 4.97 6.57 -18.69
C LEU B 254 3.46 6.65 -18.88
N ASN B 255 2.71 5.99 -18.00
CA ASN B 255 1.26 5.97 -18.15
C ASN B 255 0.51 6.02 -16.83
N ALA B 256 1.14 6.47 -15.76
CA ALA B 256 0.55 6.30 -14.44
C ALA B 256 0.52 7.63 -13.70
N GLN B 257 -0.39 7.72 -12.74
CA GLN B 257 -0.49 8.88 -11.88
C GLN B 257 -0.28 8.54 -10.41
N ASP B 258 -0.67 7.34 -9.98
CA ASP B 258 -0.55 6.97 -8.58
C ASP B 258 0.90 6.78 -8.17
N ASP B 259 1.12 6.86 -6.86
CA ASP B 259 2.42 6.54 -6.30
C ASP B 259 2.68 5.04 -6.33
N PHE B 260 1.64 4.23 -6.47
CA PHE B 260 1.82 2.81 -6.70
C PHE B 260 1.39 2.41 -8.10
N SER B 261 1.20 3.40 -8.99
CA SER B 261 1.03 3.22 -10.42
C SER B 261 -0.22 2.39 -10.74
N SER B 262 -1.34 2.82 -10.19
CA SER B 262 -2.60 2.11 -10.36
C SER B 262 -3.68 2.98 -10.99
N THR B 263 -3.32 4.15 -11.51
CA THR B 263 -4.31 5.00 -12.16
C THR B 263 -3.73 5.51 -13.47
N PRO B 264 -4.42 5.31 -14.59
CA PRO B 264 -3.96 5.86 -15.86
C PRO B 264 -4.13 7.36 -15.92
N ILE B 265 -3.44 7.95 -16.88
CA ILE B 265 -3.45 9.39 -17.08
C ILE B 265 -4.69 9.76 -17.88
N THR B 266 -5.59 10.52 -17.26
CA THR B 266 -6.96 10.71 -17.72
C THR B 266 -7.08 12.01 -18.51
N MET B 267 -7.88 11.97 -19.57
CA MET B 267 -8.22 13.13 -20.35
C MET B 267 -9.74 13.18 -20.57
N ASN B 268 -10.32 14.36 -20.40
CA ASN B 268 -11.75 14.54 -20.56
C ASN B 268 -12.08 14.78 -22.03
N TYR B 269 -13.29 15.27 -22.29
CA TYR B 269 -13.85 15.24 -23.63
C TYR B 269 -13.34 16.38 -24.49
N ASN B 270 -13.37 17.61 -23.96
CA ASN B 270 -13.02 18.77 -24.75
C ASN B 270 -11.55 18.78 -25.09
N GLN B 271 -10.71 18.36 -24.14
CA GLN B 271 -9.29 18.22 -24.39
C GLN B 271 -9.01 17.13 -25.41
N PHE B 272 -9.83 16.08 -25.42
CA PHE B 272 -9.67 15.02 -26.40
C PHE B 272 -9.98 15.52 -27.80
N LEU B 273 -11.04 16.32 -27.93
CA LEU B 273 -11.39 16.91 -29.21
C LEU B 273 -10.31 17.86 -29.68
N GLU B 274 -9.82 18.69 -28.77
CA GLU B 274 -8.79 19.66 -29.12
C GLU B 274 -7.48 18.99 -29.48
N LEU B 275 -7.18 17.86 -28.86
CA LEU B 275 -5.98 17.12 -29.20
C LEU B 275 -6.10 16.48 -30.56
N GLU B 276 -7.24 15.86 -30.85
CA GLU B 276 -7.40 15.27 -32.18
C GLU B 276 -7.57 16.31 -33.28
N LYS B 277 -7.88 17.56 -32.93
CA LYS B 277 -7.86 18.60 -33.94
C LYS B 277 -6.46 19.16 -34.15
N THR B 278 -5.82 19.58 -33.07
CA THR B 278 -4.62 20.39 -33.17
C THR B 278 -3.33 19.59 -33.16
N LYS B 279 -3.35 18.39 -32.56
CA LYS B 279 -2.20 17.48 -32.44
C LYS B 279 -1.02 18.14 -31.73
N GLN B 280 -1.29 19.08 -30.84
CA GLN B 280 -0.24 19.79 -30.12
C GLN B 280 -0.22 19.30 -28.68
N LEU B 281 0.74 18.44 -28.36
CA LEU B 281 0.86 17.89 -27.02
C LEU B 281 2.34 17.95 -26.67
N ARG B 282 2.69 18.86 -25.79
CA ARG B 282 4.09 19.08 -25.47
C ARG B 282 4.38 18.59 -24.06
N LEU B 283 5.67 18.45 -23.79
CA LEU B 283 6.18 17.80 -22.60
C LEU B 283 7.23 18.68 -21.97
N ASP B 284 7.06 19.01 -20.70
CA ASP B 284 8.01 19.86 -20.00
C ASP B 284 8.73 19.09 -18.91
N THR B 285 9.99 19.44 -18.71
CA THR B 285 10.84 18.83 -17.69
C THR B 285 11.03 19.87 -16.59
N ASP B 286 10.29 19.72 -15.50
CA ASP B 286 10.27 20.74 -14.47
C ASP B 286 11.48 20.63 -13.56
N GLN B 287 11.69 19.46 -12.96
CA GLN B 287 12.85 19.26 -12.11
C GLN B 287 13.17 17.78 -12.08
N VAL B 288 14.41 17.48 -11.73
CA VAL B 288 14.93 16.12 -11.82
C VAL B 288 15.49 15.75 -10.46
N TYR B 289 15.01 14.65 -9.90
CA TYR B 289 15.59 14.13 -8.68
C TYR B 289 16.71 13.16 -9.02
N GLY B 290 17.74 13.15 -8.18
CA GLY B 290 18.88 12.28 -8.39
C GLY B 290 20.00 12.47 -7.40
N ASN B 291 20.72 11.40 -7.10
CA ASN B 291 21.66 11.38 -5.99
C ASN B 291 23.11 11.43 -6.47
N ILE B 292 24.01 11.70 -5.53
CA ILE B 292 25.45 11.68 -5.75
C ILE B 292 26.00 10.42 -5.10
N ALA B 293 26.91 9.75 -5.79
CA ALA B 293 27.77 8.75 -5.17
C ALA B 293 29.12 9.37 -4.92
N THR B 294 29.63 9.20 -3.71
CA THR B 294 30.90 9.78 -3.29
C THR B 294 31.95 8.70 -3.09
N TYR B 295 33.20 9.11 -3.23
CA TYR B 295 34.32 8.21 -3.01
C TYR B 295 34.46 7.91 -1.52
N ASN B 296 34.85 6.68 -1.20
CA ASN B 296 35.18 6.30 0.16
C ASN B 296 36.68 6.10 0.26
N PHE B 297 37.31 6.79 1.20
CA PHE B 297 38.73 6.61 1.44
C PHE B 297 39.02 5.30 2.15
N GLU B 298 38.00 4.65 2.69
CA GLU B 298 38.21 3.40 3.40
C GLU B 298 38.63 2.29 2.45
N ASN B 299 37.79 1.97 1.47
CA ASN B 299 38.05 0.83 0.60
C ASN B 299 38.06 1.22 -0.87
N GLY B 300 38.08 2.51 -1.17
CA GLY B 300 38.03 2.95 -2.55
C GLY B 300 36.68 2.87 -3.22
N ARG B 301 35.67 2.31 -2.56
CA ARG B 301 34.41 2.07 -3.24
C ARG B 301 33.55 3.32 -3.23
N VAL B 302 33.11 3.73 -4.40
CA VAL B 302 32.26 4.89 -4.52
C VAL B 302 30.83 4.46 -4.19
N ARG B 303 30.25 5.08 -3.17
CA ARG B 303 28.98 4.65 -2.62
C ARG B 303 27.96 5.77 -2.73
N VAL B 304 26.71 5.39 -2.95
CA VAL B 304 25.63 6.35 -3.06
C VAL B 304 25.17 6.77 -1.68
N ASP B 305 25.17 8.07 -1.43
CA ASP B 305 24.40 8.63 -0.33
C ASP B 305 22.99 8.87 -0.85
N THR B 306 22.03 8.11 -0.32
CA THR B 306 20.64 8.34 -0.69
C THR B 306 20.10 9.62 -0.07
N GLY B 307 20.74 10.14 0.97
CA GLY B 307 20.26 11.36 1.59
C GLY B 307 20.50 12.59 0.73
N SER B 308 21.72 12.75 0.25
CA SER B 308 22.08 13.91 -0.54
C SER B 308 21.56 13.80 -1.96
N ASN B 309 21.24 14.93 -2.56
CA ASN B 309 20.81 14.99 -3.94
C ASN B 309 21.43 16.21 -4.61
N TRP B 310 21.40 16.22 -5.95
CA TRP B 310 21.91 17.34 -6.72
C TRP B 310 21.11 18.61 -6.55
N SER B 311 19.91 18.50 -5.98
CA SER B 311 19.11 19.65 -5.63
C SER B 311 19.83 20.56 -4.65
N GLU B 312 20.65 19.97 -3.79
CA GLU B 312 21.44 20.77 -2.85
C GLU B 312 22.56 21.51 -3.56
N VAL B 313 23.03 21.00 -4.69
CA VAL B 313 24.33 21.33 -5.21
C VAL B 313 24.25 22.25 -6.42
N LEU B 314 23.28 22.02 -7.30
CA LEU B 314 23.21 22.79 -8.54
C LEU B 314 23.02 24.30 -8.36
N PRO B 315 22.19 24.83 -7.45
CA PRO B 315 22.20 26.29 -7.28
C PRO B 315 23.47 26.81 -6.65
N GLN B 316 24.18 25.98 -5.88
CA GLN B 316 25.47 26.40 -5.37
C GLN B 316 26.47 26.57 -6.49
N ILE B 317 26.39 25.72 -7.51
CA ILE B 317 27.27 25.84 -8.65
C ILE B 317 26.89 27.03 -9.50
N GLN B 318 25.58 27.23 -9.69
CA GLN B 318 25.12 28.28 -10.58
C GLN B 318 25.41 29.67 -10.04
N GLU B 319 25.44 29.83 -8.73
CA GLU B 319 25.64 31.16 -8.16
C GLU B 319 27.09 31.49 -7.92
N THR B 320 28.01 30.60 -8.26
CA THR B 320 29.41 30.81 -7.97
C THR B 320 30.32 30.75 -9.18
N THR B 321 29.78 30.42 -10.36
CA THR B 321 30.59 30.17 -11.52
C THR B 321 30.16 31.08 -12.67
N ALA B 322 31.03 31.15 -13.67
CA ALA B 322 30.68 31.72 -14.96
C ALA B 322 30.34 30.58 -15.91
N ARG B 323 29.28 30.77 -16.69
CA ARG B 323 28.80 29.77 -17.62
C ARG B 323 29.19 30.15 -19.04
N ILE B 324 29.74 29.19 -19.77
CA ILE B 324 30.17 29.41 -21.15
C ILE B 324 29.58 28.30 -22.01
N ILE B 325 28.86 28.69 -23.05
CA ILE B 325 28.27 27.77 -24.00
C ILE B 325 28.98 27.96 -25.33
N PHE B 326 29.33 26.83 -25.96
CA PHE B 326 30.15 26.82 -27.16
C PHE B 326 29.69 25.69 -28.07
N ASN B 327 29.63 25.96 -29.37
CA ASN B 327 29.06 25.02 -30.31
C ASN B 327 29.98 24.78 -31.50
N GLY B 328 31.28 24.84 -31.29
CA GLY B 328 32.17 24.55 -32.39
C GLY B 328 32.45 23.08 -32.61
N LYS B 329 32.05 22.24 -31.65
CA LYS B 329 32.18 20.80 -31.81
C LYS B 329 30.85 20.28 -32.36
N ASP B 330 30.79 20.24 -33.70
CA ASP B 330 29.70 19.64 -34.47
C ASP B 330 28.36 20.30 -34.18
N LEU B 331 28.41 21.63 -34.01
CA LEU B 331 27.24 22.51 -33.92
C LEU B 331 26.35 22.15 -32.74
N ASN B 332 26.96 21.64 -31.67
CA ASN B 332 26.23 21.15 -30.51
C ASN B 332 26.56 22.03 -29.32
N LEU B 333 25.52 22.50 -28.64
CA LEU B 333 25.70 23.43 -27.54
C LEU B 333 26.33 22.72 -26.35
N VAL B 334 27.56 23.09 -26.03
CA VAL B 334 28.32 22.50 -24.94
C VAL B 334 28.47 23.56 -23.86
N GLU B 335 27.99 23.25 -22.66
CA GLU B 335 27.94 24.16 -21.54
C GLU B 335 28.99 23.75 -20.52
N ARG B 336 29.79 24.72 -20.07
CA ARG B 336 30.76 24.48 -19.01
C ARG B 336 30.70 25.63 -18.02
N ARG B 337 30.72 25.30 -16.74
CA ARG B 337 30.74 26.30 -15.68
C ARG B 337 32.12 26.29 -15.02
N ILE B 338 32.70 27.46 -14.88
CA ILE B 338 34.06 27.62 -14.40
C ILE B 338 34.01 28.54 -13.20
N ALA B 339 34.67 28.13 -12.11
CA ALA B 339 34.64 28.90 -10.88
C ALA B 339 35.35 30.24 -11.08
N ALA B 340 34.66 31.32 -10.75
CA ALA B 340 35.22 32.66 -10.88
C ALA B 340 34.78 33.49 -9.69
N VAL B 341 35.53 34.56 -9.43
CA VAL B 341 35.46 35.27 -8.17
C VAL B 341 34.29 36.25 -8.17
N ASN B 342 33.47 36.19 -7.12
CA ASN B 342 32.55 37.25 -6.79
C ASN B 342 33.24 38.17 -5.80
N PRO B 343 33.45 39.44 -6.12
CA PRO B 343 34.22 40.32 -5.23
C PRO B 343 33.51 40.66 -3.95
N SER B 344 32.18 40.66 -3.94
CA SER B 344 31.44 41.04 -2.75
C SER B 344 31.29 39.90 -1.74
N ASP B 345 31.84 38.73 -2.04
CA ASP B 345 31.76 37.57 -1.16
C ASP B 345 33.16 37.21 -0.71
N PRO B 346 33.46 37.30 0.59
CA PRO B 346 34.85 37.10 1.04
C PRO B 346 35.35 35.69 0.87
N LEU B 347 34.50 34.70 1.08
CA LEU B 347 34.92 33.32 0.86
C LEU B 347 35.14 33.05 -0.62
N GLU B 348 34.33 33.67 -1.47
CA GLU B 348 34.46 33.45 -2.91
C GLU B 348 35.72 34.09 -3.47
N THR B 349 36.25 35.11 -2.80
CA THR B 349 37.47 35.77 -3.23
C THR B 349 38.72 34.96 -2.93
N THR B 350 38.60 33.84 -2.23
CA THR B 350 39.75 33.02 -1.88
C THR B 350 40.22 32.16 -3.04
N LYS B 351 39.55 32.19 -4.18
CA LYS B 351 39.93 31.41 -5.33
C LYS B 351 41.02 32.11 -6.12
N PRO B 352 41.85 31.37 -6.85
CA PRO B 352 42.78 32.00 -7.78
C PRO B 352 42.04 32.65 -8.94
N ASP B 353 42.69 33.66 -9.52
CA ASP B 353 42.06 34.45 -10.57
C ASP B 353 41.99 33.66 -11.86
N MET B 354 40.94 33.92 -12.64
CA MET B 354 40.71 33.24 -13.90
C MET B 354 40.63 34.24 -15.04
N THR B 355 41.62 34.20 -15.92
CA THR B 355 41.49 34.93 -17.17
C THR B 355 40.60 34.14 -18.13
N LEU B 356 40.14 34.83 -19.17
CA LEU B 356 39.27 34.18 -20.14
C LEU B 356 40.02 33.15 -20.97
N LYS B 357 41.27 33.46 -21.35
CA LYS B 357 42.03 32.58 -22.23
C LYS B 357 42.40 31.29 -21.51
N GLU B 358 42.78 31.39 -20.24
CA GLU B 358 43.06 30.22 -19.43
C GLU B 358 41.81 29.36 -19.28
N ALA B 359 40.67 30.00 -19.11
CA ALA B 359 39.40 29.29 -18.98
C ALA B 359 39.06 28.54 -20.25
N LEU B 360 39.24 29.19 -21.40
CA LEU B 360 38.97 28.56 -22.68
C LEU B 360 39.96 27.45 -22.97
N LYS B 361 41.17 27.57 -22.44
CA LYS B 361 42.17 26.53 -22.62
C LYS B 361 41.82 25.29 -21.81
N ILE B 362 41.45 25.48 -20.54
CA ILE B 362 41.23 24.32 -19.69
C ILE B 362 39.84 23.71 -19.89
N ALA B 363 38.90 24.50 -20.38
CA ALA B 363 37.52 24.04 -20.44
C ALA B 363 37.20 23.34 -21.74
N PHE B 364 37.78 23.80 -22.83
CA PHE B 364 37.41 23.33 -24.15
C PHE B 364 38.57 22.63 -24.84
N GLY B 365 39.68 22.43 -24.15
CA GLY B 365 40.85 21.83 -24.76
C GLY B 365 41.53 22.72 -25.75
N PHE B 366 41.43 24.03 -25.58
CA PHE B 366 42.07 24.93 -26.53
C PHE B 366 43.58 24.94 -26.31
N ASN B 367 44.28 25.45 -27.32
CA ASN B 367 45.73 25.52 -27.24
C ASN B 367 46.22 26.73 -28.01
N GLU B 368 47.46 27.10 -27.73
CA GLU B 368 48.22 28.04 -28.55
C GLU B 368 49.43 27.29 -29.09
N PRO B 369 49.26 26.54 -30.18
CA PRO B 369 50.39 25.80 -30.74
C PRO B 369 51.41 26.69 -31.40
N ASN B 370 51.02 27.90 -31.79
CA ASN B 370 51.93 28.88 -32.36
C ASN B 370 51.67 30.23 -31.72
N GLY B 371 51.41 30.23 -30.41
CA GLY B 371 51.05 31.46 -29.73
C GLY B 371 49.69 32.00 -30.05
N ASN B 372 48.83 31.20 -30.68
CA ASN B 372 47.52 31.66 -31.10
C ASN B 372 46.46 30.67 -30.64
N LEU B 373 45.44 31.18 -29.98
CA LEU B 373 44.45 30.33 -29.32
C LEU B 373 43.60 29.62 -30.36
N GLN B 374 43.58 28.28 -30.29
CA GLN B 374 42.94 27.51 -31.33
C GLN B 374 42.12 26.38 -30.75
N TYR B 375 41.00 26.12 -31.40
CA TYR B 375 40.13 25.00 -31.08
C TYR B 375 40.40 24.15 -32.31
N GLN B 376 40.95 22.95 -32.10
CA GLN B 376 41.34 22.05 -33.18
C GLN B 376 42.29 22.85 -34.08
N GLY B 377 42.02 22.87 -35.37
CA GLY B 377 42.85 23.62 -36.30
C GLY B 377 42.28 24.98 -36.68
N LYS B 378 41.21 25.38 -35.99
CA LYS B 378 40.52 26.63 -36.26
C LYS B 378 40.96 27.74 -35.32
N ASP B 379 41.12 28.93 -35.86
CA ASP B 379 41.47 30.08 -35.05
C ASP B 379 40.28 30.52 -34.20
N ILE B 380 40.59 31.17 -33.08
CA ILE B 380 39.58 31.74 -32.22
C ILE B 380 38.92 32.95 -32.87
N THR B 381 39.61 33.59 -33.80
CA THR B 381 39.09 34.81 -34.42
C THR B 381 37.94 34.53 -35.37
N GLU B 382 37.72 33.28 -35.75
CA GLU B 382 36.55 32.91 -36.52
C GLU B 382 35.33 32.62 -35.66
N PHE B 383 35.43 32.86 -34.35
CA PHE B 383 34.32 32.71 -33.44
C PHE B 383 33.91 34.07 -32.89
N ASP B 384 32.60 34.24 -32.72
CA ASP B 384 32.06 35.48 -32.19
C ASP B 384 31.49 35.29 -30.79
N PHE B 385 31.48 36.38 -30.04
CA PHE B 385 31.15 36.39 -28.63
C PHE B 385 29.81 37.05 -28.40
N ASN B 386 29.09 36.55 -27.41
CA ASN B 386 27.78 37.07 -27.08
C ASN B 386 27.63 37.05 -25.57
N PHE B 387 27.02 38.11 -25.04
CA PHE B 387 26.93 38.31 -23.61
C PHE B 387 25.55 38.83 -23.28
N ASP B 388 25.04 38.42 -22.12
CA ASP B 388 23.89 39.12 -21.60
C ASP B 388 24.32 40.46 -21.02
N GLN B 389 23.31 41.26 -20.66
CA GLN B 389 23.48 42.70 -20.47
C GLN B 389 24.42 43.02 -19.30
N GLN B 390 24.34 42.24 -18.23
CA GLN B 390 25.24 42.43 -17.11
C GLN B 390 26.67 42.08 -17.47
N THR B 391 26.86 40.91 -18.09
CA THR B 391 28.20 40.49 -18.48
C THR B 391 28.75 41.39 -19.59
N SER B 392 27.90 41.80 -20.53
CA SER B 392 28.34 42.70 -21.57
C SER B 392 28.74 44.06 -21.00
N GLN B 393 28.01 44.53 -20.00
CA GLN B 393 28.37 45.77 -19.31
C GLN B 393 29.72 45.63 -18.60
N ASN B 394 29.95 44.49 -17.96
CA ASN B 394 31.19 44.30 -17.23
C ASN B 394 32.37 44.18 -18.20
N ILE B 395 32.17 43.52 -19.33
CA ILE B 395 33.20 43.43 -20.35
C ILE B 395 33.46 44.80 -20.96
N LYS B 396 32.41 45.61 -21.12
CA LYS B 396 32.57 46.98 -21.58
C LYS B 396 33.43 47.80 -20.62
N ASN B 397 33.19 47.62 -19.32
CA ASN B 397 33.96 48.34 -18.31
C ASN B 397 35.42 47.87 -18.30
N GLN B 398 35.64 46.57 -18.45
CA GLN B 398 37.00 46.05 -18.45
C GLN B 398 37.77 46.49 -19.69
N LEU B 399 37.10 46.56 -20.84
CA LEU B 399 37.76 47.05 -22.04
C LEU B 399 37.98 48.55 -21.98
N ALA B 400 37.11 49.26 -21.28
CA ALA B 400 37.34 50.69 -21.06
C ALA B 400 38.56 50.91 -20.18
N GLU B 401 38.75 50.05 -19.18
CA GLU B 401 39.92 50.20 -18.32
C GLU B 401 41.19 49.76 -19.02
N LEU B 402 41.11 48.77 -19.90
CA LEU B 402 42.31 48.29 -20.59
C LEU B 402 42.65 49.11 -21.81
N ASN B 403 41.77 50.05 -22.20
CA ASN B 403 41.96 50.94 -23.34
C ASN B 403 42.15 50.19 -24.65
N ALA B 404 41.54 49.01 -24.75
CA ALA B 404 41.64 48.19 -25.94
C ALA B 404 40.30 48.12 -26.64
N THR B 405 40.35 47.76 -27.92
CA THR B 405 39.16 47.64 -28.74
C THR B 405 38.85 46.21 -29.14
N ASN B 406 39.81 45.52 -29.73
CA ASN B 406 39.61 44.12 -30.07
C ASN B 406 39.70 43.30 -28.80
N ILE B 407 38.66 42.52 -28.54
CA ILE B 407 38.69 41.60 -27.41
C ILE B 407 39.65 40.46 -27.70
N TYR B 408 39.86 40.13 -28.98
CA TYR B 408 40.64 38.97 -29.37
C TYR B 408 42.12 39.14 -29.07
N THR B 409 42.54 40.38 -28.84
CA THR B 409 43.91 40.67 -28.47
C THR B 409 44.16 40.54 -26.98
N VAL B 410 43.11 40.64 -26.16
CA VAL B 410 43.32 40.83 -24.73
C VAL B 410 42.68 39.69 -23.93
N LEU B 411 42.58 38.52 -24.55
CA LEU B 411 41.90 37.37 -23.95
C LEU B 411 42.62 36.84 -22.71
N ASP B 412 43.91 37.10 -22.61
CA ASP B 412 44.70 36.77 -21.43
C ASP B 412 44.54 37.77 -20.29
N LYS B 413 43.75 38.82 -20.49
CA LYS B 413 43.62 39.85 -19.49
C LYS B 413 42.17 40.02 -19.01
N ILE B 414 41.24 39.29 -19.60
CA ILE B 414 39.82 39.45 -19.26
C ILE B 414 39.56 38.73 -17.95
N LYS B 415 39.32 39.49 -16.89
CA LYS B 415 39.01 38.91 -15.60
C LYS B 415 37.55 38.46 -15.57
N LEU B 416 37.35 37.20 -15.20
CA LEU B 416 36.01 36.65 -15.15
C LEU B 416 35.46 36.76 -13.74
N ASN B 417 34.13 36.67 -13.64
CA ASN B 417 33.46 36.79 -12.36
C ASN B 417 32.35 35.76 -12.29
N ALA B 418 31.72 35.68 -11.12
CA ALA B 418 30.62 34.74 -10.94
C ALA B 418 29.41 35.22 -11.72
N LYS B 419 28.56 34.25 -12.07
CA LYS B 419 27.27 34.45 -12.73
C LYS B 419 27.40 35.08 -14.13
N MET B 420 28.58 34.99 -14.75
CA MET B 420 28.71 35.45 -16.11
C MET B 420 28.13 34.42 -17.09
N ASN B 421 27.81 34.89 -18.28
CA ASN B 421 27.25 34.06 -19.33
C ASN B 421 27.89 34.43 -20.65
N ILE B 422 28.58 33.48 -21.28
CA ILE B 422 29.39 33.73 -22.45
C ILE B 422 28.99 32.74 -23.53
N LEU B 423 28.41 33.22 -24.61
CA LEU B 423 28.05 32.39 -25.76
C LEU B 423 29.09 32.60 -26.85
N ILE B 424 29.69 31.52 -27.32
CA ILE B 424 30.72 31.59 -28.33
C ILE B 424 30.26 30.76 -29.52
N ARG B 425 30.02 31.42 -30.64
CA ARG B 425 29.51 30.73 -31.83
C ARG B 425 30.49 30.87 -32.98
N ASP B 426 30.19 30.17 -34.06
CA ASP B 426 30.96 30.31 -35.29
C ASP B 426 30.47 31.52 -36.04
N LYS B 427 31.41 32.27 -36.62
CA LYS B 427 31.05 33.43 -37.43
C LYS B 427 30.50 33.05 -38.79
N ARG B 428 30.71 31.82 -39.24
CA ARG B 428 30.30 31.44 -40.58
C ARG B 428 28.78 31.29 -40.65
N PHE B 429 28.21 30.48 -39.79
CA PHE B 429 26.82 30.08 -39.96
C PHE B 429 25.88 31.16 -39.44
N HIS B 430 24.63 31.07 -39.86
CA HIS B 430 23.60 31.96 -39.36
C HIS B 430 22.80 31.21 -38.29
N TYR B 431 22.35 31.96 -37.29
CA TYR B 431 21.71 31.35 -36.14
C TYR B 431 20.31 31.90 -35.97
N ASP B 432 19.45 31.09 -35.38
CA ASP B 432 18.05 31.39 -35.12
C ASP B 432 17.88 31.93 -33.70
N ARG B 433 16.63 32.01 -33.24
CA ARG B 433 16.32 32.41 -31.88
C ARG B 433 16.94 31.45 -30.86
N ASN B 434 16.86 30.15 -31.14
CA ASN B 434 17.36 29.12 -30.24
C ASN B 434 18.86 28.84 -30.44
N ASN B 435 19.56 29.68 -31.20
CA ASN B 435 21.01 29.60 -31.43
C ASN B 435 21.43 28.25 -32.02
N ILE B 436 20.62 27.73 -32.92
CA ILE B 436 20.94 26.55 -33.68
C ILE B 436 21.57 27.04 -34.98
N ALA B 437 22.47 26.25 -35.56
CA ALA B 437 23.04 26.60 -36.86
C ALA B 437 22.00 26.33 -37.94
N VAL B 438 21.65 27.35 -38.71
CA VAL B 438 20.54 27.26 -39.65
C VAL B 438 20.98 27.37 -41.10
N GLY B 439 22.13 27.99 -41.39
CA GLY B 439 22.50 28.30 -42.76
C GLY B 439 23.73 29.16 -42.89
N ALA B 440 24.53 28.92 -43.92
CA ALA B 440 25.79 29.63 -44.13
C ALA B 440 25.62 30.69 -45.20
N ASP B 441 26.73 31.31 -45.58
CA ASP B 441 26.80 32.07 -46.81
C ASP B 441 27.09 31.12 -47.97
N GLU B 442 26.94 31.66 -49.19
CA GLU B 442 27.08 30.84 -50.39
C GLU B 442 28.52 30.38 -50.60
N SER B 443 29.49 31.25 -50.32
CA SER B 443 30.93 30.97 -50.41
C SER B 443 31.38 29.73 -49.63
N VAL B 444 30.70 29.42 -48.53
CA VAL B 444 31.07 28.31 -47.66
C VAL B 444 30.46 27.00 -48.13
N VAL B 445 29.19 27.06 -48.51
CA VAL B 445 28.45 25.88 -48.97
C VAL B 445 29.09 25.30 -50.23
N LYS B 446 29.50 26.17 -51.16
CA LYS B 446 30.15 25.73 -52.39
C LYS B 446 31.50 25.07 -52.11
N GLU B 447 32.28 25.67 -51.20
CA GLU B 447 33.62 25.21 -50.82
C GLU B 447 33.66 23.77 -50.30
N ALA B 448 32.58 23.32 -49.65
CA ALA B 448 32.53 21.97 -49.13
C ALA B 448 32.14 20.94 -50.17
N HIS B 449 31.64 21.38 -51.32
CA HIS B 449 31.17 20.50 -52.38
C HIS B 449 32.13 20.39 -53.55
N ARG B 450 33.40 20.76 -53.37
CA ARG B 450 34.39 20.76 -54.45
C ARG B 450 35.06 19.38 -54.56
N GLU B 451 34.48 18.36 -53.92
CA GLU B 451 35.06 17.02 -53.93
C GLU B 451 33.98 16.07 -54.43
N VAL B 452 34.06 15.72 -55.72
CA VAL B 452 33.15 14.78 -56.36
C VAL B 452 33.86 13.44 -56.50
N ILE B 453 33.19 12.37 -56.10
CA ILE B 453 33.77 11.03 -56.08
C ILE B 453 33.21 10.17 -57.21
N ASN B 454 31.89 10.02 -57.26
CA ASN B 454 31.24 9.18 -58.26
C ASN B 454 30.18 10.00 -58.97
N SER B 455 30.28 10.07 -60.30
CA SER B 455 29.29 10.74 -61.14
C SER B 455 28.49 9.67 -61.88
N SER B 456 27.18 9.63 -61.65
CA SER B 456 26.29 8.68 -62.29
C SER B 456 24.96 9.36 -62.54
N THR B 457 24.14 8.72 -63.38
CA THR B 457 22.78 9.17 -63.60
C THR B 457 21.83 8.66 -62.52
N GLU B 458 22.36 7.91 -61.56
CA GLU B 458 21.61 7.39 -60.43
C GLU B 458 21.81 8.20 -59.18
N GLY B 459 23.02 8.68 -58.94
CA GLY B 459 23.24 9.58 -57.83
C GLY B 459 24.57 10.29 -57.92
N LEU B 460 24.90 10.97 -56.84
CA LEU B 460 26.17 11.66 -56.69
C LEU B 460 26.78 11.30 -55.34
N LEU B 461 28.07 10.98 -55.36
CA LEU B 461 28.82 10.66 -54.15
C LEU B 461 29.84 11.77 -53.94
N LEU B 462 29.73 12.47 -52.81
CA LEU B 462 30.64 13.55 -52.49
C LEU B 462 31.16 13.36 -51.07
N ASN B 463 32.32 13.97 -50.82
CA ASN B 463 32.92 14.03 -49.48
C ASN B 463 32.53 15.33 -48.78
N ILE B 464 31.22 15.56 -48.64
CA ILE B 464 30.71 16.76 -48.00
C ILE B 464 31.11 16.80 -46.53
N ASP B 465 31.56 17.98 -46.07
CA ASP B 465 31.98 18.17 -44.69
C ASP B 465 30.81 18.01 -43.72
N LYS B 466 31.03 17.19 -42.68
CA LYS B 466 30.03 16.80 -41.69
C LYS B 466 29.34 17.97 -41.00
N ASP B 467 30.08 19.03 -40.68
CA ASP B 467 29.52 20.25 -40.12
C ASP B 467 28.55 20.90 -41.09
N ILE B 468 29.02 21.17 -42.31
CA ILE B 468 28.31 21.83 -43.39
C ILE B 468 26.96 21.19 -43.70
N ARG B 469 26.95 19.88 -43.98
CA ARG B 469 25.72 19.15 -44.33
C ARG B 469 24.58 19.25 -43.31
N LYS B 470 24.91 19.52 -42.06
CA LYS B 470 23.91 19.60 -40.99
C LYS B 470 23.03 20.85 -41.06
N ILE B 471 23.31 21.82 -41.94
CA ILE B 471 22.46 23.00 -42.07
C ILE B 471 21.71 23.01 -43.39
N LEU B 472 21.74 21.91 -44.13
CA LEU B 472 21.07 21.81 -45.41
C LEU B 472 19.86 20.90 -45.28
N SER B 473 18.68 21.43 -45.58
CA SER B 473 17.46 20.64 -45.49
C SER B 473 17.41 19.56 -46.57
N GLY B 474 17.68 19.95 -47.81
CA GLY B 474 17.55 19.01 -48.91
C GLY B 474 18.17 19.56 -50.17
N TYR B 475 17.86 18.90 -51.28
CA TYR B 475 18.48 19.20 -52.57
C TYR B 475 17.43 19.37 -53.67
N ILE B 476 17.81 20.12 -54.71
CA ILE B 476 16.98 20.39 -55.88
C ILE B 476 17.74 19.91 -57.11
N VAL B 477 17.09 19.10 -57.96
CA VAL B 477 17.71 18.57 -59.17
C VAL B 477 16.93 19.08 -60.38
N GLU B 478 17.58 19.85 -61.24
CA GLU B 478 16.99 20.30 -62.49
C GLU B 478 17.94 20.03 -63.65
N ILE B 479 17.48 20.31 -64.86
CA ILE B 479 18.21 20.12 -66.11
C ILE B 479 18.07 21.38 -66.95
N GLU B 480 19.21 21.95 -67.38
CA GLU B 480 19.23 23.18 -68.14
C GLU B 480 19.48 22.89 -69.62
N ASP B 481 18.69 23.54 -70.49
CA ASP B 481 18.87 23.47 -71.93
C ASP B 481 20.14 24.24 -72.32
N THR B 482 20.62 23.98 -73.55
CA THR B 482 21.72 24.74 -74.11
C THR B 482 21.36 26.19 -74.40
N GLU B 483 20.07 26.50 -74.57
CA GLU B 483 19.57 27.86 -74.56
C GLU B 483 19.07 28.27 -73.18
N GLY B 484 18.65 27.30 -72.37
CA GLY B 484 18.23 27.55 -71.01
C GLY B 484 16.76 27.28 -70.74
N LEU B 485 16.50 26.13 -70.15
CA LEU B 485 15.20 25.78 -69.59
C LEU B 485 15.36 25.39 -68.13
N LYS B 486 14.23 25.32 -67.43
CA LYS B 486 14.20 24.96 -66.01
C LYS B 486 13.20 23.82 -65.85
N GLU B 487 13.68 22.59 -66.07
CA GLU B 487 12.88 21.39 -65.88
C GLU B 487 13.41 20.66 -64.64
N VAL B 488 12.61 20.67 -63.58
CA VAL B 488 13.04 20.18 -62.27
C VAL B 488 12.47 18.78 -62.08
N ILE B 489 13.35 17.82 -61.82
CA ILE B 489 12.96 16.43 -61.56
C ILE B 489 12.14 16.34 -60.28
N ASN B 490 12.72 16.77 -59.17
CA ASN B 490 12.06 16.71 -57.87
C ASN B 490 11.43 18.08 -57.57
N ASP B 491 10.35 18.38 -58.28
CA ASP B 491 9.75 19.71 -58.23
C ASP B 491 8.57 19.72 -57.25
N ARG B 492 8.90 19.48 -55.98
CA ARG B 492 7.97 19.67 -54.87
C ARG B 492 8.77 20.08 -53.64
N TYR B 493 8.07 20.75 -52.73
CA TYR B 493 8.66 21.17 -51.45
C TYR B 493 9.11 19.98 -50.61
N ASP B 494 8.42 18.83 -50.72
CA ASP B 494 8.75 17.64 -49.96
C ASP B 494 9.46 16.58 -50.79
N MET B 495 10.05 16.95 -51.92
CA MET B 495 10.88 16.05 -52.71
C MET B 495 12.35 16.46 -52.61
N LEU B 496 12.73 17.06 -51.49
CA LEU B 496 14.08 17.57 -51.30
C LEU B 496 15.00 16.54 -50.65
N ASN B 497 14.47 15.69 -49.77
CA ASN B 497 15.29 14.74 -49.04
C ASN B 497 15.75 13.61 -49.95
N ILE B 498 16.97 13.72 -50.47
CA ILE B 498 17.58 12.67 -51.28
C ILE B 498 18.95 12.35 -50.71
N SER B 499 19.50 13.29 -49.93
CA SER B 499 20.87 13.18 -49.42
C SER B 499 20.95 12.14 -48.32
N SER B 500 21.58 11.01 -48.62
CA SER B 500 21.89 9.97 -47.65
C SER B 500 23.36 10.05 -47.25
N LEU B 501 23.67 9.52 -46.07
CA LEU B 501 25.02 9.53 -45.53
C LEU B 501 25.49 8.10 -45.33
N ARG B 502 26.45 7.68 -46.16
CA ARG B 502 27.04 6.36 -46.00
C ARG B 502 27.95 6.35 -44.77
N GLN B 503 28.21 5.14 -44.26
CA GLN B 503 29.05 5.00 -43.09
C GLN B 503 30.54 5.18 -43.37
N ASP B 504 30.95 5.38 -44.63
CA ASP B 504 32.35 5.61 -44.94
C ASP B 504 32.78 7.07 -44.79
N GLY B 505 31.86 7.96 -44.41
CA GLY B 505 32.17 9.37 -44.33
C GLY B 505 31.98 10.14 -45.62
N LYS B 506 31.09 9.69 -46.49
CA LYS B 506 30.82 10.35 -47.77
C LYS B 506 29.32 10.44 -47.96
N THR B 507 28.81 11.68 -48.09
CA THR B 507 27.40 11.90 -48.29
C THR B 507 27.00 11.49 -49.70
N PHE B 508 25.88 10.79 -49.82
CA PHE B 508 25.44 10.25 -51.10
C PHE B 508 24.11 10.87 -51.50
N ILE B 509 24.08 11.45 -52.69
CA ILE B 509 22.89 12.01 -53.30
C ILE B 509 22.28 10.93 -54.18
N ASP B 510 20.96 10.92 -54.32
CA ASP B 510 20.26 9.90 -55.09
C ASP B 510 19.18 10.55 -55.93
N PHE B 511 19.30 10.44 -57.26
CA PHE B 511 18.25 10.94 -58.15
C PHE B 511 17.07 9.99 -58.19
N LYS B 512 17.33 8.68 -58.02
CA LYS B 512 16.35 7.63 -58.29
C LYS B 512 15.15 7.67 -57.35
N LYS B 513 15.37 8.13 -56.10
CA LYS B 513 14.33 8.13 -55.07
C LYS B 513 13.09 8.92 -55.47
N TYR B 514 13.26 10.02 -56.20
CA TYR B 514 12.11 10.79 -56.65
C TYR B 514 12.06 10.85 -58.18
N ASN B 515 12.32 9.71 -58.82
CA ASN B 515 12.16 9.60 -60.27
C ASN B 515 11.48 8.29 -60.65
N ASP B 516 10.70 7.70 -59.72
CA ASP B 516 9.99 6.42 -59.89
C ASP B 516 10.97 5.28 -60.20
N LYS B 517 11.97 5.15 -59.33
CA LYS B 517 12.96 4.07 -59.27
C LYS B 517 13.93 4.04 -60.45
N LEU B 518 13.80 4.98 -61.38
CA LEU B 518 14.59 5.05 -62.60
C LEU B 518 15.63 6.17 -62.51
N PRO B 519 16.79 6.00 -63.15
CA PRO B 519 17.76 7.10 -63.24
C PRO B 519 17.27 8.30 -64.05
N LEU B 520 18.11 9.34 -64.12
CA LEU B 520 17.79 10.57 -64.83
C LEU B 520 17.59 10.32 -66.33
N TYR B 521 17.02 11.31 -67.00
CA TYR B 521 16.68 11.23 -68.41
C TYR B 521 17.52 12.24 -69.16
N ILE B 522 18.55 11.77 -69.85
CA ILE B 522 19.43 12.64 -70.65
C ILE B 522 18.91 12.58 -72.08
N SER B 523 18.10 13.58 -72.44
CA SER B 523 17.57 13.68 -73.79
C SER B 523 18.65 14.03 -74.80
N ASN B 524 19.67 14.77 -74.38
CA ASN B 524 20.81 15.17 -75.20
C ASN B 524 22.00 15.23 -74.26
N PRO B 525 23.11 14.53 -74.56
CA PRO B 525 24.28 14.56 -73.67
C PRO B 525 25.08 15.86 -73.69
N ASN B 526 24.55 16.92 -74.28
CA ASN B 526 25.16 18.24 -74.19
C ASN B 526 24.40 19.18 -73.28
N TYR B 527 23.41 18.71 -72.52
CA TYR B 527 22.72 19.56 -71.56
C TYR B 527 23.57 19.77 -70.32
N LYS B 528 22.97 20.42 -69.33
CA LYS B 528 23.58 20.65 -68.02
C LYS B 528 22.71 20.00 -66.96
N VAL B 529 23.34 19.21 -66.10
CA VAL B 529 22.66 18.55 -64.99
C VAL B 529 22.99 19.38 -63.74
N ASN B 530 22.01 20.13 -63.26
CA ASN B 530 22.20 21.00 -62.11
C ASN B 530 21.65 20.34 -60.86
N VAL B 531 22.42 20.42 -59.78
CA VAL B 531 21.98 20.00 -58.46
C VAL B 531 22.21 21.16 -57.50
N TYR B 532 21.14 21.58 -56.83
CA TYR B 532 21.13 22.74 -55.95
C TYR B 532 20.74 22.31 -54.55
N ALA B 533 21.13 23.09 -53.54
CA ALA B 533 20.86 22.75 -52.15
C ALA B 533 20.06 23.85 -51.46
N VAL B 534 19.37 23.48 -50.39
CA VAL B 534 18.44 24.35 -49.66
C VAL B 534 18.84 24.38 -48.20
N THR B 535 19.17 25.57 -47.69
CA THR B 535 19.44 25.72 -46.27
C THR B 535 18.14 25.66 -45.46
N LYS B 536 18.29 25.39 -44.16
CA LYS B 536 17.14 25.33 -43.25
C LYS B 536 16.45 26.69 -43.12
N GLU B 537 17.22 27.79 -43.21
CA GLU B 537 16.61 29.11 -43.15
C GLU B 537 15.82 29.46 -44.41
N ASN B 538 16.05 28.73 -45.51
CA ASN B 538 15.34 29.00 -46.75
C ASN B 538 14.29 27.96 -47.09
N THR B 539 14.28 26.81 -46.42
CA THR B 539 13.36 25.73 -46.76
C THR B 539 11.93 26.08 -46.35
N ILE B 540 10.98 25.45 -47.04
CA ILE B 540 9.58 25.52 -46.68
C ILE B 540 9.11 24.12 -46.29
N ILE B 541 8.03 24.07 -45.53
CA ILE B 541 7.54 22.83 -44.95
C ILE B 541 6.06 22.62 -45.24
N ASN B 542 5.46 23.60 -45.93
CA ASN B 542 4.08 23.55 -46.38
C ASN B 542 3.99 24.31 -47.69
N PRO B 543 2.97 24.03 -48.51
CA PRO B 543 2.75 24.81 -49.74
C PRO B 543 2.41 26.26 -49.44
N SER B 544 2.50 27.09 -50.47
CA SER B 544 2.15 28.51 -50.37
C SER B 544 0.66 28.75 -50.15
N GLU B 545 0.26 30.02 -50.17
CA GLU B 545 -1.13 30.44 -49.99
C GLU B 545 -2.12 29.72 -50.89
N ASN B 546 -1.97 29.82 -52.21
CA ASN B 546 -2.96 29.23 -53.09
C ASN B 546 -2.86 27.71 -53.22
N GLY B 547 -1.84 27.20 -53.90
CA GLY B 547 -1.64 25.76 -53.97
C GLY B 547 -0.21 25.30 -54.21
N ASP B 548 0.78 26.16 -54.00
CA ASP B 548 2.08 25.99 -54.63
C ASP B 548 2.94 24.89 -54.01
N THR B 549 2.83 23.69 -54.57
CA THR B 549 3.66 22.54 -54.20
C THR B 549 4.89 22.42 -55.08
N SER B 550 5.53 23.53 -55.45
CA SER B 550 6.66 23.51 -56.38
C SER B 550 7.90 24.12 -55.73
N THR B 551 9.04 23.92 -56.39
CA THR B 551 10.33 24.45 -55.96
C THR B 551 10.58 25.84 -56.51
N ASN B 552 9.52 26.56 -56.87
CA ASN B 552 9.62 27.86 -57.52
C ASN B 552 10.17 28.92 -56.57
N GLY B 553 9.48 29.16 -55.45
CA GLY B 553 9.93 30.15 -54.49
C GLY B 553 10.84 29.61 -53.41
N ILE B 554 12.03 29.16 -53.78
CA ILE B 554 13.03 28.63 -52.85
C ILE B 554 14.38 29.24 -53.20
N LYS B 555 15.12 29.70 -52.19
CA LYS B 555 16.42 30.32 -52.37
C LYS B 555 17.47 29.22 -52.51
N LYS B 556 17.62 28.77 -53.75
CA LYS B 556 18.54 27.69 -54.09
C LYS B 556 19.96 28.23 -54.27
N ILE B 557 20.93 27.32 -54.16
CA ILE B 557 22.36 27.65 -54.17
C ILE B 557 23.06 26.70 -55.13
N LEU B 558 23.91 27.23 -55.99
CA LEU B 558 24.60 26.46 -57.03
C LEU B 558 25.69 25.60 -56.40
N ILE B 559 25.49 24.29 -56.36
CA ILE B 559 26.53 23.35 -55.93
C ILE B 559 27.11 22.56 -57.09
N PHE B 560 26.27 22.02 -57.98
CA PHE B 560 26.71 21.08 -58.99
C PHE B 560 26.20 21.52 -60.35
N SER B 561 27.13 21.65 -61.30
CA SER B 561 26.78 21.95 -62.68
C SER B 561 27.80 21.34 -63.64
N LYS B 562 27.52 20.15 -64.15
CA LYS B 562 28.40 19.48 -65.10
C LYS B 562 27.59 19.06 -66.32
N LYS B 563 28.31 18.82 -67.42
CA LYS B 563 27.69 18.40 -68.67
C LYS B 563 27.23 16.94 -68.59
N GLY B 564 26.56 16.49 -69.64
CA GLY B 564 25.99 15.16 -69.68
C GLY B 564 26.95 14.10 -70.17
N TYR B 565 27.98 14.51 -70.92
CA TYR B 565 29.01 13.58 -71.37
C TYR B 565 30.13 13.43 -70.36
N GLU B 566 30.06 14.11 -69.22
CA GLU B 566 31.08 14.06 -68.18
C GLU B 566 30.59 13.34 -66.94
N ILE B 567 29.52 12.56 -67.07
CA ILE B 567 28.92 11.85 -65.94
C ILE B 567 28.95 10.37 -66.22
N GLY B 568 28.35 9.95 -67.33
CA GLY B 568 28.36 8.57 -67.75
C GLY B 568 27.19 8.21 -68.65
N THR C 7 42.04 31.98 26.52
CA THR C 7 40.82 31.58 25.82
C THR C 7 39.80 32.72 25.79
N VAL C 8 39.52 33.21 24.60
CA VAL C 8 38.60 34.33 24.43
C VAL C 8 37.17 33.80 24.49
N PRO C 9 36.24 34.49 25.17
CA PRO C 9 34.87 34.00 25.25
C PRO C 9 34.04 34.26 24.00
N ASP C 10 33.12 33.32 23.74
CA ASP C 10 32.07 33.44 22.71
C ASP C 10 30.86 32.72 23.29
N ARG C 11 30.02 33.48 24.00
CA ARG C 11 28.88 32.90 24.68
C ARG C 11 27.86 32.37 23.68
N ASP C 12 27.69 33.08 22.58
CA ASP C 12 26.80 32.68 21.50
C ASP C 12 27.30 31.49 20.72
N ASN C 13 28.56 31.08 20.94
CA ASN C 13 29.15 29.83 20.44
C ASN C 13 29.18 29.79 18.93
N ASP C 14 29.11 30.95 18.29
CA ASP C 14 29.07 31.05 16.85
C ASP C 14 30.44 31.26 16.25
N GLY C 15 31.49 30.91 16.97
CA GLY C 15 32.83 30.96 16.42
C GLY C 15 33.42 32.34 16.36
N ILE C 16 32.75 33.33 16.92
CA ILE C 16 33.19 34.72 16.87
C ILE C 16 33.01 35.35 18.25
N PRO C 17 34.06 35.94 18.80
CA PRO C 17 34.02 36.38 20.19
C PRO C 17 33.09 37.56 20.39
N ASP C 18 32.82 37.80 21.67
CA ASP C 18 31.69 38.62 22.06
C ASP C 18 32.00 40.10 21.92
N SER C 19 33.22 40.49 22.31
CA SER C 19 33.63 41.89 22.24
C SER C 19 33.70 42.37 20.80
N LEU C 20 34.03 41.48 19.86
CA LEU C 20 34.07 41.90 18.46
C LEU C 20 32.66 42.15 17.95
N GLU C 21 31.70 41.29 18.30
CA GLU C 21 30.32 41.47 17.90
C GLU C 21 29.72 42.72 18.52
N VAL C 22 30.18 43.07 19.72
CA VAL C 22 29.71 44.30 20.34
C VAL C 22 30.32 45.51 19.67
N GLU C 23 31.64 45.53 19.55
CA GLU C 23 32.36 46.76 19.25
C GLU C 23 32.60 46.96 17.77
N GLY C 24 32.27 45.99 16.94
CA GLY C 24 32.49 46.19 15.53
C GLY C 24 33.63 45.33 15.02
N TYR C 25 33.44 44.80 13.82
CA TYR C 25 34.41 43.90 13.23
C TYR C 25 34.20 43.89 11.72
N THR C 26 35.01 43.09 11.05
CA THR C 26 34.94 42.91 9.61
C THR C 26 35.67 41.63 9.23
N VAL C 27 35.46 41.22 7.98
CA VAL C 27 36.12 40.06 7.39
C VAL C 27 36.93 40.56 6.21
N ASP C 28 38.19 40.17 6.12
CA ASP C 28 39.03 40.64 5.04
C ASP C 28 39.95 39.55 4.55
N VAL C 29 40.02 39.38 3.24
CA VAL C 29 41.01 38.48 2.67
C VAL C 29 42.33 39.21 2.54
N LYS C 30 43.42 38.47 2.69
CA LYS C 30 44.73 39.05 2.54
C LYS C 30 45.45 38.52 1.31
N ASN C 31 45.65 37.21 1.22
CA ASN C 31 46.23 36.65 0.01
C ASN C 31 45.21 35.76 -0.69
N LYS C 32 44.76 34.70 -0.03
CA LYS C 32 43.59 33.94 -0.43
C LYS C 32 42.82 33.49 0.79
N ARG C 33 42.96 34.20 1.91
CA ARG C 33 42.51 33.70 3.19
C ARG C 33 41.73 34.74 3.95
N THR C 34 40.55 34.35 4.42
CA THR C 34 39.65 35.23 5.14
C THR C 34 40.11 35.38 6.58
N PHE C 35 40.23 36.61 7.04
CA PHE C 35 40.70 36.95 8.36
C PHE C 35 39.64 37.79 9.05
N LEU C 36 39.31 37.43 10.28
CA LEU C 36 38.25 38.09 11.02
C LEU C 36 38.90 39.18 11.86
N SER C 37 38.91 40.34 11.34
CA SER C 37 39.52 41.42 12.09
C SER C 37 38.47 42.16 12.92
N PRO C 38 38.87 42.73 14.05
CA PRO C 38 38.05 43.78 14.65
C PRO C 38 38.15 45.04 13.80
N TRP C 39 37.21 45.95 14.04
CA TRP C 39 37.09 47.12 13.19
C TRP C 39 38.21 48.12 13.48
N ILE C 40 38.92 48.50 12.42
CA ILE C 40 39.89 49.59 12.46
C ILE C 40 39.53 50.55 11.33
N SER C 41 39.29 51.81 11.68
CA SER C 41 38.80 52.77 10.71
C SER C 41 39.91 53.28 9.78
N ASN C 42 41.17 53.04 10.10
CA ASN C 42 42.24 53.57 9.27
C ASN C 42 42.42 52.75 8.00
N ILE C 43 42.07 51.48 8.04
CA ILE C 43 42.37 50.54 6.97
C ILE C 43 41.11 50.06 6.29
N HIS C 44 40.16 49.58 7.07
CA HIS C 44 39.01 48.89 6.52
C HIS C 44 38.01 49.85 5.92
N GLU C 45 37.99 51.08 6.42
CA GLU C 45 37.15 52.12 5.84
C GLU C 45 37.66 52.56 4.49
N LYS C 46 38.99 52.57 4.31
CA LYS C 46 39.55 52.92 3.02
C LYS C 46 39.32 51.81 2.00
N LYS C 47 39.21 50.58 2.47
CA LYS C 47 38.94 49.47 1.57
C LYS C 47 37.47 49.35 1.22
N GLY C 48 36.60 50.06 1.95
CA GLY C 48 35.18 49.94 1.72
C GLY C 48 34.53 48.80 2.46
N LEU C 49 35.20 48.24 3.45
CA LEU C 49 34.64 47.13 4.20
C LEU C 49 33.56 47.63 5.14
N THR C 50 32.52 46.82 5.31
CA THR C 50 31.37 47.23 6.11
C THR C 50 31.56 46.78 7.55
N LYS C 51 31.44 47.74 8.47
CA LYS C 51 31.56 47.43 9.89
C LYS C 51 30.35 46.65 10.35
N TYR C 52 30.59 45.58 11.09
CA TYR C 52 29.55 44.63 11.48
C TYR C 52 29.39 44.62 12.99
N LYS C 53 28.16 44.64 13.45
CA LYS C 53 27.84 44.44 14.85
C LYS C 53 26.73 43.42 14.98
N SER C 54 26.79 42.60 16.02
CA SER C 54 25.80 41.56 16.21
C SER C 54 25.75 41.20 17.69
N SER C 55 24.91 40.24 18.00
CA SER C 55 24.73 39.91 19.40
C SER C 55 25.85 39.03 19.92
N PRO C 56 26.34 39.30 21.13
CA PRO C 56 27.29 38.40 21.76
C PRO C 56 26.65 37.16 22.32
N GLU C 57 25.33 37.11 22.39
CA GLU C 57 24.65 35.96 22.96
C GLU C 57 23.72 35.28 21.99
N LYS C 58 23.57 35.80 20.78
CA LYS C 58 22.79 35.10 19.78
C LYS C 58 23.72 34.46 18.77
N TRP C 59 23.63 33.15 18.65
CA TRP C 59 24.29 32.41 17.59
C TRP C 59 23.85 32.90 16.23
N SER C 60 22.57 33.26 16.12
CA SER C 60 22.03 33.94 14.96
C SER C 60 21.30 35.16 15.47
N THR C 61 21.86 36.33 15.22
CA THR C 61 21.30 37.56 15.75
C THR C 61 19.96 37.89 15.11
N ALA C 62 19.79 37.52 13.84
CA ALA C 62 18.51 37.71 13.18
C ALA C 62 17.57 36.52 13.39
N SER C 63 18.01 35.50 14.14
CA SER C 63 17.28 34.28 14.50
C SER C 63 16.94 33.40 13.30
N ASP C 64 17.37 33.76 12.09
CA ASP C 64 17.28 32.90 10.94
C ASP C 64 18.22 31.71 11.12
N PRO C 65 17.99 30.58 10.42
CA PRO C 65 18.81 29.39 10.65
C PRO C 65 20.21 29.46 10.04
N TYR C 66 20.90 30.56 10.26
CA TYR C 66 22.24 30.80 9.76
C TYR C 66 22.97 31.62 10.79
N SER C 67 24.20 31.22 11.12
CA SER C 67 24.93 31.92 12.15
C SER C 67 25.37 33.29 11.67
N ASP C 68 25.85 34.08 12.61
CA ASP C 68 26.47 35.35 12.27
C ASP C 68 27.74 35.13 11.47
N PHE C 69 28.53 34.14 11.89
CA PHE C 69 29.82 33.87 11.27
C PHE C 69 29.68 33.32 9.86
N GLU C 70 28.70 32.42 9.67
CA GLU C 70 28.44 31.91 8.32
C GLU C 70 27.99 33.01 7.39
N LYS C 71 27.25 33.97 7.93
CA LYS C 71 26.69 35.02 7.10
C LYS C 71 27.74 36.04 6.74
N VAL C 72 28.70 36.30 7.62
CA VAL C 72 29.76 37.24 7.26
C VAL C 72 30.89 36.55 6.52
N THR C 73 31.04 35.24 6.70
CA THR C 73 32.14 34.54 6.06
C THR C 73 31.80 34.20 4.62
N GLY C 74 30.55 33.82 4.38
CA GLY C 74 30.12 33.34 3.09
C GLY C 74 29.92 31.84 3.03
N ARG C 75 30.13 31.13 4.13
CA ARG C 75 29.90 29.69 4.17
C ARG C 75 28.42 29.41 4.42
N ILE C 76 27.65 29.67 3.38
CA ILE C 76 26.20 29.73 3.45
C ILE C 76 25.67 29.20 2.13
N ASP C 77 24.38 28.88 2.12
CA ASP C 77 23.65 28.70 0.87
C ASP C 77 23.74 29.98 0.06
N LYS C 78 24.30 29.88 -1.14
CA LYS C 78 24.58 31.05 -1.95
C LYS C 78 23.32 31.63 -2.58
N ASN C 79 22.20 30.92 -2.51
CA ASN C 79 20.95 31.47 -2.99
C ASN C 79 20.39 32.56 -2.08
N VAL C 80 20.95 32.72 -0.90
CA VAL C 80 20.65 33.86 -0.05
C VAL C 80 21.06 35.13 -0.79
N SER C 81 20.15 36.10 -0.82
CA SER C 81 20.38 37.38 -1.48
C SER C 81 21.54 38.11 -0.81
N PRO C 82 22.28 38.92 -1.58
CA PRO C 82 23.45 39.61 -1.00
C PRO C 82 23.10 40.62 0.06
N GLU C 83 21.97 41.30 -0.06
CA GLU C 83 21.56 42.23 0.98
C GLU C 83 21.14 41.51 2.25
N ALA C 84 20.86 40.21 2.18
CA ALA C 84 20.62 39.43 3.38
C ALA C 84 21.91 38.89 3.97
N ARG C 85 23.06 39.24 3.41
CA ARG C 85 24.29 38.77 4.01
C ARG C 85 24.72 39.61 5.21
N HIS C 86 23.98 40.66 5.53
CA HIS C 86 24.27 41.39 6.75
C HIS C 86 23.57 40.70 7.92
N PRO C 87 24.23 40.63 9.09
CA PRO C 87 23.66 39.86 10.21
C PRO C 87 22.38 40.44 10.78
N LEU C 88 22.19 41.74 10.68
CA LEU C 88 20.98 42.34 11.16
C LEU C 88 19.85 42.27 10.15
N VAL C 89 20.11 41.67 8.99
CA VAL C 89 19.10 41.49 7.95
C VAL C 89 18.66 40.04 7.98
N ALA C 90 17.36 39.81 8.12
CA ALA C 90 16.82 38.47 8.15
C ALA C 90 16.82 37.84 6.77
N ALA C 91 16.88 36.53 6.72
CA ALA C 91 16.84 35.77 5.48
C ALA C 91 15.76 34.71 5.61
N TYR C 92 14.70 34.83 4.80
CA TYR C 92 13.57 33.92 4.93
C TYR C 92 12.83 33.88 3.60
N PRO C 93 12.20 32.76 3.28
CA PRO C 93 11.39 32.69 2.07
C PRO C 93 10.00 33.27 2.28
N ILE C 94 9.45 33.80 1.20
CA ILE C 94 8.07 34.23 1.13
C ILE C 94 7.47 33.53 -0.07
N VAL C 95 6.57 32.60 0.18
CA VAL C 95 6.00 31.76 -0.86
C VAL C 95 4.51 31.97 -0.87
N HIS C 96 3.96 32.24 -2.05
CA HIS C 96 2.51 32.23 -2.25
C HIS C 96 2.23 31.67 -3.63
N VAL C 97 1.06 31.06 -3.74
CA VAL C 97 0.68 30.30 -4.93
C VAL C 97 -0.32 31.11 -5.72
N ASP C 98 -0.11 31.19 -7.03
CA ASP C 98 -1.09 31.76 -7.93
C ASP C 98 -1.74 30.65 -8.74
N MET C 99 -2.93 30.93 -9.26
CA MET C 99 -3.73 29.95 -9.98
C MET C 99 -3.95 30.46 -11.40
N GLU C 100 -3.39 29.78 -12.39
CA GLU C 100 -3.51 30.31 -13.73
C GLU C 100 -4.78 29.81 -14.42
N ASN C 101 -5.20 28.59 -14.14
CA ASN C 101 -6.28 28.05 -14.94
C ASN C 101 -7.07 27.01 -14.16
N ILE C 102 -8.35 26.93 -14.49
CA ILE C 102 -9.26 25.93 -13.96
C ILE C 102 -9.53 24.91 -15.05
N ILE C 103 -9.77 23.67 -14.65
CA ILE C 103 -10.29 22.64 -15.55
C ILE C 103 -11.37 21.91 -14.78
N LEU C 104 -12.61 22.05 -15.22
CA LEU C 104 -13.71 21.29 -14.66
C LEU C 104 -14.17 20.26 -15.67
N SER C 105 -14.46 19.06 -15.19
CA SER C 105 -14.96 17.98 -16.04
C SER C 105 -16.27 17.48 -15.46
N LYS C 106 -17.30 17.46 -16.29
CA LYS C 106 -18.60 16.98 -15.84
C LYS C 106 -18.60 15.46 -15.85
N ASN C 107 -18.74 14.87 -14.67
CA ASN C 107 -18.77 13.42 -14.54
C ASN C 107 -20.19 12.96 -14.89
N GLU C 108 -20.46 12.92 -16.18
CA GLU C 108 -21.75 12.49 -16.71
C GLU C 108 -21.48 11.34 -17.67
N ASP C 109 -22.20 10.24 -17.52
CA ASP C 109 -21.96 9.11 -18.41
C ASP C 109 -23.15 8.93 -19.35
N GLN C 110 -22.89 9.00 -20.64
CA GLN C 110 -23.93 8.93 -21.65
C GLN C 110 -23.72 7.69 -22.51
N SER C 111 -24.82 7.20 -23.06
CA SER C 111 -24.77 6.01 -23.89
C SER C 111 -25.82 6.10 -24.98
N THR C 112 -25.49 5.56 -26.14
CA THR C 112 -26.40 5.47 -27.26
C THR C 112 -26.55 4.01 -27.66
N GLN C 113 -27.78 3.62 -27.98
CA GLN C 113 -28.10 2.27 -28.37
C GLN C 113 -28.82 2.26 -29.71
N ASN C 114 -28.36 1.41 -30.61
CA ASN C 114 -29.03 1.19 -31.89
C ASN C 114 -29.49 -0.25 -31.93
N THR C 115 -30.71 -0.48 -32.44
CA THR C 115 -31.31 -1.81 -32.41
C THR C 115 -32.06 -2.07 -33.71
N ASP C 116 -31.84 -3.24 -34.31
CA ASP C 116 -32.61 -3.67 -35.47
C ASP C 116 -33.34 -4.96 -35.15
N SER C 117 -34.57 -5.09 -35.66
CA SER C 117 -35.41 -6.24 -35.32
C SER C 117 -36.26 -6.65 -36.52
N GLN C 118 -36.13 -7.90 -36.94
CA GLN C 118 -36.91 -8.44 -38.05
C GLN C 118 -37.74 -9.60 -37.55
N THR C 119 -39.06 -9.49 -37.67
CA THR C 119 -40.00 -10.44 -37.09
C THR C 119 -40.84 -11.07 -38.19
N ARG C 120 -40.88 -12.39 -38.22
CA ARG C 120 -41.69 -13.13 -39.18
C ARG C 120 -42.79 -13.86 -38.44
N THR C 121 -44.03 -13.42 -38.60
CA THR C 121 -45.16 -13.98 -37.87
C THR C 121 -46.07 -14.71 -38.85
N ILE C 122 -46.17 -16.01 -38.69
CA ILE C 122 -46.97 -16.87 -39.57
C ILE C 122 -48.17 -17.35 -38.77
N SER C 123 -49.37 -17.00 -39.22
CA SER C 123 -50.57 -17.13 -38.41
C SER C 123 -51.60 -17.99 -39.13
N LYS C 124 -52.31 -18.81 -38.37
CA LYS C 124 -53.39 -19.65 -38.87
C LYS C 124 -54.70 -19.23 -38.19
N ASN C 125 -55.82 -19.45 -38.87
CA ASN C 125 -57.13 -19.19 -38.29
C ASN C 125 -58.13 -20.12 -38.96
N THR C 126 -59.16 -20.53 -38.22
CA THR C 126 -60.29 -21.23 -38.83
C THR C 126 -61.57 -20.80 -38.15
N SER C 127 -62.71 -21.20 -38.72
CA SER C 127 -64.01 -20.69 -38.28
C SER C 127 -65.13 -21.62 -38.72
N THR C 128 -66.20 -21.67 -37.93
CA THR C 128 -67.53 -22.10 -38.36
C THR C 128 -68.54 -21.09 -37.84
N SER C 129 -69.78 -21.22 -38.33
CA SER C 129 -70.89 -20.33 -38.00
C SER C 129 -72.20 -21.04 -38.31
N ARG C 130 -73.22 -20.82 -37.48
CA ARG C 130 -74.53 -21.44 -37.71
C ARG C 130 -75.65 -20.45 -37.44
N THR C 131 -76.44 -20.17 -38.47
CA THR C 131 -77.43 -19.10 -38.46
C THR C 131 -78.82 -19.73 -38.51
N HIS C 132 -79.75 -19.22 -37.72
CA HIS C 132 -81.13 -19.72 -37.74
C HIS C 132 -82.08 -18.54 -37.88
N THR C 133 -82.78 -18.48 -39.02
CA THR C 133 -83.51 -17.29 -39.43
C THR C 133 -85.00 -17.59 -39.53
N SER C 134 -85.82 -16.80 -38.83
CA SER C 134 -87.27 -16.80 -38.98
C SER C 134 -87.71 -15.50 -39.62
N GLU C 135 -88.94 -15.48 -40.15
CA GLU C 135 -89.49 -14.31 -40.82
C GLU C 135 -91.02 -14.38 -40.92
N VAL C 136 -91.66 -13.22 -40.80
CA VAL C 136 -93.11 -13.12 -40.89
C VAL C 136 -93.46 -12.04 -41.90
N HIS C 137 -93.99 -12.44 -43.06
CA HIS C 137 -94.33 -11.46 -44.08
C HIS C 137 -95.83 -11.11 -44.05
N GLY C 138 -96.14 -9.87 -44.43
CA GLY C 138 -97.52 -9.45 -44.61
C GLY C 138 -97.71 -8.77 -45.94
N ASN C 139 -98.97 -8.65 -46.34
CA ASN C 139 -99.35 -8.08 -47.63
C ASN C 139 -100.84 -7.74 -47.63
N ALA C 140 -101.18 -6.62 -48.26
CA ALA C 140 -102.55 -6.28 -48.63
C ALA C 140 -102.50 -5.66 -50.02
N GLU C 141 -103.62 -5.72 -50.75
CA GLU C 141 -103.62 -5.30 -52.13
C GLU C 141 -105.01 -4.84 -52.55
N VAL C 142 -105.09 -3.70 -53.23
CA VAL C 142 -106.37 -3.18 -53.74
C VAL C 142 -106.20 -2.92 -55.23
N HIS C 143 -106.93 -3.68 -56.05
CA HIS C 143 -106.88 -3.58 -57.51
C HIS C 143 -108.15 -2.92 -58.01
N ALA C 144 -108.03 -2.09 -59.04
CA ALA C 144 -109.18 -1.39 -59.58
C ALA C 144 -109.06 -1.26 -61.09
N SER C 145 -110.17 -1.48 -61.79
CA SER C 145 -110.21 -1.41 -63.25
C SER C 145 -111.35 -0.51 -63.70
N PHE C 146 -111.71 -0.59 -64.99
CA PHE C 146 -112.91 0.07 -65.49
C PHE C 146 -114.16 -0.41 -64.74
N PHE C 147 -114.28 -1.73 -64.54
CA PHE C 147 -115.43 -2.28 -63.85
C PHE C 147 -115.06 -3.40 -62.89
N ASP C 148 -113.77 -3.64 -62.65
CA ASP C 148 -113.33 -4.74 -61.82
C ASP C 148 -112.48 -4.21 -60.67
N ILE C 149 -112.91 -4.49 -59.44
CA ILE C 149 -112.21 -4.07 -58.22
C ILE C 149 -111.98 -5.31 -57.37
N GLY C 150 -110.75 -5.50 -56.90
CA GLY C 150 -110.42 -6.62 -56.06
C GLY C 150 -109.59 -6.18 -54.86
N GLY C 151 -109.53 -7.07 -53.86
CA GLY C 151 -108.64 -6.87 -52.73
C GLY C 151 -108.11 -8.20 -52.25
N SER C 152 -106.91 -8.16 -51.69
CA SER C 152 -106.14 -9.36 -51.36
C SER C 152 -105.36 -9.16 -50.07
N VAL C 153 -105.30 -10.20 -49.24
CA VAL C 153 -104.56 -10.18 -47.97
C VAL C 153 -103.67 -11.41 -47.90
N SER C 154 -102.38 -11.20 -47.63
CA SER C 154 -101.42 -12.30 -47.63
C SER C 154 -100.51 -12.23 -46.42
N ALA C 155 -99.99 -13.39 -46.01
CA ALA C 155 -99.06 -13.51 -44.91
C ALA C 155 -98.16 -14.71 -45.11
N GLY C 156 -96.88 -14.56 -44.72
CA GLY C 156 -95.85 -15.53 -45.03
C GLY C 156 -94.99 -15.95 -43.86
N PHE C 157 -94.63 -17.22 -43.78
CA PHE C 157 -93.86 -17.75 -42.65
C PHE C 157 -92.61 -18.45 -43.17
N SER C 158 -91.46 -17.79 -43.07
CA SER C 158 -90.21 -18.31 -43.61
C SER C 158 -89.25 -18.68 -42.49
N ASN C 159 -88.84 -19.94 -42.46
CA ASN C 159 -87.74 -20.39 -41.62
C ASN C 159 -86.49 -20.49 -42.47
N SER C 160 -85.32 -20.38 -41.83
CA SER C 160 -84.05 -20.54 -42.53
C SER C 160 -82.93 -20.90 -41.54
N ASN C 161 -81.87 -21.51 -42.10
CA ASN C 161 -80.77 -22.07 -41.33
C ASN C 161 -79.54 -22.20 -42.21
N SER C 162 -78.46 -21.53 -41.81
CA SER C 162 -77.21 -21.41 -42.55
C SER C 162 -76.07 -21.98 -41.70
N SER C 163 -74.94 -22.28 -42.34
CA SER C 163 -73.74 -22.72 -41.64
C SER C 163 -72.49 -22.42 -42.47
N THR C 164 -71.68 -21.48 -41.98
CA THR C 164 -70.53 -20.93 -42.71
C THR C 164 -69.23 -21.48 -42.12
N VAL C 165 -68.45 -22.17 -42.95
CA VAL C 165 -67.20 -22.78 -42.50
C VAL C 165 -66.04 -22.12 -43.24
N ALA C 166 -65.07 -21.61 -42.47
CA ALA C 166 -64.05 -20.69 -42.96
C ALA C 166 -62.67 -21.10 -42.48
N ILE C 167 -61.63 -20.61 -43.16
CA ILE C 167 -60.24 -20.85 -42.78
C ILE C 167 -59.37 -19.74 -43.36
N ASP C 168 -58.30 -19.39 -42.63
CA ASP C 168 -57.41 -18.28 -42.94
C ASP C 168 -55.96 -18.71 -42.74
N HIS C 169 -55.07 -18.23 -43.61
CA HIS C 169 -53.62 -18.27 -43.40
C HIS C 169 -53.10 -16.83 -43.45
N SER C 170 -51.95 -16.57 -42.81
CA SER C 170 -51.45 -15.22 -42.68
C SER C 170 -49.93 -15.17 -42.55
N LEU C 171 -49.30 -14.16 -43.15
CA LEU C 171 -47.90 -13.82 -42.91
C LEU C 171 -47.80 -12.42 -42.31
N SER C 172 -46.64 -12.09 -41.73
CA SER C 172 -46.35 -10.75 -41.23
C SER C 172 -44.84 -10.55 -41.18
N LEU C 173 -44.35 -9.49 -41.80
CA LEU C 173 -42.93 -9.17 -41.81
C LEU C 173 -42.71 -7.81 -41.16
N ALA C 174 -42.16 -7.80 -39.95
CA ALA C 174 -42.06 -6.58 -39.14
C ALA C 174 -40.59 -6.19 -38.99
N GLY C 175 -40.21 -5.10 -39.62
CA GLY C 175 -38.84 -4.58 -39.53
C GLY C 175 -38.82 -3.31 -38.71
N GLU C 176 -37.89 -3.25 -37.74
CA GLU C 176 -37.87 -2.17 -36.76
C GLU C 176 -36.45 -1.67 -36.55
N ARG C 177 -36.29 -0.36 -36.53
CA ARG C 177 -35.02 0.28 -36.21
C ARG C 177 -35.24 1.23 -35.04
N THR C 178 -34.48 1.00 -33.97
CA THR C 178 -34.66 1.67 -32.69
C THR C 178 -33.42 2.48 -32.36
N TRP C 179 -33.61 3.76 -32.08
CA TRP C 179 -32.54 4.63 -31.62
C TRP C 179 -32.80 5.04 -30.18
N ALA C 180 -31.76 5.02 -29.35
CA ALA C 180 -31.92 5.29 -27.93
C ALA C 180 -30.72 6.06 -27.41
N GLU C 181 -30.97 6.93 -26.43
CA GLU C 181 -29.94 7.75 -25.84
C GLU C 181 -30.22 7.94 -24.36
N THR C 182 -29.18 7.88 -23.54
CA THR C 182 -29.30 7.90 -22.09
C THR C 182 -28.18 8.75 -21.50
N MET C 183 -28.51 9.58 -20.52
CA MET C 183 -27.54 10.42 -19.84
C MET C 183 -27.68 10.23 -18.33
N GLY C 184 -26.78 9.44 -17.75
CA GLY C 184 -26.76 9.27 -16.32
C GLY C 184 -25.86 10.26 -15.61
N LEU C 185 -26.23 10.54 -14.37
CA LEU C 185 -25.60 11.56 -13.55
C LEU C 185 -25.75 11.17 -12.08
N ASN C 186 -24.79 11.59 -11.27
CA ASN C 186 -24.88 11.48 -9.82
C ASN C 186 -24.71 12.87 -9.25
N THR C 187 -25.68 13.31 -8.45
CA THR C 187 -25.70 14.68 -7.95
C THR C 187 -24.59 14.97 -6.96
N ALA C 188 -24.02 13.94 -6.34
CA ALA C 188 -22.93 14.17 -5.41
C ALA C 188 -21.58 14.25 -6.09
N ASP C 189 -21.47 13.70 -7.30
CA ASP C 189 -20.20 13.59 -8.00
C ASP C 189 -20.35 14.13 -9.42
N THR C 190 -20.85 15.36 -9.52
CA THR C 190 -21.10 15.92 -10.85
C THR C 190 -19.80 16.32 -11.54
N ALA C 191 -18.87 16.93 -10.81
CA ALA C 191 -17.72 17.53 -11.47
C ALA C 191 -16.43 17.12 -10.79
N ARG C 192 -15.36 17.15 -11.58
CA ARG C 192 -14.02 16.92 -11.11
C ARG C 192 -13.16 18.12 -11.47
N LEU C 193 -12.28 18.50 -10.56
CA LEU C 193 -11.51 19.72 -10.70
C LEU C 193 -10.05 19.45 -11.02
N ASN C 194 -9.40 20.46 -11.59
CA ASN C 194 -7.97 20.41 -11.84
C ASN C 194 -7.44 21.83 -11.91
N ALA C 195 -6.45 22.13 -11.08
CA ALA C 195 -5.88 23.47 -10.98
C ALA C 195 -4.55 23.52 -11.72
N ASN C 196 -4.27 24.65 -12.35
CA ASN C 196 -2.97 24.93 -12.94
C ASN C 196 -2.33 26.06 -12.17
N ILE C 197 -1.27 25.75 -11.43
CA ILE C 197 -0.72 26.65 -10.44
C ILE C 197 0.80 26.74 -10.55
N ARG C 198 1.34 27.85 -10.05
CA ARG C 198 2.76 28.05 -9.95
C ARG C 198 3.13 28.43 -8.53
N TYR C 199 4.42 28.31 -8.25
CA TYR C 199 5.01 28.66 -6.98
C TYR C 199 5.92 29.85 -7.17
N VAL C 200 5.80 30.83 -6.28
CA VAL C 200 6.54 32.08 -6.40
C VAL C 200 7.32 32.29 -5.11
N ASN C 201 8.60 32.59 -5.22
CA ASN C 201 9.37 32.99 -4.03
C ASN C 201 9.71 34.45 -4.16
N THR C 202 9.09 35.27 -3.33
CA THR C 202 9.45 36.66 -3.21
C THR C 202 10.32 36.93 -2.00
N GLY C 203 10.72 35.89 -1.28
CA GLY C 203 11.52 36.04 -0.08
C GLY C 203 12.99 36.29 -0.34
N THR C 204 13.80 35.88 0.62
CA THR C 204 15.24 36.09 0.57
C THR C 204 16.04 34.82 0.76
N ALA C 205 15.54 33.88 1.54
CA ALA C 205 16.20 32.59 1.63
C ALA C 205 15.46 31.59 0.78
N PRO C 206 16.16 30.62 0.20
CA PRO C 206 15.48 29.54 -0.50
C PRO C 206 14.86 28.56 0.47
N ILE C 207 13.88 27.83 -0.01
CA ILE C 207 13.15 26.84 0.77
C ILE C 207 13.13 25.54 0.01
N TYR C 208 13.35 24.43 0.71
CA TYR C 208 13.50 23.14 0.07
C TYR C 208 12.39 22.18 0.45
N ASN C 209 12.03 21.32 -0.51
CA ASN C 209 10.93 20.36 -0.42
C ASN C 209 9.61 21.08 -0.12
N VAL C 210 9.22 21.93 -1.05
CA VAL C 210 8.09 22.81 -0.84
C VAL C 210 6.80 22.04 -1.00
N LEU C 211 5.96 22.07 0.03
CA LEU C 211 4.62 21.49 -0.04
C LEU C 211 3.64 22.50 0.52
N PRO C 212 3.01 23.29 -0.33
CA PRO C 212 1.99 24.23 0.15
C PRO C 212 0.71 23.52 0.49
N THR C 213 0.00 24.08 1.44
CA THR C 213 -1.35 23.65 1.78
C THR C 213 -2.29 24.73 1.24
N THR C 214 -3.12 24.37 0.27
CA THR C 214 -3.99 25.34 -0.38
C THR C 214 -5.44 24.96 -0.24
N SER C 215 -6.31 25.81 -0.76
CA SER C 215 -7.75 25.65 -0.58
C SER C 215 -8.52 26.19 -1.78
N LEU C 216 -9.37 25.34 -2.36
CA LEU C 216 -10.35 25.74 -3.35
C LEU C 216 -11.60 26.27 -2.68
N VAL C 217 -12.01 27.49 -3.05
CA VAL C 217 -13.10 28.21 -2.40
C VAL C 217 -14.05 28.75 -3.46
N LEU C 218 -15.35 28.49 -3.29
CA LEU C 218 -16.38 29.16 -4.06
C LEU C 218 -16.95 30.36 -3.32
N GLY C 219 -17.49 31.29 -4.10
CA GLY C 219 -18.37 32.31 -3.57
C GLY C 219 -17.65 33.30 -2.67
N LYS C 220 -18.32 33.66 -1.58
CA LYS C 220 -17.72 34.52 -0.59
C LYS C 220 -16.70 33.74 0.21
N ASN C 221 -17.16 32.71 0.93
CA ASN C 221 -16.27 31.89 1.72
C ASN C 221 -16.66 30.43 1.70
N GLN C 222 -17.30 29.97 0.64
CA GLN C 222 -17.72 28.57 0.56
C GLN C 222 -16.53 27.76 0.07
N THR C 223 -15.85 27.11 1.00
CA THR C 223 -14.66 26.35 0.68
C THR C 223 -15.05 25.03 0.05
N LEU C 224 -14.58 24.78 -1.16
CA LEU C 224 -14.75 23.47 -1.75
C LEU C 224 -13.88 22.45 -1.04
N ALA C 225 -12.58 22.71 -0.99
CA ALA C 225 -11.68 21.68 -0.52
C ALA C 225 -10.39 22.31 -0.01
N THR C 226 -9.71 21.58 0.86
CA THR C 226 -8.40 21.96 1.34
C THR C 226 -7.44 20.82 1.04
N ILE C 227 -6.40 21.11 0.26
CA ILE C 227 -5.50 20.08 -0.26
C ILE C 227 -4.08 20.43 0.11
N LYS C 228 -3.40 19.49 0.74
CA LYS C 228 -1.95 19.56 0.91
C LYS C 228 -1.27 19.04 -0.35
N ALA C 229 -0.19 19.70 -0.74
CA ALA C 229 0.54 19.30 -1.95
C ALA C 229 1.16 17.92 -1.79
N LYS C 230 0.95 17.07 -2.78
CA LYS C 230 1.42 15.71 -2.71
C LYS C 230 2.75 15.57 -3.44
N GLU C 231 3.20 14.32 -3.62
CA GLU C 231 4.53 14.07 -4.16
C GLU C 231 4.63 14.37 -5.63
N ASN C 232 3.50 14.38 -6.34
CA ASN C 232 3.51 14.92 -7.70
C ASN C 232 3.72 16.43 -7.68
N GLN C 233 3.34 17.08 -6.59
CA GLN C 233 3.37 18.53 -6.52
C GLN C 233 4.55 19.04 -5.71
N LEU C 234 5.57 18.21 -5.52
CA LEU C 234 6.70 18.65 -4.71
C LEU C 234 7.61 19.54 -5.54
N SER C 235 8.12 20.58 -4.88
CA SER C 235 9.15 21.43 -5.45
C SER C 235 10.41 21.26 -4.62
N GLN C 236 11.48 20.79 -5.26
CA GLN C 236 12.71 20.53 -4.55
C GLN C 236 13.39 21.84 -4.14
N ILE C 237 13.51 22.77 -5.06
CA ILE C 237 14.16 24.05 -4.83
C ILE C 237 13.18 25.16 -5.17
N LEU C 238 13.06 26.15 -4.29
CA LEU C 238 12.44 27.40 -4.67
C LEU C 238 13.36 28.51 -4.19
N ALA C 239 14.30 28.88 -5.05
CA ALA C 239 15.17 30.00 -4.79
C ALA C 239 14.37 31.31 -4.86
N PRO C 240 14.81 32.35 -4.15
CA PRO C 240 14.08 33.62 -4.21
C PRO C 240 14.15 34.27 -5.57
N ASN C 241 13.10 35.06 -5.86
CA ASN C 241 12.84 35.67 -7.17
C ASN C 241 12.78 34.62 -8.26
N ASN C 242 12.10 33.51 -7.98
CA ASN C 242 11.95 32.44 -8.96
C ASN C 242 10.56 31.83 -8.86
N TYR C 243 10.25 31.05 -9.89
CA TYR C 243 8.99 30.35 -10.04
C TYR C 243 9.26 28.86 -10.09
N TYR C 244 8.29 28.09 -9.61
CA TYR C 244 8.28 26.66 -9.84
C TYR C 244 6.95 26.32 -10.48
N PRO C 245 6.93 25.83 -11.72
CA PRO C 245 8.09 25.67 -12.59
C PRO C 245 8.45 27.01 -13.22
N SER C 246 9.50 27.02 -14.04
CA SER C 246 9.98 28.24 -14.64
C SER C 246 8.92 28.83 -15.57
N LYS C 247 9.10 30.13 -15.84
CA LYS C 247 8.07 30.91 -16.52
C LYS C 247 7.86 30.48 -17.96
N ASN C 248 8.90 29.96 -18.60
CA ASN C 248 8.73 29.44 -19.95
C ASN C 248 7.90 28.17 -19.96
N LEU C 249 7.94 27.40 -18.89
CA LEU C 249 7.20 26.16 -18.85
C LEU C 249 5.78 26.42 -18.36
N ALA C 250 4.94 25.42 -18.51
CA ALA C 250 3.54 25.52 -18.14
C ALA C 250 3.35 25.17 -16.66
N PRO C 251 2.36 25.77 -16.00
CA PRO C 251 2.16 25.52 -14.56
C PRO C 251 1.72 24.09 -14.30
N ILE C 252 1.82 23.71 -13.04
CA ILE C 252 1.60 22.31 -12.68
C ILE C 252 0.12 22.08 -12.41
N ALA C 253 -0.26 20.81 -12.39
CA ALA C 253 -1.64 20.38 -12.29
C ALA C 253 -1.89 19.73 -10.93
N LEU C 254 -2.88 20.23 -10.22
CA LEU C 254 -3.33 19.65 -8.96
C LEU C 254 -4.74 19.13 -9.17
N ASN C 255 -4.93 17.83 -9.01
CA ASN C 255 -6.24 17.25 -9.24
C ASN C 255 -6.60 16.12 -8.27
N ALA C 256 -5.93 16.03 -7.14
CA ALA C 256 -6.05 14.85 -6.31
C ALA C 256 -6.39 15.23 -4.88
N GLN C 257 -7.00 14.28 -4.18
CA GLN C 257 -7.31 14.44 -2.76
C GLN C 257 -6.63 13.41 -1.89
N ASP C 258 -6.38 12.21 -2.39
CA ASP C 258 -5.78 11.16 -1.59
C ASP C 258 -4.31 11.46 -1.29
N ASP C 259 -3.82 10.79 -0.25
CA ASP C 259 -2.40 10.84 0.04
C ASP C 259 -1.60 10.02 -0.95
N PHE C 260 -2.23 9.11 -1.67
CA PHE C 260 -1.59 8.43 -2.77
C PHE C 260 -2.17 8.84 -4.11
N SER C 261 -2.95 9.92 -4.12
CA SER C 261 -3.41 10.62 -5.33
C SER C 261 -4.27 9.71 -6.19
N SER C 262 -5.30 9.13 -5.58
CA SER C 262 -6.17 8.21 -6.29
C SER C 262 -7.62 8.66 -6.26
N THR C 263 -7.90 9.89 -5.85
CA THR C 263 -9.26 10.39 -5.85
C THR C 263 -9.29 11.79 -6.43
N PRO C 264 -10.10 12.02 -7.45
CA PRO C 264 -10.23 13.37 -8.00
C PRO C 264 -10.98 14.29 -7.06
N ILE C 265 -10.85 15.58 -7.33
CA ILE C 265 -11.46 16.61 -6.52
C ILE C 265 -12.91 16.78 -6.96
N THR C 266 -13.84 16.48 -6.06
CA THR C 266 -15.24 16.25 -6.38
C THR C 266 -16.06 17.51 -6.12
N MET C 267 -17.02 17.77 -6.99
CA MET C 267 -17.98 18.86 -6.83
C MET C 267 -19.39 18.32 -7.08
N ASN C 268 -20.32 18.70 -6.21
CA ASN C 268 -21.70 18.27 -6.31
C ASN C 268 -22.47 19.17 -7.28
N TYR C 269 -23.80 19.08 -7.23
CA TYR C 269 -24.62 19.64 -8.29
C TYR C 269 -24.82 21.14 -8.14
N ASN C 270 -25.19 21.58 -6.94
CA ASN C 270 -25.54 22.98 -6.72
C ASN C 270 -24.31 23.87 -6.87
N GLN C 271 -23.17 23.38 -6.37
CA GLN C 271 -21.93 24.11 -6.54
C GLN C 271 -21.52 24.16 -8.01
N PHE C 272 -21.84 23.11 -8.77
CA PHE C 272 -21.54 23.12 -10.20
C PHE C 272 -22.37 24.15 -10.92
N LEU C 273 -23.65 24.25 -10.57
CA LEU C 273 -24.51 25.27 -11.17
C LEU C 273 -24.04 26.67 -10.79
N GLU C 274 -23.69 26.86 -9.52
CA GLU C 274 -23.25 28.17 -9.06
C GLU C 274 -21.92 28.56 -9.69
N LEU C 275 -21.06 27.58 -9.95
CA LEU C 275 -19.80 27.88 -10.60
C LEU C 275 -20.02 28.26 -12.06
N GLU C 276 -20.85 27.51 -12.78
CA GLU C 276 -21.11 27.89 -14.15
C GLU C 276 -21.95 29.14 -14.30
N LYS C 277 -22.61 29.58 -13.24
CA LYS C 277 -23.26 30.89 -13.30
C LYS C 277 -22.29 32.02 -12.98
N THR C 278 -21.60 31.92 -11.85
CA THR C 278 -20.88 33.05 -11.30
C THR C 278 -19.42 33.11 -11.73
N LYS C 279 -18.83 31.97 -12.06
CA LYS C 279 -17.43 31.84 -12.50
C LYS C 279 -16.44 32.36 -11.46
N GLN C 280 -16.82 32.30 -10.18
CA GLN C 280 -15.98 32.79 -9.09
C GLN C 280 -15.42 31.60 -8.35
N LEU C 281 -14.16 31.29 -8.61
CA LEU C 281 -13.48 30.16 -7.97
C LEU C 281 -12.10 30.66 -7.56
N ARG C 282 -11.92 30.87 -6.27
CA ARG C 282 -10.68 31.45 -5.78
C ARG C 282 -9.88 30.40 -5.03
N LEU C 283 -8.60 30.73 -4.84
CA LEU C 283 -7.60 29.81 -4.35
C LEU C 283 -6.85 30.48 -3.20
N ASP C 284 -6.81 29.83 -2.06
CA ASP C 284 -6.11 30.38 -0.91
C ASP C 284 -4.90 29.54 -0.54
N THR C 285 -3.86 30.21 -0.07
CA THR C 285 -2.62 29.59 0.35
C THR C 285 -2.56 29.67 1.87
N ASP C 286 -2.88 28.55 2.52
CA ASP C 286 -3.02 28.57 3.96
C ASP C 286 -1.67 28.49 4.66
N GLN C 287 -0.90 27.47 4.35
CA GLN C 287 0.43 27.35 4.93
C GLN C 287 1.30 26.53 4.00
N VAL C 288 2.61 26.68 4.15
CA VAL C 288 3.57 26.10 3.22
C VAL C 288 4.56 25.29 4.03
N TYR C 289 4.68 24.02 3.69
CA TYR C 289 5.72 23.19 4.29
C TYR C 289 7.00 23.30 3.47
N GLY C 290 8.14 23.25 4.17
CA GLY C 290 9.42 23.34 3.52
C GLY C 290 10.60 23.37 4.47
N ASN C 291 11.73 22.82 4.04
CA ASN C 291 12.86 22.57 4.92
C ASN C 291 13.99 23.56 4.70
N ILE C 292 14.93 23.56 5.64
CA ILE C 292 16.15 24.34 5.57
C ILE C 292 17.30 23.39 5.27
N ALA C 293 18.19 23.80 4.38
CA ALA C 293 19.49 23.17 4.24
C ALA C 293 20.52 24.03 4.93
N THR C 294 21.35 23.41 5.76
CA THR C 294 22.35 24.11 6.54
C THR C 294 23.75 23.78 6.06
N TYR C 295 24.67 24.70 6.32
CA TYR C 295 26.06 24.49 5.97
C TYR C 295 26.68 23.45 6.90
N ASN C 296 27.58 22.65 6.34
CA ASN C 296 28.37 21.71 7.13
C ASN C 296 29.81 22.21 7.18
N PHE C 297 30.33 22.36 8.39
CA PHE C 297 31.73 22.74 8.55
C PHE C 297 32.67 21.61 8.24
N GLU C 298 32.16 20.39 8.13
CA GLU C 298 33.01 19.24 7.84
C GLU C 298 33.57 19.32 6.43
N ASN C 299 32.69 19.32 5.43
CA ASN C 299 33.13 19.25 4.04
C ASN C 299 32.63 20.41 3.21
N GLY C 300 32.07 21.43 3.84
CA GLY C 300 31.50 22.53 3.10
C GLY C 300 30.17 22.28 2.45
N ARG C 301 29.66 21.06 2.49
CA ARG C 301 28.45 20.74 1.74
C ARG C 301 27.21 21.15 2.51
N VAL C 302 26.37 21.92 1.86
CA VAL C 302 25.13 22.35 2.50
C VAL C 302 24.13 21.22 2.35
N ARG C 303 23.63 20.73 3.47
CA ARG C 303 22.80 19.53 3.51
C ARG C 303 21.43 19.85 4.09
N VAL C 304 20.42 19.16 3.58
CA VAL C 304 19.06 19.36 4.06
C VAL C 304 18.85 18.56 5.33
N ASP C 305 18.40 19.23 6.38
CA ASP C 305 17.79 18.57 7.51
C ASP C 305 16.32 18.40 7.18
N THR C 306 15.91 17.15 7.00
CA THR C 306 14.49 16.88 6.78
C THR C 306 13.67 17.07 8.04
N GLY C 307 14.31 17.06 9.21
CA GLY C 307 13.57 17.24 10.45
C GLY C 307 13.09 18.66 10.63
N SER C 308 13.98 19.62 10.47
CA SER C 308 13.63 21.02 10.68
C SER C 308 12.87 21.58 9.50
N ASN C 309 11.98 22.53 9.79
CA ASN C 309 11.23 23.23 8.78
C ASN C 309 11.14 24.70 9.13
N TRP C 310 10.75 25.51 8.14
CA TRP C 310 10.59 26.95 8.34
C TRP C 310 9.42 27.28 9.26
N SER C 311 8.55 26.32 9.51
CA SER C 311 7.49 26.48 10.48
C SER C 311 8.02 26.77 11.87
N GLU C 312 9.21 26.25 12.19
CA GLU C 312 9.83 26.55 13.47
C GLU C 312 10.35 27.97 13.51
N VAL C 313 10.68 28.55 12.36
CA VAL C 313 11.58 29.68 12.30
C VAL C 313 10.84 30.98 12.01
N LEU C 314 9.84 30.93 11.12
CA LEU C 314 9.16 32.15 10.70
C LEU C 314 8.46 32.93 11.82
N PRO C 315 7.75 32.32 12.79
CA PRO C 315 7.23 33.15 13.88
C PRO C 315 8.32 33.68 14.80
N GLN C 316 9.46 33.01 14.87
CA GLN C 316 10.57 33.55 15.63
C GLN C 316 11.11 34.81 14.98
N ILE C 317 11.11 34.85 13.64
CA ILE C 317 11.56 36.04 12.94
C ILE C 317 10.53 37.15 13.06
N GLN C 318 9.25 36.79 12.97
CA GLN C 318 8.20 37.80 12.97
C GLN C 318 8.06 38.50 14.31
N GLU C 319 8.36 37.80 15.40
CA GLU C 319 8.17 38.38 16.72
C GLU C 319 9.40 39.12 17.23
N THR C 320 10.47 39.18 16.45
CA THR C 320 11.70 39.78 16.91
C THR C 320 12.21 40.91 16.02
N THR C 321 11.57 41.17 14.90
CA THR C 321 12.08 42.10 13.92
C THR C 321 11.05 43.20 13.64
N ALA C 322 11.53 44.25 13.01
CA ALA C 322 10.68 45.25 12.39
C ALA C 322 10.57 44.95 10.91
N ARG C 323 9.36 45.07 10.38
CA ARG C 323 9.08 44.78 8.98
C ARG C 323 8.93 46.08 8.21
N ILE C 324 9.60 46.17 7.06
CA ILE C 324 9.54 47.34 6.21
C ILE C 324 9.22 46.90 4.79
N ILE C 325 8.17 47.47 4.23
CA ILE C 325 7.75 47.19 2.86
C ILE C 325 7.97 48.45 2.05
N PHE C 326 8.55 48.29 0.86
CA PHE C 326 8.97 49.39 0.02
C PHE C 326 8.78 49.02 -1.44
N ASN C 327 8.29 49.96 -2.22
CA ASN C 327 7.90 49.68 -3.60
C ASN C 327 8.50 50.68 -4.58
N GLY C 328 9.68 51.18 -4.28
CA GLY C 328 10.31 52.09 -5.23
C GLY C 328 11.06 51.40 -6.34
N LYS C 329 11.28 50.09 -6.22
CA LYS C 329 11.90 49.32 -7.29
C LYS C 329 10.79 48.73 -8.14
N ASP C 330 10.41 49.49 -9.16
CA ASP C 330 9.48 49.08 -10.22
C ASP C 330 8.11 48.72 -9.66
N LEU C 331 7.69 49.48 -8.65
CA LEU C 331 6.34 49.46 -8.09
C LEU C 331 5.99 48.09 -7.51
N ASN C 332 6.99 47.38 -7.01
CA ASN C 332 6.83 46.03 -6.53
C ASN C 332 7.09 46.01 -5.03
N LEU C 333 6.18 45.42 -4.29
CA LEU C 333 6.25 45.41 -2.84
C LEU C 333 7.39 44.51 -2.38
N VAL C 334 8.42 45.11 -1.80
CA VAL C 334 9.58 44.41 -1.32
C VAL C 334 9.59 44.50 0.19
N GLU C 335 9.60 43.34 0.83
CA GLU C 335 9.50 43.22 2.28
C GLU C 335 10.84 42.80 2.86
N ARG C 336 11.29 43.51 3.87
CA ARG C 336 12.51 43.14 4.59
C ARG C 336 12.26 43.25 6.08
N ARG C 337 12.74 42.26 6.82
CA ARG C 337 12.65 42.25 8.28
C ARG C 337 14.04 42.46 8.85
N ILE C 338 14.13 43.41 9.78
CA ILE C 338 15.40 43.83 10.34
C ILE C 338 15.32 43.65 11.85
N ALA C 339 16.33 43.03 12.43
CA ALA C 339 16.32 42.76 13.86
C ALA C 339 16.38 44.05 14.65
N ALA C 340 15.44 44.22 15.56
CA ALA C 340 15.39 45.41 16.39
C ALA C 340 14.97 45.02 17.80
N VAL C 341 15.28 45.89 18.75
CA VAL C 341 15.27 45.53 20.16
C VAL C 341 13.86 45.63 20.72
N ASN C 342 13.43 44.56 21.40
CA ASN C 342 12.28 44.62 22.29
C ASN C 342 12.80 44.91 23.69
N PRO C 343 12.41 46.03 24.30
CA PRO C 343 12.98 46.40 25.60
C PRO C 343 12.55 45.49 26.74
N SER C 344 11.37 44.87 26.65
CA SER C 344 10.87 44.04 27.74
C SER C 344 11.44 42.63 27.71
N ASP C 345 12.31 42.31 26.75
CA ASP C 345 12.90 40.99 26.63
C ASP C 345 14.41 41.12 26.83
N PRO C 346 14.96 40.52 27.88
CA PRO C 346 16.38 40.76 28.19
C PRO C 346 17.34 40.19 27.16
N LEU C 347 17.03 39.03 26.59
CA LEU C 347 17.87 38.48 25.55
C LEU C 347 17.79 39.31 24.28
N GLU C 348 16.61 39.87 24.00
CA GLU C 348 16.45 40.67 22.80
C GLU C 348 17.17 41.99 22.90
N THR C 349 17.40 42.48 24.12
CA THR C 349 18.13 43.73 24.31
C THR C 349 19.63 43.60 24.10
N THR C 350 20.13 42.40 23.86
CA THR C 350 21.56 42.19 23.66
C THR C 350 22.03 42.55 22.27
N LYS C 351 21.12 42.97 21.40
CA LYS C 351 21.46 43.36 20.04
C LYS C 351 21.95 44.80 20.01
N PRO C 352 22.78 45.15 19.03
CA PRO C 352 23.13 46.55 18.83
C PRO C 352 21.93 47.34 18.34
N ASP C 353 21.95 48.64 18.63
CA ASP C 353 20.83 49.51 18.32
C ASP C 353 20.74 49.77 16.83
N MET C 354 19.51 49.93 16.35
CA MET C 354 19.26 50.16 14.93
C MET C 354 18.51 51.48 14.75
N THR C 355 19.16 52.45 14.13
CA THR C 355 18.44 53.61 13.67
C THR C 355 17.72 53.30 12.37
N LEU C 356 16.79 54.17 12.02
CA LEU C 356 16.01 53.96 10.81
C LEU C 356 16.86 54.16 9.56
N LYS C 357 17.74 55.15 9.58
CA LYS C 357 18.53 55.48 8.40
C LYS C 357 19.54 54.38 8.10
N GLU C 358 20.16 53.84 9.15
CA GLU C 358 21.07 52.71 8.98
C GLU C 358 20.35 51.50 8.44
N ALA C 359 19.12 51.28 8.91
CA ALA C 359 18.31 50.16 8.44
C ALA C 359 17.97 50.31 6.97
N LEU C 360 17.58 51.52 6.56
CA LEU C 360 17.27 51.79 5.17
C LEU C 360 18.50 51.71 4.28
N LYS C 361 19.66 52.01 4.86
CA LYS C 361 20.90 51.91 4.10
C LYS C 361 21.27 50.46 3.86
N ILE C 362 21.20 49.62 4.90
CA ILE C 362 21.68 48.26 4.74
C ILE C 362 20.63 47.36 4.09
N ALA C 363 19.36 47.74 4.18
CA ALA C 363 18.30 46.83 3.72
C ALA C 363 17.95 47.04 2.27
N PHE C 364 18.01 48.28 1.80
CA PHE C 364 17.54 48.63 0.47
C PHE C 364 18.65 49.13 -0.41
N GLY C 365 19.89 49.09 0.07
CA GLY C 365 20.99 49.60 -0.71
C GLY C 365 21.00 51.11 -0.81
N PHE C 366 20.45 51.80 0.18
CA PHE C 366 20.43 53.25 0.13
C PHE C 366 21.82 53.82 0.40
N ASN C 367 21.98 55.08 0.03
CA ASN C 367 23.26 55.74 0.25
C ASN C 367 23.03 57.22 0.51
N GLU C 368 24.06 57.85 1.07
CA GLU C 368 24.15 59.30 1.13
C GLU C 368 25.38 59.72 0.33
N PRO C 369 25.24 59.82 -0.99
CA PRO C 369 26.38 60.21 -1.82
C PRO C 369 26.78 61.66 -1.65
N ASN C 370 25.86 62.50 -1.17
CA ASN C 370 26.15 63.89 -0.87
C ASN C 370 25.55 64.24 0.49
N GLY C 371 25.65 63.32 1.43
CA GLY C 371 25.05 63.52 2.73
C GLY C 371 23.54 63.44 2.75
N ASN C 372 22.92 62.92 1.69
CA ASN C 372 21.47 62.87 1.58
C ASN C 372 21.04 61.47 1.18
N LEU C 373 20.11 60.92 1.95
CA LEU C 373 19.74 59.52 1.79
C LEU C 373 18.99 59.32 0.48
N GLN C 374 19.50 58.41 -0.35
CA GLN C 374 18.97 58.26 -1.68
C GLN C 374 18.83 56.80 -2.07
N TYR C 375 17.76 56.52 -2.80
CA TYR C 375 17.52 55.21 -3.36
C TYR C 375 17.78 55.55 -4.83
N GLN C 376 18.78 54.90 -5.42
CA GLN C 376 19.19 55.16 -6.80
C GLN C 376 19.50 56.67 -6.86
N GLY C 377 18.91 57.37 -7.83
CA GLY C 377 19.12 58.80 -7.96
C GLY C 377 17.99 59.63 -7.38
N LYS C 378 17.07 58.97 -6.68
CA LYS C 378 15.90 59.62 -6.12
C LYS C 378 16.10 59.95 -4.65
N ASP C 379 15.64 61.13 -4.24
CA ASP C 379 15.72 61.52 -2.85
C ASP C 379 14.70 60.74 -2.02
N ILE C 380 15.03 60.61 -0.73
CA ILE C 380 14.13 59.97 0.22
C ILE C 380 12.90 60.84 0.48
N THR C 381 13.04 62.15 0.27
CA THR C 381 11.95 63.08 0.58
C THR C 381 10.79 62.96 -0.40
N GLU C 382 10.98 62.28 -1.53
CA GLU C 382 9.88 62.00 -2.44
C GLU C 382 9.15 60.72 -2.07
N PHE C 383 9.47 60.11 -0.94
CA PHE C 383 8.78 58.94 -0.45
C PHE C 383 8.03 59.28 0.84
N ASP C 384 6.85 58.69 0.99
CA ASP C 384 6.02 58.91 2.16
C ASP C 384 5.95 57.67 3.03
N PHE C 385 5.72 57.90 4.32
CA PHE C 385 5.79 56.88 5.34
C PHE C 385 4.40 56.55 5.86
N ASN C 386 4.20 55.30 6.22
CA ASN C 386 2.93 54.81 6.71
C ASN C 386 3.19 53.81 7.81
N PHE C 387 2.38 53.88 8.86
CA PHE C 387 2.59 53.08 10.05
C PHE C 387 1.25 52.58 10.53
N ASP C 388 1.26 51.38 11.09
CA ASP C 388 0.10 50.98 11.86
C ASP C 388 0.11 51.68 13.21
N GLN C 389 -1.00 51.51 13.93
CA GLN C 389 -1.36 52.38 15.05
C GLN C 389 -0.36 52.31 16.18
N GLN C 390 0.16 51.11 16.46
CA GLN C 390 1.17 50.94 17.50
C GLN C 390 2.47 51.59 17.10
N THR C 391 2.94 51.32 15.87
CA THR C 391 4.18 51.91 15.40
C THR C 391 4.04 53.41 15.21
N SER C 392 2.89 53.86 14.73
CA SER C 392 2.66 55.30 14.58
C SER C 392 2.63 55.99 15.93
N GLN C 393 2.07 55.34 16.94
CA GLN C 393 2.09 55.88 18.29
C GLN C 393 3.51 55.97 18.84
N ASN C 394 4.32 54.95 18.57
CA ASN C 394 5.68 54.96 19.08
C ASN C 394 6.53 56.01 18.37
N ILE C 395 6.31 56.19 17.08
CA ILE C 395 7.00 57.24 16.33
C ILE C 395 6.55 58.61 16.81
N LYS C 396 5.26 58.74 17.16
CA LYS C 396 4.75 59.98 17.73
C LYS C 396 5.43 60.29 19.05
N ASN C 397 5.63 59.28 19.88
CA ASN C 397 6.30 59.47 21.16
C ASN C 397 7.77 59.83 20.98
N GLN C 398 8.44 59.19 20.01
CA GLN C 398 9.83 59.49 19.77
C GLN C 398 10.03 60.88 19.20
N LEU C 399 9.11 61.33 18.33
CA LEU C 399 9.21 62.68 17.81
C LEU C 399 8.84 63.71 18.86
N ALA C 400 7.97 63.34 19.81
CA ALA C 400 7.67 64.21 20.93
C ALA C 400 8.90 64.38 21.82
N GLU C 401 9.66 63.30 22.01
CA GLU C 401 10.85 63.40 22.83
C GLU C 401 11.97 64.13 22.12
N LEU C 402 12.06 63.99 20.80
CA LEU C 402 13.12 64.66 20.06
C LEU C 402 12.80 66.09 19.71
N ASN C 403 11.56 66.54 19.99
CA ASN C 403 11.08 67.91 19.75
C ASN C 403 11.20 68.31 18.28
N ALA C 404 11.10 67.34 17.38
CA ALA C 404 11.21 67.59 15.95
C ALA C 404 9.86 67.37 15.29
N THR C 405 9.72 67.94 14.09
CA THR C 405 8.49 67.83 13.33
C THR C 405 8.67 67.02 12.06
N ASN C 406 9.64 67.38 11.22
CA ASN C 406 9.92 66.60 10.03
C ASN C 406 10.65 65.33 10.44
N ILE C 407 10.08 64.20 10.04
CA ILE C 407 10.76 62.93 10.27
C ILE C 407 11.98 62.81 9.37
N TYR C 408 11.96 63.48 8.21
CA TYR C 408 13.01 63.33 7.20
C TYR C 408 14.32 63.95 7.66
N THR C 409 14.28 64.79 8.67
CA THR C 409 15.47 65.37 9.24
C THR C 409 16.11 64.48 10.30
N VAL C 410 15.37 63.56 10.89
CA VAL C 410 15.85 62.90 12.09
C VAL C 410 15.91 61.39 11.90
N LEU C 411 16.14 60.97 10.64
CA LEU C 411 16.13 59.56 10.28
C LEU C 411 17.28 58.78 10.90
N ASP C 412 18.36 59.48 11.26
CA ASP C 412 19.49 58.90 11.96
C ASP C 412 19.24 58.77 13.46
N LYS C 413 18.09 59.19 13.96
CA LYS C 413 17.83 59.17 15.38
C LYS C 413 16.61 58.34 15.73
N ILE C 414 15.91 57.79 14.75
CA ILE C 414 14.69 57.05 15.00
C ILE C 414 15.06 55.65 15.48
N LYS C 415 14.82 55.39 16.75
CA LYS C 415 15.11 54.07 17.30
C LYS C 415 14.01 53.10 16.92
N LEU C 416 14.40 51.97 16.36
CA LEU C 416 13.45 50.97 15.93
C LEU C 416 13.27 49.91 17.00
N ASN C 417 12.16 49.18 16.92
CA ASN C 417 11.84 48.17 17.90
C ASN C 417 11.27 46.96 17.19
N ALA C 418 11.06 45.90 17.95
CA ALA C 418 10.49 44.69 17.39
C ALA C 418 9.03 44.91 17.03
N LYS C 419 8.56 44.12 16.07
CA LYS C 419 7.17 44.07 15.60
C LYS C 419 6.69 45.39 15.00
N MET C 420 7.60 46.25 14.56
CA MET C 420 7.19 47.45 13.87
C MET C 420 6.83 47.12 12.41
N ASN C 421 6.06 48.02 11.81
CA ASN C 421 5.61 47.87 10.43
C ASN C 421 5.70 49.22 9.75
N ILE C 422 6.51 49.31 8.70
CA ILE C 422 6.84 50.57 8.05
C ILE C 422 6.59 50.41 6.56
N LEU C 423 5.60 51.12 6.03
CA LEU C 423 5.32 51.14 4.61
C LEU C 423 5.88 52.41 4.01
N ILE C 424 6.71 52.28 2.99
CA ILE C 424 7.33 53.43 2.36
C ILE C 424 6.94 53.42 0.88
N ARG C 425 6.19 54.42 0.46
CA ARG C 425 5.70 54.48 -0.90
C ARG C 425 6.22 55.73 -1.60
N ASP C 426 5.95 55.80 -2.90
CA ASP C 426 6.26 57.00 -3.66
C ASP C 426 5.16 58.02 -3.45
N LYS C 427 5.56 59.28 -3.32
CA LYS C 427 4.59 60.36 -3.18
C LYS C 427 3.88 60.70 -4.48
N ARG C 428 4.44 60.29 -5.62
CA ARG C 428 3.88 60.68 -6.90
C ARG C 428 2.57 59.94 -7.16
N PHE C 429 2.60 58.63 -7.10
CA PHE C 429 1.49 57.84 -7.60
C PHE C 429 0.38 57.77 -6.57
N HIS C 430 -0.82 57.40 -7.03
CA HIS C 430 -1.94 57.19 -6.14
C HIS C 430 -2.09 55.70 -5.90
N TYR C 431 -2.52 55.34 -4.70
CA TYR C 431 -2.56 53.95 -4.29
C TYR C 431 -3.97 53.57 -3.90
N ASP C 432 -4.27 52.29 -4.07
CA ASP C 432 -5.55 51.68 -3.77
C ASP C 432 -5.54 51.06 -2.37
N ARG C 433 -6.57 50.27 -2.07
CA ARG C 433 -6.65 49.54 -0.81
C ARG C 433 -5.46 48.59 -0.65
N ASN C 434 -5.10 47.88 -1.72
CA ASN C 434 -4.03 46.90 -1.70
C ASN C 434 -2.65 47.52 -1.92
N ASN C 435 -2.55 48.85 -1.88
CA ASN C 435 -1.29 49.61 -2.00
C ASN C 435 -0.54 49.30 -3.29
N ILE C 436 -1.29 49.15 -4.36
CA ILE C 436 -0.74 49.01 -5.70
C ILE C 436 -0.71 50.41 -6.30
N ALA C 437 0.24 50.68 -7.19
CA ALA C 437 0.28 51.96 -7.87
C ALA C 437 -0.81 51.99 -8.94
N VAL C 438 -1.72 52.94 -8.85
CA VAL C 438 -2.91 52.97 -9.70
C VAL C 438 -2.92 54.14 -10.67
N GLY C 439 -2.22 55.23 -10.39
CA GLY C 439 -2.38 56.44 -11.18
C GLY C 439 -1.64 57.64 -10.61
N ALA C 440 -1.10 58.48 -11.48
CA ALA C 440 -0.32 59.64 -11.07
C ALA C 440 -1.16 60.91 -11.18
N ASP C 441 -0.51 62.04 -10.97
CA ASP C 441 -1.05 63.32 -11.38
C ASP C 441 -0.73 63.56 -12.85
N GLU C 442 -1.39 64.58 -13.42
CA GLU C 442 -1.25 64.87 -14.85
C GLU C 442 0.16 65.36 -15.20
N SER C 443 0.74 66.20 -14.34
CA SER C 443 2.10 66.72 -14.48
C SER C 443 3.18 65.66 -14.69
N VAL C 444 2.98 64.47 -14.12
CA VAL C 444 3.96 63.40 -14.18
C VAL C 444 3.81 62.57 -15.46
N VAL C 445 2.56 62.26 -15.79
CA VAL C 445 2.24 61.44 -16.97
C VAL C 445 2.70 62.14 -18.25
N LYS C 446 2.50 63.46 -18.33
CA LYS C 446 2.93 64.23 -19.49
C LYS C 446 4.45 64.26 -19.62
N GLU C 447 5.15 64.43 -18.49
CA GLU C 447 6.60 64.52 -18.40
C GLU C 447 7.33 63.30 -18.98
N ALA C 448 6.71 62.13 -18.87
CA ALA C 448 7.33 60.91 -19.38
C ALA C 448 7.11 60.71 -20.87
N HIS C 449 6.20 61.47 -21.47
CA HIS C 449 5.86 61.34 -22.88
C HIS C 449 6.46 62.43 -23.76
N ARG C 450 7.49 63.14 -23.27
CA ARG C 450 8.08 64.26 -24.01
C ARG C 450 9.18 63.75 -24.95
N GLU C 451 9.22 62.44 -25.20
CA GLU C 451 10.25 61.86 -26.05
C GLU C 451 9.54 61.06 -27.14
N VAL C 452 9.43 61.67 -28.32
CA VAL C 452 8.81 61.04 -29.49
C VAL C 452 9.92 60.60 -30.43
N ILE C 453 9.84 59.35 -30.88
CA ILE C 453 10.88 58.75 -31.72
C ILE C 453 10.43 58.63 -33.17
N ASN C 454 9.30 57.96 -33.41
CA ASN C 454 8.79 57.75 -34.76
C ASN C 454 7.35 58.22 -34.83
N SER C 455 7.08 59.14 -35.76
CA SER C 455 5.73 59.62 -36.02
C SER C 455 5.24 59.03 -37.34
N SER C 456 4.16 58.26 -37.28
CA SER C 456 3.57 57.65 -38.46
C SER C 456 2.06 57.62 -38.30
N THR C 457 1.37 57.36 -39.40
CA THR C 457 -0.07 57.15 -39.37
C THR C 457 -0.43 55.73 -38.98
N GLU C 458 0.57 54.90 -38.72
CA GLU C 458 0.40 53.51 -38.29
C GLU C 458 0.58 53.36 -36.79
N GLY C 459 1.53 54.08 -36.21
CA GLY C 459 1.66 54.07 -34.77
C GLY C 459 2.55 55.20 -34.27
N LEU C 460 2.85 55.12 -32.98
CA LEU C 460 3.75 56.05 -32.32
C LEU C 460 4.77 55.27 -31.52
N LEU C 461 6.03 55.65 -31.64
CA LEU C 461 7.13 55.06 -30.89
C LEU C 461 7.66 56.10 -29.92
N LEU C 462 7.58 55.80 -28.63
CA LEU C 462 8.06 56.72 -27.60
C LEU C 462 8.95 55.97 -26.64
N ASN C 463 9.80 56.72 -25.96
CA ASN C 463 10.65 56.22 -24.89
C ASN C 463 9.99 56.44 -23.53
N ILE C 464 8.78 55.90 -23.37
CA ILE C 464 8.02 56.04 -22.13
C ILE C 464 8.73 55.34 -20.98
N ASP C 465 8.80 56.01 -19.83
CA ASP C 465 9.45 55.49 -18.64
C ASP C 465 8.72 54.25 -18.11
N LYS C 466 9.50 53.19 -17.86
CA LYS C 466 9.03 51.86 -17.45
C LYS C 466 8.14 51.88 -16.21
N ASP C 467 8.47 52.70 -15.22
CA ASP C 467 7.64 52.88 -14.04
C ASP C 467 6.27 53.45 -14.39
N ILE C 468 6.29 54.59 -15.09
CA ILE C 468 5.11 55.35 -15.52
C ILE C 468 4.08 54.52 -16.27
N ARG C 469 4.51 53.84 -17.34
CA ARG C 469 3.63 53.02 -18.18
C ARG C 469 2.83 51.95 -17.44
N LYS C 470 3.34 51.48 -16.30
CA LYS C 470 2.69 50.43 -15.54
C LYS C 470 1.41 50.86 -14.82
N ILE C 471 1.06 52.15 -14.81
CA ILE C 471 -0.18 52.60 -14.19
C ILE C 471 -1.19 53.08 -15.21
N LEU C 472 -0.93 52.84 -16.49
CA LEU C 472 -1.81 53.27 -17.57
C LEU C 472 -2.49 52.04 -18.16
N SER C 473 -3.82 52.03 -18.13
CA SER C 473 -4.57 50.91 -18.67
C SER C 473 -4.48 50.86 -20.19
N GLY C 474 -4.70 51.99 -20.84
CA GLY C 474 -4.73 52.01 -22.30
C GLY C 474 -4.73 53.43 -22.82
N TYR C 475 -5.02 53.55 -24.12
CA TYR C 475 -4.93 54.82 -24.82
C TYR C 475 -6.20 55.12 -25.60
N ILE C 476 -6.43 56.42 -25.85
CA ILE C 476 -7.57 56.92 -26.61
C ILE C 476 -7.02 57.73 -27.79
N VAL C 477 -7.50 57.43 -29.00
CA VAL C 477 -7.06 58.13 -30.21
C VAL C 477 -8.25 58.84 -30.83
N GLU C 478 -8.20 60.17 -30.91
CA GLU C 478 -9.22 60.95 -31.59
C GLU C 478 -8.56 61.93 -32.56
N ILE C 479 -9.41 62.65 -33.31
CA ILE C 479 -8.99 63.62 -34.32
C ILE C 479 -9.82 64.89 -34.11
N GLU C 480 -9.14 66.03 -33.98
CA GLU C 480 -9.80 67.31 -33.73
C GLU C 480 -9.84 68.15 -35.00
N ASP C 481 -11.01 68.73 -35.27
CA ASP C 481 -11.19 69.66 -36.38
C ASP C 481 -10.47 70.98 -36.06
N THR C 482 -10.26 71.79 -37.12
CA THR C 482 -9.71 73.13 -36.95
C THR C 482 -10.68 74.07 -36.23
N GLU C 483 -11.97 73.77 -36.25
CA GLU C 483 -12.95 74.41 -35.37
C GLU C 483 -13.19 73.59 -34.12
N GLY C 484 -12.99 72.29 -34.19
CA GLY C 484 -13.11 71.42 -33.03
C GLY C 484 -14.23 70.41 -33.11
N LEU C 485 -13.86 69.17 -33.47
CA LEU C 485 -14.74 68.02 -33.38
C LEU C 485 -14.08 66.94 -32.54
N LYS C 486 -14.86 65.95 -32.14
CA LYS C 486 -14.38 64.82 -31.32
C LYS C 486 -14.80 63.54 -32.03
N GLU C 487 -13.96 63.11 -32.97
CA GLU C 487 -14.14 61.85 -33.70
C GLU C 487 -13.08 60.87 -33.21
N VAL C 488 -13.52 59.85 -32.48
CA VAL C 488 -12.61 58.93 -31.81
C VAL C 488 -12.53 57.66 -32.62
N ILE C 489 -11.30 57.28 -33.01
CA ILE C 489 -11.05 56.06 -33.76
C ILE C 489 -11.42 54.84 -32.93
N ASN C 490 -10.77 54.69 -31.77
CA ASN C 490 -11.01 53.55 -30.89
C ASN C 490 -12.02 53.94 -29.82
N ASP C 491 -13.28 54.09 -30.22
CA ASP C 491 -14.32 54.63 -29.34
C ASP C 491 -15.11 53.49 -28.70
N ARG C 492 -14.40 52.71 -27.88
CA ARG C 492 -15.01 51.72 -27.01
C ARG C 492 -14.14 51.59 -25.76
N TYR C 493 -14.79 51.14 -24.68
CA TYR C 493 -14.11 50.89 -23.41
C TYR C 493 -13.02 49.82 -23.55
N ASP C 494 -13.23 48.84 -24.43
CA ASP C 494 -12.27 47.75 -24.63
C ASP C 494 -11.45 47.90 -25.91
N MET C 495 -11.36 49.11 -26.46
CA MET C 495 -10.47 49.41 -27.58
C MET C 495 -9.30 50.28 -27.13
N LEU C 496 -8.92 50.15 -25.86
CA LEU C 496 -7.86 50.98 -25.29
C LEU C 496 -6.49 50.34 -25.41
N ASN C 497 -6.40 49.01 -25.37
CA ASN C 497 -5.13 48.32 -25.38
C ASN C 497 -4.51 48.37 -26.78
N ILE C 498 -3.61 49.32 -27.01
CA ILE C 498 -2.88 49.43 -28.26
C ILE C 498 -1.39 49.49 -27.94
N SER C 499 -1.06 49.86 -26.71
CA SER C 499 0.31 50.12 -26.29
C SER C 499 1.08 48.81 -26.16
N SER C 500 2.00 48.56 -27.08
CA SER C 500 2.92 47.44 -27.04
C SER C 500 4.29 47.91 -26.57
N LEU C 501 5.07 46.98 -26.02
CA LEU C 501 6.41 47.28 -25.51
C LEU C 501 7.44 46.46 -26.27
N ARG C 502 8.23 47.13 -27.10
CA ARG C 502 9.30 46.46 -27.81
C ARG C 502 10.43 46.11 -26.84
N GLN C 503 11.27 45.15 -27.24
CA GLN C 503 12.36 44.72 -26.38
C GLN C 503 13.54 45.69 -26.37
N ASP C 504 13.50 46.78 -27.15
CA ASP C 504 14.57 47.76 -27.13
C ASP C 504 14.42 48.80 -26.01
N GLY C 505 13.36 48.72 -25.21
CA GLY C 505 13.11 49.72 -24.19
C GLY C 505 12.32 50.91 -24.66
N LYS C 506 11.48 50.75 -25.67
CA LYS C 506 10.66 51.84 -26.20
C LYS C 506 9.24 51.33 -26.40
N THR C 507 8.29 51.97 -25.71
CA THR C 507 6.89 51.59 -25.81
C THR C 507 6.34 52.01 -27.17
N PHE C 508 5.58 51.12 -27.80
CA PHE C 508 5.07 51.36 -29.15
C PHE C 508 3.56 51.39 -29.14
N ILE C 509 3.01 52.49 -29.63
CA ILE C 509 1.57 52.69 -29.81
C ILE C 509 1.23 52.25 -31.22
N ASP C 510 0.02 51.72 -31.42
CA ASP C 510 -0.40 51.23 -32.73
C ASP C 510 -1.82 51.67 -33.01
N PHE C 511 -2.01 52.47 -34.07
CA PHE C 511 -3.36 52.86 -34.47
C PHE C 511 -4.05 51.73 -35.23
N LYS C 512 -3.26 50.91 -35.94
CA LYS C 512 -3.80 49.96 -36.92
C LYS C 512 -4.64 48.85 -36.27
N LYS C 513 -4.30 48.48 -35.02
CA LYS C 513 -4.97 47.36 -34.33
C LYS C 513 -6.47 47.55 -34.20
N TYR C 514 -6.93 48.78 -34.01
CA TYR C 514 -8.36 49.02 -33.92
C TYR C 514 -8.83 49.98 -35.02
N ASN C 515 -8.31 49.76 -36.23
CA ASN C 515 -8.78 50.52 -37.39
C ASN C 515 -8.98 49.60 -38.59
N ASP C 516 -9.20 48.29 -38.35
CA ASP C 516 -9.37 47.25 -39.38
C ASP C 516 -8.16 47.17 -40.30
N LYS C 517 -6.99 47.00 -39.66
CA LYS C 517 -5.68 46.71 -40.26
C LYS C 517 -5.11 47.87 -41.08
N LEU C 518 -5.84 48.98 -41.17
CA LEU C 518 -5.48 50.15 -41.96
C LEU C 518 -4.96 51.27 -41.07
N PRO C 519 -4.03 52.11 -41.58
CA PRO C 519 -3.62 53.31 -40.86
C PRO C 519 -4.72 54.36 -40.69
N LEU C 520 -4.39 55.44 -39.99
CA LEU C 520 -5.34 56.53 -39.73
C LEU C 520 -5.80 57.20 -41.02
N TYR C 521 -6.86 57.98 -40.90
CA TYR C 521 -7.49 58.64 -42.04
C TYR C 521 -7.34 60.15 -41.87
N ILE C 522 -6.41 60.74 -42.62
CA ILE C 522 -6.18 62.18 -42.57
C ILE C 522 -6.98 62.79 -43.71
N SER C 523 -8.18 63.28 -43.38
CA SER C 523 -9.03 63.95 -44.36
C SER C 523 -8.47 65.29 -44.80
N ASN C 524 -7.74 65.96 -43.92
CA ASN C 524 -7.10 67.24 -44.17
C ASN C 524 -5.82 67.25 -43.35
N PRO C 525 -4.65 67.49 -43.96
CA PRO C 525 -3.40 67.50 -43.18
C PRO C 525 -3.20 68.71 -42.28
N ASN C 526 -4.23 69.51 -42.05
CA ASN C 526 -4.18 70.58 -41.07
C ASN C 526 -4.99 70.28 -39.82
N TYR C 527 -5.49 69.05 -39.64
CA TYR C 527 -6.19 68.69 -38.41
C TYR C 527 -5.18 68.46 -37.28
N LYS C 528 -5.71 67.99 -36.15
CA LYS C 528 -4.93 67.61 -34.99
C LYS C 528 -5.18 66.13 -34.70
N VAL C 529 -4.09 65.38 -34.54
CA VAL C 529 -4.16 63.97 -34.19
C VAL C 529 -3.86 63.87 -32.69
N ASN C 530 -4.90 63.61 -31.91
CA ASN C 530 -4.78 63.55 -30.47
C ASN C 530 -4.69 62.11 -30.00
N VAL C 531 -3.76 61.85 -29.09
CA VAL C 531 -3.64 60.55 -28.42
C VAL C 531 -3.64 60.81 -26.92
N TYR C 532 -4.58 60.18 -26.21
CA TYR C 532 -4.81 60.39 -24.79
C TYR C 532 -4.64 59.07 -24.07
N ALA C 533 -4.33 59.12 -22.77
CA ALA C 533 -4.09 57.92 -21.97
C ALA C 533 -5.04 57.84 -20.79
N VAL C 534 -5.23 56.62 -20.30
CA VAL C 534 -6.21 56.31 -19.25
C VAL C 534 -5.49 55.61 -18.11
N THR C 535 -5.52 56.20 -16.91
CA THR C 535 -4.99 55.55 -15.73
C THR C 535 -5.90 54.42 -15.28
N LYS C 536 -5.33 53.51 -14.47
CA LYS C 536 -6.09 52.39 -13.91
C LYS C 536 -7.20 52.87 -12.96
N GLU C 537 -6.97 53.97 -12.25
CA GLU C 537 -8.00 54.50 -11.37
C GLU C 537 -9.15 55.15 -12.14
N ASN C 538 -8.96 55.46 -13.42
CA ASN C 538 -10.00 56.08 -14.23
C ASN C 538 -10.62 55.13 -15.25
N THR C 539 -10.00 53.97 -15.50
CA THR C 539 -10.50 53.08 -16.55
C THR C 539 -11.79 52.39 -16.12
N ILE C 540 -12.56 51.98 -17.12
CA ILE C 540 -13.74 51.16 -16.90
C ILE C 540 -13.52 49.81 -17.58
N ILE C 541 -14.27 48.81 -17.12
CA ILE C 541 -14.07 47.43 -17.54
C ILE C 541 -15.38 46.81 -18.02
N ASN C 542 -16.45 47.59 -17.93
CA ASN C 542 -17.77 47.19 -18.40
C ASN C 542 -18.49 48.44 -18.88
N PRO C 543 -19.49 48.30 -19.75
CA PRO C 543 -20.30 49.46 -20.15
C PRO C 543 -21.08 50.05 -18.99
N SER C 544 -21.60 51.26 -19.20
CA SER C 544 -22.43 51.95 -18.22
C SER C 544 -23.79 51.28 -18.02
N GLU C 545 -24.63 51.94 -17.21
CA GLU C 545 -25.98 51.45 -16.90
C GLU C 545 -26.81 51.08 -18.12
N ASN C 546 -27.05 52.03 -19.02
CA ASN C 546 -27.93 51.75 -20.15
C ASN C 546 -27.29 50.89 -21.24
N GLY C 547 -26.35 51.44 -22.01
CA GLY C 547 -25.64 50.67 -23.01
C GLY C 547 -24.27 51.17 -23.39
N ASP C 548 -23.67 52.05 -22.58
CA ASP C 548 -22.60 52.92 -23.07
C ASP C 548 -21.26 52.23 -23.27
N THR C 549 -21.03 51.76 -24.49
CA THR C 549 -19.77 51.17 -24.91
C THR C 549 -18.85 52.20 -25.56
N SER C 550 -18.82 53.43 -25.06
CA SER C 550 -18.04 54.51 -25.67
C SER C 550 -17.01 55.07 -24.70
N THR C 551 -16.09 55.87 -25.24
CA THR C 551 -15.04 56.53 -24.47
C THR C 551 -15.50 57.89 -23.93
N ASN C 552 -16.81 58.08 -23.81
CA ASN C 552 -17.40 59.35 -23.42
C ASN C 552 -17.07 59.70 -21.97
N GLY C 553 -17.49 58.85 -21.04
CA GLY C 553 -17.23 59.10 -19.62
C GLY C 553 -15.94 58.51 -19.11
N ILE C 554 -14.79 59.00 -19.61
CA ILE C 554 -13.48 58.54 -19.17
C ILE C 554 -12.60 59.77 -18.94
N LYS C 555 -11.86 59.77 -17.83
CA LYS C 555 -11.00 60.89 -17.45
C LYS C 555 -9.68 60.75 -18.20
N LYS C 556 -9.69 61.28 -19.42
CA LYS C 556 -8.55 61.22 -20.32
C LYS C 556 -7.54 62.33 -19.99
N ILE C 557 -6.30 62.12 -20.44
CA ILE C 557 -5.18 63.00 -20.12
C ILE C 557 -4.43 63.29 -21.42
N LEU C 558 -4.09 64.56 -21.64
CA LEU C 558 -3.47 65.02 -22.88
C LEU C 558 -1.99 64.58 -22.90
N ILE C 559 -1.65 63.63 -23.75
CA ILE C 559 -0.26 63.24 -23.97
C ILE C 559 0.26 63.71 -25.33
N PHE C 560 -0.51 63.53 -26.40
CA PHE C 560 0.00 63.74 -27.75
C PHE C 560 -0.97 64.64 -28.50
N SER C 561 -0.44 65.72 -29.06
CA SER C 561 -1.23 66.61 -29.92
C SER C 561 -0.34 67.28 -30.96
N LYS C 562 -0.25 66.70 -32.15
CA LYS C 562 0.54 67.26 -33.23
C LYS C 562 -0.32 67.38 -34.49
N LYS C 563 0.11 68.23 -35.40
CA LYS C 563 -0.59 68.45 -36.66
C LYS C 563 -0.40 67.25 -37.60
N GLY C 564 -1.10 67.31 -38.73
CA GLY C 564 -1.09 66.21 -39.68
C GLY C 564 0.04 66.27 -40.68
N TYR C 565 0.60 67.46 -40.89
CA TYR C 565 1.76 67.62 -41.76
C TYR C 565 3.08 67.42 -41.03
N GLU C 566 3.02 67.12 -39.74
CA GLU C 566 4.22 66.92 -38.92
C GLU C 566 4.39 65.46 -38.51
N ILE C 567 3.71 64.55 -39.21
CA ILE C 567 3.73 63.13 -38.87
C ILE C 567 4.27 62.36 -40.08
N GLY C 568 3.60 62.51 -41.22
CA GLY C 568 4.04 61.88 -42.45
C GLY C 568 2.92 61.67 -43.45
N THR D 7 31.50 24.87 44.36
CA THR D 7 30.39 24.49 43.49
C THR D 7 29.05 24.76 44.16
N VAL D 8 28.29 25.69 43.59
CA VAL D 8 27.00 26.08 44.16
C VAL D 8 25.95 25.05 43.73
N PRO D 9 25.05 24.64 44.62
CA PRO D 9 24.04 23.64 44.24
C PRO D 9 22.88 24.21 43.44
N ASP D 10 22.36 23.37 42.54
CA ASP D 10 21.12 23.60 41.79
C ASP D 10 20.48 22.23 41.64
N ARG D 11 19.63 21.87 42.60
CA ARG D 11 19.02 20.55 42.61
C ARG D 11 18.07 20.38 41.45
N ASP D 12 17.35 21.45 41.11
CA ASP D 12 16.43 21.46 39.98
C ASP D 12 17.14 21.43 38.63
N ASN D 13 18.47 21.61 38.61
CA ASN D 13 19.33 21.41 37.45
C ASN D 13 18.98 22.35 36.31
N ASP D 14 18.31 23.44 36.63
CA ASP D 14 17.85 24.40 35.64
C ASP D 14 18.82 25.54 35.44
N GLY D 15 20.08 25.36 35.83
CA GLY D 15 21.10 26.34 35.56
C GLY D 15 21.08 27.52 36.49
N ILE D 16 20.25 27.49 37.52
CA ILE D 16 20.09 28.59 38.45
C ILE D 16 20.05 28.03 39.87
N PRO D 17 20.89 28.54 40.75
CA PRO D 17 21.05 27.93 42.07
C PRO D 17 19.82 28.11 42.95
N ASP D 18 19.83 27.33 44.03
CA ASP D 18 18.61 27.09 44.78
C ASP D 18 18.28 28.25 45.71
N SER D 19 19.31 28.80 46.34
CA SER D 19 19.12 29.92 47.26
C SER D 19 18.62 31.16 46.55
N LEU D 20 19.00 31.35 45.29
CA LEU D 20 18.51 32.49 44.55
C LEU D 20 17.03 32.33 44.23
N GLU D 21 16.62 31.12 43.83
CA GLU D 21 15.20 30.86 43.55
C GLU D 21 14.37 30.98 44.80
N VAL D 22 14.94 30.65 45.95
CA VAL D 22 14.21 30.82 47.21
C VAL D 22 14.11 32.28 47.58
N GLU D 23 15.24 32.98 47.61
CA GLU D 23 15.33 34.27 48.27
C GLU D 23 15.08 35.44 47.34
N GLY D 24 14.94 35.19 46.06
CA GLY D 24 14.69 36.30 45.18
C GLY D 24 15.89 36.61 44.30
N TYR D 25 15.62 36.94 43.06
CA TYR D 25 16.68 37.20 42.09
C TYR D 25 16.09 38.04 40.96
N THR D 26 16.94 38.33 39.98
CA THR D 26 16.57 39.09 38.81
C THR D 26 17.61 38.86 37.72
N VAL D 27 17.26 39.29 36.51
CA VAL D 27 18.14 39.24 35.35
C VAL D 27 18.34 40.66 34.88
N ASP D 28 19.59 41.05 34.65
CA ASP D 28 19.86 42.42 34.24
C ASP D 28 20.98 42.46 33.22
N VAL D 29 20.76 43.21 32.15
CA VAL D 29 21.83 43.45 31.19
C VAL D 29 22.68 44.60 31.70
N LYS D 30 23.98 44.54 31.40
CA LYS D 30 24.88 45.61 31.78
C LYS D 30 25.39 46.38 30.57
N ASN D 31 26.05 45.71 29.64
CA ASN D 31 26.46 46.37 28.42
C ASN D 31 25.73 45.79 27.23
N LYS D 32 25.91 44.51 26.96
CA LYS D 32 25.06 43.74 26.06
C LYS D 32 24.87 42.33 26.60
N ARG D 33 25.01 42.15 27.90
CA ARG D 33 25.14 40.81 28.46
C ARG D 33 24.24 40.64 29.67
N THR D 34 23.48 39.55 29.65
CA THR D 34 22.53 39.24 30.71
C THR D 34 23.26 38.64 31.89
N PHE D 35 23.00 39.19 33.07
CA PHE D 35 23.64 38.78 34.31
C PHE D 35 22.56 38.40 35.30
N LEU D 36 22.73 37.24 35.93
CA LEU D 36 21.73 36.70 36.85
C LEU D 36 22.10 37.16 38.25
N SER D 37 21.52 38.22 38.64
CA SER D 37 21.85 38.70 39.98
C SER D 37 20.86 38.16 40.99
N PRO D 38 21.27 38.00 42.24
CA PRO D 38 20.31 37.91 43.33
C PRO D 38 19.68 39.27 43.57
N TRP D 39 18.57 39.26 44.28
CA TRP D 39 17.78 40.47 44.45
C TRP D 39 18.47 41.44 45.42
N ILE D 40 18.68 42.66 44.96
CA ILE D 40 19.12 43.78 45.79
C ILE D 40 18.13 44.91 45.59
N SER D 41 17.53 45.37 46.68
CA SER D 41 16.47 46.37 46.58
C SER D 41 17.01 47.78 46.33
N ASN D 42 18.31 48.01 46.51
CA ASN D 42 18.83 49.35 46.32
C ASN D 42 18.96 49.72 44.87
N ILE D 43 19.15 48.73 44.01
CA ILE D 43 19.51 48.96 42.62
C ILE D 43 18.41 48.50 41.69
N HIS D 44 17.95 47.27 41.86
CA HIS D 44 17.06 46.65 40.90
C HIS D 44 15.64 47.17 41.04
N GLU D 45 15.28 47.63 42.23
CA GLU D 45 13.99 48.26 42.45
C GLU D 45 13.92 49.61 41.78
N LYS D 46 15.03 50.35 41.77
CA LYS D 46 15.06 51.64 41.10
C LYS D 46 15.01 51.47 39.60
N LYS D 47 15.53 50.35 39.09
CA LYS D 47 15.47 50.10 37.66
C LYS D 47 14.13 49.56 37.22
N GLY D 48 13.28 49.15 38.16
CA GLY D 48 12.01 48.57 37.81
C GLY D 48 12.06 47.10 37.52
N LEU D 49 13.13 46.42 37.92
CA LEU D 49 13.26 45.00 37.67
C LEU D 49 12.35 44.22 38.61
N THR D 50 11.80 43.14 38.11
CA THR D 50 10.83 42.37 38.88
C THR D 50 11.55 41.27 39.65
N LYS D 51 11.32 41.24 40.96
CA LYS D 51 11.91 40.21 41.80
C LYS D 51 11.26 38.87 41.52
N TYR D 52 12.08 37.83 41.36
CA TYR D 52 11.63 36.52 40.92
C TYR D 52 11.89 35.50 42.00
N LYS D 53 10.91 34.65 42.26
CA LYS D 53 11.07 33.49 43.13
C LYS D 53 10.51 32.27 42.45
N SER D 54 11.16 31.13 42.66
CA SER D 54 10.72 29.89 42.03
C SER D 54 11.22 28.72 42.86
N SER D 55 10.93 27.53 42.37
CA SER D 55 11.25 26.37 43.17
C SER D 55 12.73 25.99 43.03
N PRO D 56 13.37 25.64 44.13
CA PRO D 56 14.73 25.11 44.07
C PRO D 56 14.79 23.69 43.59
N GLU D 57 13.65 23.00 43.51
CA GLU D 57 13.65 21.62 43.09
C GLU D 57 12.84 21.37 41.85
N LYS D 58 12.18 22.38 41.30
CA LYS D 58 11.49 22.22 40.03
C LYS D 58 12.31 22.88 38.94
N TRP D 59 12.70 22.09 37.95
CA TRP D 59 13.30 22.59 36.73
C TRP D 59 12.35 23.55 36.03
N SER D 60 11.06 23.26 36.09
CA SER D 60 10.01 24.16 35.65
C SER D 60 9.03 24.27 36.80
N THR D 61 9.01 25.43 37.46
CA THR D 61 8.17 25.61 38.64
C THR D 61 6.70 25.61 38.28
N ALA D 62 6.36 26.09 37.09
CA ALA D 62 4.98 26.02 36.63
C ALA D 62 4.67 24.72 35.91
N SER D 63 5.63 23.81 35.80
CA SER D 63 5.56 22.48 35.18
C SER D 63 5.29 22.53 33.68
N ASP D 64 5.21 23.70 33.08
CA ASP D 64 5.16 23.86 31.64
C ASP D 64 6.50 23.42 31.04
N PRO D 65 6.55 23.04 29.74
CA PRO D 65 7.80 22.53 29.18
C PRO D 65 8.85 23.61 28.87
N TYR D 66 9.09 24.48 29.85
CA TYR D 66 10.05 25.56 29.74
C TYR D 66 10.64 25.76 31.11
N SER D 67 11.98 25.87 31.18
CA SER D 67 12.62 25.99 32.47
C SER D 67 12.36 27.36 33.06
N ASP D 68 12.73 27.48 34.33
CA ASP D 68 12.68 28.78 34.99
C ASP D 68 13.69 29.73 34.35
N PHE D 69 14.88 29.21 34.05
CA PHE D 69 15.97 30.02 33.52
C PHE D 69 15.68 30.48 32.10
N GLU D 70 15.11 29.61 31.28
CA GLU D 70 14.73 30.00 29.92
C GLU D 70 13.66 31.08 29.95
N LYS D 71 12.77 30.99 30.94
CA LYS D 71 11.66 31.92 31.00
C LYS D 71 12.10 33.28 31.50
N VAL D 72 13.08 33.32 32.40
CA VAL D 72 13.56 34.61 32.85
C VAL D 72 14.63 35.17 31.93
N THR D 73 15.31 34.32 31.18
CA THR D 73 16.39 34.77 30.33
C THR D 73 15.84 35.31 29.01
N GLY D 74 14.82 34.65 28.49
CA GLY D 74 14.30 34.96 27.18
C GLY D 74 14.68 33.96 26.12
N ARG D 75 15.43 32.92 26.46
CA ARG D 75 15.80 31.88 25.49
C ARG D 75 14.66 30.87 25.38
N ILE D 76 13.60 31.34 24.72
CA ILE D 76 12.32 30.66 24.71
C ILE D 76 11.70 30.92 23.34
N ASP D 77 10.68 30.12 23.01
CA ASP D 77 9.78 30.46 21.92
C ASP D 77 9.16 31.82 22.20
N LYS D 78 9.38 32.77 21.29
CA LYS D 78 8.96 34.13 21.52
C LYS D 78 7.46 34.32 21.35
N ASN D 79 6.76 33.31 20.84
CA ASN D 79 5.30 33.39 20.75
C ASN D 79 4.63 33.24 22.10
N VAL D 80 5.38 32.86 23.13
CA VAL D 80 4.89 32.91 24.50
C VAL D 80 4.57 34.35 24.85
N SER D 81 3.38 34.57 25.41
CA SER D 81 2.93 35.89 25.81
C SER D 81 3.84 36.47 26.89
N PRO D 82 3.98 37.80 26.93
CA PRO D 82 4.91 38.40 27.90
C PRO D 82 4.49 38.21 29.34
N GLU D 83 3.18 38.19 29.62
CA GLU D 83 2.75 37.93 30.98
C GLU D 83 2.97 36.49 31.39
N ALA D 84 3.21 35.59 30.44
CA ALA D 84 3.62 34.24 30.77
C ALA D 84 5.12 34.11 30.94
N ARG D 85 5.86 35.22 30.86
CA ARG D 85 7.29 35.12 31.08
C ARG D 85 7.65 35.09 32.55
N HIS D 86 6.68 35.21 33.44
CA HIS D 86 6.96 35.02 34.85
C HIS D 86 6.92 33.54 35.20
N PRO D 87 7.84 33.06 36.05
CA PRO D 87 7.93 31.61 36.31
C PRO D 87 6.73 31.04 37.01
N LEU D 88 6.03 31.83 37.81
CA LEU D 88 4.84 31.33 38.48
C LEU D 88 3.61 31.42 37.59
N VAL D 89 3.76 31.88 36.36
CA VAL D 89 2.67 31.95 35.40
C VAL D 89 2.85 30.83 34.40
N ALA D 90 1.82 30.00 34.25
CA ALA D 90 1.87 28.89 33.33
C ALA D 90 1.75 29.37 31.89
N ALA D 91 2.30 28.59 30.98
CA ALA D 91 2.24 28.88 29.54
C ALA D 91 1.71 27.64 28.84
N TYR D 92 0.53 27.74 28.24
CA TYR D 92 -0.08 26.57 27.64
C TYR D 92 -1.07 27.02 26.58
N PRO D 93 -1.28 26.24 25.54
CA PRO D 93 -2.30 26.58 24.53
C PRO D 93 -3.69 26.17 24.98
N ILE D 94 -4.66 26.93 24.49
CA ILE D 94 -6.07 26.61 24.63
C ILE D 94 -6.65 26.65 23.23
N VAL D 95 -7.01 25.49 22.72
CA VAL D 95 -7.46 25.35 21.35
C VAL D 95 -8.88 24.80 21.36
N HIS D 96 -9.77 25.46 20.63
CA HIS D 96 -11.09 24.93 20.37
C HIS D 96 -11.49 25.30 18.96
N VAL D 97 -12.32 24.46 18.37
CA VAL D 97 -12.67 24.55 16.96
C VAL D 97 -14.08 25.09 16.84
N ASP D 98 -14.28 26.07 15.97
CA ASP D 98 -15.60 26.54 15.61
C ASP D 98 -15.95 26.04 14.21
N MET D 99 -17.25 26.01 13.92
CA MET D 99 -17.77 25.48 12.67
C MET D 99 -18.53 26.59 11.97
N GLU D 100 -18.02 27.03 10.83
CA GLU D 100 -18.69 28.15 10.19
C GLU D 100 -19.80 27.70 9.25
N ASN D 101 -19.63 26.55 8.60
CA ASN D 101 -20.58 26.22 7.56
C ASN D 101 -20.68 24.72 7.37
N ILE D 102 -21.87 24.29 6.97
CA ILE D 102 -22.15 22.91 6.62
C ILE D 102 -22.28 22.83 5.11
N ILE D 103 -21.91 21.69 4.54
CA ILE D 103 -22.21 21.36 3.15
C ILE D 103 -22.68 19.92 3.14
N LEU D 104 -23.94 19.72 2.81
CA LEU D 104 -24.48 18.39 2.62
C LEU D 104 -24.75 18.16 1.14
N SER D 105 -24.43 16.97 0.66
CA SER D 105 -24.67 16.60 -0.72
C SER D 105 -25.49 15.32 -0.74
N LYS D 106 -26.60 15.35 -1.44
CA LYS D 106 -27.46 14.18 -1.54
C LYS D 106 -26.87 13.23 -2.57
N ASN D 107 -26.45 12.05 -2.12
CA ASN D 107 -25.89 11.04 -3.01
C ASN D 107 -27.05 10.31 -3.68
N GLU D 108 -27.62 10.98 -4.69
CA GLU D 108 -28.72 10.45 -5.46
C GLU D 108 -28.30 10.46 -6.91
N ASP D 109 -28.47 9.35 -7.61
CA ASP D 109 -28.06 9.31 -9.01
C ASP D 109 -29.28 9.23 -9.91
N GLN D 110 -29.42 10.21 -10.78
CA GLN D 110 -30.58 10.31 -11.64
C GLN D 110 -30.15 10.17 -13.10
N SER D 111 -31.07 9.71 -13.93
CA SER D 111 -30.78 9.50 -15.33
C SER D 111 -32.04 9.76 -16.15
N THR D 112 -31.83 10.30 -17.35
CA THR D 112 -32.91 10.54 -18.29
C THR D 112 -32.58 9.80 -19.59
N GLN D 113 -33.60 9.19 -20.17
CA GLN D 113 -33.45 8.43 -21.41
C GLN D 113 -34.44 8.94 -22.45
N ASN D 114 -33.95 9.18 -23.65
CA ASN D 114 -34.78 9.55 -24.79
C ASN D 114 -34.65 8.45 -25.83
N THR D 115 -35.77 8.06 -26.44
CA THR D 115 -35.78 6.94 -27.37
C THR D 115 -36.68 7.25 -28.56
N ASP D 116 -36.20 6.99 -29.76
CA ASP D 116 -37.02 7.10 -30.97
C ASP D 116 -37.08 5.75 -31.67
N SER D 117 -38.25 5.41 -32.22
CA SER D 117 -38.47 4.09 -32.82
C SER D 117 -39.36 4.20 -34.04
N GLN D 118 -38.88 3.74 -35.19
CA GLN D 118 -39.65 3.74 -36.42
C GLN D 118 -39.81 2.30 -36.91
N THR D 119 -41.05 1.85 -37.02
CA THR D 119 -41.37 0.46 -37.30
C THR D 119 -42.15 0.38 -38.61
N ARG D 120 -41.69 -0.46 -39.53
CA ARG D 120 -42.38 -0.69 -40.79
C ARG D 120 -42.86 -2.13 -40.83
N THR D 121 -44.18 -2.31 -40.74
CA THR D 121 -44.78 -3.64 -40.68
C THR D 121 -45.55 -3.90 -41.96
N ILE D 122 -45.09 -4.87 -42.74
CA ILE D 122 -45.69 -5.23 -44.01
C ILE D 122 -46.37 -6.58 -43.85
N SER D 123 -47.67 -6.63 -44.04
CA SER D 123 -48.48 -7.76 -43.63
C SER D 123 -49.24 -8.34 -44.82
N LYS D 124 -49.36 -9.65 -44.87
CA LYS D 124 -50.12 -10.36 -45.89
C LYS D 124 -51.26 -11.12 -45.21
N ASN D 125 -52.35 -11.36 -45.94
CA ASN D 125 -53.46 -12.16 -45.44
C ASN D 125 -54.15 -12.79 -46.64
N THR D 126 -54.71 -13.98 -46.45
CA THR D 126 -55.60 -14.55 -47.46
C THR D 126 -56.74 -15.30 -46.76
N SER D 127 -57.73 -15.71 -47.55
CA SER D 127 -58.96 -16.26 -46.99
C SER D 127 -59.71 -17.09 -48.02
N THR D 128 -60.43 -18.11 -47.55
CA THR D 128 -61.55 -18.71 -48.27
C THR D 128 -62.70 -18.88 -47.29
N SER D 129 -63.88 -19.22 -47.83
CA SER D 129 -65.11 -19.37 -47.07
C SER D 129 -66.07 -20.24 -47.88
N ARG D 130 -66.85 -21.09 -47.20
CA ARG D 130 -67.83 -21.94 -47.89
C ARG D 130 -69.12 -22.00 -47.11
N THR D 131 -70.20 -21.53 -47.74
CA THR D 131 -71.49 -21.32 -47.09
C THR D 131 -72.49 -22.33 -47.66
N HIS D 132 -73.31 -22.94 -46.80
CA HIS D 132 -74.34 -23.87 -47.26
C HIS D 132 -75.67 -23.47 -46.65
N THR D 133 -76.61 -23.04 -47.49
CA THR D 133 -77.82 -22.38 -47.04
C THR D 133 -79.05 -23.19 -47.43
N SER D 134 -79.90 -23.51 -46.46
CA SER D 134 -81.21 -24.08 -46.67
C SER D 134 -82.28 -23.06 -46.30
N GLU D 135 -83.52 -23.32 -46.74
CA GLU D 135 -84.61 -22.36 -46.69
C GLU D 135 -85.94 -23.05 -46.93
N VAL D 136 -86.93 -22.80 -46.09
CA VAL D 136 -88.28 -23.36 -46.23
C VAL D 136 -89.30 -22.23 -46.11
N HIS D 137 -89.92 -21.86 -47.24
CA HIS D 137 -90.87 -20.77 -47.36
C HIS D 137 -92.31 -21.26 -47.21
N GLY D 138 -93.17 -20.39 -46.68
CA GLY D 138 -94.59 -20.65 -46.63
C GLY D 138 -95.38 -19.47 -47.16
N ASN D 139 -96.65 -19.71 -47.48
CA ASN D 139 -97.53 -18.72 -48.07
C ASN D 139 -98.98 -19.20 -47.95
N ALA D 140 -99.88 -18.26 -47.68
CA ALA D 140 -101.32 -18.44 -47.82
C ALA D 140 -101.88 -17.16 -48.42
N GLU D 141 -103.03 -17.25 -49.08
CA GLU D 141 -103.56 -16.11 -49.82
C GLU D 141 -105.08 -16.21 -49.92
N VAL D 142 -105.78 -15.10 -49.65
CA VAL D 142 -107.23 -15.04 -49.77
C VAL D 142 -107.58 -13.86 -50.68
N HIS D 143 -108.14 -14.15 -51.85
CA HIS D 143 -108.51 -13.16 -52.84
C HIS D 143 -110.03 -13.02 -52.88
N ALA D 144 -110.51 -11.79 -53.06
CA ALA D 144 -111.95 -11.54 -53.06
C ALA D 144 -112.29 -10.45 -54.07
N SER D 145 -113.36 -10.67 -54.83
CA SER D 145 -113.81 -9.72 -55.85
C SER D 145 -115.28 -9.39 -55.66
N PHE D 146 -115.90 -8.80 -56.68
CA PHE D 146 -117.35 -8.63 -56.70
C PHE D 146 -118.07 -9.98 -56.58
N PHE D 147 -117.62 -10.98 -57.33
CA PHE D 147 -118.25 -12.29 -57.28
C PHE D 147 -117.24 -13.43 -57.31
N ASP D 148 -115.94 -13.15 -57.19
CA ASP D 148 -114.90 -14.15 -57.29
C ASP D 148 -114.06 -14.15 -56.02
N ILE D 149 -114.00 -15.30 -55.35
CA ILE D 149 -113.23 -15.47 -54.12
C ILE D 149 -112.33 -16.68 -54.31
N GLY D 150 -111.04 -16.52 -54.00
CA GLY D 150 -110.09 -17.61 -54.12
C GLY D 150 -109.22 -17.70 -52.88
N GLY D 151 -108.57 -18.85 -52.74
CA GLY D 151 -107.56 -19.03 -51.71
C GLY D 151 -106.45 -19.93 -52.21
N SER D 152 -105.24 -19.70 -51.68
CA SER D 152 -104.03 -20.32 -52.20
C SER D 152 -103.08 -20.64 -51.06
N VAL D 153 -102.39 -21.78 -51.14
CA VAL D 153 -101.43 -22.22 -50.14
C VAL D 153 -100.14 -22.63 -50.86
N SER D 154 -99.01 -22.08 -50.41
CA SER D 154 -97.74 -22.33 -51.08
C SER D 154 -96.64 -22.63 -50.07
N ALA D 155 -95.63 -23.38 -50.52
CA ALA D 155 -94.47 -23.71 -49.71
C ALA D 155 -93.25 -23.92 -50.60
N GLY D 156 -92.09 -23.50 -50.12
CA GLY D 156 -90.89 -23.42 -50.93
C GLY D 156 -89.66 -24.04 -50.27
N PHE D 157 -88.82 -24.72 -51.05
CA PHE D 157 -87.65 -25.40 -50.53
C PHE D 157 -86.40 -24.94 -51.29
N SER D 158 -85.61 -24.06 -50.67
CA SER D 158 -84.46 -23.46 -51.33
C SER D 158 -83.17 -23.96 -50.68
N ASN D 159 -82.31 -24.59 -51.47
CA ASN D 159 -80.95 -24.90 -51.07
C ASN D 159 -80.02 -23.84 -51.67
N SER D 160 -78.87 -23.64 -51.03
CA SER D 160 -77.86 -22.72 -51.54
C SER D 160 -76.47 -23.05 -50.99
N ASN D 161 -75.45 -22.61 -51.73
CA ASN D 161 -74.04 -22.93 -51.45
C ASN D 161 -73.14 -21.89 -52.09
N SER D 162 -72.35 -21.22 -51.25
CA SER D 162 -71.47 -20.11 -51.61
C SER D 162 -70.03 -20.47 -51.30
N SER D 163 -69.08 -19.74 -51.89
CA SER D 163 -67.66 -19.91 -51.57
C SER D 163 -66.89 -18.62 -51.88
N THR D 164 -66.40 -17.96 -50.83
CA THR D 164 -65.80 -16.64 -50.89
C THR D 164 -64.29 -16.74 -50.74
N VAL D 165 -63.54 -16.31 -51.75
CA VAL D 165 -62.08 -16.40 -51.74
C VAL D 165 -61.50 -14.99 -51.74
N ALA D 166 -60.64 -14.70 -50.76
CA ALA D 166 -60.23 -13.35 -50.42
C ALA D 166 -58.72 -13.28 -50.23
N ILE D 167 -58.17 -12.06 -50.32
CA ILE D 167 -56.74 -11.82 -50.10
C ILE D 167 -56.55 -10.35 -49.70
N ASP D 168 -55.55 -10.09 -48.85
CA ASP D 168 -55.28 -8.79 -48.26
C ASP D 168 -53.77 -8.52 -48.28
N HIS D 169 -53.39 -7.26 -48.54
CA HIS D 169 -52.05 -6.75 -48.28
C HIS D 169 -52.14 -5.58 -47.32
N SER D 170 -51.06 -5.29 -46.58
CA SER D 170 -51.12 -4.29 -45.53
C SER D 170 -49.75 -3.65 -45.28
N LEU D 171 -49.75 -2.34 -44.98
CA LEU D 171 -48.57 -1.65 -44.48
C LEU D 171 -48.87 -1.09 -43.08
N SER D 172 -47.82 -0.72 -42.34
CA SER D 172 -47.95 -0.06 -41.05
C SER D 172 -46.67 0.73 -40.76
N LEU D 173 -46.81 2.02 -40.46
CA LEU D 173 -45.68 2.88 -40.14
C LEU D 173 -45.85 3.43 -38.73
N ALA D 174 -45.05 2.92 -37.78
CA ALA D 174 -45.20 3.22 -36.37
C ALA D 174 -44.02 4.05 -35.88
N GLY D 175 -44.26 5.31 -35.57
CA GLY D 175 -43.24 6.21 -35.05
C GLY D 175 -43.50 6.50 -33.58
N GLU D 176 -42.45 6.36 -32.76
CA GLU D 176 -42.59 6.42 -31.32
C GLU D 176 -41.46 7.26 -30.72
N ARG D 177 -41.82 8.15 -29.80
CA ARG D 177 -40.86 8.93 -29.03
C ARG D 177 -41.12 8.67 -27.55
N THR D 178 -40.09 8.22 -26.86
CA THR D 178 -40.16 7.76 -25.49
C THR D 178 -39.28 8.62 -24.59
N TRP D 179 -39.88 9.18 -23.55
CA TRP D 179 -39.15 9.92 -22.53
C TRP D 179 -39.16 9.14 -21.22
N ALA D 180 -38.02 9.09 -20.55
CA ALA D 180 -37.88 8.30 -19.34
C ALA D 180 -36.99 9.01 -18.34
N GLU D 181 -37.29 8.82 -17.06
CA GLU D 181 -36.54 9.45 -15.99
C GLU D 181 -36.47 8.50 -14.80
N THR D 182 -35.31 8.44 -14.16
CA THR D 182 -35.05 7.48 -13.10
C THR D 182 -34.24 8.15 -12.01
N MET D 183 -34.60 7.91 -10.75
CA MET D 183 -33.87 8.46 -9.60
C MET D 183 -33.54 7.32 -8.64
N GLY D 184 -32.28 6.88 -8.67
CA GLY D 184 -31.82 5.88 -7.74
C GLY D 184 -31.23 6.47 -6.48
N LEU D 185 -31.33 5.70 -5.41
CA LEU D 185 -30.96 6.11 -4.07
C LEU D 185 -30.55 4.88 -3.27
N ASN D 186 -29.65 5.07 -2.31
CA ASN D 186 -29.32 4.05 -1.34
C ASN D 186 -29.54 4.64 0.04
N THR D 187 -30.36 3.98 0.85
CA THR D 187 -30.78 4.51 2.14
C THR D 187 -29.64 4.59 3.15
N ALA D 188 -28.58 3.81 2.95
CA ALA D 188 -27.47 3.87 3.87
C ALA D 188 -26.48 4.97 3.53
N ASP D 189 -26.48 5.43 2.29
CA ASP D 189 -25.51 6.39 1.79
C ASP D 189 -26.21 7.55 1.11
N THR D 190 -27.17 8.16 1.82
CA THR D 190 -27.95 9.23 1.22
C THR D 190 -27.14 10.51 1.07
N ALA D 191 -26.36 10.86 2.09
CA ALA D 191 -25.74 12.17 2.11
C ALA D 191 -24.26 12.09 2.42
N ARG D 192 -23.53 13.08 1.94
CA ARG D 192 -22.13 13.28 2.24
C ARG D 192 -21.93 14.65 2.86
N LEU D 193 -21.06 14.71 3.84
CA LEU D 193 -20.89 15.93 4.63
C LEU D 193 -19.57 16.62 4.32
N ASN D 194 -19.55 17.91 4.64
CA ASN D 194 -18.32 18.71 4.54
C ASN D 194 -18.42 19.88 5.50
N ALA D 195 -17.45 20.00 6.38
CA ALA D 195 -17.43 21.04 7.40
C ALA D 195 -16.46 22.15 7.00
N ASN D 196 -16.82 23.39 7.32
CA ASN D 196 -15.93 24.53 7.17
C ASN D 196 -15.60 25.05 8.55
N ILE D 197 -14.34 24.89 8.96
CA ILE D 197 -13.95 25.08 10.35
C ILE D 197 -12.67 25.90 10.45
N ARG D 198 -12.50 26.53 11.60
CA ARG D 198 -11.28 27.25 11.92
C ARG D 198 -10.72 26.77 13.24
N TYR D 199 -9.47 27.12 13.47
CA TYR D 199 -8.75 26.79 14.69
C TYR D 199 -8.46 28.09 15.43
N VAL D 200 -8.70 28.09 16.73
CA VAL D 200 -8.56 29.29 17.54
C VAL D 200 -7.62 28.96 18.69
N ASN D 201 -6.63 29.81 18.92
CA ASN D 201 -5.80 29.67 20.11
C ASN D 201 -6.09 30.83 21.04
N THR D 202 -6.73 30.52 22.15
CA THR D 202 -6.92 31.50 23.21
C THR D 202 -5.93 31.30 24.34
N GLY D 203 -4.99 30.38 24.19
CA GLY D 203 -4.03 30.09 25.24
C GLY D 203 -2.90 31.09 25.34
N THR D 204 -1.77 30.61 25.82
CA THR D 204 -0.59 31.43 26.04
C THR D 204 0.67 30.87 25.39
N ALA D 205 0.78 29.58 25.27
CA ALA D 205 1.89 29.01 24.54
C ALA D 205 1.40 28.57 23.16
N PRO D 206 2.24 28.65 22.14
CA PRO D 206 1.87 28.09 20.84
C PRO D 206 1.95 26.58 20.85
N ILE D 207 1.24 25.98 19.92
CA ILE D 207 1.18 24.53 19.78
C ILE D 207 1.47 24.19 18.32
N TYR D 208 2.27 23.15 18.11
CA TYR D 208 2.75 22.80 16.78
C TYR D 208 2.22 21.46 16.33
N ASN D 209 1.98 21.36 15.01
CA ASN D 209 1.40 20.18 14.35
C ASN D 209 0.04 19.84 14.96
N VAL D 210 -0.87 20.79 14.81
CA VAL D 210 -2.16 20.69 15.48
C VAL D 210 -3.05 19.71 14.73
N LEU D 211 -3.53 18.70 15.44
CA LEU D 211 -4.51 17.76 14.90
C LEU D 211 -5.62 17.59 15.91
N PRO D 212 -6.71 18.34 15.77
CA PRO D 212 -7.83 18.16 16.67
C PRO D 212 -8.61 16.90 16.35
N THR D 213 -9.22 16.33 17.37
CA THR D 213 -10.16 15.23 17.22
C THR D 213 -11.54 15.81 17.49
N THR D 214 -12.39 15.82 16.47
CA THR D 214 -13.70 16.43 16.57
C THR D 214 -14.81 15.42 16.31
N SER D 215 -16.05 15.90 16.44
CA SER D 215 -17.21 15.03 16.35
C SER D 215 -18.40 15.77 15.77
N LEU D 216 -18.98 15.20 14.71
CA LEU D 216 -20.26 15.63 14.16
C LEU D 216 -21.39 14.96 14.93
N VAL D 217 -22.33 15.76 15.45
CA VAL D 217 -23.39 15.30 16.32
C VAL D 217 -24.73 15.88 15.83
N LEU D 218 -25.73 15.02 15.69
CA LEU D 218 -27.10 15.45 15.50
C LEU D 218 -27.87 15.47 16.81
N GLY D 219 -28.92 16.30 16.82
CA GLY D 219 -29.95 16.20 17.83
C GLY D 219 -29.46 16.59 19.21
N LYS D 220 -29.91 15.82 20.20
CA LYS D 220 -29.45 16.02 21.56
C LYS D 220 -28.03 15.48 21.71
N ASN D 221 -27.86 14.18 21.49
CA ASN D 221 -26.53 13.58 21.59
C ASN D 221 -26.32 12.49 20.56
N GLN D 222 -27.00 12.58 19.42
CA GLN D 222 -26.85 11.56 18.38
C GLN D 222 -25.61 11.91 17.57
N THR D 223 -24.52 11.22 17.87
CA THR D 223 -23.26 11.49 17.20
C THR D 223 -23.25 10.88 15.82
N LEU D 224 -23.06 11.71 14.80
CA LEU D 224 -22.86 11.16 13.47
C LEU D 224 -21.51 10.49 13.37
N ALA D 225 -20.44 11.21 13.69
CA ALA D 225 -19.13 10.69 13.40
C ALA D 225 -18.10 11.35 14.30
N THR D 226 -16.99 10.67 14.50
CA THR D 226 -15.85 11.21 15.21
C THR D 226 -14.64 11.12 14.29
N ILE D 227 -14.04 12.27 14.00
CA ILE D 227 -12.98 12.35 13.00
C ILE D 227 -11.76 13.00 13.62
N LYS D 228 -10.62 12.33 13.49
CA LYS D 228 -9.33 12.93 13.77
C LYS D 228 -8.86 13.70 12.55
N ALA D 229 -8.25 14.86 12.79
CA ALA D 229 -7.77 15.71 11.70
C ALA D 229 -6.66 15.02 10.94
N LYS D 230 -6.78 15.02 9.62
CA LYS D 230 -5.81 14.33 8.77
C LYS D 230 -4.77 15.32 8.25
N GLU D 231 -3.93 14.85 7.32
CA GLU D 231 -2.81 15.65 6.87
C GLU D 231 -3.22 16.80 5.98
N ASN D 232 -4.42 16.74 5.39
CA ASN D 232 -4.96 17.94 4.76
C ASN D 232 -5.35 18.96 5.80
N GLN D 233 -5.65 18.52 7.01
CA GLN D 233 -6.17 19.40 8.05
C GLN D 233 -5.11 19.76 9.07
N LEU D 234 -3.84 19.59 8.74
CA LEU D 234 -2.79 19.87 9.70
C LEU D 234 -2.55 21.36 9.79
N SER D 235 -2.33 21.84 11.01
CA SER D 235 -1.89 23.21 11.24
C SER D 235 -0.50 23.16 11.83
N GLN D 236 0.45 23.75 11.13
CA GLN D 236 1.83 23.71 11.58
C GLN D 236 2.05 24.59 12.80
N ILE D 237 1.53 25.81 12.77
CA ILE D 237 1.69 26.76 13.86
C ILE D 237 0.30 27.22 14.28
N LEU D 238 0.05 27.24 15.58
CA LEU D 238 -1.09 27.97 16.10
C LEU D 238 -0.58 28.79 17.28
N ALA D 239 -0.11 30.00 16.97
CA ALA D 239 0.30 30.94 17.99
C ALA D 239 -0.93 31.44 18.76
N PRO D 240 -0.77 31.85 20.02
CA PRO D 240 -1.92 32.35 20.78
C PRO D 240 -2.46 33.65 20.22
N ASN D 241 -3.77 33.83 20.46
CA ASN D 241 -4.57 34.91 19.89
C ASN D 241 -4.50 34.92 18.37
N ASN D 242 -4.61 33.74 17.78
CA ASN D 242 -4.60 33.61 16.33
C ASN D 242 -5.55 32.53 15.88
N TYR D 243 -5.80 32.54 14.58
CA TYR D 243 -6.68 31.61 13.91
C TYR D 243 -5.89 30.84 12.87
N TYR D 244 -6.32 29.61 12.63
CA TYR D 244 -5.84 28.84 11.49
C TYR D 244 -7.05 28.41 10.69
N PRO D 245 -7.20 28.88 9.45
CA PRO D 245 -6.34 29.86 8.80
C PRO D 245 -6.70 31.26 9.26
N SER D 246 -5.99 32.26 8.75
CA SER D 246 -6.21 33.63 9.18
C SER D 246 -7.61 34.10 8.81
N LYS D 247 -8.03 35.16 9.50
CA LYS D 247 -9.41 35.61 9.46
C LYS D 247 -9.80 36.15 8.10
N ASN D 248 -8.85 36.70 7.35
CA ASN D 248 -9.16 37.14 6.00
C ASN D 248 -9.41 35.97 5.06
N LEU D 249 -8.79 34.84 5.33
CA LEU D 249 -8.96 33.69 4.47
C LEU D 249 -10.18 32.90 4.89
N ALA D 250 -10.58 31.98 4.04
CA ALA D 250 -11.76 31.16 4.27
C ALA D 250 -11.41 29.94 5.10
N PRO D 251 -12.35 29.43 5.92
CA PRO D 251 -12.04 28.27 6.78
C PRO D 251 -11.81 27.01 5.98
N ILE D 252 -11.24 26.03 6.65
CA ILE D 252 -10.81 24.83 5.96
C ILE D 252 -11.96 23.83 5.88
N ALA D 253 -11.80 22.84 5.01
CA ALA D 253 -12.83 21.88 4.69
C ALA D 253 -12.44 20.51 5.22
N LEU D 254 -13.33 19.92 6.00
CA LEU D 254 -13.18 18.56 6.49
C LEU D 254 -14.28 17.70 5.89
N ASN D 255 -13.89 16.70 5.10
CA ASN D 255 -14.90 15.88 4.45
C ASN D 255 -14.52 14.40 4.35
N ALA D 256 -13.59 13.93 5.19
CA ALA D 256 -13.03 12.61 4.98
C ALA D 256 -13.10 11.80 6.26
N GLN D 257 -13.09 10.50 6.09
CA GLN D 257 -13.05 9.56 7.20
C GLN D 257 -11.83 8.67 7.21
N ASP D 258 -11.28 8.35 6.04
CA ASP D 258 -10.12 7.47 5.97
C ASP D 258 -8.87 8.14 6.50
N ASP D 259 -7.90 7.30 6.86
CA ASP D 259 -6.59 7.79 7.21
C ASP D 259 -5.82 8.28 6.00
N PHE D 260 -6.23 7.86 4.80
CA PHE D 260 -5.68 8.42 3.58
C PHE D 260 -6.70 9.24 2.83
N SER D 261 -7.81 9.58 3.49
CA SER D 261 -8.79 10.56 3.05
C SER D 261 -9.44 10.15 1.73
N SER D 262 -9.96 8.92 1.71
CA SER D 262 -10.57 8.38 0.50
C SER D 262 -12.02 7.98 0.71
N THR D 263 -12.63 8.37 1.82
CA THR D 263 -14.02 8.05 2.06
C THR D 263 -14.74 9.28 2.57
N PRO D 264 -15.82 9.70 1.92
CA PRO D 264 -16.59 10.83 2.42
C PRO D 264 -17.37 10.48 3.67
N ILE D 265 -17.82 11.52 4.36
CA ILE D 265 -18.55 11.37 5.60
C ILE D 265 -20.01 11.09 5.27
N THR D 266 -20.48 9.90 5.66
CA THR D 266 -21.71 9.32 5.17
C THR D 266 -22.86 9.57 6.14
N MET D 267 -24.05 9.84 5.60
CA MET D 267 -25.27 9.98 6.38
C MET D 267 -26.37 9.14 5.73
N ASN D 268 -27.11 8.42 6.55
CA ASN D 268 -28.19 7.58 6.07
C ASN D 268 -29.48 8.39 5.91
N TYR D 269 -30.60 7.70 5.79
CA TYR D 269 -31.82 8.33 5.32
C TYR D 269 -32.55 9.09 6.43
N ASN D 270 -32.72 8.44 7.58
CA ASN D 270 -33.51 9.03 8.65
C ASN D 270 -32.81 10.23 9.24
N GLN D 271 -31.49 10.15 9.37
CA GLN D 271 -30.71 11.28 9.84
C GLN D 271 -30.75 12.42 8.84
N PHE D 272 -30.83 12.10 7.54
CA PHE D 272 -30.94 13.13 6.51
C PHE D 272 -32.26 13.86 6.61
N LEU D 273 -33.35 13.11 6.84
CA LEU D 273 -34.66 13.73 7.03
C LEU D 273 -34.68 14.58 8.28
N GLU D 274 -34.11 14.08 9.37
CA GLU D 274 -34.12 14.81 10.63
C GLU D 274 -33.25 16.05 10.53
N LEU D 275 -32.17 16.01 9.76
CA LEU D 275 -31.35 17.18 9.57
C LEU D 275 -32.06 18.23 8.74
N GLU D 276 -32.70 17.83 7.65
CA GLU D 276 -33.44 18.82 6.87
C GLU D 276 -34.69 19.31 7.55
N LYS D 277 -35.17 18.61 8.57
CA LYS D 277 -36.27 19.17 9.36
C LYS D 277 -35.76 20.13 10.44
N THR D 278 -34.82 19.67 11.24
CA THR D 278 -34.48 20.37 12.48
C THR D 278 -33.32 21.34 12.31
N LYS D 279 -32.44 21.11 11.33
CA LYS D 279 -31.27 21.95 11.04
C LYS D 279 -30.33 22.08 12.24
N GLN D 280 -30.30 21.06 13.10
CA GLN D 280 -29.47 21.07 14.29
C GLN D 280 -28.30 20.11 14.08
N LEU D 281 -27.14 20.66 13.77
CA LEU D 281 -25.95 19.86 13.53
C LEU D 281 -24.81 20.55 14.27
N ARG D 282 -24.39 19.96 15.37
CA ARG D 282 -23.39 20.58 16.23
C ARG D 282 -22.07 19.83 16.13
N LEU D 283 -21.03 20.50 16.60
CA LEU D 283 -19.65 20.08 16.41
C LEU D 283 -18.95 20.12 17.75
N ASP D 284 -18.37 19.01 18.17
CA ASP D 284 -17.66 18.95 19.44
C ASP D 284 -16.16 18.76 19.22
N THR D 285 -15.39 19.36 20.11
CA THR D 285 -13.93 19.28 20.09
C THR D 285 -13.52 18.39 21.26
N ASP D 286 -13.20 17.14 20.97
CA ASP D 286 -12.96 16.17 22.03
C ASP D 286 -11.55 16.31 22.59
N GLN D 287 -10.54 16.23 21.72
CA GLN D 287 -9.18 16.39 22.18
C GLN D 287 -8.34 16.86 21.00
N VAL D 288 -7.20 17.46 21.32
CA VAL D 288 -6.37 18.13 20.32
C VAL D 288 -4.97 17.56 20.44
N TYR D 289 -4.45 17.04 19.34
CA TYR D 289 -3.06 16.63 19.31
C TYR D 289 -2.18 17.79 18.88
N GLY D 290 -0.97 17.84 19.45
CA GLY D 290 -0.05 18.90 19.14
C GLY D 290 1.24 18.85 19.94
N ASN D 291 2.33 19.30 19.34
CA ASN D 291 3.66 19.11 19.90
C ASN D 291 4.22 20.40 20.50
N ILE D 292 5.30 20.23 21.26
CA ILE D 292 6.06 21.33 21.84
C ILE D 292 7.36 21.45 21.06
N ALA D 293 7.76 22.67 20.75
CA ALA D 293 9.12 22.97 20.32
C ALA D 293 9.88 23.55 21.50
N THR D 294 11.07 23.01 21.75
CA THR D 294 11.89 23.42 22.87
C THR D 294 13.13 24.16 22.39
N TYR D 295 13.64 25.00 23.28
CA TYR D 295 14.87 25.72 23.00
C TYR D 295 16.06 24.78 23.02
N ASN D 296 17.02 25.03 22.14
CA ASN D 296 18.30 24.31 22.15
C ASN D 296 19.38 25.25 22.64
N PHE D 297 20.11 24.83 23.67
CA PHE D 297 21.23 25.61 24.15
C PHE D 297 22.43 25.54 23.23
N GLU D 298 22.42 24.60 22.28
CA GLU D 298 23.53 24.45 21.36
C GLU D 298 23.63 25.64 20.42
N ASN D 299 22.59 25.87 19.63
CA ASN D 299 22.65 26.90 18.59
C ASN D 299 21.54 27.92 18.72
N GLY D 300 20.81 27.90 19.84
CA GLY D 300 19.69 28.80 20.00
C GLY D 300 18.43 28.43 19.25
N ARG D 301 18.47 27.41 18.41
CA ARG D 301 17.33 27.13 17.54
C ARG D 301 16.28 26.33 18.29
N VAL D 302 15.05 26.83 18.29
CA VAL D 302 13.97 26.14 18.93
C VAL D 302 13.48 25.06 17.98
N ARG D 303 13.51 23.81 18.44
CA ARG D 303 13.26 22.65 17.59
C ARG D 303 12.07 21.86 18.12
N VAL D 304 11.31 21.29 17.21
CA VAL D 304 10.16 20.49 17.59
C VAL D 304 10.62 19.10 17.96
N ASP D 305 10.23 18.65 19.15
CA ASP D 305 10.25 17.24 19.48
C ASP D 305 8.93 16.66 19.01
N THR D 306 8.98 15.80 18.00
CA THR D 306 7.78 15.12 17.55
C THR D 306 7.32 14.08 18.54
N GLY D 307 8.19 13.62 19.44
CA GLY D 307 7.78 12.62 20.40
C GLY D 307 6.86 13.17 21.46
N SER D 308 7.24 14.30 22.07
CA SER D 308 6.46 14.87 23.15
C SER D 308 5.24 15.62 22.60
N ASN D 309 4.17 15.62 23.38
CA ASN D 309 2.97 16.36 23.04
C ASN D 309 2.41 17.01 24.30
N TRP D 310 1.50 17.97 24.08
CA TRP D 310 0.86 18.67 25.20
C TRP D 310 -0.06 17.77 26.00
N SER D 311 -0.39 16.60 25.46
CA SER D 311 -1.15 15.60 26.20
C SER D 311 -0.42 15.17 27.46
N GLU D 312 0.91 15.18 27.43
CA GLU D 312 1.67 14.85 28.62
C GLU D 312 1.61 15.96 29.66
N VAL D 313 1.37 17.19 29.23
CA VAL D 313 1.72 18.35 30.01
C VAL D 313 0.49 19.01 30.62
N LEU D 314 -0.61 19.08 29.86
CA LEU D 314 -1.80 19.79 30.33
C LEU D 314 -2.42 19.26 31.62
N PRO D 315 -2.57 17.95 31.87
CA PRO D 315 -3.06 17.54 33.20
C PRO D 315 -2.06 17.80 34.29
N GLN D 316 -0.77 17.86 33.99
CA GLN D 316 0.21 18.23 34.99
C GLN D 316 0.02 19.68 35.40
N ILE D 317 -0.34 20.54 34.46
CA ILE D 317 -0.59 21.93 34.78
C ILE D 317 -1.89 22.08 35.54
N GLN D 318 -2.91 21.33 35.13
CA GLN D 318 -4.23 21.48 35.73
C GLN D 318 -4.27 21.01 37.17
N GLU D 319 -3.45 20.03 37.53
CA GLU D 319 -3.50 19.48 38.88
C GLU D 319 -2.57 20.18 39.84
N THR D 320 -1.85 21.20 39.39
CA THR D 320 -0.87 21.86 40.23
C THR D 320 -1.08 23.36 40.38
N THR D 321 -2.05 23.93 39.69
CA THR D 321 -2.21 25.37 39.64
C THR D 321 -3.61 25.76 40.09
N ALA D 322 -3.76 27.04 40.39
CA ALA D 322 -5.06 27.66 40.54
C ALA D 322 -5.44 28.35 39.24
N ARG D 323 -6.69 28.20 38.84
CA ARG D 323 -7.19 28.77 37.59
C ARG D 323 -8.03 30.00 37.90
N ILE D 324 -7.77 31.09 37.17
CA ILE D 324 -8.50 32.33 37.33
C ILE D 324 -8.98 32.79 35.98
N ILE D 325 -10.28 33.02 35.86
CA ILE D 325 -10.90 33.51 34.63
C ILE D 325 -11.41 34.92 34.91
N PHE D 326 -11.13 35.82 33.97
CA PHE D 326 -11.40 37.24 34.14
C PHE D 326 -11.83 37.84 32.80
N ASN D 327 -12.83 38.70 32.83
CA ASN D 327 -13.42 39.20 31.59
C ASN D 327 -13.53 40.72 31.60
N GLY D 328 -12.60 41.39 32.25
CA GLY D 328 -12.64 42.84 32.21
C GLY D 328 -12.00 43.46 31.00
N LYS D 329 -11.28 42.67 30.21
CA LYS D 329 -10.70 43.13 28.96
C LYS D 329 -11.69 42.79 27.85
N ASP D 330 -12.58 43.73 27.58
CA ASP D 330 -13.52 43.71 26.46
C ASP D 330 -14.45 42.51 26.52
N LEU D 331 -14.85 42.16 27.75
CA LEU D 331 -15.89 41.16 28.03
C LEU D 331 -15.52 39.79 27.50
N ASN D 332 -14.23 39.49 27.47
CA ASN D 332 -13.72 38.26 26.90
C ASN D 332 -13.09 37.43 28.00
N LEU D 333 -13.48 36.17 28.07
CA LEU D 333 -13.03 35.28 29.15
C LEU D 333 -11.56 34.95 28.96
N VAL D 334 -10.74 35.44 29.86
CA VAL D 334 -9.30 35.25 29.84
C VAL D 334 -8.93 34.35 31.00
N GLU D 335 -8.31 33.22 30.69
CA GLU D 335 -7.97 32.19 31.66
C GLU D 335 -6.47 32.18 31.90
N ARG D 336 -6.07 32.19 33.17
CA ARG D 336 -4.67 32.08 33.53
C ARG D 336 -4.54 31.09 34.69
N ARG D 337 -3.54 30.22 34.59
CA ARG D 337 -3.24 29.27 35.64
C ARG D 337 -1.95 29.68 36.32
N ILE D 338 -1.98 29.74 37.64
CA ILE D 338 -0.87 30.23 38.45
C ILE D 338 -0.49 29.12 39.42
N ALA D 339 0.80 28.83 39.50
CA ALA D 339 1.27 27.77 40.36
C ALA D 339 1.05 28.11 41.83
N ALA D 340 0.37 27.22 42.54
CA ALA D 340 0.08 27.42 43.95
C ALA D 340 0.24 26.09 44.68
N VAL D 341 0.44 26.19 45.99
CA VAL D 341 0.93 25.07 46.79
C VAL D 341 -0.21 24.13 47.14
N ASN D 342 -0.01 22.83 46.89
CA ASN D 342 -0.80 21.78 47.50
C ASN D 342 -0.10 21.33 48.75
N PRO D 343 -0.72 21.46 49.93
CA PRO D 343 -0.01 21.14 51.17
C PRO D 343 0.25 19.66 51.36
N SER D 344 -0.57 18.79 50.78
CA SER D 344 -0.41 17.36 50.98
C SER D 344 0.63 16.75 50.05
N ASP D 345 1.27 17.55 49.20
CA ASP D 345 2.27 17.07 48.27
C ASP D 345 3.60 17.72 48.62
N PRO D 346 4.62 16.94 49.02
CA PRO D 346 5.85 17.54 49.52
C PRO D 346 6.65 18.27 48.46
N LEU D 347 6.66 17.75 47.24
CA LEU D 347 7.37 18.45 46.17
C LEU D 347 6.63 19.73 45.79
N GLU D 348 5.30 19.72 45.87
CA GLU D 348 4.53 20.90 45.52
C GLU D 348 4.69 22.00 46.55
N THR D 349 5.02 21.65 47.79
CA THR D 349 5.24 22.64 48.83
C THR D 349 6.56 23.39 48.70
N THR D 350 7.41 23.01 47.75
CA THR D 350 8.69 23.65 47.57
C THR D 350 8.60 24.98 46.84
N LYS D 351 7.41 25.37 46.41
CA LYS D 351 7.21 26.62 45.71
C LYS D 351 7.07 27.78 46.70
N PRO D 352 7.43 28.99 46.28
CA PRO D 352 7.13 30.15 47.11
C PRO D 352 5.64 30.41 47.19
N ASP D 353 5.23 31.06 48.28
CA ASP D 353 3.83 31.27 48.55
C ASP D 353 3.25 32.34 47.62
N MET D 354 1.98 32.18 47.29
CA MET D 354 1.29 33.10 46.39
C MET D 354 0.07 33.68 47.09
N THR D 355 0.12 34.99 47.33
CA THR D 355 -1.09 35.68 47.73
C THR D 355 -1.95 35.96 46.52
N LEU D 356 -3.20 36.30 46.77
CA LEU D 356 -4.12 36.57 45.68
C LEU D 356 -3.77 37.87 44.97
N LYS D 357 -3.38 38.89 45.72
CA LYS D 357 -3.10 40.20 45.13
C LYS D 357 -1.87 40.16 44.26
N GLU D 358 -0.84 39.46 44.71
CA GLU D 358 0.36 39.26 43.90
C GLU D 358 0.05 38.51 42.61
N ALA D 359 -0.83 37.51 42.71
CA ALA D 359 -1.24 36.74 41.55
C ALA D 359 -1.98 37.60 40.55
N LEU D 360 -2.91 38.43 41.04
CA LEU D 360 -3.65 39.33 40.17
C LEU D 360 -2.76 40.39 39.57
N LYS D 361 -1.70 40.76 40.28
CA LYS D 361 -0.76 41.74 39.76
C LYS D 361 0.06 41.15 38.63
N ILE D 362 0.59 39.95 38.82
CA ILE D 362 1.50 39.41 37.82
C ILE D 362 0.75 38.77 36.67
N ALA D 363 -0.50 38.37 36.87
CA ALA D 363 -1.20 37.61 35.86
C ALA D 363 -1.98 38.49 34.90
N PHE D 364 -2.52 39.58 35.40
CA PHE D 364 -3.42 40.41 34.63
C PHE D 364 -2.86 41.80 34.41
N GLY D 365 -1.62 42.05 34.81
CA GLY D 365 -1.05 43.36 34.68
C GLY D 365 -1.65 44.38 35.62
N PHE D 366 -2.15 43.94 36.77
CA PHE D 366 -2.73 44.86 37.71
C PHE D 366 -1.66 45.68 38.40
N ASN D 367 -2.09 46.79 39.01
CA ASN D 367 -1.17 47.65 39.71
C ASN D 367 -1.86 48.31 40.88
N GLU D 368 -1.06 48.84 41.80
CA GLU D 368 -1.51 49.74 42.83
C GLU D 368 -0.80 51.07 42.62
N PRO D 369 -1.32 51.91 41.72
CA PRO D 369 -0.67 53.20 41.46
C PRO D 369 -0.84 54.18 42.59
N ASN D 370 -1.84 53.98 43.44
CA ASN D 370 -2.05 54.80 44.62
C ASN D 370 -2.36 53.89 45.81
N GLY D 371 -1.66 52.77 45.89
CA GLY D 371 -1.93 51.80 46.92
C GLY D 371 -3.23 51.05 46.76
N ASN D 372 -3.86 51.10 45.60
CA ASN D 372 -5.14 50.48 45.37
C ASN D 372 -5.09 49.65 44.10
N LEU D 373 -5.51 48.39 44.20
CA LEU D 373 -5.34 47.44 43.12
C LEU D 373 -6.26 47.79 41.97
N GLN D 374 -5.67 47.97 40.78
CA GLN D 374 -6.44 48.47 39.66
C GLN D 374 -6.09 47.73 38.39
N TYR D 375 -7.12 47.53 37.58
CA TYR D 375 -6.99 46.95 36.25
C TYR D 375 -7.27 48.20 35.43
N GLN D 376 -6.28 48.63 34.63
CA GLN D 376 -6.38 49.85 33.85
C GLN D 376 -6.72 50.98 34.82
N GLY D 377 -7.75 51.75 34.55
CA GLY D 377 -8.16 52.84 35.42
C GLY D 377 -9.32 52.47 36.33
N LYS D 378 -9.70 51.19 36.33
CA LYS D 378 -10.84 50.71 37.09
C LYS D 378 -10.40 50.08 38.41
N ASP D 379 -11.15 50.36 39.46
CA ASP D 379 -10.88 49.77 40.76
C ASP D 379 -11.25 48.29 40.76
N ILE D 380 -10.58 47.54 41.64
CA ILE D 380 -10.88 46.13 41.84
C ILE D 380 -12.23 45.95 42.53
N THR D 381 -12.68 46.97 43.26
CA THR D 381 -13.92 46.86 44.02
C THR D 381 -15.15 46.86 43.14
N GLU D 382 -15.02 47.24 41.88
CA GLU D 382 -16.11 47.12 40.92
C GLU D 382 -16.18 45.74 40.27
N PHE D 383 -15.35 44.80 40.72
CA PHE D 383 -15.39 43.44 40.24
C PHE D 383 -15.85 42.51 41.35
N ASP D 384 -16.62 41.50 40.97
CA ASP D 384 -17.13 40.53 41.92
C ASP D 384 -16.49 39.16 41.69
N PHE D 385 -16.45 38.39 42.78
CA PHE D 385 -15.72 37.13 42.86
C PHE D 385 -16.70 35.97 42.90
N ASN D 386 -16.29 34.87 42.30
CA ASN D 386 -17.09 33.67 42.24
C ASN D 386 -16.19 32.46 42.38
N PHE D 387 -16.67 31.48 43.13
CA PHE D 387 -15.86 30.33 43.49
C PHE D 387 -16.72 29.09 43.39
N ASP D 388 -16.11 27.99 42.99
CA ASP D 388 -16.78 26.72 43.19
C ASP D 388 -16.68 26.32 44.65
N GLN D 389 -17.40 25.25 44.98
CA GLN D 389 -17.77 24.94 46.36
C GLN D 389 -16.55 24.63 47.22
N GLN D 390 -15.57 23.94 46.66
CA GLN D 390 -14.34 23.65 47.38
C GLN D 390 -13.54 24.92 47.64
N THR D 391 -13.34 25.72 46.60
CA THR D 391 -12.58 26.96 46.74
C THR D 391 -13.33 27.96 47.61
N SER D 392 -14.66 28.02 47.47
CA SER D 392 -15.46 28.91 48.30
C SER D 392 -15.40 28.48 49.77
N GLN D 393 -15.38 27.18 50.02
CA GLN D 393 -15.22 26.68 51.38
C GLN D 393 -13.85 27.05 51.95
N ASN D 394 -12.81 26.94 51.12
CA ASN D 394 -11.48 27.25 51.61
C ASN D 394 -11.32 28.75 51.87
N ILE D 395 -11.92 29.58 51.02
CA ILE D 395 -11.92 31.02 51.24
C ILE D 395 -12.72 31.37 52.48
N LYS D 396 -13.81 30.65 52.73
CA LYS D 396 -14.59 30.82 53.95
C LYS D 396 -13.76 30.52 55.18
N ASN D 397 -12.97 29.45 55.11
CA ASN D 397 -12.12 29.07 56.23
C ASN D 397 -11.02 30.08 56.45
N GLN D 398 -10.43 30.59 55.36
CA GLN D 398 -9.37 31.57 55.50
C GLN D 398 -9.89 32.90 56.03
N LEU D 399 -11.09 33.30 55.64
CA LEU D 399 -11.67 34.52 56.18
C LEU D 399 -12.12 34.33 57.61
N ALA D 400 -12.50 33.12 57.99
CA ALA D 400 -12.80 32.83 59.38
C ALA D 400 -11.55 32.93 60.24
N GLU D 401 -10.41 32.48 59.71
CA GLU D 401 -9.19 32.57 60.47
C GLU D 401 -8.65 34.00 60.52
N LEU D 402 -8.87 34.78 59.47
CA LEU D 402 -8.38 36.16 59.47
C LEU D 402 -9.32 37.12 60.17
N ASN D 403 -10.51 36.67 60.56
CA ASN D 403 -11.53 37.45 61.27
C ASN D 403 -11.95 38.68 60.48
N ALA D 404 -11.91 38.59 59.16
CA ALA D 404 -12.28 39.69 58.29
C ALA D 404 -13.56 39.35 57.54
N THR D 405 -14.23 40.39 57.04
CA THR D 405 -15.47 40.25 56.31
C THR D 405 -15.33 40.62 54.84
N ASN D 406 -14.83 41.81 54.56
CA ASN D 406 -14.60 42.20 53.18
C ASN D 406 -13.36 41.48 52.68
N ILE D 407 -13.51 40.75 51.57
CA ILE D 407 -12.37 40.13 50.94
C ILE D 407 -11.47 41.18 50.30
N TYR D 408 -12.06 42.32 49.89
CA TYR D 408 -11.34 43.34 49.15
C TYR D 408 -10.29 44.05 49.99
N THR D 409 -10.39 43.92 51.30
CA THR D 409 -9.41 44.47 52.21
C THR D 409 -8.22 43.56 52.43
N VAL D 410 -8.38 42.26 52.19
CA VAL D 410 -7.38 41.29 52.65
C VAL D 410 -6.79 40.52 51.49
N LEU D 411 -6.76 41.14 50.30
CA LEU D 411 -6.31 40.48 49.09
C LEU D 411 -4.84 40.13 49.11
N ASP D 412 -4.06 40.84 49.92
CA ASP D 412 -2.66 40.54 50.14
C ASP D 412 -2.42 39.41 51.12
N LYS D 413 -3.48 38.84 51.69
CA LYS D 413 -3.34 37.81 52.69
C LYS D 413 -3.99 36.50 52.30
N ILE D 414 -4.66 36.47 51.15
CA ILE D 414 -5.39 35.27 50.74
C ILE D 414 -4.39 34.27 50.17
N LYS D 415 -4.16 33.19 50.90
CA LYS D 415 -3.27 32.15 50.44
C LYS D 415 -3.96 31.27 49.42
N LEU D 416 -3.33 31.11 48.27
CA LEU D 416 -3.90 30.31 47.21
C LEU D 416 -3.36 28.88 47.27
N ASN D 417 -4.08 27.98 46.64
CA ASN D 417 -3.72 26.57 46.64
C ASN D 417 -3.94 25.99 45.25
N ALA D 418 -3.53 24.75 45.09
CA ALA D 418 -3.70 24.08 43.80
C ALA D 418 -5.18 23.77 43.59
N LYS D 419 -5.54 23.67 42.31
CA LYS D 419 -6.87 23.28 41.83
C LYS D 419 -7.96 24.27 42.23
N MET D 420 -7.60 25.50 42.57
CA MET D 420 -8.61 26.51 42.83
C MET D 420 -9.19 27.05 41.53
N ASN D 421 -10.38 27.64 41.62
CA ASN D 421 -11.07 28.21 40.48
C ASN D 421 -11.69 29.52 40.91
N ILE D 422 -11.28 30.61 40.25
CA ILE D 422 -11.66 31.96 40.66
C ILE D 422 -12.20 32.68 39.43
N LEU D 423 -13.49 33.01 39.46
CA LEU D 423 -14.11 33.78 38.39
C LEU D 423 -14.27 35.21 38.86
N ILE D 424 -13.75 36.16 38.09
CA ILE D 424 -13.81 37.56 38.45
C ILE D 424 -14.53 38.30 37.33
N ARG D 425 -15.70 38.84 37.64
CA ARG D 425 -16.51 39.52 36.64
C ARG D 425 -16.72 40.97 37.02
N ASP D 426 -17.32 41.72 36.10
CA ASP D 426 -17.71 43.08 36.38
C ASP D 426 -19.03 43.09 37.13
N LYS D 427 -19.13 43.98 38.11
CA LYS D 427 -20.36 44.12 38.87
C LYS D 427 -21.45 44.83 38.09
N ARG D 428 -21.10 45.54 37.02
CA ARG D 428 -22.09 46.33 36.30
C ARG D 428 -23.02 45.44 35.51
N PHE D 429 -22.48 44.58 34.67
CA PHE D 429 -23.29 43.89 33.68
C PHE D 429 -23.98 42.68 34.31
N HIS D 430 -25.01 42.20 33.62
CA HIS D 430 -25.69 41.00 34.05
C HIS D 430 -25.18 39.84 33.20
N TYR D 431 -25.11 38.66 33.81
CA TYR D 431 -24.50 37.52 33.17
C TYR D 431 -25.49 36.38 33.08
N ASP D 432 -25.31 35.54 32.07
CA ASP D 432 -26.13 34.39 31.77
C ASP D 432 -25.52 33.13 32.39
N ARG D 433 -26.05 31.96 31.99
CA ARG D 433 -25.50 30.68 32.41
C ARG D 433 -24.05 30.52 31.98
N ASN D 434 -23.74 30.92 30.75
CA ASN D 434 -22.40 30.78 30.19
C ASN D 434 -21.48 31.95 30.55
N ASN D 435 -21.89 32.80 31.48
CA ASN D 435 -21.11 33.93 32.01
C ASN D 435 -20.66 34.89 30.90
N ILE D 436 -21.55 35.13 29.96
CA ILE D 436 -21.36 36.13 28.93
C ILE D 436 -22.03 37.40 29.44
N ALA D 437 -21.52 38.57 29.05
CA ALA D 437 -22.16 39.81 29.41
C ALA D 437 -23.42 39.99 28.56
N VAL D 438 -24.56 40.13 29.21
CA VAL D 438 -25.85 40.13 28.50
C VAL D 438 -26.57 41.47 28.58
N GLY D 439 -26.29 42.30 29.59
CA GLY D 439 -27.11 43.48 29.81
C GLY D 439 -26.77 44.22 31.09
N ALA D 440 -26.85 45.55 31.06
CA ALA D 440 -26.50 46.37 32.20
C ALA D 440 -27.75 46.85 32.92
N ASP D 441 -27.56 47.73 33.90
CA ASP D 441 -28.65 48.54 34.42
C ASP D 441 -28.84 49.76 33.52
N GLU D 442 -29.96 50.46 33.75
CA GLU D 442 -30.32 51.60 32.91
C GLU D 442 -29.37 52.78 33.09
N SER D 443 -28.94 53.03 34.33
CA SER D 443 -27.97 54.08 34.69
C SER D 443 -26.66 54.04 33.90
N VAL D 444 -26.24 52.84 33.49
CA VAL D 444 -24.97 52.66 32.80
C VAL D 444 -25.12 52.87 31.30
N VAL D 445 -26.19 52.30 30.74
CA VAL D 445 -26.47 52.39 29.30
C VAL D 445 -26.65 53.84 28.88
N LYS D 446 -27.37 54.62 29.69
CA LYS D 446 -27.59 56.04 29.40
C LYS D 446 -26.28 56.83 29.44
N GLU D 447 -25.45 56.55 30.45
CA GLU D 447 -24.17 57.22 30.68
C GLU D 447 -23.21 57.15 29.49
N ALA D 448 -23.26 56.06 28.72
CA ALA D 448 -22.38 55.90 27.57
C ALA D 448 -22.90 56.61 26.33
N HIS D 449 -24.16 57.05 26.34
CA HIS D 449 -24.77 57.70 25.19
C HIS D 449 -24.89 59.20 25.34
N ARG D 450 -24.13 59.81 26.24
CA ARG D 450 -24.23 61.25 26.51
C ARG D 450 -23.31 62.03 25.56
N GLU D 451 -22.83 61.38 24.49
CA GLU D 451 -21.92 62.03 23.55
C GLU D 451 -22.52 61.88 22.16
N VAL D 452 -23.17 62.95 21.70
CA VAL D 452 -23.78 63.01 20.37
C VAL D 452 -22.87 63.84 19.47
N ILE D 453 -22.58 63.30 18.28
CA ILE D 453 -21.64 63.92 17.35
C ILE D 453 -22.39 64.56 16.17
N ASN D 454 -23.18 63.77 15.46
CA ASN D 454 -23.90 64.25 14.27
C ASN D 454 -25.38 63.93 14.44
N SER D 455 -26.22 64.95 14.36
CA SER D 455 -27.66 64.80 14.39
C SER D 455 -28.22 65.04 12.99
N SER D 456 -28.86 64.02 12.42
CA SER D 456 -29.45 64.10 11.10
C SER D 456 -30.73 63.30 11.08
N THR D 457 -31.54 63.50 10.04
CA THR D 457 -32.71 62.70 9.81
C THR D 457 -32.38 61.39 9.11
N GLU D 458 -31.11 61.16 8.81
CA GLU D 458 -30.61 59.94 8.19
C GLU D 458 -30.00 59.00 9.19
N GLY D 459 -29.29 59.52 10.18
CA GLY D 459 -28.79 58.67 11.23
C GLY D 459 -28.31 59.46 12.43
N LEU D 460 -27.68 58.75 13.35
CA LEU D 460 -27.06 59.33 14.53
C LEU D 460 -25.65 58.80 14.67
N LEU D 461 -24.72 59.71 14.94
CA LEU D 461 -23.32 59.37 15.17
C LEU D 461 -23.00 59.66 16.62
N LEU D 462 -22.61 58.62 17.36
CA LEU D 462 -22.28 58.77 18.76
C LEU D 462 -20.94 58.10 19.04
N ASN D 463 -20.31 58.54 20.12
CA ASN D 463 -19.08 57.95 20.63
C ASN D 463 -19.39 56.92 21.72
N ILE D 464 -20.22 55.92 21.38
CA ILE D 464 -20.62 54.89 22.32
C ILE D 464 -19.42 54.06 22.74
N ASP D 465 -19.33 53.78 24.05
CA ASP D 465 -18.23 53.00 24.62
C ASP D 465 -18.25 51.57 24.12
N LYS D 466 -17.09 51.10 23.64
CA LYS D 466 -16.90 49.80 23.01
C LYS D 466 -17.36 48.61 23.86
N ASP D 467 -17.13 48.66 25.17
CA ASP D 467 -17.61 47.65 26.09
C ASP D 467 -19.14 47.60 26.10
N ILE D 468 -19.75 48.77 26.37
CA ILE D 468 -21.20 48.97 26.48
C ILE D 468 -21.98 48.44 25.28
N ARG D 469 -21.62 48.88 24.07
CA ARG D 469 -22.31 48.50 22.83
C ARG D 469 -22.40 46.99 22.58
N LYS D 470 -21.47 46.22 23.15
CA LYS D 470 -21.44 44.77 22.95
C LYS D 470 -22.55 44.01 23.67
N ILE D 471 -23.36 44.65 24.52
CA ILE D 471 -24.46 43.97 25.18
C ILE D 471 -25.80 44.46 24.67
N LEU D 472 -25.82 45.23 23.60
CA LEU D 472 -27.05 45.77 23.03
C LEU D 472 -27.33 45.06 21.71
N SER D 473 -28.50 44.41 21.63
CA SER D 473 -28.88 43.70 20.41
C SER D 473 -29.18 44.68 19.27
N GLY D 474 -29.98 45.69 19.54
CA GLY D 474 -30.40 46.60 18.49
C GLY D 474 -31.07 47.82 19.06
N TYR D 475 -31.72 48.57 18.17
CA TYR D 475 -32.31 49.86 18.52
C TYR D 475 -33.76 49.96 18.05
N ILE D 476 -34.52 50.81 18.73
CA ILE D 476 -35.92 51.10 18.42
C ILE D 476 -36.06 52.59 18.15
N VAL D 477 -36.68 52.94 17.02
CA VAL D 477 -36.89 54.33 16.65
C VAL D 477 -38.37 54.63 16.57
N GLU D 478 -38.86 55.54 17.41
CA GLU D 478 -40.24 55.98 17.36
C GLU D 478 -40.30 57.52 17.37
N ILE D 479 -41.51 58.05 17.23
CA ILE D 479 -41.78 59.49 17.19
C ILE D 479 -42.94 59.77 18.13
N GLU D 480 -42.76 60.71 19.05
CA GLU D 480 -43.77 61.06 20.05
C GLU D 480 -44.47 62.36 19.68
N ASP D 481 -45.79 62.36 19.79
CA ASP D 481 -46.60 63.55 19.59
C ASP D 481 -46.40 64.52 20.76
N THR D 482 -46.79 65.79 20.55
CA THR D 482 -46.78 66.77 21.63
C THR D 482 -47.81 66.47 22.71
N GLU D 483 -48.85 65.70 22.40
CA GLU D 483 -49.73 65.10 23.39
C GLU D 483 -49.29 63.69 23.76
N GLY D 484 -48.63 63.00 22.83
CA GLY D 484 -48.09 61.68 23.08
C GLY D 484 -48.72 60.58 22.25
N LEU D 485 -48.02 60.20 21.20
CA LEU D 485 -48.32 59.00 20.40
C LEU D 485 -47.09 58.10 20.35
N LYS D 486 -47.31 56.88 19.89
CA LYS D 486 -46.24 55.88 19.77
C LYS D 486 -46.29 55.33 18.36
N GLU D 487 -45.62 56.04 17.44
CA GLU D 487 -45.50 55.61 16.05
C GLU D 487 -44.05 55.18 15.83
N VAL D 488 -43.85 53.88 15.64
CA VAL D 488 -42.52 53.29 15.59
C VAL D 488 -42.16 53.05 14.13
N ILE D 489 -41.04 53.62 13.68
CA ILE D 489 -40.54 53.43 12.33
C ILE D 489 -40.18 51.98 12.08
N ASN D 490 -39.24 51.45 12.88
CA ASN D 490 -38.79 50.08 12.73
C ASN D 490 -39.55 49.18 13.71
N ASP D 491 -40.82 48.95 13.41
CA ASP D 491 -41.72 48.27 14.34
C ASP D 491 -41.82 46.78 13.98
N ARG D 492 -40.67 46.11 14.11
CA ARG D 492 -40.60 44.65 14.05
C ARG D 492 -39.46 44.18 14.92
N TYR D 493 -39.57 42.92 15.36
CA TYR D 493 -38.54 42.29 16.18
C TYR D 493 -37.21 42.20 15.44
N ASP D 494 -37.24 42.05 14.11
CA ASP D 494 -36.03 41.93 13.30
C ASP D 494 -35.69 43.21 12.54
N MET D 495 -36.22 44.35 12.96
CA MET D 495 -35.84 45.64 12.41
C MET D 495 -35.04 46.44 13.42
N LEU D 496 -34.30 45.74 14.29
CA LEU D 496 -33.54 46.39 15.35
C LEU D 496 -32.11 46.70 14.94
N ASN D 497 -31.51 45.87 14.08
CA ASN D 497 -30.12 46.04 13.69
C ASN D 497 -29.97 47.23 12.75
N ILE D 498 -29.60 48.38 13.30
CA ILE D 498 -29.31 49.58 12.51
C ILE D 498 -27.93 50.10 12.91
N SER D 499 -27.47 49.71 14.09
CA SER D 499 -26.24 50.25 14.67
C SER D 499 -25.02 49.69 13.94
N SER D 500 -24.36 50.54 13.17
CA SER D 500 -23.09 50.22 12.51
C SER D 500 -21.94 50.86 13.29
N LEU D 501 -20.74 50.29 13.12
CA LEU D 501 -19.55 50.77 13.81
C LEU D 501 -18.52 51.21 12.76
N ARG D 502 -18.30 52.51 12.68
CA ARG D 502 -17.26 53.04 11.79
C ARG D 502 -15.89 52.73 12.35
N GLN D 503 -14.88 52.75 11.47
CA GLN D 503 -13.53 52.44 11.89
C GLN D 503 -12.85 53.60 12.65
N ASP D 504 -13.52 54.74 12.82
CA ASP D 504 -12.94 55.84 13.58
C ASP D 504 -13.18 55.72 15.09
N GLY D 505 -13.88 54.68 15.53
CA GLY D 505 -14.21 54.56 16.94
C GLY D 505 -15.50 55.24 17.34
N LYS D 506 -16.45 55.38 16.42
CA LYS D 506 -17.72 56.02 16.71
C LYS D 506 -18.84 55.17 16.11
N THR D 507 -19.75 54.71 16.97
CA THR D 507 -20.87 53.89 16.53
C THR D 507 -21.87 54.75 15.78
N PHE D 508 -22.36 54.24 14.64
CA PHE D 508 -23.26 55.01 13.78
C PHE D 508 -24.61 54.32 13.70
N ILE D 509 -25.65 55.07 14.03
CA ILE D 509 -27.04 54.64 13.93
C ILE D 509 -27.55 55.10 12.57
N ASP D 510 -28.47 54.33 11.97
CA ASP D 510 -28.98 54.65 10.64
C ASP D 510 -30.49 54.46 10.63
N PHE D 511 -31.24 55.54 10.38
CA PHE D 511 -32.69 55.41 10.24
C PHE D 511 -33.07 54.86 8.87
N LYS D 512 -32.24 55.15 7.85
CA LYS D 512 -32.61 54.92 6.45
C LYS D 512 -32.75 53.43 6.11
N LYS D 513 -31.98 52.57 6.79
CA LYS D 513 -31.95 51.13 6.51
C LYS D 513 -33.33 50.47 6.61
N TYR D 514 -34.15 50.92 7.54
CA TYR D 514 -35.48 50.36 7.67
C TYR D 514 -36.55 51.43 7.47
N ASN D 515 -36.34 52.29 6.47
CA ASN D 515 -37.35 53.28 6.10
C ASN D 515 -37.48 53.36 4.58
N ASP D 516 -37.12 52.29 3.86
CA ASP D 516 -37.14 52.20 2.39
C ASP D 516 -36.27 53.28 1.75
N LYS D 517 -35.00 53.32 2.20
CA LYS D 517 -33.90 54.11 1.67
C LYS D 517 -34.05 55.62 1.89
N LEU D 518 -35.14 56.05 2.52
CA LEU D 518 -35.48 57.44 2.76
C LEU D 518 -35.23 57.82 4.21
N PRO D 519 -34.85 59.09 4.46
CA PRO D 519 -34.76 59.58 5.85
C PRO D 519 -36.10 59.63 6.59
N LEU D 520 -36.05 60.02 7.87
CA LEU D 520 -37.24 60.10 8.71
C LEU D 520 -38.24 61.13 8.18
N TYR D 521 -39.45 61.06 8.72
CA TYR D 521 -40.56 61.89 8.28
C TYR D 521 -40.95 62.80 9.44
N ILE D 522 -40.57 64.07 9.36
CA ILE D 522 -40.90 65.05 10.39
C ILE D 522 -42.15 65.78 9.90
N SER D 523 -43.30 65.33 10.38
CA SER D 523 -44.58 65.96 10.05
C SER D 523 -44.71 67.35 10.68
N ASN D 524 -44.10 67.55 11.84
CA ASN D 524 -44.09 68.81 12.57
C ASN D 524 -42.75 68.89 13.28
N PRO D 525 -41.96 69.97 13.08
CA PRO D 525 -40.66 70.05 13.75
C PRO D 525 -40.71 70.34 15.25
N ASN D 526 -41.88 70.23 15.87
CA ASN D 526 -41.99 70.30 17.31
C ASN D 526 -42.26 68.95 17.97
N TYR D 527 -42.18 67.85 17.23
CA TYR D 527 -42.33 66.53 17.83
C TYR D 527 -41.06 66.12 18.59
N LYS D 528 -41.05 64.88 19.05
CA LYS D 528 -39.91 64.27 19.70
C LYS D 528 -39.47 63.05 18.91
N VAL D 529 -38.19 62.98 18.60
CA VAL D 529 -37.60 61.84 17.90
C VAL D 529 -36.93 60.98 18.95
N ASN D 530 -37.53 59.85 19.26
CA ASN D 530 -37.02 58.96 20.29
C ASN D 530 -36.27 57.80 19.67
N VAL D 531 -35.10 57.49 20.23
CA VAL D 531 -34.32 56.31 19.86
C VAL D 531 -34.03 55.53 21.14
N TYR D 532 -34.43 54.26 21.15
CA TYR D 532 -34.35 53.39 22.31
C TYR D 532 -33.50 52.19 21.96
N ALA D 533 -32.90 51.55 22.98
CA ALA D 533 -32.02 50.41 22.76
C ALA D 533 -32.52 49.17 23.50
N VAL D 534 -32.08 48.00 23.03
CA VAL D 534 -32.56 46.71 23.51
C VAL D 534 -31.36 45.88 23.93
N THR D 535 -31.30 45.49 25.21
CA THR D 535 -30.26 44.58 25.68
C THR D 535 -30.51 43.17 25.17
N LYS D 536 -29.45 42.35 25.18
CA LYS D 536 -29.54 40.95 24.78
C LYS D 536 -30.45 40.14 25.70
N GLU D 537 -30.50 40.50 26.99
CA GLU D 537 -31.39 39.80 27.93
C GLU D 537 -32.85 40.16 27.70
N ASN D 538 -33.14 41.25 26.99
CA ASN D 538 -34.50 41.66 26.74
C ASN D 538 -34.95 41.42 25.30
N THR D 539 -34.04 41.14 24.38
CA THR D 539 -34.40 41.01 22.97
C THR D 539 -35.16 39.72 22.73
N ILE D 540 -35.95 39.73 21.65
CA ILE D 540 -36.62 38.53 21.16
C ILE D 540 -36.07 38.22 19.77
N ILE D 541 -36.24 36.96 19.37
CA ILE D 541 -35.63 36.45 18.14
C ILE D 541 -36.68 35.75 17.28
N ASN D 542 -37.90 35.69 17.78
CA ASN D 542 -39.05 35.12 17.07
C ASN D 542 -40.29 35.88 17.51
N PRO D 543 -41.35 35.89 16.69
CA PRO D 543 -42.62 36.50 17.12
C PRO D 543 -43.24 35.78 18.31
N SER D 544 -44.21 36.44 18.93
CA SER D 544 -44.95 35.86 20.06
C SER D 544 -45.84 34.70 19.65
N GLU D 545 -46.63 34.20 20.61
CA GLU D 545 -47.56 33.09 20.41
C GLU D 545 -48.48 33.24 19.20
N ASN D 546 -49.28 34.29 19.16
CA ASN D 546 -50.24 34.41 18.08
C ASN D 546 -49.64 34.87 16.74
N GLY D 547 -49.23 36.12 16.63
CA GLY D 547 -48.55 36.59 15.42
C GLY D 547 -47.63 37.78 15.60
N ASP D 548 -47.23 38.09 16.83
CA ASP D 548 -46.76 39.44 17.15
C ASP D 548 -45.35 39.74 16.63
N THR D 549 -45.29 40.32 15.44
CA THR D 549 -44.05 40.80 14.83
C THR D 549 -43.80 42.27 15.13
N SER D 550 -44.11 42.75 16.32
CA SER D 550 -44.00 44.17 16.66
C SER D 550 -43.06 44.38 17.84
N THR D 551 -42.69 45.65 18.05
CA THR D 551 -41.83 46.06 19.14
C THR D 551 -42.61 46.37 20.42
N ASN D 552 -43.82 45.81 20.54
CA ASN D 552 -44.73 46.10 21.64
C ASN D 552 -44.19 45.55 22.96
N GLY D 553 -43.98 44.24 23.04
CA GLY D 553 -43.49 43.63 24.27
C GLY D 553 -41.97 43.52 24.34
N ILE D 554 -41.28 44.67 24.39
CA ILE D 554 -39.83 44.71 24.51
C ILE D 554 -39.46 45.74 25.57
N LYS D 555 -38.53 45.38 26.45
CA LYS D 555 -38.09 46.25 27.55
C LYS D 555 -37.07 47.24 27.00
N LYS D 556 -37.59 48.34 26.47
CA LYS D 556 -36.80 49.39 25.86
C LYS D 556 -36.25 50.34 26.92
N ILE D 557 -35.19 51.07 26.56
CA ILE D 557 -34.45 51.92 27.47
C ILE D 557 -34.24 53.27 26.78
N LEU D 558 -34.49 54.36 27.50
CA LEU D 558 -34.43 55.71 26.95
C LEU D 558 -32.97 56.13 26.76
N ILE D 559 -32.53 56.22 25.51
CA ILE D 559 -31.21 56.76 25.20
C ILE D 559 -31.28 58.14 24.56
N PHE D 560 -32.17 58.34 23.59
CA PHE D 560 -32.17 59.56 22.79
C PHE D 560 -33.57 60.16 22.76
N SER D 561 -33.66 61.43 23.13
CA SER D 561 -34.92 62.17 23.04
C SER D 561 -34.66 63.64 22.80
N LYS D 562 -34.67 64.07 21.54
CA LYS D 562 -34.47 65.46 21.18
C LYS D 562 -35.61 65.92 20.28
N LYS D 563 -35.79 67.25 20.22
CA LYS D 563 -36.83 67.84 19.39
C LYS D 563 -36.45 67.77 17.91
N GLY D 564 -37.38 68.20 17.06
CA GLY D 564 -37.20 68.11 15.62
C GLY D 564 -36.49 69.29 15.02
N TYR D 565 -36.50 70.43 15.72
CA TYR D 565 -35.77 71.61 15.27
C TYR D 565 -34.33 71.63 15.78
N GLU D 566 -33.92 70.60 16.51
CA GLU D 566 -32.57 70.51 17.07
C GLU D 566 -31.76 69.42 16.39
N ILE D 567 -32.19 68.97 15.22
CA ILE D 567 -31.54 67.88 14.50
C ILE D 567 -31.08 68.40 13.15
N GLY D 568 -32.02 68.91 12.36
CA GLY D 568 -31.71 69.49 11.07
C GLY D 568 -32.88 69.47 10.11
N THR E 7 29.60 4.30 51.79
CA THR E 7 28.55 4.10 50.82
C THR E 7 27.43 3.24 51.39
N VAL E 8 26.25 3.83 51.54
CA VAL E 8 25.10 3.12 52.11
C VAL E 8 24.47 2.27 51.03
N PRO E 9 24.06 1.04 51.33
CA PRO E 9 23.45 0.19 50.30
C PRO E 9 21.99 0.51 50.00
N ASP E 10 21.63 0.31 48.74
CA ASP E 10 20.24 0.37 48.25
C ASP E 10 20.17 -0.70 47.16
N ARG E 11 19.79 -1.92 47.56
CA ARG E 11 19.76 -3.04 46.63
C ARG E 11 18.68 -2.84 45.58
N ASP E 12 17.55 -2.29 46.00
CA ASP E 12 16.44 -2.00 45.12
C ASP E 12 16.71 -0.85 44.17
N ASN E 13 17.82 -0.12 44.37
CA ASN E 13 18.37 0.88 43.46
C ASN E 13 17.39 2.03 43.22
N ASP E 14 16.46 2.21 44.15
CA ASP E 14 15.42 3.22 44.03
C ASP E 14 15.80 4.51 44.74
N GLY E 15 17.09 4.73 44.98
CA GLY E 15 17.55 5.99 45.53
C GLY E 15 17.31 6.13 47.01
N ILE E 16 16.85 5.08 47.68
CA ILE E 16 16.53 5.11 49.09
C ILE E 16 17.08 3.86 49.75
N PRO E 17 17.86 4.01 50.82
CA PRO E 17 18.59 2.86 51.38
C PRO E 17 17.66 1.87 52.05
N ASP E 18 18.24 0.70 52.32
CA ASP E 18 17.45 -0.48 52.60
C ASP E 18 16.97 -0.49 54.04
N SER E 19 17.83 -0.06 54.97
CA SER E 19 17.47 -0.02 56.38
C SER E 19 16.36 0.97 56.65
N LEU E 20 16.30 2.06 55.88
CA LEU E 20 15.22 3.02 56.08
C LEU E 20 13.90 2.45 55.63
N GLU E 21 13.88 1.75 54.48
CA GLU E 21 12.67 1.11 53.99
C GLU E 21 12.20 0.01 54.93
N VAL E 22 13.14 -0.66 55.59
CA VAL E 22 12.76 -1.67 56.57
C VAL E 22 12.20 -1.03 57.82
N GLU E 23 12.95 -0.10 58.41
CA GLU E 23 12.71 0.34 59.76
C GLU E 23 11.79 1.55 59.85
N GLY E 24 11.42 2.14 58.73
CA GLY E 24 10.54 3.28 58.82
C GLY E 24 11.26 4.56 58.48
N TYR E 25 10.57 5.44 57.77
CA TYR E 25 11.15 6.68 57.31
C TYR E 25 10.02 7.65 57.01
N THR E 26 10.40 8.84 56.56
CA THR E 26 9.47 9.89 56.18
C THR E 26 10.19 10.90 55.32
N VAL E 27 9.41 11.76 54.69
CA VAL E 27 9.90 12.86 53.87
C VAL E 27 9.41 14.15 54.50
N ASP E 28 10.31 15.12 54.69
CA ASP E 28 9.92 16.35 55.34
C ASP E 28 10.62 17.54 54.70
N VAL E 29 9.86 18.58 54.41
CA VAL E 29 10.47 19.82 53.96
C VAL E 29 10.91 20.63 55.17
N LYS E 30 12.00 21.36 55.00
CA LYS E 30 12.48 22.21 56.07
C LYS E 30 12.34 23.69 55.75
N ASN E 31 12.92 24.15 54.67
CA ASN E 31 12.71 25.53 54.25
C ASN E 31 11.97 25.57 52.93
N LYS E 32 12.56 25.01 51.87
CA LYS E 32 11.87 24.70 50.63
C LYS E 32 12.39 23.40 50.06
N ARG E 33 12.91 22.52 50.90
CA ARG E 33 13.69 21.40 50.42
C ARG E 33 13.28 20.12 51.11
N THR E 34 13.02 19.10 50.31
CA THR E 34 12.57 17.80 50.81
C THR E 34 13.76 17.00 51.32
N PHE E 35 13.63 16.49 52.54
CA PHE E 35 14.68 15.75 53.23
C PHE E 35 14.14 14.40 53.61
N LEU E 36 14.89 13.36 53.30
CA LEU E 36 14.45 11.98 53.52
C LEU E 36 14.97 11.56 54.89
N SER E 37 14.15 11.72 55.86
CA SER E 37 14.60 11.33 57.18
C SER E 37 14.19 9.90 57.49
N PRO E 38 14.95 9.20 58.32
CA PRO E 38 14.41 8.01 58.99
C PRO E 38 13.40 8.44 60.03
N TRP E 39 12.60 7.47 60.46
CA TRP E 39 11.49 7.77 61.34
C TRP E 39 11.98 8.08 62.76
N ILE E 40 11.57 9.24 63.27
CA ILE E 40 11.75 9.61 64.67
C ILE E 40 10.39 10.01 65.21
N SER E 41 9.96 9.33 66.28
CA SER E 41 8.62 9.54 66.78
C SER E 41 8.48 10.83 67.60
N ASN E 42 9.60 11.45 67.98
CA ASN E 42 9.49 12.66 68.80
C ASN E 42 9.09 13.86 67.99
N ILE E 43 9.41 13.87 66.71
CA ILE E 43 9.28 15.05 65.87
C ILE E 43 8.23 14.84 64.80
N HIS E 44 8.35 13.75 64.05
CA HIS E 44 7.54 13.55 62.86
C HIS E 44 6.12 13.15 63.21
N GLU E 45 5.94 12.51 64.35
CA GLU E 45 4.62 12.17 64.84
C GLU E 45 3.86 13.42 65.27
N LYS E 46 4.56 14.40 65.84
CA LYS E 46 3.91 15.65 66.22
C LYS E 46 3.54 16.46 65.00
N LYS E 47 4.29 16.32 63.92
CA LYS E 47 3.97 17.02 62.69
C LYS E 47 2.87 16.35 61.91
N GLY E 48 2.53 15.12 62.25
CA GLY E 48 1.52 14.39 61.51
C GLY E 48 2.06 13.66 60.29
N LEU E 49 3.37 13.48 60.22
CA LEU E 49 3.98 12.80 59.08
C LEU E 49 3.71 11.32 59.18
N THR E 50 3.51 10.68 58.04
CA THR E 50 3.16 9.27 58.00
C THR E 50 4.41 8.42 57.88
N LYS E 51 4.56 7.48 58.80
CA LYS E 51 5.70 6.57 58.78
C LYS E 51 5.57 5.60 57.60
N TYR E 52 6.65 5.44 56.86
CA TYR E 52 6.64 4.68 55.62
C TYR E 52 7.55 3.47 55.73
N LYS E 53 7.07 2.33 55.27
CA LYS E 53 7.89 1.14 55.15
C LYS E 53 7.69 0.52 53.77
N SER E 54 8.76 -0.02 53.21
CA SER E 54 8.67 -0.59 51.87
C SER E 54 9.78 -1.63 51.73
N SER E 55 9.85 -2.20 50.55
CA SER E 55 10.79 -3.28 50.37
C SER E 55 12.21 -2.76 50.13
N PRO E 56 13.20 -3.39 50.75
CA PRO E 56 14.59 -3.05 50.45
C PRO E 56 15.06 -3.62 49.14
N GLU E 57 14.31 -4.51 48.52
CA GLU E 57 14.72 -5.14 47.29
C GLU E 57 13.78 -4.88 46.14
N LYS E 58 12.66 -4.19 46.38
CA LYS E 58 11.78 -3.83 45.28
C LYS E 58 11.97 -2.34 45.00
N TRP E 59 12.36 -2.05 43.76
CA TRP E 59 12.38 -0.68 43.25
C TRP E 59 10.99 -0.07 43.32
N SER E 60 9.97 -0.89 43.07
CA SER E 60 8.58 -0.53 43.28
C SER E 60 7.97 -1.63 44.11
N THR E 61 7.68 -1.32 45.38
CA THR E 61 7.19 -2.34 46.30
C THR E 61 5.78 -2.79 45.92
N ALA E 62 4.98 -1.90 45.35
CA ALA E 62 3.67 -2.28 44.86
C ALA E 62 3.70 -2.79 43.43
N SER E 63 4.89 -2.85 42.81
CA SER E 63 5.16 -3.33 41.45
C SER E 63 4.52 -2.48 40.35
N ASP E 64 3.83 -1.40 40.71
CA ASP E 64 3.35 -0.43 39.75
C ASP E 64 4.55 0.30 39.12
N PRO E 65 4.40 0.89 37.92
CA PRO E 65 5.56 1.50 37.25
C PRO E 65 6.00 2.84 37.84
N TYR E 66 6.12 2.89 39.16
CA TYR E 66 6.53 4.08 39.88
C TYR E 66 7.35 3.63 41.08
N SER E 67 8.49 4.26 41.30
CA SER E 67 9.36 3.82 42.37
C SER E 67 8.76 4.19 43.72
N ASP E 68 9.36 3.64 44.76
CA ASP E 68 9.01 4.02 46.12
C ASP E 68 9.35 5.47 46.36
N PHE E 69 10.53 5.89 45.89
CA PHE E 69 11.04 7.22 46.13
C PHE E 69 10.25 8.28 45.38
N GLU E 70 9.86 7.98 44.13
CA GLU E 70 9.01 8.90 43.39
C GLU E 70 7.67 9.06 44.04
N LYS E 71 7.16 7.99 44.65
CA LYS E 71 5.85 8.02 45.23
C LYS E 71 5.85 8.77 46.55
N VAL E 72 6.92 8.69 47.31
CA VAL E 72 6.97 9.44 48.56
C VAL E 72 7.47 10.86 48.34
N THR E 73 8.20 11.09 47.26
CA THR E 73 8.76 12.42 47.04
C THR E 73 7.72 13.33 46.40
N GLY E 74 6.93 12.78 45.48
CA GLY E 74 6.02 13.55 44.69
C GLY E 74 6.45 13.77 43.26
N ARG E 75 7.61 13.24 42.87
CA ARG E 75 8.08 13.36 41.50
C ARG E 75 7.43 12.27 40.63
N ILE E 76 6.14 12.49 40.39
CA ILE E 76 5.26 11.50 39.83
C ILE E 76 4.26 12.23 38.94
N ASP E 77 3.58 11.47 38.09
CA ASP E 77 2.37 11.96 37.45
C ASP E 77 1.36 12.34 38.52
N LYS E 78 0.96 13.61 38.51
CA LYS E 78 0.12 14.13 39.57
C LYS E 78 -1.32 13.67 39.45
N ASN E 79 -1.70 13.04 38.35
CA ASN E 79 -3.03 12.47 38.23
C ASN E 79 -3.22 11.22 39.06
N VAL E 80 -2.14 10.68 39.62
CA VAL E 80 -2.23 9.63 40.62
C VAL E 80 -2.98 10.17 41.82
N SER E 81 -3.97 9.40 42.29
CA SER E 81 -4.77 9.78 43.43
C SER E 81 -3.91 9.88 44.69
N PRO E 82 -4.28 10.76 45.62
CA PRO E 82 -3.43 10.95 46.81
C PRO E 82 -3.37 9.74 47.72
N GLU E 83 -4.43 8.95 47.80
CA GLU E 83 -4.37 7.73 48.59
C GLU E 83 -3.49 6.67 47.94
N ALA E 84 -3.19 6.81 46.66
CA ALA E 84 -2.23 5.95 46.01
C ALA E 84 -0.81 6.45 46.17
N ARG E 85 -0.60 7.53 46.91
CA ARG E 85 0.77 7.98 47.11
C ARG E 85 1.48 7.21 48.21
N HIS E 86 0.81 6.28 48.86
CA HIS E 86 1.50 5.40 49.79
C HIS E 86 2.13 4.23 49.03
N PRO E 87 3.34 3.82 49.41
CA PRO E 87 4.04 2.79 48.63
C PRO E 87 3.39 1.43 48.66
N LEU E 88 2.67 1.11 49.73
CA LEU E 88 1.98 -0.15 49.79
C LEU E 88 0.63 -0.12 49.11
N VAL E 89 0.26 1.02 48.53
CA VAL E 89 -0.98 1.16 47.79
C VAL E 89 -0.64 1.16 46.31
N ALA E 90 -1.28 0.26 45.57
CA ALA E 90 -1.05 0.17 44.13
C ALA E 90 -1.72 1.33 43.40
N ALA E 91 -1.17 1.66 42.23
CA ALA E 91 -1.71 2.71 41.39
C ALA E 91 -1.88 2.13 39.99
N TYR E 92 -3.12 2.03 39.53
CA TYR E 92 -3.38 1.39 38.25
C TYR E 92 -4.70 1.88 37.70
N PRO E 93 -4.86 1.95 36.39
CA PRO E 93 -6.15 2.33 35.81
C PRO E 93 -7.11 1.16 35.76
N ILE E 94 -8.39 1.49 35.85
CA ILE E 94 -9.47 0.56 35.62
C ILE E 94 -10.36 1.20 34.57
N VAL E 95 -10.39 0.63 33.38
CA VAL E 95 -11.09 1.20 32.25
C VAL E 95 -12.12 0.19 31.77
N HIS E 96 -13.36 0.65 31.62
CA HIS E 96 -14.39 -0.14 30.97
C HIS E 96 -15.25 0.81 30.15
N VAL E 97 -15.82 0.27 29.08
CA VAL E 97 -16.53 1.05 28.09
C VAL E 97 -18.02 0.81 28.26
N ASP E 98 -18.79 1.89 28.26
CA ASP E 98 -20.25 1.81 28.21
C ASP E 98 -20.73 2.22 26.83
N MET E 99 -21.94 1.78 26.49
CA MET E 99 -22.52 1.99 25.18
C MET E 99 -23.81 2.79 25.35
N GLU E 100 -23.83 4.02 24.85
CA GLU E 100 -25.02 4.81 25.08
C GLU E 100 -26.07 4.61 24.01
N ASN E 101 -25.66 4.38 22.77
CA ASN E 101 -26.64 4.38 21.71
C ASN E 101 -26.19 3.51 20.55
N ILE E 102 -27.18 2.94 19.88
CA ILE E 102 -27.00 2.16 18.66
C ILE E 102 -27.48 3.00 17.49
N ILE E 103 -26.86 2.82 16.33
CA ILE E 103 -27.36 3.35 15.07
C ILE E 103 -27.23 2.24 14.06
N LEU E 104 -28.36 1.74 13.58
CA LEU E 104 -28.36 0.77 12.50
C LEU E 104 -28.90 1.43 11.24
N SER E 105 -28.29 1.13 10.12
CA SER E 105 -28.71 1.66 8.82
C SER E 105 -28.96 0.49 7.89
N LYS E 106 -30.15 0.44 7.30
CA LYS E 106 -30.46 -0.63 6.38
C LYS E 106 -29.86 -0.31 5.02
N ASN E 107 -28.91 -1.15 4.59
CA ASN E 107 -28.26 -0.97 3.30
C ASN E 107 -29.19 -1.53 2.23
N GLU E 108 -30.20 -0.75 1.90
CA GLU E 108 -31.19 -1.09 0.88
C GLU E 108 -31.20 0.02 -0.14
N ASP E 109 -31.09 -0.33 -1.42
CA ASP E 109 -31.08 0.72 -2.45
C ASP E 109 -32.37 0.67 -3.24
N GLN E 110 -33.10 1.78 -3.24
CA GLN E 110 -34.40 1.86 -3.89
C GLN E 110 -34.33 2.88 -5.01
N SER E 111 -35.18 2.68 -6.01
CA SER E 111 -35.22 3.56 -7.16
C SER E 111 -36.64 3.67 -7.68
N THR E 112 -36.98 4.85 -8.18
CA THR E 112 -38.27 5.10 -8.79
C THR E 112 -38.03 5.59 -10.21
N GLN E 113 -38.85 5.12 -11.14
CA GLN E 113 -38.77 5.48 -12.54
C GLN E 113 -40.11 6.00 -13.03
N ASN E 114 -40.08 7.14 -13.71
CA ASN E 114 -41.26 7.69 -14.36
C ASN E 114 -40.98 7.71 -15.86
N THR E 115 -41.98 7.35 -16.66
CA THR E 115 -41.80 7.22 -18.09
C THR E 115 -43.03 7.74 -18.83
N ASP E 116 -42.82 8.57 -19.86
CA ASP E 116 -43.90 9.02 -20.73
C ASP E 116 -43.63 8.57 -22.15
N SER E 117 -44.67 8.17 -22.88
CA SER E 117 -44.51 7.62 -24.22
C SER E 117 -45.67 8.05 -25.11
N GLN E 118 -45.36 8.69 -26.23
CA GLN E 118 -46.37 9.12 -27.20
C GLN E 118 -46.08 8.44 -28.53
N THR E 119 -47.04 7.66 -29.02
CA THR E 119 -46.86 6.82 -30.19
C THR E 119 -47.86 7.23 -31.26
N ARG E 120 -47.37 7.48 -32.47
CA ARG E 120 -48.22 7.82 -33.60
C ARG E 120 -48.11 6.72 -34.64
N THR E 121 -49.18 5.95 -34.80
CA THR E 121 -49.18 4.79 -35.70
C THR E 121 -50.10 5.09 -36.87
N ILE E 122 -49.53 5.17 -38.06
CA ILE E 122 -50.26 5.47 -39.28
C ILE E 122 -50.28 4.20 -40.13
N SER E 123 -51.47 3.70 -40.41
CA SER E 123 -51.65 2.35 -40.94
C SER E 123 -52.41 2.40 -42.24
N LYS E 124 -52.02 1.55 -43.19
CA LYS E 124 -52.69 1.39 -44.47
C LYS E 124 -53.22 -0.04 -44.56
N ASN E 125 -54.29 -0.23 -45.35
CA ASN E 125 -54.83 -1.55 -45.61
C ASN E 125 -55.52 -1.52 -46.97
N THR E 126 -55.51 -2.64 -47.68
CA THR E 126 -56.34 -2.77 -48.87
C THR E 126 -56.87 -4.19 -48.95
N SER E 127 -57.80 -4.42 -49.89
CA SER E 127 -58.53 -5.68 -49.94
C SER E 127 -59.15 -5.90 -51.32
N THR E 128 -59.26 -7.16 -51.72
CA THR E 128 -60.22 -7.61 -52.74
C THR E 128 -60.92 -8.86 -52.22
N SER E 129 -61.97 -9.27 -52.94
CA SER E 129 -62.80 -10.40 -52.58
C SER E 129 -63.53 -10.88 -53.83
N ARG E 130 -63.71 -12.20 -53.97
CA ARG E 130 -64.43 -12.75 -55.12
C ARG E 130 -65.36 -13.88 -54.70
N THR E 131 -66.65 -13.69 -54.92
CA THR E 131 -67.71 -14.56 -54.40
C THR E 131 -68.35 -15.28 -55.58
N HIS E 132 -68.62 -16.58 -55.43
CA HIS E 132 -69.29 -17.35 -56.47
C HIS E 132 -70.46 -18.09 -55.86
N THR E 133 -71.68 -17.73 -56.26
CA THR E 133 -72.90 -18.15 -55.57
C THR E 133 -73.77 -18.97 -56.50
N SER E 134 -74.14 -20.17 -56.06
CA SER E 134 -75.14 -21.00 -56.72
C SER E 134 -76.39 -21.09 -55.83
N GLU E 135 -77.49 -21.54 -56.43
CA GLU E 135 -78.82 -21.47 -55.82
C GLU E 135 -79.79 -22.36 -56.57
N VAL E 136 -80.55 -23.18 -55.85
CA VAL E 136 -81.56 -24.07 -56.45
C VAL E 136 -82.87 -23.89 -55.68
N HIS E 137 -83.85 -23.25 -56.30
CA HIS E 137 -85.15 -22.91 -55.72
C HIS E 137 -86.20 -23.97 -56.06
N GLY E 138 -87.16 -24.16 -55.14
CA GLY E 138 -88.30 -25.00 -55.40
C GLY E 138 -89.58 -24.29 -55.05
N ASN E 139 -90.70 -24.83 -55.55
CA ASN E 139 -92.02 -24.24 -55.37
C ASN E 139 -93.09 -25.27 -55.72
N ALA E 140 -94.17 -25.26 -54.96
CA ALA E 140 -95.42 -25.95 -55.29
C ALA E 140 -96.56 -25.03 -54.91
N GLU E 141 -97.72 -25.20 -55.55
CA GLU E 141 -98.82 -24.26 -55.35
C GLU E 141 -100.15 -24.95 -55.61
N VAL E 142 -101.12 -24.75 -54.72
CA VAL E 142 -102.47 -25.29 -54.88
C VAL E 142 -103.46 -24.15 -54.78
N HIS E 143 -104.16 -23.86 -55.88
CA HIS E 143 -105.12 -22.77 -55.96
C HIS E 143 -106.53 -23.36 -56.01
N ALA E 144 -107.48 -22.70 -55.34
CA ALA E 144 -108.84 -23.19 -55.29
C ALA E 144 -109.83 -22.03 -55.32
N SER E 145 -110.90 -22.18 -56.10
CA SER E 145 -111.92 -21.16 -56.26
C SER E 145 -113.31 -21.75 -56.01
N PHE E 146 -114.35 -21.01 -56.41
CA PHE E 146 -115.70 -21.56 -56.41
C PHE E 146 -115.79 -22.81 -57.28
N PHE E 147 -115.20 -22.76 -58.48
CA PHE E 147 -115.24 -23.91 -59.38
C PHE E 147 -113.91 -24.14 -60.10
N ASP E 148 -112.85 -23.44 -59.71
CA ASP E 148 -111.57 -23.54 -60.38
C ASP E 148 -110.49 -23.94 -59.39
N ILE E 149 -109.82 -25.06 -59.66
CA ILE E 149 -108.75 -25.59 -58.83
C ILE E 149 -107.54 -25.82 -59.71
N GLY E 150 -106.38 -25.32 -59.28
CA GLY E 150 -105.15 -25.50 -60.02
C GLY E 150 -104.02 -25.94 -59.11
N GLY E 151 -102.95 -26.45 -59.74
CA GLY E 151 -101.73 -26.74 -59.02
C GLY E 151 -100.53 -26.48 -59.91
N SER E 152 -99.41 -26.12 -59.27
CA SER E 152 -98.24 -25.63 -59.98
C SER E 152 -96.97 -26.11 -59.28
N VAL E 153 -95.95 -26.46 -60.07
CA VAL E 153 -94.67 -26.93 -59.55
C VAL E 153 -93.56 -26.14 -60.26
N SER E 154 -92.65 -25.56 -59.48
CA SER E 154 -91.60 -24.72 -60.04
C SER E 154 -90.25 -25.03 -59.41
N ALA E 155 -89.18 -24.75 -60.17
CA ALA E 155 -87.82 -24.94 -59.72
C ALA E 155 -86.90 -23.95 -60.42
N GLY E 156 -85.91 -23.45 -59.68
CA GLY E 156 -85.06 -22.35 -60.13
C GLY E 156 -83.58 -22.59 -59.97
N PHE E 157 -82.78 -22.14 -60.94
CA PHE E 157 -81.33 -22.36 -60.93
C PHE E 157 -80.61 -21.03 -61.08
N SER E 158 -80.09 -20.50 -59.97
CA SER E 158 -79.47 -19.18 -59.96
C SER E 158 -77.97 -19.32 -59.72
N ASN E 159 -77.18 -18.82 -60.66
CA ASN E 159 -75.74 -18.63 -60.46
C ASN E 159 -75.49 -17.17 -60.12
N SER E 160 -74.37 -16.91 -59.44
CA SER E 160 -73.98 -15.55 -59.11
C SER E 160 -72.47 -15.47 -58.82
N ASN E 161 -71.92 -14.25 -58.97
CA ASN E 161 -70.49 -13.99 -58.89
C ASN E 161 -70.25 -12.52 -58.58
N SER E 162 -69.59 -12.26 -57.45
CA SER E 162 -69.33 -10.93 -56.91
C SER E 162 -67.84 -10.70 -56.80
N SER E 163 -67.44 -9.44 -56.67
CA SER E 163 -66.03 -9.08 -56.44
C SER E 163 -65.93 -7.73 -55.74
N THR E 164 -65.48 -7.75 -54.48
CA THR E 164 -65.46 -6.60 -53.59
C THR E 164 -64.04 -6.08 -53.43
N VAL E 165 -63.81 -4.82 -53.81
CA VAL E 165 -62.48 -4.22 -53.76
C VAL E 165 -62.50 -3.06 -52.76
N ALA E 166 -61.61 -3.11 -51.78
CA ALA E 166 -61.67 -2.27 -50.59
C ALA E 166 -60.30 -1.66 -50.28
N ILE E 167 -60.32 -0.58 -49.49
CA ILE E 167 -59.09 0.09 -49.05
C ILE E 167 -59.38 0.84 -47.76
N ASP E 168 -58.37 0.94 -46.88
CA ASP E 168 -58.48 1.50 -45.54
C ASP E 168 -57.26 2.38 -45.26
N HIS E 169 -57.47 3.50 -44.57
CA HIS E 169 -56.40 4.28 -43.94
C HIS E 169 -56.69 4.37 -42.44
N SER E 170 -55.66 4.59 -41.62
CA SER E 170 -55.80 4.53 -40.17
C SER E 170 -54.78 5.41 -39.46
N LEU E 171 -55.20 6.04 -38.36
CA LEU E 171 -54.30 6.70 -37.42
C LEU E 171 -54.42 6.04 -36.05
N SER E 172 -53.43 6.28 -35.18
CA SER E 172 -53.46 5.83 -33.79
C SER E 172 -52.56 6.73 -32.95
N LEU E 173 -53.10 7.28 -31.87
CA LEU E 173 -52.34 8.14 -30.96
C LEU E 173 -52.34 7.53 -29.58
N ALA E 174 -51.19 6.98 -29.17
CA ALA E 174 -51.07 6.21 -27.93
C ALA E 174 -50.22 6.97 -26.93
N GLY E 175 -50.85 7.46 -25.86
CA GLY E 175 -50.14 8.16 -24.79
C GLY E 175 -50.09 7.30 -23.54
N GLU E 176 -48.90 7.18 -22.96
CA GLU E 176 -48.66 6.25 -21.87
C GLU E 176 -47.84 6.92 -20.77
N ARG E 177 -48.26 6.73 -19.52
CA ARG E 177 -47.51 7.18 -18.36
C ARG E 177 -47.25 5.98 -17.47
N THR E 178 -45.98 5.73 -17.19
CA THR E 178 -45.51 4.54 -16.50
C THR E 178 -44.83 4.93 -15.19
N TRP E 179 -45.30 4.34 -14.10
CA TRP E 179 -44.67 4.51 -12.80
C TRP E 179 -44.04 3.19 -12.36
N ALA E 180 -42.83 3.26 -11.81
CA ALA E 180 -42.09 2.06 -11.45
C ALA E 180 -41.31 2.30 -10.17
N GLU E 181 -41.17 1.23 -9.38
CA GLU E 181 -40.46 1.30 -8.11
C GLU E 181 -39.73 -0.02 -7.88
N THR E 182 -38.50 0.07 -7.36
CA THR E 182 -37.64 -1.08 -7.21
C THR E 182 -36.88 -0.96 -5.90
N MET E 183 -36.78 -2.06 -5.16
CA MET E 183 -36.06 -2.11 -3.90
C MET E 183 -35.07 -3.27 -3.93
N GLY E 184 -33.80 -2.96 -4.15
CA GLY E 184 -32.75 -3.95 -4.12
C GLY E 184 -32.14 -4.10 -2.74
N LEU E 185 -31.65 -5.31 -2.49
CA LEU E 185 -31.13 -5.72 -1.19
C LEU E 185 -30.09 -6.80 -1.42
N ASN E 186 -29.12 -6.88 -0.51
CA ASN E 186 -28.16 -7.98 -0.47
C ASN E 186 -28.23 -8.57 0.93
N THR E 187 -28.49 -9.88 1.01
CA THR E 187 -28.73 -10.55 2.28
C THR E 187 -27.48 -10.61 3.15
N ALA E 188 -26.31 -10.49 2.57
CA ALA E 188 -25.09 -10.52 3.37
C ALA E 188 -24.74 -9.15 3.93
N ASP E 189 -25.26 -8.09 3.35
CA ASP E 189 -24.88 -6.72 3.71
C ASP E 189 -26.14 -5.89 3.93
N THR E 190 -27.02 -6.39 4.79
CA THR E 190 -28.27 -5.70 5.01
C THR E 190 -28.10 -4.44 5.83
N ALA E 191 -27.28 -4.49 6.87
CA ALA E 191 -27.23 -3.40 7.83
C ALA E 191 -25.80 -2.97 8.11
N ARG E 192 -25.67 -1.70 8.49
CA ARG E 192 -24.42 -1.13 8.95
C ARG E 192 -24.60 -0.57 10.34
N LEU E 193 -23.60 -0.74 11.18
CA LEU E 193 -23.71 -0.39 12.58
C LEU E 193 -22.90 0.84 12.94
N ASN E 194 -23.28 1.47 14.04
CA ASN E 194 -22.53 2.58 14.60
C ASN E 194 -22.83 2.68 16.08
N ALA E 195 -21.77 2.65 16.89
CA ALA E 195 -21.89 2.68 18.34
C ALA E 195 -21.57 4.06 18.86
N ASN E 196 -22.28 4.47 19.91
CA ASN E 196 -21.97 5.70 20.64
C ASN E 196 -21.51 5.30 22.04
N ILE E 197 -20.24 5.52 22.32
CA ILE E 197 -19.60 4.95 23.49
C ILE E 197 -18.76 5.99 24.22
N ARG E 198 -18.54 5.74 25.51
CA ARG E 198 -17.66 6.56 26.32
C ARG E 198 -16.63 5.67 27.02
N TYR E 199 -15.60 6.33 27.50
CA TYR E 199 -14.51 5.68 28.23
C TYR E 199 -14.57 6.17 29.67
N VAL E 200 -14.45 5.25 30.62
CA VAL E 200 -14.57 5.55 32.03
C VAL E 200 -13.31 5.06 32.72
N ASN E 201 -12.69 5.91 33.54
CA ASN E 201 -11.59 5.45 34.38
C ASN E 201 -12.06 5.46 35.82
N THR E 202 -12.22 4.28 36.39
CA THR E 202 -12.47 4.14 37.81
C THR E 202 -11.23 3.75 38.58
N GLY E 203 -10.09 3.70 37.92
CA GLY E 203 -8.85 3.30 38.56
C GLY E 203 -8.21 4.39 39.39
N THR E 204 -6.89 4.30 39.52
CA THR E 204 -6.11 5.22 40.32
C THR E 204 -4.96 5.86 39.57
N ALA E 205 -4.37 5.16 38.61
CA ALA E 205 -3.38 5.78 37.77
C ALA E 205 -4.00 6.14 36.43
N PRO E 206 -3.56 7.21 35.80
CA PRO E 206 -4.01 7.51 34.44
C PRO E 206 -3.35 6.59 33.44
N ILE E 207 -3.99 6.47 32.28
CA ILE E 207 -3.53 5.62 31.20
C ILE E 207 -3.51 6.45 29.93
N TYR E 208 -2.46 6.30 29.14
CA TYR E 208 -2.25 7.14 27.96
C TYR E 208 -2.33 6.33 26.68
N ASN E 209 -2.84 6.99 25.63
CA ASN E 209 -3.07 6.40 24.31
C ASN E 209 -3.99 5.19 24.42
N VAL E 210 -5.20 5.45 24.88
CA VAL E 210 -6.13 4.38 25.20
C VAL E 210 -6.74 3.82 23.92
N LEU E 211 -6.59 2.51 23.72
CA LEU E 211 -7.24 1.82 22.61
C LEU E 211 -7.89 0.56 23.16
N PRO E 212 -9.17 0.62 23.47
CA PRO E 212 -9.87 -0.58 23.93
C PRO E 212 -10.16 -1.52 22.78
N THR E 213 -10.20 -2.80 23.10
CA THR E 213 -10.66 -3.82 22.18
C THR E 213 -12.03 -4.25 22.65
N THR E 214 -13.06 -4.00 21.85
CA THR E 214 -14.42 -4.28 22.24
C THR E 214 -15.08 -5.26 21.28
N SER E 215 -16.33 -5.61 21.60
CA SER E 215 -17.04 -6.63 20.85
C SER E 215 -18.55 -6.35 20.84
N LEU E 216 -19.11 -6.30 19.64
CA LEU E 216 -20.55 -6.29 19.42
C LEU E 216 -21.10 -7.70 19.44
N VAL E 217 -22.10 -7.95 20.30
CA VAL E 217 -22.64 -9.28 20.55
C VAL E 217 -24.16 -9.22 20.47
N LEU E 218 -24.76 -10.13 19.70
CA LEU E 218 -26.20 -10.38 19.75
C LEU E 218 -26.54 -11.53 20.66
N GLY E 219 -27.78 -11.49 21.15
CA GLY E 219 -28.40 -12.67 21.75
C GLY E 219 -27.75 -13.07 23.06
N LYS E 220 -27.59 -14.37 23.23
CA LYS E 220 -26.90 -14.89 24.40
C LYS E 220 -25.40 -14.68 24.25
N ASN E 221 -24.81 -15.27 23.23
CA ASN E 221 -23.38 -15.11 23.00
C ASN E 221 -23.04 -15.05 21.52
N GLN E 222 -23.98 -14.58 20.69
CA GLN E 222 -23.72 -14.51 19.25
C GLN E 222 -22.96 -13.22 18.99
N THR E 223 -21.65 -13.33 18.83
CA THR E 223 -20.81 -12.16 18.62
C THR E 223 -20.94 -11.68 17.20
N LEU E 224 -21.36 -10.43 17.02
CA LEU E 224 -21.31 -9.84 15.70
C LEU E 224 -19.88 -9.59 15.27
N ALA E 225 -19.15 -8.84 16.08
CA ALA E 225 -17.84 -8.39 15.62
C ALA E 225 -16.96 -8.07 16.80
N THR E 226 -15.66 -8.12 16.56
CA THR E 226 -14.67 -7.70 17.55
C THR E 226 -13.81 -6.62 16.89
N ILE E 227 -13.79 -5.44 17.50
CA ILE E 227 -13.16 -4.27 16.92
C ILE E 227 -12.16 -3.69 17.90
N LYS E 228 -10.92 -3.52 17.44
CA LYS E 228 -9.94 -2.73 18.16
C LYS E 228 -10.15 -1.26 17.82
N ALA E 229 -9.98 -0.39 18.82
CA ALA E 229 -10.17 1.04 18.63
C ALA E 229 -9.13 1.61 17.69
N LYS E 230 -9.56 2.37 16.72
CA LYS E 230 -8.66 2.91 15.71
C LYS E 230 -8.26 4.34 16.07
N GLU E 231 -7.59 5.01 15.14
CA GLU E 231 -7.01 6.32 15.43
C GLU E 231 -8.06 7.41 15.54
N ASN E 232 -9.24 7.20 14.97
CA ASN E 232 -10.35 8.10 15.27
C ASN E 232 -10.82 7.90 16.70
N GLN E 233 -10.60 6.73 17.26
CA GLN E 233 -11.12 6.39 18.57
C GLN E 233 -10.05 6.45 19.65
N LEU E 234 -8.95 7.14 19.38
CA LEU E 234 -7.89 7.19 20.36
C LEU E 234 -8.22 8.19 21.46
N SER E 235 -7.89 7.82 22.68
CA SER E 235 -7.97 8.74 23.82
C SER E 235 -6.57 8.98 24.32
N GLN E 236 -6.13 10.23 24.28
CA GLN E 236 -4.77 10.55 24.70
C GLN E 236 -4.60 10.43 26.20
N ILE E 237 -5.53 10.99 26.96
CA ILE E 237 -5.49 10.97 28.42
C ILE E 237 -6.77 10.37 28.92
N LEU E 238 -6.67 9.44 29.87
CA LEU E 238 -7.82 9.06 30.66
C LEU E 238 -7.37 9.07 32.12
N ALA E 239 -7.51 10.23 32.75
CA ALA E 239 -7.25 10.37 34.16
C ALA E 239 -8.32 9.63 34.96
N PRO E 240 -8.00 9.18 36.17
CA PRO E 240 -9.01 8.49 36.98
C PRO E 240 -10.15 9.41 37.41
N ASN E 241 -11.31 8.78 37.60
CA ASN E 241 -12.59 9.44 37.86
C ASN E 241 -12.92 10.44 36.75
N ASN E 242 -12.71 10.01 35.51
CA ASN E 242 -13.03 10.85 34.37
C ASN E 242 -13.58 10.01 33.24
N TYR E 243 -14.14 10.72 32.27
CA TYR E 243 -14.75 10.16 31.08
C TYR E 243 -14.01 10.69 29.86
N TYR E 244 -13.98 9.87 28.82
CA TYR E 244 -13.56 10.32 27.50
C TYR E 244 -14.68 10.00 26.53
N PRO E 245 -15.33 11.01 25.93
CA PRO E 245 -15.10 12.43 26.18
C PRO E 245 -15.84 12.85 27.43
N SER E 246 -15.74 14.12 27.79
CA SER E 246 -16.33 14.62 29.02
C SER E 246 -17.85 14.50 28.96
N LYS E 247 -18.46 14.55 30.15
CA LYS E 247 -19.86 14.21 30.31
C LYS E 247 -20.77 15.23 29.65
N ASN E 248 -20.33 16.48 29.54
CA ASN E 248 -21.13 17.47 28.84
C ASN E 248 -21.14 17.21 27.34
N LEU E 249 -20.09 16.60 26.81
CA LEU E 249 -20.03 16.35 25.39
C LEU E 249 -20.70 15.02 25.07
N ALA E 250 -20.92 14.79 23.79
CA ALA E 250 -21.59 13.59 23.31
C ALA E 250 -20.59 12.46 23.13
N PRO E 251 -21.00 11.21 23.32
CA PRO E 251 -20.08 10.08 23.19
C PRO E 251 -19.59 9.89 21.77
N ILE E 252 -18.54 9.11 21.63
CA ILE E 252 -17.87 8.99 20.34
C ILE E 252 -18.52 7.88 19.53
N ALA E 253 -18.22 7.89 18.24
CA ALA E 253 -18.86 7.01 17.26
C ALA E 253 -17.85 5.99 16.76
N LEU E 254 -18.19 4.72 16.87
CA LEU E 254 -17.41 3.63 16.32
C LEU E 254 -18.22 2.96 15.22
N ASN E 255 -17.70 3.00 13.99
CA ASN E 255 -18.44 2.44 12.87
C ASN E 255 -17.56 1.74 11.84
N ALA E 256 -16.35 1.35 12.21
CA ALA E 256 -15.39 0.91 11.21
C ALA E 256 -14.81 -0.44 11.59
N GLN E 257 -14.33 -1.16 10.58
CA GLN E 257 -13.67 -2.42 10.78
C GLN E 257 -12.22 -2.41 10.27
N ASP E 258 -11.92 -1.64 9.24
CA ASP E 258 -10.59 -1.62 8.68
C ASP E 258 -9.59 -0.96 9.61
N ASP E 259 -8.32 -1.26 9.38
CA ASP E 259 -7.25 -0.57 10.08
C ASP E 259 -7.08 0.84 9.57
N PHE E 260 -7.59 1.15 8.39
CA PHE E 260 -7.64 2.52 7.92
C PHE E 260 -9.05 3.03 7.85
N SER E 261 -9.99 2.32 8.47
CA SER E 261 -11.36 2.78 8.72
C SER E 261 -12.12 3.04 7.43
N SER E 262 -12.11 2.04 6.55
CA SER E 262 -12.75 2.18 5.26
C SER E 262 -13.83 1.14 5.02
N THR E 263 -14.23 0.40 6.05
CA THR E 263 -15.28 -0.59 5.90
C THR E 263 -16.25 -0.46 7.06
N PRO E 264 -17.54 -0.29 6.78
CA PRO E 264 -18.53 -0.25 7.85
C PRO E 264 -18.75 -1.60 8.47
N ILE E 265 -19.38 -1.59 9.64
CA ILE E 265 -19.64 -2.80 10.40
C ILE E 265 -20.91 -3.44 9.85
N THR E 266 -20.77 -4.64 9.30
CA THR E 266 -21.77 -5.26 8.45
C THR E 266 -22.63 -6.24 9.24
N MET E 267 -23.92 -6.28 8.93
CA MET E 267 -24.85 -7.24 9.51
C MET E 267 -25.67 -7.86 8.39
N ASN E 268 -25.84 -9.18 8.44
CA ASN E 268 -26.60 -9.90 7.43
C ASN E 268 -28.08 -9.87 7.77
N TYR E 269 -28.84 -10.75 7.12
CA TYR E 269 -30.30 -10.61 7.12
C TYR E 269 -30.93 -11.17 8.38
N ASN E 270 -30.54 -12.38 8.77
CA ASN E 270 -31.18 -13.05 9.89
C ASN E 270 -30.87 -12.35 11.20
N GLN E 271 -29.64 -11.87 11.34
CA GLN E 271 -29.26 -11.08 12.50
C GLN E 271 -30.00 -9.76 12.54
N PHE E 272 -30.29 -9.19 11.37
CA PHE E 272 -31.04 -7.95 11.31
C PHE E 272 -32.48 -8.16 11.77
N LEU E 273 -33.08 -9.27 11.35
CA LEU E 273 -34.43 -9.59 11.80
C LEU E 273 -34.46 -9.85 13.29
N GLU E 274 -33.47 -10.61 13.79
CA GLU E 274 -33.42 -10.92 15.21
C GLU E 274 -33.16 -9.69 16.05
N LEU E 275 -32.40 -8.74 15.52
CA LEU E 275 -32.17 -7.51 16.25
C LEU E 275 -33.42 -6.65 16.29
N GLU E 276 -34.12 -6.51 15.17
CA GLU E 276 -35.34 -5.74 15.21
C GLU E 276 -36.48 -6.43 15.95
N LYS E 277 -36.37 -7.74 16.19
CA LYS E 277 -37.34 -8.38 17.06
C LYS E 277 -36.98 -8.22 18.52
N THR E 278 -35.76 -8.59 18.89
CA THR E 278 -35.41 -8.75 20.29
C THR E 278 -34.80 -7.51 20.92
N LYS E 279 -34.19 -6.64 20.11
CA LYS E 279 -33.55 -5.40 20.55
C LYS E 279 -32.45 -5.64 21.58
N GLN E 280 -31.81 -6.80 21.53
CA GLN E 280 -30.77 -7.16 22.48
C GLN E 280 -29.42 -7.10 21.76
N LEU E 281 -28.68 -6.03 22.01
CA LEU E 281 -27.38 -5.84 21.39
C LEU E 281 -26.44 -5.34 22.48
N ARG E 282 -25.56 -6.22 22.91
CA ARG E 282 -24.70 -5.90 24.04
C ARG E 282 -23.26 -5.71 23.56
N LEU E 283 -22.48 -5.10 24.44
CA LEU E 283 -21.14 -4.63 24.12
C LEU E 283 -20.18 -5.11 25.19
N ASP E 284 -19.13 -5.80 24.79
CA ASP E 284 -18.15 -6.31 25.73
C ASP E 284 -16.81 -5.62 25.56
N THR E 285 -16.12 -5.43 26.68
CA THR E 285 -14.81 -4.80 26.72
C THR E 285 -13.80 -5.91 27.01
N ASP E 286 -13.11 -6.37 25.97
CA ASP E 286 -12.25 -7.53 26.12
C ASP E 286 -10.91 -7.14 26.72
N GLN E 287 -10.21 -6.20 26.12
CA GLN E 287 -8.93 -5.75 26.67
C GLN E 287 -8.68 -4.33 26.18
N VAL E 288 -7.82 -3.63 26.91
CA VAL E 288 -7.60 -2.21 26.69
C VAL E 288 -6.12 -2.00 26.51
N TYR E 289 -5.75 -1.40 25.39
CA TYR E 289 -4.37 -1.00 25.19
C TYR E 289 -4.14 0.40 25.73
N GLY E 290 -2.95 0.63 26.28
CA GLY E 290 -2.61 1.92 26.84
C GLY E 290 -1.25 1.98 27.48
N ASN E 291 -0.61 3.14 27.44
CA ASN E 291 0.78 3.27 27.82
C ASN E 291 0.94 3.96 29.17
N ILE E 292 2.16 3.87 29.70
CA ILE E 292 2.56 4.55 30.93
C ILE E 292 3.47 5.71 30.54
N ALA E 293 3.27 6.86 31.17
CA ALA E 293 4.24 7.93 31.15
C ALA E 293 5.00 7.91 32.47
N THR E 294 6.33 7.96 32.39
CA THR E 294 7.18 7.88 33.55
C THR E 294 7.88 9.22 33.79
N TYR E 295 8.25 9.43 35.05
CA TYR E 295 8.99 10.63 35.43
C TYR E 295 10.40 10.56 34.90
N ASN E 296 10.93 11.71 34.50
CA ASN E 296 12.32 11.85 34.12
C ASN E 296 13.05 12.62 35.20
N PHE E 297 14.13 12.04 35.71
CA PHE E 297 14.95 12.75 36.68
C PHE E 297 15.80 13.83 36.06
N GLU E 298 15.91 13.83 34.73
CA GLU E 298 16.70 14.83 34.03
C GLU E 298 16.09 16.21 34.16
N ASN E 299 14.87 16.38 33.65
CA ASN E 299 14.26 17.70 33.59
C ASN E 299 12.91 17.75 34.29
N GLY E 300 12.57 16.70 35.04
CA GLY E 300 11.28 16.65 35.68
C GLY E 300 10.11 16.33 34.79
N ARG E 301 10.31 16.22 33.47
CA ARG E 301 9.19 16.06 32.57
C ARG E 301 8.76 14.61 32.50
N VAL E 302 7.49 14.37 32.74
CA VAL E 302 6.95 13.02 32.66
C VAL E 302 6.68 12.71 31.19
N ARG E 303 7.33 11.67 30.68
CA ARG E 303 7.32 11.35 29.27
C ARG E 303 6.71 9.98 29.03
N VAL E 304 6.02 9.85 27.91
CA VAL E 304 5.40 8.57 27.56
C VAL E 304 6.44 7.67 26.93
N ASP E 305 6.59 6.48 27.47
CA ASP E 305 7.23 5.38 26.76
C ASP E 305 6.15 4.71 25.91
N THR E 306 6.28 4.83 24.60
CA THR E 306 5.35 4.14 23.72
C THR E 306 5.60 2.64 23.70
N GLY E 307 6.78 2.19 24.12
CA GLY E 307 7.07 0.77 24.12
C GLY E 307 6.31 0.03 25.21
N SER E 308 6.38 0.53 26.43
CA SER E 308 5.73 -0.15 27.55
C SER E 308 4.24 0.11 27.56
N ASN E 309 3.49 -0.87 28.06
CA ASN E 309 2.05 -0.75 28.22
C ASN E 309 1.64 -1.38 29.53
N TRP E 310 0.41 -1.06 29.96
CA TRP E 310 -0.14 -1.61 31.19
C TRP E 310 -0.40 -3.10 31.10
N SER E 311 -0.39 -3.66 29.89
CA SER E 311 -0.47 -5.10 29.70
C SER E 311 0.67 -5.82 30.38
N GLU E 312 1.84 -5.19 30.47
CA GLU E 312 2.95 -5.79 31.18
C GLU E 312 2.73 -5.78 32.69
N VAL E 313 1.93 -4.84 33.18
CA VAL E 313 2.00 -4.45 34.57
C VAL E 313 0.81 -4.98 35.37
N LEU E 314 -0.38 -4.96 34.78
CA LEU E 314 -1.59 -5.35 35.51
C LEU E 314 -1.60 -6.78 36.05
N PRO E 315 -1.15 -7.83 35.33
CA PRO E 315 -1.09 -9.14 35.99
C PRO E 315 -0.01 -9.22 37.05
N GLN E 316 1.02 -8.39 36.96
CA GLN E 316 2.00 -8.34 38.03
C GLN E 316 1.40 -7.77 39.30
N ILE E 317 0.50 -6.80 39.15
CA ILE E 317 -0.17 -6.25 40.31
C ILE E 317 -1.19 -7.23 40.87
N GLN E 318 -1.91 -7.91 39.98
CA GLN E 318 -2.98 -8.80 40.42
C GLN E 318 -2.45 -10.02 41.16
N GLU E 319 -1.26 -10.47 40.82
CA GLU E 319 -0.74 -11.69 41.43
C GLU E 319 0.07 -11.43 42.68
N THR E 320 0.19 -10.17 43.11
CA THR E 320 1.03 -9.84 44.24
C THR E 320 0.31 -9.09 45.34
N THR E 321 -0.96 -8.74 45.14
CA THR E 321 -1.66 -7.88 46.07
C THR E 321 -2.93 -8.55 46.56
N ALA E 322 -3.48 -8.00 47.63
CA ALA E 322 -4.83 -8.31 48.05
C ALA E 322 -5.77 -7.22 47.55
N ARG E 323 -6.93 -7.65 47.05
CA ARG E 323 -7.90 -6.73 46.48
C ARG E 323 -9.05 -6.53 47.47
N ILE E 324 -9.43 -5.28 47.69
CA ILE E 324 -10.51 -4.94 48.60
C ILE E 324 -11.46 -4.01 47.88
N ILE E 325 -12.74 -4.39 47.85
CA ILE E 325 -13.80 -3.59 47.24
C ILE E 325 -14.71 -3.11 48.35
N PHE E 326 -15.07 -1.83 48.30
CA PHE E 326 -15.81 -1.17 49.36
C PHE E 326 -16.75 -0.15 48.74
N ASN E 327 -17.97 -0.07 49.26
CA ASN E 327 -19.01 0.74 48.66
C ASN E 327 -19.69 1.64 49.68
N GLY E 328 -18.95 2.09 50.68
CA GLY E 328 -19.56 2.99 51.63
C GLY E 328 -19.55 4.44 51.20
N LYS E 329 -18.80 4.77 50.14
CA LYS E 329 -18.80 6.11 49.59
C LYS E 329 -19.83 6.13 48.47
N ASP E 330 -21.06 6.49 48.84
CA ASP E 330 -22.17 6.75 47.93
C ASP E 330 -22.51 5.53 47.09
N LEU E 331 -22.42 4.35 47.72
CA LEU E 331 -22.88 3.07 47.18
C LEU E 331 -22.16 2.71 45.89
N ASN E 332 -20.91 3.13 45.76
CA ASN E 332 -20.13 2.96 44.55
C ASN E 332 -18.97 2.02 44.85
N LEU E 333 -18.82 1.01 44.01
CA LEU E 333 -17.80 -0.01 44.24
C LEU E 333 -16.42 0.58 44.00
N VAL E 334 -15.63 0.69 45.06
CA VAL E 334 -14.30 1.24 45.01
C VAL E 334 -13.32 0.11 45.28
N GLU E 335 -12.42 -0.11 44.34
CA GLU E 335 -11.47 -1.22 44.38
C GLU E 335 -10.08 -0.69 44.67
N ARG E 336 -9.40 -1.29 45.64
CA ARG E 336 -8.02 -0.96 45.94
C ARG E 336 -7.22 -2.23 46.13
N ARG E 337 -6.03 -2.27 45.55
CA ARG E 337 -5.12 -3.38 45.70
C ARG E 337 -3.95 -2.96 46.57
N ILE E 338 -3.65 -3.77 47.57
CA ILE E 338 -2.65 -3.47 48.58
C ILE E 338 -1.64 -4.59 48.58
N ALA E 339 -0.36 -4.23 48.54
CA ALA E 339 0.69 -5.23 48.49
C ALA E 339 0.74 -6.03 49.78
N ALA E 340 0.67 -7.36 49.64
CA ALA E 340 0.71 -8.25 50.79
C ALA E 340 1.55 -9.46 50.44
N VAL E 341 2.02 -10.13 51.49
CA VAL E 341 3.10 -11.11 51.35
C VAL E 341 2.55 -12.45 50.89
N ASN E 342 3.16 -13.01 49.84
CA ASN E 342 3.02 -14.42 49.51
C ASN E 342 4.14 -15.17 50.19
N PRO E 343 3.85 -16.11 51.09
CA PRO E 343 4.93 -16.77 51.84
C PRO E 343 5.77 -17.70 51.00
N SER E 344 5.24 -18.26 49.92
CA SER E 344 5.98 -19.21 49.11
C SER E 344 6.89 -18.54 48.10
N ASP E 345 6.93 -17.21 48.07
CA ASP E 345 7.76 -16.46 47.14
C ASP E 345 8.78 -15.66 47.93
N PRO E 346 10.07 -15.94 47.78
CA PRO E 346 11.07 -15.30 48.65
C PRO E 346 11.22 -13.82 48.42
N LEU E 347 11.12 -13.37 47.18
CA LEU E 347 11.18 -11.94 46.92
C LEU E 347 9.95 -11.23 47.45
N GLU E 348 8.79 -11.90 47.41
CA GLU E 348 7.57 -11.29 47.88
C GLU E 348 7.54 -11.17 49.39
N THR E 349 8.30 -12.00 50.09
CA THR E 349 8.38 -11.95 51.54
C THR E 349 9.23 -10.80 52.06
N THR E 350 9.88 -10.05 51.17
CA THR E 350 10.73 -8.94 51.58
C THR E 350 9.94 -7.68 51.93
N LYS E 351 8.62 -7.72 51.78
CA LYS E 351 7.78 -6.58 52.10
C LYS E 351 7.47 -6.53 53.58
N PRO E 352 7.22 -5.35 54.13
CA PRO E 352 6.72 -5.27 55.50
C PRO E 352 5.31 -5.85 55.62
N ASP E 353 5.00 -6.31 56.82
CA ASP E 353 3.74 -6.99 57.07
C ASP E 353 2.58 -6.01 57.05
N MET E 354 1.43 -6.47 56.60
CA MET E 354 0.23 -5.65 56.51
C MET E 354 -0.89 -6.27 57.32
N THR E 355 -1.28 -5.60 58.39
CA THR E 355 -2.52 -5.96 59.06
C THR E 355 -3.71 -5.41 58.29
N LEU E 356 -4.88 -5.93 58.61
CA LEU E 356 -6.08 -5.49 57.92
C LEU E 356 -6.46 -4.07 58.31
N LYS E 357 -6.31 -3.72 59.57
CA LYS E 357 -6.73 -2.41 60.05
C LYS E 357 -5.84 -1.31 59.48
N GLU E 358 -4.54 -1.56 59.41
CA GLU E 358 -3.61 -0.63 58.77
C GLU E 358 -3.94 -0.44 57.31
N ALA E 359 -4.31 -1.54 56.64
CA ALA E 359 -4.67 -1.48 55.23
C ALA E 359 -5.93 -0.65 55.03
N LEU E 360 -6.94 -0.86 55.87
CA LEU E 360 -8.16 -0.09 55.78
C LEU E 360 -7.95 1.37 56.14
N LYS E 361 -6.96 1.63 56.99
CA LYS E 361 -6.64 3.01 57.33
C LYS E 361 -5.98 3.73 56.17
N ILE E 362 -5.00 3.10 55.54
CA ILE E 362 -4.25 3.79 54.51
C ILE E 362 -4.97 3.78 53.17
N ALA E 363 -5.87 2.82 52.95
CA ALA E 363 -6.46 2.66 51.64
C ALA E 363 -7.73 3.46 51.48
N PHE E 364 -8.50 3.59 52.54
CA PHE E 364 -9.82 4.18 52.47
C PHE E 364 -9.92 5.45 53.29
N GLY E 365 -8.81 5.91 53.85
CA GLY E 365 -8.85 7.09 54.68
C GLY E 365 -9.52 6.86 56.01
N PHE E 366 -9.49 5.63 56.52
CA PHE E 366 -10.12 5.36 57.79
C PHE E 366 -9.31 5.93 58.94
N ASN E 367 -9.95 6.05 60.09
CA ASN E 367 -9.29 6.57 61.26
C ASN E 367 -9.85 5.93 62.51
N GLU E 368 -9.09 6.05 63.60
CA GLU E 368 -9.59 5.77 64.94
C GLU E 368 -9.52 7.07 65.73
N PRO E 369 -10.53 7.92 65.59
CA PRO E 369 -10.52 9.20 66.32
C PRO E 369 -10.75 9.01 67.81
N ASN E 370 -11.35 7.90 68.22
CA ASN E 370 -11.53 7.58 69.62
C ASN E 370 -11.15 6.12 69.86
N GLY E 371 -10.08 5.69 69.20
CA GLY E 371 -9.67 4.30 69.29
C GLY E 371 -10.58 3.33 68.57
N ASN E 372 -11.46 3.82 67.70
CA ASN E 372 -12.42 2.97 67.00
C ASN E 372 -12.38 3.28 65.53
N LEU E 373 -12.24 2.23 64.72
CA LEU E 373 -12.00 2.39 63.30
C LEU E 373 -13.25 2.91 62.62
N GLN E 374 -13.12 4.04 61.92
CA GLN E 374 -14.28 4.71 61.37
C GLN E 374 -14.02 5.20 59.96
N TYR E 375 -15.07 5.10 59.16
CA TYR E 375 -15.07 5.63 57.80
C TYR E 375 -16.02 6.80 58.02
N GLN E 376 -15.52 8.02 57.80
CA GLN E 376 -16.28 9.25 58.05
C GLN E 376 -16.76 9.19 59.50
N GLY E 377 -18.04 9.38 59.73
CA GLY E 377 -18.59 9.31 61.08
C GLY E 377 -19.24 7.99 61.41
N LYS E 378 -19.08 7.01 60.51
CA LYS E 378 -19.71 5.70 60.65
C LYS E 378 -18.74 4.69 61.24
N ASP E 379 -19.24 3.85 62.13
CA ASP E 379 -18.42 2.79 62.71
C ASP E 379 -18.19 1.69 61.69
N ILE E 380 -17.08 0.98 61.86
CA ILE E 380 -16.75 -0.17 61.04
C ILE E 380 -17.70 -1.33 61.33
N THR E 381 -18.29 -1.37 62.52
CA THR E 381 -19.14 -2.48 62.91
C THR E 381 -20.47 -2.49 62.16
N GLU E 382 -20.82 -1.39 61.50
CA GLU E 382 -22.00 -1.37 60.64
C GLU E 382 -21.70 -1.86 59.23
N PHE E 383 -20.48 -2.36 58.98
CA PHE E 383 -20.12 -2.93 57.70
C PHE E 383 -19.88 -4.42 57.85
N ASP E 384 -20.27 -5.17 56.84
CA ASP E 384 -20.10 -6.61 56.83
C ASP E 384 -19.07 -7.05 55.79
N PHE E 385 -18.45 -8.19 56.08
CA PHE E 385 -17.31 -8.69 55.34
C PHE E 385 -17.71 -9.90 54.51
N ASN E 386 -17.08 -10.02 53.35
CA ASN E 386 -17.35 -11.11 52.43
C ASN E 386 -16.05 -11.54 51.79
N PHE E 387 -15.90 -12.85 51.64
CA PHE E 387 -14.65 -13.42 51.18
C PHE E 387 -14.96 -14.55 50.23
N ASP E 388 -14.10 -14.70 49.22
CA ASP E 388 -14.15 -15.93 48.47
C ASP E 388 -13.52 -17.06 49.28
N GLN E 389 -13.67 -18.28 48.74
CA GLN E 389 -13.51 -19.51 49.51
C GLN E 389 -12.09 -19.68 50.03
N GLN E 390 -11.11 -19.30 49.22
CA GLN E 390 -9.72 -19.38 49.66
C GLN E 390 -9.42 -18.38 50.75
N THR E 391 -9.84 -17.12 50.55
CA THR E 391 -9.60 -16.09 51.55
C THR E 391 -10.42 -16.35 52.80
N SER E 392 -11.66 -16.83 52.64
CA SER E 392 -12.48 -17.17 53.80
C SER E 392 -11.89 -18.32 54.58
N GLN E 393 -11.31 -19.30 53.90
CA GLN E 393 -10.61 -20.39 54.56
C GLN E 393 -9.40 -19.88 55.33
N ASN E 394 -8.65 -18.96 54.74
CA ASN E 394 -7.47 -18.45 55.41
C ASN E 394 -7.83 -17.61 56.62
N ILE E 395 -8.90 -16.83 56.51
CA ILE E 395 -9.39 -16.06 57.64
C ILE E 395 -9.92 -16.98 58.73
N LYS E 396 -10.54 -18.09 58.34
CA LYS E 396 -10.99 -19.10 59.29
C LYS E 396 -9.81 -19.69 60.05
N ASN E 397 -8.71 -19.96 59.34
CA ASN E 397 -7.53 -20.51 59.97
C ASN E 397 -6.88 -19.51 60.90
N GLN E 398 -6.84 -18.24 60.50
CA GLN E 398 -6.24 -17.21 61.34
C GLN E 398 -7.07 -16.96 62.59
N LEU E 399 -8.39 -17.01 62.48
CA LEU E 399 -9.24 -16.85 63.66
C LEU E 399 -9.19 -18.06 64.55
N ALA E 400 -8.95 -19.24 63.96
CA ALA E 400 -8.75 -20.44 64.77
C ALA E 400 -7.46 -20.34 65.56
N GLU E 401 -6.42 -19.76 64.96
CA GLU E 401 -5.16 -19.62 65.68
C GLU E 401 -5.22 -18.52 66.72
N LEU E 402 -6.00 -17.46 66.46
CA LEU E 402 -6.09 -16.38 67.42
C LEU E 402 -7.11 -16.63 68.51
N ASN E 403 -7.88 -17.72 68.40
CA ASN E 403 -8.90 -18.12 69.37
C ASN E 403 -9.96 -17.05 69.60
N ALA E 404 -10.23 -16.26 68.57
CA ALA E 404 -11.21 -15.19 68.65
C ALA E 404 -12.41 -15.53 67.77
N THR E 405 -13.53 -14.86 68.06
CA THR E 405 -14.76 -15.07 67.33
C THR E 405 -15.16 -13.85 66.50
N ASN E 406 -15.26 -12.68 67.14
CA ASN E 406 -15.56 -11.47 66.42
C ASN E 406 -14.31 -11.04 65.66
N ILE E 407 -14.46 -10.87 64.35
CA ILE E 407 -13.37 -10.35 63.55
C ILE E 407 -13.16 -8.87 63.85
N TYR E 408 -14.22 -8.17 64.29
CA TYR E 408 -14.18 -6.72 64.48
C TYR E 408 -13.29 -6.34 65.65
N THR E 409 -12.99 -7.28 66.52
CA THR E 409 -12.10 -7.06 67.64
C THR E 409 -10.64 -7.22 67.28
N VAL E 410 -10.34 -7.96 66.20
CA VAL E 410 -8.97 -8.40 65.97
C VAL E 410 -8.44 -7.89 64.64
N LEU E 411 -8.96 -6.74 64.19
CA LEU E 411 -8.64 -6.19 62.88
C LEU E 411 -7.19 -5.75 62.78
N ASP E 412 -6.56 -5.45 63.92
CA ASP E 412 -5.15 -5.12 63.98
C ASP E 412 -4.24 -6.35 63.97
N LYS E 413 -4.81 -7.54 63.91
CA LYS E 413 -4.03 -8.76 63.96
C LYS E 413 -4.21 -9.64 62.74
N ILE E 414 -5.08 -9.25 61.82
CA ILE E 414 -5.39 -10.07 60.65
C ILE E 414 -4.27 -9.89 59.64
N LYS E 415 -3.45 -10.93 59.46
CA LYS E 415 -2.38 -10.88 58.49
C LYS E 415 -2.93 -11.10 57.10
N LEU E 416 -2.60 -10.20 56.19
CA LEU E 416 -3.08 -10.30 54.82
C LEU E 416 -2.04 -10.99 53.95
N ASN E 417 -2.49 -11.50 52.81
CA ASN E 417 -1.63 -12.21 51.89
C ASN E 417 -1.97 -11.81 50.48
N ALA E 418 -1.16 -12.29 49.53
CA ALA E 418 -1.40 -11.99 48.14
C ALA E 418 -2.64 -12.72 47.66
N LYS E 419 -3.26 -12.15 46.62
CA LYS E 419 -4.42 -12.70 45.91
C LYS E 419 -5.66 -12.83 46.78
N MET E 420 -5.72 -12.10 47.89
CA MET E 420 -6.93 -12.10 48.69
C MET E 420 -7.99 -11.21 48.05
N ASN E 421 -9.25 -11.44 48.43
CA ASN E 421 -10.38 -10.68 47.92
C ASN E 421 -11.32 -10.40 49.07
N ILE E 422 -11.54 -9.13 49.36
CA ILE E 422 -12.29 -8.70 50.54
C ILE E 422 -13.38 -7.72 50.09
N LEU E 423 -14.63 -8.13 50.22
CA LEU E 423 -15.75 -7.27 49.92
C LEU E 423 -16.33 -6.72 51.22
N ILE E 424 -16.43 -5.41 51.34
CA ILE E 424 -16.93 -4.78 52.55
C ILE E 424 -18.14 -3.95 52.17
N ARG E 425 -19.30 -4.34 52.67
CA ARG E 425 -20.54 -3.65 52.33
C ARG E 425 -21.19 -3.07 53.57
N ASP E 426 -22.25 -2.30 53.35
CA ASP E 426 -23.04 -1.79 54.45
C ASP E 426 -24.02 -2.86 54.91
N LYS E 427 -24.19 -2.96 56.22
CA LYS E 427 -25.13 -3.92 56.78
C LYS E 427 -26.58 -3.49 56.60
N ARG E 428 -26.83 -2.21 56.33
CA ARG E 428 -28.19 -1.71 56.26
C ARG E 428 -28.88 -2.20 55.00
N PHE E 429 -28.29 -1.96 53.84
CA PHE E 429 -29.00 -2.15 52.60
C PHE E 429 -28.99 -3.62 52.19
N HIS E 430 -29.89 -3.96 51.27
CA HIS E 430 -29.92 -5.30 50.71
C HIS E 430 -29.24 -5.27 49.35
N TYR E 431 -28.57 -6.36 49.01
CA TYR E 431 -27.75 -6.39 47.81
C TYR E 431 -28.22 -7.52 46.91
N ASP E 432 -28.00 -7.32 45.61
CA ASP E 432 -28.36 -8.23 44.56
C ASP E 432 -27.18 -9.14 44.20
N ARG E 433 -27.30 -9.85 43.08
CA ARG E 433 -26.21 -10.68 42.57
C ARG E 433 -24.98 -9.84 42.25
N ASN E 434 -25.18 -8.67 41.64
CA ASN E 434 -24.09 -7.80 41.24
C ASN E 434 -23.62 -6.86 42.36
N ASN E 435 -24.07 -7.10 43.59
CA ASN E 435 -23.68 -6.36 44.80
C ASN E 435 -23.94 -4.87 44.67
N ILE E 436 -25.07 -4.53 44.08
CA ILE E 436 -25.55 -3.17 44.02
C ILE E 436 -26.49 -2.99 45.19
N ALA E 437 -26.60 -1.78 45.74
CA ALA E 437 -27.56 -1.51 46.79
C ALA E 437 -28.96 -1.44 46.20
N VAL E 438 -29.85 -2.29 46.67
CA VAL E 438 -31.17 -2.44 46.06
C VAL E 438 -32.31 -1.97 46.96
N GLY E 439 -32.12 -1.95 48.29
CA GLY E 439 -33.24 -1.73 49.19
C GLY E 439 -32.89 -1.91 50.66
N ALA E 440 -33.47 -1.10 51.51
CA ALA E 440 -33.18 -1.14 52.94
C ALA E 440 -34.30 -1.86 53.69
N ASP E 441 -34.21 -1.83 55.01
CA ASP E 441 -35.34 -2.15 55.87
C ASP E 441 -36.22 -0.91 56.03
N GLU E 442 -37.41 -1.12 56.57
CA GLU E 442 -38.39 -0.04 56.70
C GLU E 442 -37.95 1.02 57.70
N SER E 443 -37.34 0.59 58.81
CA SER E 443 -36.81 1.48 59.85
C SER E 443 -35.84 2.54 59.35
N VAL E 444 -35.11 2.24 58.28
CA VAL E 444 -34.09 3.15 57.74
C VAL E 444 -34.69 4.15 56.77
N VAL E 445 -35.57 3.65 55.91
CA VAL E 445 -36.23 4.48 54.88
C VAL E 445 -37.07 5.58 55.53
N LYS E 446 -37.79 5.23 56.61
CA LYS E 446 -38.61 6.21 57.33
C LYS E 446 -37.74 7.28 58.00
N GLU E 447 -36.63 6.86 58.60
CA GLU E 447 -35.69 7.72 59.34
C GLU E 447 -35.12 8.86 58.49
N ALA E 448 -34.97 8.63 57.18
CA ALA E 448 -34.42 9.65 56.30
C ALA E 448 -35.47 10.64 55.83
N HIS E 449 -36.75 10.35 56.04
CA HIS E 449 -37.84 11.18 55.58
C HIS E 449 -38.50 11.99 56.70
N ARG E 450 -37.82 12.15 57.84
CA ARG E 450 -38.39 12.85 58.99
C ARG E 450 -38.12 14.36 58.90
N GLU E 451 -37.73 14.83 57.72
CA GLU E 451 -37.41 16.25 57.53
C GLU E 451 -38.25 16.75 56.37
N VAL E 452 -39.36 17.42 56.70
CA VAL E 452 -40.27 18.01 55.72
C VAL E 452 -40.01 19.51 55.69
N ILE E 453 -39.86 20.05 54.47
CA ILE E 453 -39.52 21.46 54.29
C ILE E 453 -40.73 22.25 53.80
N ASN E 454 -41.32 21.84 52.68
CA ASN E 454 -42.44 22.55 52.08
C ASN E 454 -43.59 21.57 51.87
N SER E 455 -44.74 21.89 52.43
CA SER E 455 -45.97 21.11 52.25
C SER E 455 -46.90 21.88 51.34
N SER E 456 -47.23 21.31 50.19
CA SER E 456 -48.13 21.92 49.22
C SER E 456 -48.96 20.83 48.56
N THR E 457 -50.02 21.25 47.88
CA THR E 457 -50.82 20.34 47.07
C THR E 457 -50.21 20.11 45.69
N GLU E 458 -49.07 20.75 45.43
CA GLU E 458 -48.32 20.59 44.19
C GLU E 458 -47.16 19.64 44.34
N GLY E 459 -46.46 19.68 45.46
CA GLY E 459 -45.42 18.71 45.70
C GLY E 459 -45.00 18.69 47.15
N LEU E 460 -43.92 17.95 47.39
CA LEU E 460 -43.29 17.86 48.70
C LEU E 460 -41.80 18.08 48.56
N LEU E 461 -41.24 18.91 49.43
CA LEU E 461 -39.82 19.20 49.47
C LEU E 461 -39.27 18.61 50.76
N LEU E 462 -38.33 17.67 50.63
CA LEU E 462 -37.73 17.03 51.79
C LEU E 462 -36.21 17.06 51.64
N ASN E 463 -35.54 16.94 52.79
CA ASN E 463 -34.09 16.82 52.85
C ASN E 463 -33.69 15.34 52.93
N ILE E 464 -34.13 14.56 51.94
CA ILE E 464 -33.83 13.12 51.90
C ILE E 464 -32.34 12.89 51.74
N ASP E 465 -31.81 11.93 52.53
CA ASP E 465 -30.39 11.59 52.50
C ASP E 465 -29.99 10.99 51.16
N LYS E 466 -28.91 11.53 50.58
CA LYS E 466 -28.40 11.19 49.25
C LYS E 466 -28.14 9.71 49.03
N ASP E 467 -27.61 9.02 50.05
CA ASP E 467 -27.41 7.58 50.01
C ASP E 467 -28.74 6.84 49.87
N ILE E 468 -29.66 7.13 50.80
CA ILE E 468 -30.98 6.52 50.90
C ILE E 468 -31.78 6.59 49.61
N ARG E 469 -31.95 7.79 49.05
CA ARG E 469 -32.74 8.01 47.83
C ARG E 469 -32.31 7.18 46.62
N LYS E 470 -31.04 6.76 46.59
CA LYS E 470 -30.51 5.99 45.47
C LYS E 470 -31.01 4.55 45.39
N ILE E 471 -31.75 4.05 46.38
CA ILE E 471 -32.29 2.69 46.32
C ILE E 471 -33.81 2.70 46.17
N LEU E 472 -34.40 3.87 45.92
CA LEU E 472 -35.85 3.99 45.76
C LEU E 472 -36.16 4.25 44.29
N SER E 473 -36.97 3.35 43.70
CA SER E 473 -37.35 3.51 42.30
C SER E 473 -38.28 4.69 42.10
N GLY E 474 -39.31 4.80 42.93
CA GLY E 474 -40.30 5.83 42.73
C GLY E 474 -41.22 5.94 43.93
N TYR E 475 -42.32 6.67 43.74
CA TYR E 475 -43.24 6.99 44.82
C TYR E 475 -44.68 6.68 44.42
N ILE E 476 -45.52 6.45 45.45
CA ILE E 476 -46.94 6.16 45.30
C ILE E 476 -47.71 7.21 46.10
N VAL E 477 -48.70 7.85 45.46
CA VAL E 477 -49.51 8.89 46.11
C VAL E 477 -50.95 8.43 46.14
N GLU E 478 -51.51 8.26 47.34
CA GLU E 478 -52.93 7.93 47.50
C GLU E 478 -53.56 8.87 48.53
N ILE E 479 -54.87 8.73 48.70
CA ILE E 479 -55.67 9.53 49.62
C ILE E 479 -56.58 8.59 50.40
N GLU E 480 -56.53 8.69 51.74
CA GLU E 480 -57.29 7.82 52.62
C GLU E 480 -58.51 8.55 53.18
N ASP E 481 -59.66 7.87 53.15
CA ASP E 481 -60.88 8.37 53.75
C ASP E 481 -60.76 8.34 55.28
N THR E 482 -61.66 9.08 55.95
CA THR E 482 -61.75 9.03 57.41
C THR E 482 -62.26 7.69 57.92
N GLU E 483 -62.97 6.92 57.09
CA GLU E 483 -63.25 5.52 57.35
C GLU E 483 -62.24 4.61 56.69
N GLY E 484 -61.62 5.06 55.60
CA GLY E 484 -60.58 4.32 54.93
C GLY E 484 -60.92 3.86 53.52
N LEU E 485 -60.43 4.60 52.54
CA LEU E 485 -60.44 4.21 51.15
C LEU E 485 -59.03 4.25 50.59
N LYS E 486 -58.86 3.65 49.41
CA LYS E 486 -57.56 3.60 48.73
C LYS E 486 -57.77 4.12 47.31
N GLU E 487 -57.69 5.44 47.18
CA GLU E 487 -57.78 6.11 45.89
C GLU E 487 -56.40 6.64 45.52
N VAL E 488 -55.76 6.03 44.53
CA VAL E 488 -54.37 6.31 44.19
C VAL E 488 -54.35 7.23 42.99
N ILE E 489 -53.68 8.38 43.13
CA ILE E 489 -53.53 9.35 42.05
C ILE E 489 -52.71 8.75 40.91
N ASN E 490 -51.48 8.36 41.22
CA ASN E 490 -50.57 7.79 40.22
C ASN E 490 -50.65 6.26 40.28
N ASP E 491 -51.76 5.72 39.81
CA ASP E 491 -52.05 4.30 39.95
C ASP E 491 -51.66 3.54 38.68
N ARG E 492 -50.36 3.56 38.40
CA ARG E 492 -49.75 2.72 37.37
C ARG E 492 -48.33 2.40 37.79
N TYR E 493 -47.83 1.28 37.26
CA TYR E 493 -46.46 0.85 37.50
C TYR E 493 -45.43 1.86 37.00
N ASP E 494 -45.75 2.58 35.92
CA ASP E 494 -44.86 3.57 35.34
C ASP E 494 -45.25 5.00 35.67
N MET E 495 -46.04 5.22 36.72
CA MET E 495 -46.36 6.55 37.21
C MET E 495 -45.67 6.79 38.55
N LEU E 496 -44.53 6.14 38.78
CA LEU E 496 -43.83 6.23 40.05
C LEU E 496 -42.79 7.34 40.07
N ASN E 497 -42.16 7.63 38.93
CA ASN E 497 -41.10 8.62 38.87
C ASN E 497 -41.67 10.03 38.99
N ILE E 498 -41.64 10.58 40.20
CA ILE E 498 -42.05 11.96 40.46
C ILE E 498 -40.93 12.67 41.20
N SER E 499 -40.06 11.90 41.84
CA SER E 499 -39.02 12.43 42.72
C SER E 499 -37.92 13.10 41.91
N SER E 500 -37.86 14.43 41.96
CA SER E 500 -36.79 15.21 41.37
C SER E 500 -35.82 15.66 42.45
N LEU E 501 -34.58 15.95 42.04
CA LEU E 501 -33.53 16.37 42.96
C LEU E 501 -33.06 17.76 42.57
N ARG E 502 -33.39 18.75 43.41
CA ARG E 502 -32.91 20.10 43.18
C ARG E 502 -31.42 20.20 43.49
N GLN E 503 -30.77 21.22 42.94
CA GLN E 503 -29.35 21.39 43.15
C GLN E 503 -29.00 21.94 44.53
N ASP E 504 -29.98 22.26 45.39
CA ASP E 504 -29.69 22.73 46.73
C ASP E 504 -29.46 21.60 47.73
N GLY E 505 -29.57 20.34 47.31
CA GLY E 505 -29.44 19.23 48.23
C GLY E 505 -30.74 18.81 48.88
N LYS E 506 -31.88 19.05 48.23
CA LYS E 506 -33.17 18.68 48.78
C LYS E 506 -33.99 18.01 47.68
N THR E 507 -34.39 16.77 47.92
CA THR E 507 -35.18 16.02 46.95
C THR E 507 -36.60 16.58 46.91
N PHE E 508 -37.14 16.74 45.71
CA PHE E 508 -38.45 17.35 45.52
C PHE E 508 -39.40 16.35 44.89
N ILE E 509 -40.52 16.13 45.56
CA ILE E 509 -41.61 15.29 45.08
C ILE E 509 -42.59 16.20 44.36
N ASP E 510 -43.27 15.67 43.34
CA ASP E 510 -44.20 16.47 42.54
C ASP E 510 -45.46 15.66 42.28
N PHE E 511 -46.61 16.15 42.77
CA PHE E 511 -47.88 15.50 42.47
C PHE E 511 -48.36 15.84 41.06
N LYS E 512 -48.01 17.05 40.58
CA LYS E 512 -48.60 17.61 39.36
C LYS E 512 -48.25 16.83 38.10
N LYS E 513 -47.06 16.20 38.08
CA LYS E 513 -46.56 15.49 36.90
C LYS E 513 -47.49 14.39 36.41
N TYR E 514 -48.15 13.70 37.34
CA TYR E 514 -49.09 12.66 36.95
C TYR E 514 -50.49 12.96 37.45
N ASN E 515 -50.89 14.23 37.31
CA ASN E 515 -52.27 14.62 37.63
C ASN E 515 -52.81 15.57 36.56
N ASP E 516 -52.27 15.52 35.34
CA ASP E 516 -52.64 16.38 34.20
C ASP E 516 -52.45 17.86 34.54
N LYS E 517 -51.23 18.18 34.98
CA LYS E 517 -50.69 19.52 35.21
C LYS E 517 -51.35 20.25 36.38
N LEU E 518 -52.31 19.63 37.05
CA LEU E 518 -53.09 20.20 38.14
C LEU E 518 -52.63 19.65 39.48
N PRO E 519 -52.72 20.46 40.56
CA PRO E 519 -52.46 19.92 41.91
C PRO E 519 -53.47 18.89 42.38
N LEU E 520 -53.25 18.36 43.59
CA LEU E 520 -54.11 17.33 44.17
C LEU E 520 -55.53 17.85 44.40
N TYR E 521 -56.43 16.91 44.65
CA TYR E 521 -57.86 17.20 44.81
C TYR E 521 -58.25 16.86 46.24
N ILE E 522 -58.41 17.89 47.07
CA ILE E 522 -58.81 17.71 48.46
C ILE E 522 -60.33 17.90 48.50
N SER E 523 -61.06 16.78 48.46
CA SER E 523 -62.51 16.81 48.54
C SER E 523 -63.01 17.22 49.93
N ASN E 524 -62.24 16.91 50.96
CA ASN E 524 -62.53 17.25 52.35
C ASN E 524 -61.18 17.46 53.02
N PRO E 525 -60.94 18.62 53.68
CA PRO E 525 -59.65 18.86 54.33
C PRO E 525 -59.41 18.07 55.61
N ASN E 526 -60.24 17.07 55.90
CA ASN E 526 -59.98 16.16 57.00
C ASN E 526 -59.54 14.78 56.54
N TYR E 527 -59.23 14.59 55.26
CA TYR E 527 -58.71 13.30 54.80
C TYR E 527 -57.23 13.17 55.18
N LYS E 528 -56.62 12.09 54.68
CA LYS E 528 -55.20 11.82 54.83
C LYS E 528 -54.56 11.75 53.46
N VAL E 529 -53.48 12.49 53.29
CA VAL E 529 -52.71 12.48 52.05
C VAL E 529 -51.49 11.59 52.29
N ASN E 530 -51.51 10.41 51.71
CA ASN E 530 -50.45 9.43 51.91
C ASN E 530 -49.50 9.45 50.72
N VAL E 531 -48.20 9.43 51.01
CA VAL E 531 -47.16 9.28 50.00
C VAL E 531 -46.26 8.12 50.43
N TYR E 532 -46.13 7.13 49.56
CA TYR E 532 -45.42 5.90 49.83
C TYR E 532 -44.28 5.75 48.82
N ALA E 533 -43.26 4.98 49.17
CA ALA E 533 -42.09 4.80 48.32
C ALA E 533 -41.86 3.33 47.99
N VAL E 534 -41.15 3.09 46.89
CA VAL E 534 -40.95 1.76 46.33
C VAL E 534 -39.45 1.52 46.16
N THR E 535 -38.92 0.50 46.85
CA THR E 535 -37.53 0.11 46.66
C THR E 535 -37.34 -0.57 45.30
N LYS E 536 -36.08 -0.61 44.85
CA LYS E 536 -35.73 -1.29 43.60
C LYS E 536 -35.99 -2.79 43.66
N GLU E 537 -35.83 -3.40 44.84
CA GLU E 537 -36.10 -4.83 44.98
C GLU E 537 -37.59 -5.13 44.95
N ASN E 538 -38.45 -4.13 45.15
CA ASN E 538 -39.89 -4.33 45.13
C ASN E 538 -40.57 -3.78 43.88
N THR E 539 -39.89 -2.97 43.09
CA THR E 539 -40.53 -2.33 41.94
C THR E 539 -40.78 -3.35 40.82
N ILE E 540 -41.75 -3.02 39.98
CA ILE E 540 -42.02 -3.77 38.77
C ILE E 540 -41.77 -2.85 37.58
N ILE E 541 -41.53 -3.46 36.42
CA ILE E 541 -41.13 -2.73 35.23
C ILE E 541 -42.01 -3.11 34.04
N ASN E 542 -42.94 -4.03 34.26
CA ASN E 542 -43.92 -4.45 33.28
C ASN E 542 -45.20 -4.82 34.02
N PRO E 543 -46.36 -4.79 33.33
CA PRO E 543 -47.60 -5.26 33.96
C PRO E 543 -47.56 -6.75 34.30
N SER E 544 -48.51 -7.17 35.13
CA SER E 544 -48.66 -8.57 35.51
C SER E 544 -49.10 -9.46 34.35
N GLU E 545 -49.37 -10.74 34.67
CA GLU E 545 -49.80 -11.74 33.70
C GLU E 545 -50.99 -11.30 32.84
N ASN E 546 -52.12 -10.98 33.46
CA ASN E 546 -53.31 -10.67 32.67
C ASN E 546 -53.28 -9.27 32.04
N GLY E 547 -53.44 -8.21 32.85
CA GLY E 547 -53.33 -6.87 32.32
C GLY E 547 -52.92 -5.79 33.32
N ASP E 548 -52.37 -6.19 34.47
CA ASP E 548 -52.39 -5.32 35.65
C ASP E 548 -51.39 -4.17 35.59
N THR E 549 -51.87 -3.03 35.11
CA THR E 549 -51.13 -1.77 35.08
C THR E 549 -51.40 -0.92 36.31
N SER E 550 -51.55 -1.51 37.49
CA SER E 550 -51.91 -0.79 38.70
C SER E 550 -50.84 -0.96 39.78
N THR E 551 -50.94 -0.13 40.83
CA THR E 551 -50.05 -0.16 41.97
C THR E 551 -50.52 -1.13 43.06
N ASN E 552 -51.35 -2.10 42.67
CA ASN E 552 -51.97 -3.03 43.60
C ASN E 552 -50.94 -3.95 44.24
N GLY E 553 -50.23 -4.74 43.44
CA GLY E 553 -49.24 -5.66 43.96
C GLY E 553 -47.84 -5.08 44.06
N ILE E 554 -47.66 -4.08 44.92
CA ILE E 554 -46.35 -3.45 45.15
C ILE E 554 -46.15 -3.30 46.65
N LYS E 555 -44.95 -3.66 47.13
CA LYS E 555 -44.61 -3.60 48.55
C LYS E 555 -44.23 -2.17 48.89
N LYS E 556 -45.26 -1.38 49.21
CA LYS E 556 -45.13 0.02 49.54
C LYS E 556 -44.73 0.20 51.00
N ILE E 557 -44.16 1.38 51.30
CA ILE E 557 -43.59 1.68 52.61
C ILE E 557 -44.11 3.06 53.03
N LEU E 558 -44.56 3.17 54.28
CA LEU E 558 -45.18 4.40 54.80
C LEU E 558 -44.10 5.45 55.05
N ILE E 559 -44.06 6.50 54.22
CA ILE E 559 -43.18 7.64 54.46
C ILE E 559 -43.94 8.88 54.92
N PHE E 560 -45.06 9.21 54.28
CA PHE E 560 -45.74 10.48 54.52
C PHE E 560 -47.21 10.23 54.79
N SER E 561 -47.69 10.74 55.92
CA SER E 561 -49.10 10.69 56.24
C SER E 561 -49.51 11.89 57.09
N LYS E 562 -50.02 12.94 56.44
CA LYS E 562 -50.47 14.13 57.14
C LYS E 562 -51.88 14.48 56.71
N LYS E 563 -52.57 15.26 57.54
CA LYS E 563 -53.93 15.68 57.26
C LYS E 563 -53.95 16.73 56.15
N GLY E 564 -55.17 17.11 55.74
CA GLY E 564 -55.34 18.04 54.64
C GLY E 564 -55.33 19.49 55.07
N TYR E 565 -55.60 19.76 56.34
CA TYR E 565 -55.53 21.12 56.87
C TYR E 565 -54.13 21.48 57.35
N GLU E 566 -53.17 20.56 57.24
CA GLU E 566 -51.80 20.77 57.69
C GLU E 566 -50.84 20.87 56.52
N ILE E 567 -51.35 21.14 55.32
CA ILE E 567 -50.54 21.20 54.11
C ILE E 567 -50.69 22.58 53.51
N GLY E 568 -51.93 22.96 53.20
CA GLY E 568 -52.21 24.29 52.66
C GLY E 568 -53.49 24.33 51.86
N THR F 7 37.78 -14.11 43.20
CA THR F 7 36.67 -14.10 42.27
C THR F 7 36.15 -15.52 42.01
N VAL F 8 34.93 -15.78 42.44
CA VAL F 8 34.34 -17.10 42.30
C VAL F 8 33.81 -17.26 40.87
N PRO F 9 34.00 -18.41 40.22
CA PRO F 9 33.52 -18.58 38.85
C PRO F 9 32.03 -18.86 38.75
N ASP F 10 31.45 -18.36 37.66
CA ASP F 10 30.07 -18.66 37.23
C ASP F 10 30.13 -18.67 35.70
N ARG F 11 30.38 -19.86 35.14
CA ARG F 11 30.54 -20.00 33.70
C ARG F 11 29.22 -19.71 32.99
N ASP F 12 28.12 -20.15 33.58
CA ASP F 12 26.80 -19.91 33.04
C ASP F 12 26.36 -18.47 33.14
N ASN F 13 27.10 -17.63 33.88
CA ASN F 13 26.96 -16.18 33.92
C ASN F 13 25.59 -15.76 34.45
N ASP F 14 24.94 -16.65 35.18
CA ASP F 14 23.61 -16.42 35.70
C ASP F 14 23.63 -15.88 37.12
N GLY F 15 24.75 -15.31 37.54
CA GLY F 15 24.82 -14.65 38.83
C GLY F 15 24.94 -15.59 39.99
N ILE F 16 25.12 -16.89 39.74
CA ILE F 16 25.19 -17.90 40.78
C ILE F 16 26.33 -18.85 40.45
N PRO F 17 27.24 -19.06 41.38
CA PRO F 17 28.46 -19.81 41.08
C PRO F 17 28.21 -21.28 40.83
N ASP F 18 29.24 -21.91 40.29
CA ASP F 18 29.07 -23.19 39.64
C ASP F 18 29.03 -24.32 40.65
N SER F 19 29.86 -24.25 41.68
CA SER F 19 29.90 -25.27 42.71
C SER F 19 28.61 -25.33 43.50
N LEU F 20 27.93 -24.19 43.67
CA LEU F 20 26.67 -24.20 44.38
C LEU F 20 25.59 -24.89 43.56
N GLU F 21 25.55 -24.62 42.25
CA GLU F 21 24.60 -25.27 41.36
C GLU F 21 24.85 -26.75 41.26
N VAL F 22 26.12 -27.16 41.38
CA VAL F 22 26.42 -28.58 41.38
C VAL F 22 26.01 -29.22 42.69
N GLU F 23 26.46 -28.67 43.80
CA GLU F 23 26.43 -29.35 45.08
C GLU F 23 25.18 -29.08 45.88
N GLY F 24 24.34 -28.16 45.43
CA GLY F 24 23.15 -27.91 46.20
C GLY F 24 23.20 -26.55 46.88
N TYR F 25 22.06 -25.88 46.89
CA TYR F 25 21.97 -24.55 47.45
C TYR F 25 20.52 -24.26 47.79
N THR F 26 20.29 -23.06 48.30
CA THR F 26 18.96 -22.59 48.65
C THR F 26 18.99 -21.07 48.76
N VAL F 27 17.80 -20.49 48.83
CA VAL F 27 17.60 -19.06 49.01
C VAL F 27 16.83 -18.88 50.31
N ASP F 28 17.30 -17.99 51.16
CA ASP F 28 16.65 -17.78 52.44
C ASP F 28 16.65 -16.32 52.83
N VAL F 29 15.51 -15.83 53.26
CA VAL F 29 15.44 -14.49 53.82
C VAL F 29 15.84 -14.54 55.28
N LYS F 30 16.49 -13.47 55.74
CA LYS F 30 16.86 -13.40 57.14
C LYS F 30 16.08 -12.33 57.88
N ASN F 31 16.14 -11.08 57.45
CA ASN F 31 15.31 -10.05 58.06
C ASN F 31 14.29 -9.54 57.06
N LYS F 32 14.76 -8.95 55.96
CA LYS F 32 13.93 -8.69 54.79
C LYS F 32 14.74 -8.91 53.52
N ARG F 33 15.77 -9.75 53.60
CA ARG F 33 16.77 -9.79 52.54
C ARG F 33 17.08 -11.23 52.15
N THR F 34 17.03 -11.48 50.85
CA THR F 34 17.26 -12.81 50.30
C THR F 34 18.75 -13.09 50.24
N PHE F 35 19.16 -14.23 50.78
CA PHE F 35 20.54 -14.65 50.85
C PHE F 35 20.68 -15.99 50.18
N LEU F 36 21.67 -16.11 49.30
CA LEU F 36 21.88 -17.31 48.50
C LEU F 36 22.85 -18.21 49.26
N SER F 37 22.32 -19.08 50.00
CA SER F 37 23.21 -19.96 50.75
C SER F 37 23.48 -21.24 49.98
N PRO F 38 24.65 -21.84 50.18
CA PRO F 38 24.80 -23.25 49.82
C PRO F 38 24.02 -24.12 50.80
N TRP F 39 23.79 -25.36 50.40
CA TRP F 39 22.92 -26.23 51.16
C TRP F 39 23.60 -26.70 52.45
N ILE F 40 22.93 -26.48 53.57
CA ILE F 40 23.31 -27.04 54.86
C ILE F 40 22.09 -27.76 55.43
N SER F 41 22.26 -29.05 55.71
CA SER F 41 21.12 -29.85 56.13
C SER F 41 20.73 -29.62 57.59
N ASN F 42 21.57 -28.95 58.37
CA ASN F 42 21.23 -28.76 59.77
C ASN F 42 20.19 -27.68 59.96
N ILE F 43 20.13 -26.72 59.06
CA ILE F 43 19.35 -25.51 59.23
C ILE F 43 18.22 -25.45 58.22
N HIS F 44 18.55 -25.62 56.95
CA HIS F 44 17.60 -25.37 55.88
C HIS F 44 16.59 -26.48 55.76
N GLU F 45 16.98 -27.69 56.15
CA GLU F 45 16.05 -28.81 56.18
C GLU F 45 15.02 -28.65 57.28
N LYS F 46 15.42 -28.07 58.41
CA LYS F 46 14.45 -27.82 59.48
C LYS F 46 13.50 -26.71 59.12
N LYS F 47 13.93 -25.77 58.28
CA LYS F 47 13.06 -24.71 57.84
C LYS F 47 12.13 -25.15 56.72
N GLY F 48 12.39 -26.29 56.10
CA GLY F 48 11.59 -26.74 54.99
C GLY F 48 12.04 -26.20 53.66
N LEU F 49 13.24 -25.65 53.58
CA LEU F 49 13.74 -25.09 52.33
C LEU F 49 14.11 -26.21 51.37
N THR F 50 13.87 -25.99 50.10
CA THR F 50 14.09 -27.02 49.09
C THR F 50 15.49 -26.90 48.53
N LYS F 51 16.23 -28.00 48.57
CA LYS F 51 17.59 -28.03 48.03
C LYS F 51 17.53 -27.96 46.51
N TYR F 52 18.36 -27.11 45.93
CA TYR F 52 18.31 -26.81 44.50
C TYR F 52 19.61 -27.22 43.84
N LYS F 53 19.50 -27.87 42.69
CA LYS F 53 20.66 -28.17 41.86
C LYS F 53 20.34 -27.78 40.43
N SER F 54 21.36 -27.28 39.73
CA SER F 54 21.17 -26.84 38.35
C SER F 54 22.50 -26.90 37.62
N SER F 55 22.47 -26.48 36.38
CA SER F 55 23.67 -26.62 35.59
C SER F 55 24.66 -25.48 35.88
N PRO F 56 25.94 -25.81 35.99
CA PRO F 56 26.97 -24.78 36.10
C PRO F 56 27.25 -24.09 34.79
N GLU F 57 26.76 -24.62 33.68
CA GLU F 57 27.06 -24.04 32.39
C GLU F 57 25.81 -23.60 31.64
N LYS F 58 24.63 -23.82 32.19
CA LYS F 58 23.43 -23.30 31.57
C LYS F 58 22.94 -22.12 32.38
N TRP F 59 22.86 -20.96 31.71
CA TRP F 59 22.21 -19.79 32.25
C TRP F 59 20.75 -20.09 32.61
N SER F 60 20.11 -20.90 31.79
CA SER F 60 18.79 -21.45 32.09
C SER F 60 18.89 -22.95 31.90
N THR F 61 18.85 -23.68 33.02
CA THR F 61 19.04 -25.11 32.97
C THR F 61 17.88 -25.80 32.29
N ALA F 62 16.68 -25.26 32.41
CA ALA F 62 15.53 -25.79 31.70
C ALA F 62 15.38 -25.20 30.30
N SER F 63 16.29 -24.32 29.89
CA SER F 63 16.37 -23.63 28.60
C SER F 63 15.18 -22.70 28.32
N ASP F 64 14.25 -22.55 29.26
CA ASP F 64 13.21 -21.56 29.18
C ASP F 64 13.82 -20.17 29.29
N PRO F 65 13.14 -19.10 28.80
CA PRO F 65 13.76 -17.78 28.81
C PRO F 65 13.79 -17.10 30.18
N TYR F 66 14.23 -17.83 31.19
CA TYR F 66 14.32 -17.36 32.56
C TYR F 66 15.52 -18.02 33.18
N SER F 67 16.35 -17.23 33.86
CA SER F 67 17.57 -17.78 34.43
C SER F 67 17.25 -18.68 35.61
N ASP F 68 18.28 -19.40 36.05
CA ASP F 68 18.16 -20.18 37.28
C ASP F 68 17.98 -19.25 38.46
N PHE F 69 18.74 -18.16 38.48
CA PHE F 69 18.74 -17.23 39.61
C PHE F 69 17.44 -16.46 39.71
N GLU F 70 16.88 -16.05 38.57
CA GLU F 70 15.58 -15.38 38.58
C GLU F 70 14.50 -16.31 39.07
N LYS F 71 14.63 -17.59 38.74
CA LYS F 71 13.60 -18.55 39.10
C LYS F 71 13.66 -18.91 40.56
N VAL F 72 14.85 -18.94 41.15
CA VAL F 72 14.93 -19.24 42.57
C VAL F 72 14.76 -17.97 43.40
N THR F 73 15.03 -16.81 42.84
CA THR F 73 14.96 -15.58 43.61
C THR F 73 13.53 -15.08 43.67
N GLY F 74 12.81 -15.21 42.57
CA GLY F 74 11.48 -14.66 42.44
C GLY F 74 11.41 -13.42 41.58
N ARG F 75 12.54 -12.98 41.02
CA ARG F 75 12.54 -11.83 40.13
C ARG F 75 12.16 -12.27 38.72
N ILE F 76 10.87 -12.56 38.59
CA ILE F 76 10.33 -13.24 37.43
C ILE F 76 8.93 -12.68 37.20
N ASP F 77 8.39 -12.94 36.02
CA ASP F 77 6.97 -12.79 35.79
C ASP F 77 6.21 -13.68 36.75
N LYS F 78 5.37 -13.06 37.57
CA LYS F 78 4.69 -13.78 38.64
C LYS F 78 3.57 -14.66 38.13
N ASN F 79 3.19 -14.54 36.86
CA ASN F 79 2.20 -15.42 36.29
C ASN F 79 2.73 -16.82 36.04
N VAL F 80 4.04 -17.02 36.16
CA VAL F 80 4.62 -18.35 36.19
C VAL F 80 4.06 -19.11 37.37
N SER F 81 3.61 -20.34 37.11
CA SER F 81 3.05 -21.19 38.15
C SER F 81 4.11 -21.51 39.21
N PRO F 82 3.69 -21.72 40.47
CA PRO F 82 4.67 -21.96 41.53
C PRO F 82 5.44 -23.26 41.38
N GLU F 83 4.82 -24.30 40.83
CA GLU F 83 5.55 -25.53 40.58
C GLU F 83 6.56 -25.38 39.45
N ALA F 84 6.44 -24.35 38.63
CA ALA F 84 7.45 -24.05 37.64
C ALA F 84 8.56 -23.18 38.20
N ARG F 85 8.52 -22.87 39.49
CA ARG F 85 9.61 -22.09 40.05
C ARG F 85 10.83 -22.94 40.39
N HIS F 86 10.76 -24.23 40.19
CA HIS F 86 11.95 -25.04 40.34
C HIS F 86 12.76 -25.02 39.03
N PRO F 87 14.09 -24.96 39.13
CA PRO F 87 14.91 -24.80 37.91
C PRO F 87 14.86 -25.97 36.97
N LEU F 88 14.62 -27.17 37.47
CA LEU F 88 14.53 -28.33 36.61
C LEU F 88 13.13 -28.49 36.03
N VAL F 89 12.22 -27.59 36.35
CA VAL F 89 10.86 -27.60 35.81
C VAL F 89 10.77 -26.51 34.75
N ALA F 90 10.36 -26.91 33.55
CA ALA F 90 10.23 -25.96 32.45
C ALA F 90 8.99 -25.08 32.64
N ALA F 91 9.05 -23.89 32.05
CA ALA F 91 7.95 -22.94 32.10
C ALA F 91 7.65 -22.51 30.67
N TYR F 92 6.47 -22.86 30.17
CA TYR F 92 6.16 -22.57 28.79
C TYR F 92 4.65 -22.53 28.63
N PRO F 93 4.14 -21.72 27.69
CA PRO F 93 2.70 -21.72 27.43
C PRO F 93 2.29 -22.86 26.52
N ILE F 94 1.05 -23.30 26.71
CA ILE F 94 0.38 -24.24 25.82
C ILE F 94 -0.92 -23.59 25.43
N VAL F 95 -1.03 -23.21 24.17
CA VAL F 95 -2.17 -22.46 23.67
C VAL F 95 -2.83 -23.27 22.56
N HIS F 96 -4.14 -23.45 22.67
CA HIS F 96 -4.92 -24.01 21.58
C HIS F 96 -6.26 -23.30 21.55
N VAL F 97 -6.83 -23.23 20.36
CA VAL F 97 -8.03 -22.44 20.11
C VAL F 97 -9.21 -23.38 19.96
N ASP F 98 -10.31 -23.05 20.63
CA ASP F 98 -11.57 -23.74 20.43
C ASP F 98 -12.53 -22.85 19.65
N MET F 99 -13.51 -23.46 19.02
CA MET F 99 -14.45 -22.77 18.16
C MET F 99 -15.86 -22.97 18.72
N GLU F 100 -16.47 -21.90 19.18
CA GLU F 100 -17.78 -22.09 19.81
C GLU F 100 -18.91 -22.02 18.80
N ASN F 101 -18.77 -21.20 17.76
CA ASN F 101 -19.92 -20.98 16.91
C ASN F 101 -19.50 -20.59 15.51
N ILE F 102 -20.34 -20.98 14.55
CA ILE F 102 -20.19 -20.62 13.15
C ILE F 102 -21.25 -19.59 12.83
N ILE F 103 -20.92 -18.68 11.90
CA ILE F 103 -21.91 -17.80 11.30
C ILE F 103 -21.63 -17.80 9.81
N LEU F 104 -22.57 -18.33 9.03
CA LEU F 104 -22.48 -18.27 7.59
C LEU F 104 -23.54 -17.31 7.07
N SER F 105 -23.18 -16.50 6.09
CA SER F 105 -24.10 -15.57 5.47
C SER F 105 -24.11 -15.81 3.97
N LYS F 106 -25.28 -16.03 3.42
CA LYS F 106 -25.41 -16.26 1.99
C LYS F 106 -25.35 -14.94 1.27
N ASN F 107 -24.30 -14.75 0.46
CA ASN F 107 -24.14 -13.53 -0.33
C ASN F 107 -25.02 -13.64 -1.56
N GLU F 108 -26.31 -13.41 -1.35
CA GLU F 108 -27.31 -13.44 -2.40
C GLU F 108 -28.01 -12.09 -2.40
N ASP F 109 -28.13 -11.47 -3.56
CA ASP F 109 -28.78 -10.16 -3.61
C ASP F 109 -30.12 -10.28 -4.33
N GLN F 110 -31.18 -9.93 -3.63
CA GLN F 110 -32.53 -10.06 -4.15
C GLN F 110 -33.17 -8.68 -4.27
N SER F 111 -34.11 -8.58 -5.21
CA SER F 111 -34.77 -7.32 -5.45
C SER F 111 -36.22 -7.57 -5.87
N THR F 112 -37.10 -6.67 -5.46
CA THR F 112 -38.49 -6.71 -5.84
C THR F 112 -38.86 -5.42 -6.53
N GLN F 113 -39.64 -5.52 -7.60
CA GLN F 113 -40.06 -4.35 -8.37
C GLN F 113 -41.58 -4.34 -8.49
N ASN F 114 -42.17 -3.18 -8.21
CA ASN F 114 -43.59 -2.96 -8.41
C ASN F 114 -43.76 -1.89 -9.46
N THR F 115 -44.71 -2.07 -10.37
CA THR F 115 -44.88 -1.16 -11.50
C THR F 115 -46.36 -0.94 -11.78
N ASP F 116 -46.76 0.31 -11.95
CA ASP F 116 -48.12 0.65 -12.37
C ASP F 116 -48.07 1.39 -13.70
N SER F 117 -49.04 1.12 -14.58
CA SER F 117 -49.04 1.68 -15.93
C SER F 117 -50.47 1.98 -16.38
N GLN F 118 -50.73 3.23 -16.73
CA GLN F 118 -52.03 3.64 -17.23
C GLN F 118 -51.87 4.19 -18.64
N THR F 119 -52.55 3.56 -19.60
CA THR F 119 -52.38 3.85 -21.02
C THR F 119 -53.70 4.32 -21.61
N ARG F 120 -53.68 5.47 -22.28
CA ARG F 120 -54.86 6.00 -22.94
C ARG F 120 -54.60 6.01 -24.44
N THR F 121 -55.30 5.13 -25.17
CA THR F 121 -55.10 4.97 -26.60
C THR F 121 -56.32 5.47 -27.34
N ILE F 122 -56.16 6.53 -28.12
CA ILE F 122 -57.24 7.15 -28.86
C ILE F 122 -57.01 6.88 -30.33
N SER F 123 -57.94 6.18 -30.97
CA SER F 123 -57.71 5.59 -32.28
C SER F 123 -58.75 6.09 -33.27
N LYS F 124 -58.32 6.32 -34.50
CA LYS F 124 -59.20 6.72 -35.59
C LYS F 124 -59.14 5.65 -36.68
N ASN F 125 -60.22 5.52 -37.46
CA ASN F 125 -60.26 4.60 -38.59
C ASN F 125 -61.23 5.16 -39.61
N THR F 126 -60.98 4.91 -40.89
CA THR F 126 -61.99 5.20 -41.92
C THR F 126 -61.92 4.11 -42.99
N SER F 127 -62.90 4.12 -43.89
CA SER F 127 -63.08 3.03 -44.84
C SER F 127 -63.91 3.48 -46.04
N THR F 128 -63.63 2.88 -47.20
CA THR F 128 -64.56 2.80 -48.32
C THR F 128 -64.57 1.37 -48.85
N SER F 129 -65.53 1.08 -49.72
CA SER F 129 -65.74 -0.24 -50.29
C SER F 129 -66.53 -0.09 -51.59
N ARG F 130 -66.23 -0.91 -52.59
CA ARG F 130 -66.95 -0.87 -53.86
C ARG F 130 -67.22 -2.27 -54.38
N THR F 131 -68.50 -2.60 -54.52
CA THR F 131 -68.97 -3.95 -54.81
C THR F 131 -69.56 -3.97 -56.20
N HIS F 132 -69.26 -5.00 -57.00
CA HIS F 132 -69.84 -5.15 -58.33
C HIS F 132 -70.43 -6.53 -58.48
N THR F 133 -71.75 -6.62 -58.61
CA THR F 133 -72.49 -7.87 -58.49
C THR F 133 -73.19 -8.20 -59.80
N SER F 134 -72.94 -9.41 -60.31
CA SER F 134 -73.68 -9.97 -61.43
C SER F 134 -74.51 -11.15 -60.93
N GLU F 135 -75.48 -11.57 -61.75
CA GLU F 135 -76.52 -12.51 -61.36
C GLU F 135 -77.23 -13.05 -62.59
N VAL F 136 -77.40 -14.37 -62.68
CA VAL F 136 -78.11 -15.01 -63.79
C VAL F 136 -79.13 -15.98 -63.21
N HIS F 137 -80.41 -15.64 -63.30
CA HIS F 137 -81.53 -16.40 -62.75
C HIS F 137 -82.14 -17.33 -63.80
N GLY F 138 -82.69 -18.46 -63.32
CA GLY F 138 -83.44 -19.35 -64.17
C GLY F 138 -84.77 -19.71 -63.52
N ASN F 139 -85.67 -20.25 -64.34
CA ASN F 139 -87.01 -20.59 -63.92
C ASN F 139 -87.66 -21.51 -64.95
N ALA F 140 -88.43 -22.49 -64.47
CA ALA F 140 -89.35 -23.28 -65.28
C ALA F 140 -90.62 -23.48 -64.46
N GLU F 141 -91.74 -23.70 -65.14
CA GLU F 141 -93.03 -23.75 -64.44
C GLU F 141 -94.01 -24.63 -65.19
N VAL F 142 -94.71 -25.50 -64.48
CA VAL F 142 -95.74 -26.36 -65.07
C VAL F 142 -97.04 -26.16 -64.29
N HIS F 143 -98.04 -25.61 -64.96
CA HIS F 143 -99.34 -25.32 -64.36
C HIS F 143 -100.37 -26.31 -64.89
N ALA F 144 -101.29 -26.73 -64.04
CA ALA F 144 -102.29 -27.71 -64.43
C ALA F 144 -103.62 -27.41 -63.74
N SER F 145 -104.71 -27.51 -64.50
CA SER F 145 -106.05 -27.24 -64.00
C SER F 145 -106.98 -28.39 -64.32
N PHE F 146 -108.30 -28.16 -64.19
CA PHE F 146 -109.28 -29.12 -64.68
C PHE F 146 -109.11 -29.40 -66.17
N PHE F 147 -108.92 -28.35 -66.97
CA PHE F 147 -108.75 -28.53 -68.40
C PHE F 147 -107.67 -27.62 -68.98
N ASP F 148 -106.90 -26.94 -68.15
CA ASP F 148 -105.90 -25.98 -68.61
C ASP F 148 -104.53 -26.36 -68.07
N ILE F 149 -103.59 -26.59 -68.97
CA ILE F 149 -102.22 -26.96 -68.64
C ILE F 149 -101.29 -25.98 -69.35
N GLY F 150 -100.34 -25.41 -68.61
CA GLY F 150 -99.38 -24.50 -69.18
C GLY F 150 -97.96 -24.82 -68.72
N GLY F 151 -97.00 -24.26 -69.44
CA GLY F 151 -95.62 -24.33 -69.03
C GLY F 151 -94.88 -23.06 -69.42
N SER F 152 -93.87 -22.72 -68.61
CA SER F 152 -93.20 -21.43 -68.70
C SER F 152 -91.71 -21.59 -68.43
N VAL F 153 -90.87 -20.85 -69.17
CA VAL F 153 -89.43 -20.87 -69.00
C VAL F 153 -88.93 -19.43 -68.90
N SER F 154 -88.14 -19.14 -67.86
CA SER F 154 -87.69 -17.78 -67.62
C SER F 154 -86.20 -17.75 -67.27
N ALA F 155 -85.58 -16.61 -67.57
CA ALA F 155 -84.17 -16.38 -67.26
C ALA F 155 -83.92 -14.89 -67.03
N GLY F 156 -83.05 -14.59 -66.08
CA GLY F 156 -82.84 -13.23 -65.60
C GLY F 156 -81.39 -12.79 -65.53
N PHE F 157 -81.10 -11.55 -65.88
CA PHE F 157 -79.74 -11.02 -65.90
C PHE F 157 -79.64 -9.76 -65.05
N SER F 158 -79.11 -9.88 -63.84
CA SER F 158 -79.05 -8.77 -62.90
C SER F 158 -77.62 -8.32 -62.70
N ASN F 159 -77.34 -7.05 -62.99
CA ASN F 159 -76.09 -6.40 -62.62
C ASN F 159 -76.34 -5.58 -61.36
N SER F 160 -75.28 -5.34 -60.59
CA SER F 160 -75.36 -4.50 -59.40
C SER F 160 -73.99 -3.95 -59.02
N ASN F 161 -74.01 -2.84 -58.28
CA ASN F 161 -72.82 -2.07 -57.92
C ASN F 161 -73.10 -1.23 -56.68
N SER F 162 -72.32 -1.46 -55.63
CA SER F 162 -72.46 -0.85 -54.32
C SER F 162 -71.19 -0.09 -53.97
N SER F 163 -71.29 0.81 -52.98
CA SER F 163 -70.12 1.53 -52.47
C SER F 163 -70.36 1.98 -51.04
N THR F 164 -69.63 1.40 -50.10
CA THR F 164 -69.82 1.56 -48.66
C THR F 164 -68.72 2.45 -48.08
N VAL F 165 -69.11 3.59 -47.49
CA VAL F 165 -68.14 4.53 -46.95
C VAL F 165 -68.35 4.63 -45.44
N ALA F 166 -67.28 4.40 -44.67
CA ALA F 166 -67.34 4.14 -43.25
C ALA F 166 -66.30 4.96 -42.50
N ILE F 167 -66.51 5.14 -41.19
CA ILE F 167 -65.56 5.84 -40.32
C ILE F 167 -65.77 5.37 -38.89
N ASP F 168 -64.68 5.34 -38.11
CA ASP F 168 -64.64 4.81 -36.76
C ASP F 168 -63.82 5.75 -35.86
N HIS F 169 -64.26 5.92 -34.61
CA HIS F 169 -63.45 6.50 -33.54
C HIS F 169 -63.35 5.48 -32.41
N SER F 170 -62.30 5.59 -31.58
CA SER F 170 -62.03 4.57 -30.57
C SER F 170 -61.28 5.15 -29.38
N LEU F 171 -61.60 4.66 -28.18
CA LEU F 171 -60.81 4.90 -26.97
C LEU F 171 -60.30 3.57 -26.42
N SER F 172 -59.30 3.63 -25.55
CA SER F 172 -58.78 2.46 -24.83
C SER F 172 -58.12 2.92 -23.54
N LEU F 173 -58.52 2.33 -22.42
CA LEU F 173 -57.93 2.66 -21.11
C LEU F 173 -57.33 1.40 -20.51
N ALA F 174 -56.00 1.32 -20.49
CA ALA F 174 -55.28 0.11 -20.10
C ALA F 174 -54.55 0.35 -18.78
N GLY F 175 -55.01 -0.29 -17.72
CA GLY F 175 -54.37 -0.20 -16.41
C GLY F 175 -53.68 -1.50 -16.07
N GLU F 176 -52.41 -1.39 -15.63
CA GLU F 176 -51.57 -2.56 -15.44
C GLU F 176 -50.81 -2.45 -14.12
N ARG F 177 -50.78 -3.54 -13.37
CA ARG F 177 -49.98 -3.64 -12.15
C ARG F 177 -49.06 -4.84 -12.29
N THR F 178 -47.77 -4.58 -12.16
CA THR F 178 -46.72 -5.55 -12.43
C THR F 178 -45.92 -5.82 -11.15
N TRP F 179 -45.82 -7.09 -10.78
CA TRP F 179 -44.99 -7.52 -9.66
C TRP F 179 -43.81 -8.33 -10.19
N ALA F 180 -42.62 -8.07 -9.65
CA ALA F 180 -41.41 -8.72 -10.14
C ALA F 180 -40.46 -9.01 -8.98
N GLU F 181 -39.73 -10.11 -9.11
CA GLU F 181 -38.80 -10.54 -8.08
C GLU F 181 -37.59 -11.19 -8.75
N THR F 182 -36.40 -10.89 -8.22
CA THR F 182 -35.15 -11.31 -8.81
C THR F 182 -34.18 -11.71 -7.71
N MET F 183 -33.47 -12.82 -7.91
CA MET F 183 -32.48 -13.31 -6.96
C MET F 183 -31.18 -13.57 -7.70
N GLY F 184 -30.23 -12.65 -7.55
CA GLY F 184 -28.91 -12.82 -8.12
C GLY F 184 -27.94 -13.48 -7.16
N LEU F 185 -26.98 -14.19 -7.76
CA LEU F 185 -26.03 -15.01 -7.05
C LEU F 185 -24.74 -15.09 -7.86
N ASN F 186 -23.62 -15.24 -7.17
CA ASN F 186 -22.34 -15.53 -7.82
C ASN F 186 -21.81 -16.81 -7.20
N THR F 187 -21.51 -17.80 -8.05
CA THR F 187 -21.14 -19.13 -7.58
C THR F 187 -19.78 -19.15 -6.89
N ALA F 188 -18.93 -18.16 -7.14
CA ALA F 188 -17.65 -18.13 -6.49
C ALA F 188 -17.70 -17.46 -5.12
N ASP F 189 -18.72 -16.65 -4.87
CA ASP F 189 -18.83 -15.86 -3.66
C ASP F 189 -20.19 -16.05 -3.02
N THR F 190 -20.56 -17.30 -2.80
CA THR F 190 -21.89 -17.58 -2.27
C THR F 190 -21.99 -17.23 -0.79
N ALA F 191 -20.97 -17.54 -0.01
CA ALA F 191 -21.10 -17.43 1.43
C ALA F 191 -19.93 -16.69 2.04
N ARG F 192 -20.20 -16.07 3.18
CA ARG F 192 -19.18 -15.42 4.00
C ARG F 192 -19.21 -16.02 5.39
N LEU F 193 -18.03 -16.20 5.96
CA LEU F 193 -17.89 -16.91 7.23
C LEU F 193 -17.55 -15.98 8.37
N ASN F 194 -17.85 -16.46 9.58
CA ASN F 194 -17.46 -15.76 10.80
C ASN F 194 -17.37 -16.77 11.93
N ALA F 195 -16.22 -16.81 12.57
CA ALA F 195 -15.95 -17.76 13.65
C ALA F 195 -16.07 -17.07 15.00
N ASN F 196 -16.58 -17.79 15.99
CA ASN F 196 -16.57 -17.34 17.37
C ASN F 196 -15.66 -18.26 18.17
N ILE F 197 -14.53 -17.71 18.62
CA ILE F 197 -13.44 -18.51 19.14
C ILE F 197 -12.91 -17.93 20.44
N ARG F 198 -12.29 -18.79 21.24
CA ARG F 198 -11.60 -18.38 22.45
C ARG F 198 -10.18 -18.90 22.44
N TYR F 199 -9.38 -18.33 23.32
CA TYR F 199 -7.98 -18.69 23.50
C TYR F 199 -7.84 -19.31 24.88
N VAL F 200 -7.13 -20.44 24.95
CA VAL F 200 -6.98 -21.18 26.19
C VAL F 200 -5.50 -21.35 26.46
N ASN F 201 -5.06 -21.05 27.68
CA ASN F 201 -3.70 -21.36 28.07
C ASN F 201 -3.73 -22.47 29.09
N THR F 202 -3.27 -23.64 28.69
CA THR F 202 -3.07 -24.75 29.63
C THR F 202 -1.62 -24.89 30.03
N GLY F 203 -0.76 -23.98 29.60
CA GLY F 203 0.65 -24.07 29.89
C GLY F 203 1.02 -23.62 31.28
N THR F 204 2.25 -23.15 31.42
CA THR F 204 2.80 -22.71 32.69
C THR F 204 3.38 -21.32 32.65
N ALA F 205 3.92 -20.89 31.52
CA ALA F 205 4.34 -19.52 31.40
C ALA F 205 3.30 -18.73 30.62
N PRO F 206 3.11 -17.45 30.92
CA PRO F 206 2.24 -16.62 30.09
C PRO F 206 2.92 -16.26 28.78
N ILE F 207 2.09 -15.92 27.81
CA ILE F 207 2.54 -15.55 26.47
C ILE F 207 1.90 -14.23 26.11
N TYR F 208 2.68 -13.34 25.50
CA TYR F 208 2.24 -11.98 25.22
C TYR F 208 2.16 -11.72 23.73
N ASN F 209 1.17 -10.89 23.36
CA ASN F 209 0.84 -10.52 21.99
C ASN F 209 0.53 -11.78 21.16
N VAL F 210 -0.53 -12.46 21.59
CA VAL F 210 -0.86 -13.77 21.03
C VAL F 210 -1.52 -13.59 19.68
N LEU F 211 -0.93 -14.22 18.65
CA LEU F 211 -1.53 -14.25 17.32
C LEU F 211 -1.49 -15.69 16.82
N PRO F 212 -2.56 -16.43 17.00
CA PRO F 212 -2.59 -17.80 16.47
C PRO F 212 -2.79 -17.80 14.96
N THR F 213 -2.25 -18.82 14.34
CA THR F 213 -2.50 -19.10 12.93
C THR F 213 -3.43 -20.30 12.88
N THR F 214 -4.65 -20.10 12.38
CA THR F 214 -5.65 -21.15 12.38
C THR F 214 -6.10 -21.47 10.97
N SER F 215 -6.99 -22.46 10.86
CA SER F 215 -7.42 -22.97 9.57
C SER F 215 -8.86 -23.47 9.64
N LEU F 216 -9.70 -22.94 8.75
CA LEU F 216 -11.04 -23.46 8.48
C LEU F 216 -10.97 -24.61 7.50
N VAL F 217 -11.54 -25.77 7.89
CA VAL F 217 -11.45 -27.00 7.13
C VAL F 217 -12.83 -27.63 6.99
N LEU F 218 -13.20 -27.98 5.77
CA LEU F 218 -14.37 -28.82 5.54
C LEU F 218 -13.99 -30.29 5.40
N GLY F 219 -14.98 -31.14 5.69
CA GLY F 219 -14.92 -32.53 5.29
C GLY F 219 -13.84 -33.31 6.02
N LYS F 220 -13.16 -34.17 5.28
CA LYS F 220 -12.05 -34.91 5.83
C LYS F 220 -10.84 -33.99 6.00
N ASN F 221 -10.36 -33.45 4.89
CA ASN F 221 -9.22 -32.55 4.94
C ASN F 221 -9.33 -31.43 3.92
N GLN F 222 -10.54 -31.05 3.55
CA GLN F 222 -10.72 -29.98 2.57
C GLN F 222 -10.63 -28.66 3.31
N THR F 223 -9.47 -28.02 3.21
CA THR F 223 -9.22 -26.77 3.91
C THR F 223 -9.89 -25.64 3.18
N LEU F 224 -10.79 -24.93 3.86
CA LEU F 224 -11.32 -23.71 3.30
C LEU F 224 -10.27 -22.63 3.27
N ALA F 225 -9.68 -22.32 4.41
CA ALA F 225 -8.83 -21.15 4.49
C ALA F 225 -7.86 -21.29 5.64
N THR F 226 -6.76 -20.57 5.53
CA THR F 226 -5.79 -20.46 6.60
C THR F 226 -5.61 -18.99 6.93
N ILE F 227 -5.87 -18.62 8.17
CA ILE F 227 -5.93 -17.22 8.58
C ILE F 227 -5.00 -17.02 9.77
N LYS F 228 -4.09 -16.06 9.64
CA LYS F 228 -3.35 -15.56 10.78
C LYS F 228 -4.18 -14.51 11.51
N ALA F 229 -4.10 -14.53 12.84
CA ALA F 229 -4.88 -13.60 13.66
C ALA F 229 -4.40 -12.17 13.42
N LYS F 230 -5.36 -11.27 13.20
CA LYS F 230 -5.03 -9.89 12.90
C LYS F 230 -5.12 -9.04 14.15
N GLU F 231 -5.03 -7.71 13.98
CA GLU F 231 -4.95 -6.82 15.12
C GLU F 231 -6.26 -6.67 15.86
N ASN F 232 -7.38 -6.99 15.20
CA ASN F 232 -8.63 -7.13 15.94
C ASN F 232 -8.60 -8.37 16.82
N GLN F 233 -7.80 -9.35 16.46
CA GLN F 233 -7.78 -10.63 17.15
C GLN F 233 -6.58 -10.77 18.06
N LEU F 234 -5.94 -9.68 18.43
CA LEU F 234 -4.76 -9.76 19.26
C LEU F 234 -5.15 -9.98 20.71
N SER F 235 -4.40 -10.82 21.40
CA SER F 235 -4.52 -11.00 22.83
C SER F 235 -3.24 -10.52 23.47
N GLN F 236 -3.35 -9.51 24.32
CA GLN F 236 -2.16 -8.94 24.94
C GLN F 236 -1.57 -9.88 25.97
N ILE F 237 -2.41 -10.44 26.84
CA ILE F 237 -1.97 -11.34 27.90
C ILE F 237 -2.75 -12.63 27.76
N LEU F 238 -2.05 -13.76 27.83
CA LEU F 238 -2.71 -15.03 28.07
C LEU F 238 -1.95 -15.73 29.18
N ALA F 239 -2.35 -15.45 30.42
CA ALA F 239 -1.80 -16.13 31.57
C ALA F 239 -2.25 -17.59 31.57
N PRO F 240 -1.47 -18.48 32.18
CA PRO F 240 -1.90 -19.89 32.24
C PRO F 240 -3.14 -20.11 33.07
N ASN F 241 -3.87 -21.15 32.71
CA ASN F 241 -5.20 -21.49 33.24
C ASN F 241 -6.16 -20.33 33.08
N ASN F 242 -6.14 -19.71 31.90
CA ASN F 242 -7.04 -18.61 31.60
C ASN F 242 -7.50 -18.68 30.16
N TYR F 243 -8.53 -17.89 29.89
CA TYR F 243 -9.16 -17.77 28.60
C TYR F 243 -9.03 -16.34 28.11
N TYR F 244 -8.96 -16.18 26.79
CA TYR F 244 -9.11 -14.88 26.18
C TYR F 244 -10.24 -14.98 25.16
N PRO F 245 -11.35 -14.27 25.35
CA PRO F 245 -11.63 -13.44 26.51
C PRO F 245 -12.12 -14.30 27.66
N SER F 246 -12.42 -13.68 28.79
CA SER F 246 -12.82 -14.41 29.98
C SER F 246 -14.14 -15.14 29.74
N LYS F 247 -14.37 -16.13 30.59
CA LYS F 247 -15.45 -17.09 30.38
C LYS F 247 -16.82 -16.45 30.51
N ASN F 248 -16.94 -15.40 31.32
CA ASN F 248 -18.21 -14.69 31.40
C ASN F 248 -18.51 -13.93 30.13
N LEU F 249 -17.48 -13.50 29.41
CA LEU F 249 -17.70 -12.73 28.20
C LEU F 249 -17.87 -13.67 27.02
N ALA F 250 -18.32 -13.11 25.91
CA ALA F 250 -18.58 -13.87 24.71
C ALA F 250 -17.30 -14.01 23.87
N PRO F 251 -17.15 -15.11 23.13
CA PRO F 251 -15.92 -15.32 22.35
C PRO F 251 -15.79 -14.31 21.21
N ILE F 252 -14.59 -14.24 20.66
CA ILE F 252 -14.30 -13.20 19.70
C ILE F 252 -14.66 -13.69 18.31
N ALA F 253 -14.73 -12.73 17.38
CA ALA F 253 -15.22 -12.97 16.02
C ALA F 253 -14.05 -12.83 15.05
N LEU F 254 -13.86 -13.86 14.24
CA LEU F 254 -12.88 -13.84 13.15
C LEU F 254 -13.62 -13.93 11.84
N ASN F 255 -13.51 -12.90 11.01
CA ASN F 255 -14.24 -12.89 9.75
C ASN F 255 -13.46 -12.28 8.59
N ALA F 256 -12.14 -12.21 8.69
CA ALA F 256 -11.38 -11.41 7.73
C ALA F 256 -10.26 -12.24 7.14
N GLN F 257 -9.83 -11.83 5.95
CA GLN F 257 -8.69 -12.44 5.29
C GLN F 257 -7.55 -11.47 5.03
N ASP F 258 -7.85 -10.19 4.82
CA ASP F 258 -6.83 -9.21 4.53
C ASP F 258 -5.95 -8.92 5.75
N ASP F 259 -4.77 -8.39 5.46
CA ASP F 259 -3.91 -7.90 6.52
C ASP F 259 -4.43 -6.61 7.12
N PHE F 260 -5.31 -5.91 6.41
CA PHE F 260 -6.01 -4.77 6.99
C PHE F 260 -7.48 -5.06 7.18
N SER F 261 -7.87 -6.33 7.09
CA SER F 261 -9.18 -6.84 7.48
C SER F 261 -10.29 -6.20 6.65
N SER F 262 -10.14 -6.27 5.34
CA SER F 262 -11.10 -5.66 4.43
C SER F 262 -11.72 -6.67 3.47
N THR F 263 -11.51 -7.96 3.69
CA THR F 263 -12.10 -8.97 2.84
C THR F 263 -12.72 -10.06 3.69
N PRO F 264 -13.99 -10.37 3.51
CA PRO F 264 -14.61 -11.47 4.25
C PRO F 264 -14.12 -12.82 3.76
N ILE F 265 -14.37 -13.83 4.59
CA ILE F 265 -13.94 -15.18 4.30
C ILE F 265 -14.96 -15.83 3.37
N THR F 266 -14.52 -16.17 2.17
CA THR F 266 -15.38 -16.49 1.05
C THR F 266 -15.56 -17.99 0.90
N MET F 267 -16.77 -18.42 0.55
CA MET F 267 -17.07 -19.81 0.25
C MET F 267 -17.86 -19.87 -1.05
N ASN F 268 -17.48 -20.81 -1.92
CA ASN F 268 -18.14 -20.98 -3.21
C ASN F 268 -19.38 -21.86 -3.05
N TYR F 269 -19.89 -22.35 -4.17
CA TYR F 269 -21.23 -22.93 -4.20
C TYR F 269 -21.24 -24.36 -3.69
N ASN F 270 -20.33 -25.19 -4.20
CA ASN F 270 -20.35 -26.61 -3.88
C ASN F 270 -20.00 -26.84 -2.42
N GLN F 271 -19.05 -26.06 -1.90
CA GLN F 271 -18.72 -26.13 -0.49
C GLN F 271 -19.88 -25.65 0.37
N PHE F 272 -20.65 -24.69 -0.12
CA PHE F 272 -21.82 -24.22 0.61
C PHE F 272 -22.88 -25.31 0.71
N LEU F 273 -23.10 -26.01 -0.40
CA LEU F 273 -24.05 -27.12 -0.40
C LEU F 273 -23.58 -28.24 0.52
N GLU F 274 -22.30 -28.57 0.45
CA GLU F 274 -21.76 -29.64 1.28
C GLU F 274 -21.78 -29.27 2.76
N LEU F 275 -21.60 -27.99 3.07
CA LEU F 275 -21.68 -27.56 4.46
C LEU F 275 -23.11 -27.63 4.97
N GLU F 276 -24.07 -27.16 4.18
CA GLU F 276 -25.45 -27.26 4.64
C GLU F 276 -25.99 -28.68 4.63
N LYS F 277 -25.33 -29.60 3.94
CA LYS F 277 -25.72 -31.00 4.06
C LYS F 277 -25.07 -31.65 5.27
N THR F 278 -23.76 -31.55 5.39
CA THR F 278 -23.01 -32.37 6.32
C THR F 278 -22.79 -31.71 7.67
N LYS F 279 -22.79 -30.37 7.71
CA LYS F 279 -22.59 -29.57 8.93
C LYS F 279 -21.25 -29.87 9.60
N GLN F 280 -20.25 -30.27 8.83
CA GLN F 280 -18.94 -30.62 9.36
C GLN F 280 -17.97 -29.51 8.98
N LEU F 281 -17.66 -28.65 9.93
CA LEU F 281 -16.74 -27.54 9.70
C LEU F 281 -15.82 -27.49 10.91
N ARG F 282 -14.58 -27.90 10.72
CA ARG F 282 -13.64 -28.01 11.81
C ARG F 282 -12.57 -26.93 11.71
N LEU F 283 -11.88 -26.75 12.82
CA LEU F 283 -10.97 -25.64 13.02
C LEU F 283 -9.65 -26.18 13.54
N ASP F 284 -8.56 -25.87 12.85
CA ASP F 284 -7.25 -26.33 13.28
C ASP F 284 -6.38 -25.17 13.73
N THR F 285 -5.54 -25.44 14.72
CA THR F 285 -4.61 -24.47 15.28
C THR F 285 -3.22 -24.88 14.82
N ASP F 286 -2.70 -24.20 13.80
CA ASP F 286 -1.46 -24.63 13.19
C ASP F 286 -0.26 -24.16 13.99
N GLN F 287 -0.16 -22.85 14.24
CA GLN F 287 0.94 -22.34 15.05
C GLN F 287 0.49 -21.03 15.67
N VAL F 288 1.17 -20.65 16.75
CA VAL F 288 0.77 -19.52 17.57
C VAL F 288 1.95 -18.58 17.69
N TYR F 289 1.76 -17.33 17.30
CA TYR F 289 2.78 -16.33 17.53
C TYR F 289 2.58 -15.69 18.89
N GLY F 290 3.68 -15.33 19.53
CA GLY F 290 3.63 -14.72 20.84
C GLY F 290 4.99 -14.48 21.46
N ASN F 291 5.09 -13.41 22.26
CA ASN F 291 6.38 -12.93 22.73
C ASN F 291 6.61 -13.27 24.21
N ILE F 292 7.86 -13.10 24.63
CA ILE F 292 8.27 -13.26 26.01
C ILE F 292 8.53 -11.87 26.58
N ALA F 293 8.07 -11.64 27.81
CA ALA F 293 8.53 -10.50 28.60
C ALA F 293 9.55 -11.00 29.61
N THR F 294 10.68 -10.31 29.68
CA THR F 294 11.78 -10.68 30.54
C THR F 294 11.94 -9.68 31.68
N TYR F 295 12.51 -10.17 32.77
CA TYR F 295 12.80 -9.32 33.91
C TYR F 295 13.95 -8.37 33.59
N ASN F 296 13.87 -7.16 34.11
CA ASN F 296 14.95 -6.20 34.02
C ASN F 296 15.57 -6.05 35.40
N PHE F 297 16.88 -6.25 35.48
CA PHE F 297 17.61 -6.03 36.72
C PHE F 297 17.78 -4.57 37.05
N GLU F 298 17.52 -3.69 36.09
CA GLU F 298 17.66 -2.26 36.32
C GLU F 298 16.62 -1.75 37.30
N ASN F 299 15.34 -1.88 36.94
CA ASN F 299 14.27 -1.29 37.75
C ASN F 299 13.25 -2.33 38.20
N GLY F 300 13.54 -3.61 38.00
CA GLY F 300 12.58 -4.64 38.35
C GLY F 300 11.44 -4.82 37.37
N ARG F 301 11.31 -3.97 36.36
CA ARG F 301 10.15 -4.02 35.50
C ARG F 301 10.31 -5.08 34.43
N VAL F 302 9.33 -5.96 34.36
CA VAL F 302 9.35 -7.01 33.34
C VAL F 302 8.86 -6.40 32.04
N ARG F 303 9.69 -6.45 31.01
CA ARG F 303 9.43 -5.76 29.76
C ARG F 303 9.37 -6.75 28.61
N VAL F 304 8.51 -6.45 27.65
CA VAL F 304 8.36 -7.31 26.48
C VAL F 304 9.46 -7.01 25.49
N ASP F 305 10.19 -8.04 25.09
CA ASP F 305 10.99 -7.98 23.88
C ASP F 305 10.08 -8.37 22.73
N THR F 306 9.79 -7.41 21.85
CA THR F 306 9.02 -7.72 20.66
C THR F 306 9.81 -8.53 19.65
N GLY F 307 11.13 -8.54 19.76
CA GLY F 307 11.94 -9.30 18.81
C GLY F 307 11.84 -10.80 19.04
N SER F 308 12.01 -11.22 20.29
CA SER F 308 12.01 -12.64 20.60
C SER F 308 10.59 -13.17 20.67
N ASN F 309 10.42 -14.44 20.32
CA ASN F 309 9.15 -15.12 20.41
C ASN F 309 9.37 -16.54 20.92
N TRP F 310 8.27 -17.16 21.34
CA TRP F 310 8.32 -18.54 21.83
C TRP F 310 8.64 -19.54 20.73
N SER F 311 8.54 -19.13 19.48
CA SER F 311 8.97 -19.95 18.36
C SER F 311 10.44 -20.32 18.46
N GLU F 312 11.25 -19.44 19.04
CA GLU F 312 12.66 -19.74 19.24
C GLU F 312 12.85 -20.78 20.34
N VAL F 313 11.92 -20.87 21.27
CA VAL F 313 12.18 -21.46 22.56
C VAL F 313 11.55 -22.84 22.69
N LEU F 314 10.33 -23.00 22.18
CA LEU F 314 9.60 -24.27 22.36
C LEU F 314 10.29 -25.51 21.78
N PRO F 315 10.90 -25.51 20.59
CA PRO F 315 11.64 -26.71 20.19
C PRO F 315 12.89 -26.94 21.00
N GLN F 316 13.47 -25.89 21.57
CA GLN F 316 14.60 -26.07 22.46
C GLN F 316 14.17 -26.80 23.73
N ILE F 317 12.97 -26.52 24.20
CA ILE F 317 12.46 -27.19 25.38
C ILE F 317 12.09 -28.62 25.05
N GLN F 318 11.48 -28.83 23.88
CA GLN F 318 10.99 -30.16 23.53
C GLN F 318 12.11 -31.14 23.28
N GLU F 319 13.26 -30.67 22.81
CA GLU F 319 14.35 -31.57 22.48
C GLU F 319 15.29 -31.84 23.64
N THR F 320 15.03 -31.25 24.80
CA THR F 320 15.95 -31.37 25.92
C THR F 320 15.30 -31.92 27.18
N THR F 321 14.00 -32.16 27.17
CA THR F 321 13.29 -32.52 28.39
C THR F 321 12.55 -33.83 28.19
N ALA F 322 12.13 -34.41 29.30
CA ALA F 322 11.16 -35.49 29.31
C ALA F 322 9.79 -34.92 29.60
N ARG F 323 8.79 -35.41 28.86
CA ARG F 323 7.43 -34.93 28.99
C ARG F 323 6.59 -35.94 29.75
N ILE F 324 5.84 -35.47 30.74
CA ILE F 324 4.99 -36.31 31.56
C ILE F 324 3.59 -35.72 31.58
N ILE F 325 2.60 -36.52 31.20
CA ILE F 325 1.20 -36.12 31.21
C ILE F 325 0.50 -36.94 32.28
N PHE F 326 -0.32 -36.26 33.08
CA PHE F 326 -0.96 -36.85 34.25
C PHE F 326 -2.35 -36.26 34.42
N ASN F 327 -3.31 -37.11 34.76
CA ASN F 327 -4.71 -36.68 34.78
C ASN F 327 -5.39 -37.08 36.09
N GLY F 328 -4.64 -37.08 37.18
CA GLY F 328 -5.28 -37.39 38.44
C GLY F 328 -5.94 -36.20 39.11
N LYS F 329 -5.67 -35.00 38.62
CA LYS F 329 -6.33 -33.80 39.12
C LYS F 329 -7.55 -33.54 38.23
N ASP F 330 -8.67 -34.13 38.65
CA ASP F 330 -10.00 -33.91 38.08
C ASP F 330 -10.06 -34.29 36.61
N LEU F 331 -9.36 -35.39 36.28
CA LEU F 331 -9.42 -36.07 34.98
C LEU F 331 -8.98 -35.16 33.84
N ASN F 332 -8.07 -34.24 34.14
CA ASN F 332 -7.63 -33.23 33.19
C ASN F 332 -6.16 -33.47 32.87
N LEU F 333 -5.85 -33.51 31.57
CA LEU F 333 -4.50 -33.83 31.13
C LEU F 333 -3.57 -32.67 31.45
N VAL F 334 -2.65 -32.92 32.37
CA VAL F 334 -1.69 -31.92 32.82
C VAL F 334 -0.31 -32.35 32.33
N GLU F 335 0.33 -31.49 31.55
CA GLU F 335 1.60 -31.77 30.91
C GLU F 335 2.71 -30.98 31.59
N ARG F 336 3.79 -31.66 31.93
CA ARG F 336 4.97 -31.00 32.49
C ARG F 336 6.21 -31.56 31.82
N ARG F 337 7.13 -30.66 31.47
CA ARG F 337 8.41 -31.05 30.89
C ARG F 337 9.50 -30.79 31.90
N ILE F 338 10.33 -31.80 32.12
CA ILE F 338 11.36 -31.77 33.13
C ILE F 338 12.69 -32.02 32.45
N ALA F 339 13.68 -31.19 32.77
CA ALA F 339 14.98 -31.29 32.12
C ALA F 339 15.67 -32.58 32.53
N ALA F 340 16.08 -33.36 31.53
CA ALA F 340 16.76 -34.62 31.77
C ALA F 340 17.88 -34.78 30.76
N VAL F 341 18.83 -35.65 31.11
CA VAL F 341 20.12 -35.68 30.43
C VAL F 341 20.03 -36.49 29.15
N ASN F 342 20.51 -35.90 28.05
CA ASN F 342 20.84 -36.65 26.85
C ASN F 342 22.30 -37.02 26.92
N PRO F 343 22.64 -38.32 26.92
CA PRO F 343 24.05 -38.70 27.11
C PRO F 343 24.93 -38.38 25.92
N SER F 344 24.38 -38.30 24.72
CA SER F 344 25.19 -38.05 23.54
C SER F 344 25.48 -36.57 23.32
N ASP F 345 24.99 -35.70 24.19
CA ASP F 345 25.19 -34.26 24.08
C ASP F 345 26.00 -33.79 25.29
N PRO F 346 27.22 -33.28 25.08
CA PRO F 346 28.09 -32.96 26.22
C PRO F 346 27.59 -31.82 27.08
N LEU F 347 26.99 -30.80 26.46
CA LEU F 347 26.43 -29.71 27.24
C LEU F 347 25.21 -30.17 28.02
N GLU F 348 24.43 -31.09 27.45
CA GLU F 348 23.23 -31.57 28.10
C GLU F 348 23.56 -32.44 29.30
N THR F 349 24.75 -33.06 29.30
CA THR F 349 25.18 -33.90 30.41
C THR F 349 25.62 -33.11 31.63
N THR F 350 25.67 -31.79 31.54
CA THR F 350 26.10 -30.96 32.64
C THR F 350 25.01 -30.75 33.69
N LYS F 351 23.83 -31.27 33.46
CA LYS F 351 22.73 -31.15 34.40
C LYS F 351 22.83 -32.19 35.50
N PRO F 352 22.28 -31.91 36.68
CA PRO F 352 22.17 -32.96 37.70
C PRO F 352 21.18 -34.04 37.29
N ASP F 353 21.40 -35.22 37.83
CA ASP F 353 20.61 -36.39 37.46
C ASP F 353 19.20 -36.28 38.02
N MET F 354 18.24 -36.83 37.29
CA MET F 354 16.84 -36.80 37.68
C MET F 354 16.30 -38.22 37.77
N THR F 355 15.97 -38.65 38.99
CA THR F 355 15.19 -39.86 39.14
C THR F 355 13.73 -39.57 38.86
N LEU F 356 12.97 -40.65 38.65
CA LEU F 356 11.56 -40.49 38.35
C LEU F 356 10.78 -40.01 39.56
N LYS F 357 11.11 -40.52 40.74
CA LYS F 357 10.37 -40.18 41.94
C LYS F 357 10.57 -38.73 42.34
N GLU F 358 11.82 -38.24 42.21
CA GLU F 358 12.11 -36.84 42.46
C GLU F 358 11.36 -35.94 41.47
N ALA F 359 11.27 -36.38 40.21
CA ALA F 359 10.56 -35.63 39.19
C ALA F 359 9.07 -35.55 39.51
N LEU F 360 8.49 -36.67 39.91
CA LEU F 360 7.09 -36.70 40.27
C LEU F 360 6.82 -35.90 41.53
N LYS F 361 7.79 -35.82 42.41
CA LYS F 361 7.64 -35.03 43.62
C LYS F 361 7.65 -33.54 43.30
N ILE F 362 8.59 -33.09 42.49
CA ILE F 362 8.72 -31.66 42.26
C ILE F 362 7.74 -31.17 41.22
N ALA F 363 7.26 -32.05 40.34
CA ALA F 363 6.45 -31.59 39.23
C ALA F 363 4.97 -31.58 39.55
N PHE F 364 4.52 -32.52 40.36
CA PHE F 364 3.10 -32.70 40.60
C PHE F 364 2.74 -32.46 42.05
N GLY F 365 3.69 -32.01 42.86
CA GLY F 365 3.43 -31.82 44.27
C GLY F 365 3.28 -33.10 45.04
N PHE F 366 3.90 -34.18 44.58
CA PHE F 366 3.78 -35.44 45.28
C PHE F 366 4.59 -35.43 46.57
N ASN F 367 4.27 -36.37 47.44
CA ASN F 367 4.97 -36.47 48.71
C ASN F 367 5.03 -37.92 49.14
N GLU F 368 5.94 -38.17 50.08
CA GLU F 368 5.97 -39.42 50.84
C GLU F 368 5.74 -39.08 52.31
N PRO F 369 4.48 -38.91 52.71
CA PRO F 369 4.19 -38.57 54.09
C PRO F 369 4.44 -39.72 55.05
N ASN F 370 4.45 -40.95 54.55
CA ASN F 370 4.78 -42.11 55.35
C ASN F 370 5.74 -43.00 54.56
N GLY F 371 6.69 -42.38 53.87
CA GLY F 371 7.60 -43.12 53.03
C GLY F 371 6.99 -43.69 51.77
N ASN F 372 5.79 -43.24 51.40
CA ASN F 372 5.08 -43.78 50.24
C ASN F 372 4.61 -42.63 49.37
N LEU F 373 4.93 -42.73 48.08
CA LEU F 373 4.70 -41.63 47.16
C LEU F 373 3.21 -41.44 46.92
N GLN F 374 2.72 -40.23 47.18
CA GLN F 374 1.29 -40.01 47.15
C GLN F 374 0.95 -38.69 46.47
N TYR F 375 -0.15 -38.72 45.73
CA TYR F 375 -0.70 -37.54 45.10
C TYR F 375 -1.94 -37.38 45.97
N GLN F 376 -2.02 -36.24 46.67
CA GLN F 376 -3.10 -35.97 47.62
C GLN F 376 -3.11 -37.15 48.61
N GLY F 377 -4.26 -37.77 48.81
CA GLY F 377 -4.37 -38.90 49.72
C GLY F 377 -4.35 -40.24 49.01
N LYS F 378 -4.07 -40.23 47.71
CA LYS F 378 -4.09 -41.42 46.88
C LYS F 378 -2.68 -41.97 46.69
N ASP F 379 -2.57 -43.30 46.74
CA ASP F 379 -1.29 -43.94 46.52
C ASP F 379 -0.93 -43.89 45.04
N ILE F 380 0.37 -43.94 44.78
CA ILE F 380 0.89 -43.99 43.42
C ILE F 380 0.58 -45.33 42.77
N THR F 381 0.37 -46.38 43.57
CA THR F 381 0.15 -47.71 43.04
C THR F 381 -1.21 -47.86 42.38
N GLU F 382 -2.12 -46.92 42.62
CA GLU F 382 -3.39 -46.90 41.90
C GLU F 382 -3.31 -46.18 40.56
N PHE F 383 -2.12 -45.79 40.14
CA PHE F 383 -1.91 -45.18 38.85
C PHE F 383 -1.08 -46.10 37.97
N ASP F 384 -1.41 -46.11 36.68
CA ASP F 384 -0.70 -46.95 35.72
C ASP F 384 0.11 -46.08 34.76
N PHE F 385 1.16 -46.69 34.24
CA PHE F 385 2.18 -46.03 33.44
C PHE F 385 2.07 -46.45 31.99
N ASN F 386 2.37 -45.51 31.10
CA ASN F 386 2.30 -45.75 29.67
C ASN F 386 3.46 -45.02 29.00
N PHE F 387 4.05 -45.68 28.03
CA PHE F 387 5.26 -45.18 27.40
C PHE F 387 5.17 -45.41 25.91
N ASP F 388 5.73 -44.50 25.14
CA ASP F 388 5.96 -44.82 23.75
C ASP F 388 7.15 -45.75 23.62
N GLN F 389 7.35 -46.24 22.40
CA GLN F 389 8.17 -47.43 22.14
C GLN F 389 9.62 -47.21 22.51
N GLN F 390 10.14 -46.01 22.25
CA GLN F 390 11.52 -45.70 22.62
C GLN F 390 11.67 -45.63 24.13
N THR F 391 10.78 -44.90 24.80
CA THR F 391 10.84 -44.77 26.24
C THR F 391 10.55 -46.10 26.92
N SER F 392 9.60 -46.86 26.39
CA SER F 392 9.30 -48.17 26.94
C SER F 392 10.47 -49.13 26.79
N GLN F 393 11.19 -49.03 25.66
CA GLN F 393 12.39 -49.83 25.47
C GLN F 393 13.48 -49.43 26.46
N ASN F 394 13.63 -48.13 26.72
CA ASN F 394 14.67 -47.69 27.63
C ASN F 394 14.33 -48.09 29.07
N ILE F 395 13.05 -48.02 29.43
CA ILE F 395 12.62 -48.47 30.75
C ILE F 395 12.80 -49.98 30.88
N LYS F 396 12.57 -50.72 29.80
CA LYS F 396 12.81 -52.15 29.78
C LYS F 396 14.27 -52.46 30.03
N ASN F 397 15.16 -51.69 29.41
CA ASN F 397 16.59 -51.89 29.58
C ASN F 397 17.03 -51.54 31.00
N GLN F 398 16.46 -50.46 31.56
CA GLN F 398 16.83 -50.07 32.92
C GLN F 398 16.32 -51.08 33.95
N LEU F 399 15.13 -51.64 33.73
CA LEU F 399 14.63 -52.67 34.64
C LEU F 399 15.39 -53.97 34.46
N ALA F 400 15.89 -54.24 33.26
CA ALA F 400 16.74 -55.41 33.05
C ALA F 400 18.05 -55.24 33.80
N GLU F 401 18.59 -54.03 33.83
CA GLU F 401 19.84 -53.82 34.55
C GLU F 401 19.63 -53.80 36.06
N LEU F 402 18.47 -53.34 36.52
CA LEU F 402 18.22 -53.29 37.95
C LEU F 402 17.71 -54.61 38.50
N ASN F 403 17.41 -55.57 37.63
CA ASN F 403 16.93 -56.91 37.98
C ASN F 403 15.63 -56.86 38.79
N ALA F 404 14.81 -55.84 38.55
CA ALA F 404 13.56 -55.68 39.26
C ALA F 404 12.40 -55.88 38.30
N THR F 405 11.24 -56.16 38.87
CA THR F 405 10.02 -56.39 38.10
C THR F 405 8.99 -55.30 38.30
N ASN F 406 8.62 -55.02 39.54
CA ASN F 406 7.70 -53.92 39.81
C ASN F 406 8.44 -52.60 39.64
N ILE F 407 7.89 -51.75 38.78
CA ILE F 407 8.44 -50.41 38.63
C ILE F 407 8.15 -49.58 39.87
N TYR F 408 7.06 -49.90 40.58
CA TYR F 408 6.59 -49.09 41.70
C TYR F 408 7.53 -49.19 42.89
N THR F 409 8.39 -50.18 42.91
CA THR F 409 9.38 -50.33 43.95
C THR F 409 10.64 -49.54 43.68
N VAL F 410 10.92 -49.19 42.42
CA VAL F 410 12.24 -48.69 42.06
C VAL F 410 12.15 -47.30 41.46
N LEU F 411 11.14 -46.54 41.87
CA LEU F 411 10.87 -45.21 41.32
C LEU F 411 11.96 -44.20 41.66
N ASP F 412 12.69 -44.45 42.73
CA ASP F 412 13.84 -43.63 43.11
C ASP F 412 15.10 -43.98 42.34
N LYS F 413 15.04 -44.96 41.44
CA LYS F 413 16.23 -45.40 40.72
C LYS F 413 16.08 -45.26 39.22
N ILE F 414 14.91 -44.83 38.74
CA ILE F 414 14.65 -44.76 37.31
C ILE F 414 15.31 -43.49 36.77
N LYS F 415 16.38 -43.67 36.00
CA LYS F 415 17.06 -42.53 35.41
C LYS F 415 16.30 -42.05 34.19
N LEU F 416 16.00 -40.77 34.16
CA LEU F 416 15.26 -40.18 33.06
C LEU F 416 16.21 -39.59 32.04
N ASN F 417 15.70 -39.40 30.82
CA ASN F 417 16.51 -38.88 29.73
C ASN F 417 15.68 -37.89 28.94
N ALA F 418 16.33 -37.24 27.99
CA ALA F 418 15.63 -36.28 27.14
C ALA F 418 14.69 -37.01 26.20
N LYS F 419 13.65 -36.28 25.78
CA LYS F 419 12.66 -36.70 24.79
C LYS F 419 11.83 -37.91 25.25
N MET F 420 11.79 -38.18 26.55
CA MET F 420 10.93 -39.23 27.05
C MET F 420 9.47 -38.76 27.11
N ASN F 421 8.56 -39.72 27.13
CA ASN F 421 7.13 -39.44 27.19
C ASN F 421 6.48 -40.43 28.14
N ILE F 422 5.88 -39.90 29.20
CA ILE F 422 5.36 -40.72 30.30
C ILE F 422 3.91 -40.32 30.54
N LEU F 423 2.99 -41.23 30.27
CA LEU F 423 1.58 -41.01 30.55
C LEU F 423 1.21 -41.76 31.82
N ILE F 424 0.64 -41.04 32.79
CA ILE F 424 0.28 -41.65 34.06
C ILE F 424 -1.22 -41.44 34.25
N ARG F 425 -1.96 -42.53 34.27
CA ARG F 425 -3.42 -42.45 34.39
C ARG F 425 -3.88 -43.17 35.65
N ASP F 426 -5.18 -43.04 35.92
CA ASP F 426 -5.78 -43.77 37.02
C ASP F 426 -6.11 -45.18 36.55
N LYS F 427 -5.88 -46.14 37.43
CA LYS F 427 -6.22 -47.53 37.12
C LYS F 427 -7.70 -47.80 37.18
N ARG F 428 -8.48 -46.94 37.82
CA ARG F 428 -9.90 -47.22 38.00
C ARG F 428 -10.66 -47.05 36.69
N PHE F 429 -10.52 -45.90 36.05
CA PHE F 429 -11.41 -45.56 34.95
C PHE F 429 -10.94 -46.22 33.66
N HIS F 430 -11.84 -46.28 32.70
CA HIS F 430 -11.50 -46.78 31.38
C HIS F 430 -11.27 -45.60 30.46
N TYR F 431 -10.35 -45.76 29.52
CA TYR F 431 -9.93 -44.65 28.68
C TYR F 431 -10.15 -45.00 27.22
N ASP F 432 -10.37 -43.96 26.42
CA ASP F 432 -10.61 -44.04 25.00
C ASP F 432 -9.31 -43.84 24.22
N ARG F 433 -9.43 -43.65 22.90
CA ARG F 433 -8.29 -43.34 22.05
C ARG F 433 -7.60 -42.06 22.48
N ASN F 434 -8.39 -41.03 22.81
CA ASN F 434 -7.88 -39.73 23.19
C ASN F 434 -7.52 -39.63 24.68
N ASN F 435 -7.50 -40.77 25.39
CA ASN F 435 -7.12 -40.87 26.80
C ASN F 435 -7.96 -39.98 27.71
N ILE F 436 -9.24 -39.91 27.41
CA ILE F 436 -10.21 -39.23 28.24
C ILE F 436 -10.80 -40.30 29.15
N ALA F 437 -11.22 -39.91 30.36
CA ALA F 437 -11.89 -40.85 31.24
C ALA F 437 -13.32 -41.07 30.75
N VAL F 438 -13.67 -42.32 30.46
CA VAL F 438 -14.93 -42.63 29.79
C VAL F 438 -15.88 -43.43 30.69
N GLY F 439 -15.37 -44.16 31.69
CA GLY F 439 -16.21 -45.10 32.43
C GLY F 439 -15.45 -45.97 33.39
N ALA F 440 -16.05 -46.28 34.53
CA ALA F 440 -15.41 -47.05 35.58
C ALA F 440 -15.91 -48.50 35.55
N ASP F 441 -15.50 -49.27 36.55
CA ASP F 441 -16.16 -50.52 36.87
C ASP F 441 -17.38 -50.24 37.76
N GLU F 442 -18.20 -51.27 37.93
CA GLU F 442 -19.45 -51.12 38.66
C GLU F 442 -19.21 -50.88 40.16
N SER F 443 -18.22 -51.56 40.73
CA SER F 443 -17.80 -51.41 42.13
C SER F 443 -17.49 -49.98 42.56
N VAL F 444 -17.00 -49.16 41.62
CA VAL F 444 -16.59 -47.79 41.92
C VAL F 444 -17.77 -46.83 41.84
N VAL F 445 -18.59 -47.00 40.80
CA VAL F 445 -19.75 -46.15 40.56
C VAL F 445 -20.74 -46.24 41.72
N LYS F 446 -20.97 -47.47 42.21
CA LYS F 446 -21.87 -47.68 43.34
C LYS F 446 -21.35 -47.04 44.62
N GLU F 447 -20.04 -47.17 44.87
CA GLU F 447 -19.36 -46.66 46.05
C GLU F 447 -19.52 -45.15 46.24
N ALA F 448 -19.62 -44.40 45.15
CA ALA F 448 -19.76 -42.95 45.23
C ALA F 448 -21.21 -42.52 45.48
N HIS F 449 -22.16 -43.43 45.34
CA HIS F 449 -23.57 -43.11 45.49
C HIS F 449 -24.17 -43.61 46.80
N ARG F 450 -23.33 -43.91 47.79
CA ARG F 450 -23.80 -44.46 49.06
C ARG F 450 -24.17 -43.32 50.03
N GLU F 451 -24.31 -42.11 49.52
CA GLU F 451 -24.62 -40.95 50.37
C GLU F 451 -25.87 -40.29 49.79
N VAL F 452 -27.02 -40.59 50.40
CA VAL F 452 -28.31 -40.02 50.01
C VAL F 452 -28.66 -38.94 51.02
N ILE F 453 -29.06 -37.76 50.52
CA ILE F 453 -29.34 -36.61 51.36
C ILE F 453 -30.85 -36.34 51.44
N ASN F 454 -31.51 -36.18 50.29
CA ASN F 454 -32.94 -35.87 50.24
C ASN F 454 -33.63 -36.88 49.34
N SER F 455 -34.62 -37.57 49.88
CA SER F 455 -35.45 -38.50 49.12
C SER F 455 -36.82 -37.88 48.92
N SER F 456 -37.18 -37.66 47.65
CA SER F 456 -38.47 -37.09 47.29
C SER F 456 -38.97 -37.74 46.01
N THR F 457 -40.25 -37.54 45.72
CA THR F 457 -40.81 -37.96 44.44
C THR F 457 -40.54 -36.97 43.33
N GLU F 458 -39.84 -35.88 43.64
CA GLU F 458 -39.46 -34.85 42.70
C GLU F 458 -38.02 -35.00 42.25
N GLY F 459 -37.13 -35.37 43.16
CA GLY F 459 -35.77 -35.66 42.75
C GLY F 459 -35.00 -36.38 43.82
N LEU F 460 -33.69 -36.50 43.59
CA LEU F 460 -32.76 -37.10 44.53
C LEU F 460 -31.56 -36.17 44.69
N LEU F 461 -31.16 -35.96 45.94
CA LEU F 461 -30.00 -35.14 46.27
C LEU F 461 -28.95 -36.07 46.86
N LEU F 462 -27.80 -36.15 46.20
CA LEU F 462 -26.71 -37.00 46.66
C LEU F 462 -25.42 -36.20 46.69
N ASN F 463 -24.49 -36.67 47.50
CA ASN F 463 -23.14 -36.13 47.57
C ASN F 463 -22.19 -36.92 46.67
N ILE F 464 -22.53 -36.99 45.38
CA ILE F 464 -21.74 -37.74 44.40
C ILE F 464 -20.37 -37.10 44.24
N ASP F 465 -19.32 -37.95 44.22
CA ASP F 465 -17.94 -37.50 44.07
C ASP F 465 -17.71 -36.85 42.71
N LYS F 466 -17.11 -35.66 42.73
CA LYS F 466 -16.88 -34.80 41.57
C LYS F 466 -16.13 -35.47 40.43
N ASP F 467 -15.13 -36.30 40.75
CA ASP F 467 -14.42 -37.09 39.75
C ASP F 467 -15.34 -38.07 39.06
N ILE F 468 -16.02 -38.89 39.86
CA ILE F 468 -16.94 -39.96 39.43
C ILE F 468 -18.01 -39.47 38.46
N ARG F 469 -18.77 -38.44 38.85
CA ARG F 469 -19.87 -37.90 38.04
C ARG F 469 -19.49 -37.47 36.63
N LYS F 470 -18.22 -37.13 36.41
CA LYS F 470 -17.75 -36.65 35.12
C LYS F 470 -17.65 -37.75 34.05
N ILE F 471 -17.86 -39.03 34.38
CA ILE F 471 -17.83 -40.08 33.38
C ILE F 471 -19.21 -40.69 33.16
N LEU F 472 -20.25 -40.06 33.71
CA LEU F 472 -21.61 -40.55 33.57
C LEU F 472 -22.38 -39.62 32.64
N SER F 473 -22.90 -40.18 31.55
CA SER F 473 -23.66 -39.38 30.60
C SER F 473 -25.00 -38.93 31.18
N GLY F 474 -25.74 -39.86 31.78
CA GLY F 474 -27.06 -39.54 32.26
C GLY F 474 -27.61 -40.64 33.14
N TYR F 475 -28.90 -40.56 33.40
CA TYR F 475 -29.56 -41.46 34.34
C TYR F 475 -30.82 -42.08 33.74
N ILE F 476 -31.20 -43.24 34.26
CA ILE F 476 -32.40 -43.98 33.87
C ILE F 476 -33.27 -44.18 35.09
N VAL F 477 -34.55 -43.83 34.99
CA VAL F 477 -35.49 -43.96 36.11
C VAL F 477 -36.60 -44.93 35.70
N GLU F 478 -36.71 -46.05 36.42
CA GLU F 478 -37.79 -47.00 36.21
C GLU F 478 -38.44 -47.35 37.54
N ILE F 479 -39.52 -48.15 37.48
CA ILE F 479 -40.28 -48.59 38.63
C ILE F 479 -40.52 -50.09 38.50
N GLU F 480 -40.17 -50.84 39.55
CA GLU F 480 -40.27 -52.30 39.55
C GLU F 480 -41.49 -52.75 40.36
N ASP F 481 -42.25 -53.67 39.80
CA ASP F 481 -43.37 -54.31 40.49
C ASP F 481 -42.85 -55.23 41.59
N THR F 482 -43.75 -55.59 42.52
CA THR F 482 -43.43 -56.58 43.55
C THR F 482 -43.23 -57.98 42.98
N GLU F 483 -43.78 -58.26 41.79
CA GLU F 483 -43.43 -59.44 41.01
C GLU F 483 -42.34 -59.13 39.99
N GLY F 484 -42.27 -57.88 39.54
CA GLY F 484 -41.23 -57.44 38.63
C GLY F 484 -41.73 -57.02 37.27
N LEU F 485 -41.84 -55.70 37.08
CA LEU F 485 -42.06 -55.08 35.79
C LEU F 485 -40.98 -54.06 35.52
N LYS F 486 -40.90 -53.61 34.27
CA LYS F 486 -39.91 -52.63 33.84
C LYS F 486 -40.67 -51.50 33.13
N GLU F 487 -41.15 -50.55 33.92
CA GLU F 487 -41.81 -49.36 33.43
C GLU F 487 -40.89 -48.17 33.63
N VAL F 488 -40.35 -47.64 32.54
CA VAL F 488 -39.32 -46.61 32.58
C VAL F 488 -39.97 -45.26 32.33
N ILE F 489 -39.79 -44.33 33.25
CA ILE F 489 -40.30 -42.97 33.14
C ILE F 489 -39.64 -42.25 31.96
N ASN F 490 -38.32 -42.13 32.01
CA ASN F 490 -37.57 -41.45 30.96
C ASN F 490 -37.04 -42.47 29.97
N ASP F 491 -37.94 -43.03 29.17
CA ASP F 491 -37.61 -44.15 28.28
C ASP F 491 -37.30 -43.65 26.87
N ARG F 492 -36.23 -42.86 26.78
CA ARG F 492 -35.64 -42.46 25.50
C ARG F 492 -34.14 -42.28 25.71
N TYR F 493 -33.42 -42.41 24.60
CA TYR F 493 -31.97 -42.22 24.58
C TYR F 493 -31.58 -40.79 24.98
N ASP F 494 -32.43 -39.81 24.66
CA ASP F 494 -32.16 -38.42 24.97
C ASP F 494 -32.98 -37.89 26.15
N MET F 495 -33.48 -38.78 27.00
CA MET F 495 -34.14 -38.40 28.23
C MET F 495 -33.28 -38.78 29.44
N LEU F 496 -31.96 -38.80 29.25
CA LEU F 496 -31.04 -39.22 30.30
C LEU F 496 -30.54 -38.06 31.15
N ASN F 497 -30.41 -36.87 30.55
CA ASN F 497 -29.86 -35.72 31.26
C ASN F 497 -30.86 -35.17 32.25
N ILE F 498 -30.74 -35.58 33.51
CA ILE F 498 -31.56 -35.06 34.60
C ILE F 498 -30.65 -34.57 35.72
N SER F 499 -29.41 -35.06 35.72
CA SER F 499 -28.47 -34.79 36.82
C SER F 499 -27.96 -33.35 36.75
N SER F 500 -28.41 -32.53 37.69
CA SER F 500 -27.92 -31.17 37.87
C SER F 500 -26.94 -31.13 39.05
N LEU F 501 -26.07 -30.12 39.03
CA LEU F 501 -25.06 -29.94 40.06
C LEU F 501 -25.29 -28.61 40.76
N ARG F 502 -25.73 -28.66 42.02
CA ARG F 502 -25.89 -27.45 42.80
C ARG F 502 -24.53 -26.90 43.21
N GLN F 503 -24.49 -25.62 43.55
CA GLN F 503 -23.23 -24.99 43.92
C GLN F 503 -22.78 -25.35 45.34
N ASP F 504 -23.54 -26.14 46.09
CA ASP F 504 -23.12 -26.55 47.43
C ASP F 504 -22.22 -27.78 47.42
N GLY F 505 -21.94 -28.36 46.24
CA GLY F 505 -21.16 -29.57 46.17
C GLY F 505 -21.98 -30.84 46.27
N LYS F 506 -23.25 -30.81 45.87
CA LYS F 506 -24.11 -31.98 45.92
C LYS F 506 -24.86 -32.09 44.60
N THR F 507 -24.68 -33.20 43.91
CA THR F 507 -25.34 -33.43 42.63
C THR F 507 -26.82 -33.71 42.87
N PHE F 508 -27.68 -33.09 42.06
CA PHE F 508 -29.12 -33.19 42.23
C PHE F 508 -29.74 -33.86 41.03
N ILE F 509 -30.47 -34.94 41.28
CA ILE F 509 -31.25 -35.67 40.28
C ILE F 509 -32.65 -35.09 40.28
N ASP F 510 -33.32 -35.09 39.13
CA ASP F 510 -34.66 -34.51 39.01
C ASP F 510 -35.53 -35.43 38.17
N PHE F 511 -36.60 -35.96 38.78
CA PHE F 511 -37.56 -36.77 38.02
C PHE F 511 -38.49 -35.89 37.18
N LYS F 512 -38.76 -34.67 37.67
CA LYS F 512 -39.82 -33.83 37.12
C LYS F 512 -39.53 -33.37 35.69
N LYS F 513 -38.25 -33.19 35.34
CA LYS F 513 -37.84 -32.66 34.03
C LYS F 513 -38.37 -33.49 32.87
N TYR F 514 -38.45 -34.81 33.03
CA TYR F 514 -38.97 -35.66 31.97
C TYR F 514 -40.21 -36.42 32.43
N ASN F 515 -41.09 -35.72 33.16
CA ASN F 515 -42.37 -36.30 33.55
C ASN F 515 -43.50 -35.29 33.37
N ASP F 516 -43.32 -34.30 32.48
CA ASP F 516 -44.27 -33.21 32.20
C ASP F 516 -44.59 -32.41 33.45
N LYS F 517 -43.51 -31.92 34.09
CA LYS F 517 -43.49 -30.98 35.21
C LYS F 517 -44.05 -31.54 36.52
N LEU F 518 -44.48 -32.81 36.51
CA LEU F 518 -45.11 -33.49 37.63
C LEU F 518 -44.13 -34.47 38.28
N PRO F 519 -44.25 -34.68 39.60
CA PRO F 519 -43.47 -35.74 40.25
C PRO F 519 -43.83 -37.15 39.82
N LEU F 520 -43.11 -38.14 40.36
CA LEU F 520 -43.33 -39.54 40.04
C LEU F 520 -44.72 -40.01 40.44
N TYR F 521 -45.10 -41.18 39.93
CA TYR F 521 -46.43 -41.74 40.12
C TYR F 521 -46.27 -43.04 40.91
N ILE F 522 -46.59 -42.99 42.21
CA ILE F 522 -46.52 -44.16 43.08
C ILE F 522 -47.92 -44.76 43.12
N SER F 523 -48.14 -45.77 42.28
CA SER F 523 -49.42 -46.48 42.24
C SER F 523 -49.65 -47.31 43.50
N ASN F 524 -48.58 -47.81 44.11
CA ASN F 524 -48.60 -48.59 45.33
C ASN F 524 -47.31 -48.27 46.07
N PRO F 525 -47.38 -47.84 47.35
CA PRO F 525 -46.14 -47.50 48.08
C PRO F 525 -45.30 -48.69 48.51
N ASN F 526 -45.57 -49.88 47.98
CA ASN F 526 -44.71 -51.03 48.20
C ASN F 526 -43.91 -51.41 46.97
N TYR F 527 -43.90 -50.59 45.92
CA TYR F 527 -43.06 -50.86 44.76
C TYR F 527 -41.60 -50.51 45.05
N LYS F 528 -40.78 -50.59 44.01
CA LYS F 528 -39.38 -50.21 44.05
C LYS F 528 -39.15 -49.09 43.04
N VAL F 529 -38.52 -48.01 43.49
CA VAL F 529 -38.16 -46.90 42.63
C VAL F 529 -36.68 -47.04 42.30
N ASN F 530 -36.39 -47.44 41.07
CA ASN F 530 -35.03 -47.69 40.64
C ASN F 530 -34.50 -46.50 39.85
N VAL F 531 -33.27 -46.09 40.16
CA VAL F 531 -32.56 -45.08 39.39
C VAL F 531 -31.21 -45.67 38.99
N TYR F 532 -30.93 -45.68 37.69
CA TYR F 532 -29.76 -46.30 37.11
C TYR F 532 -28.96 -45.24 36.36
N ALA F 533 -27.65 -45.47 36.18
CA ALA F 533 -26.79 -44.52 35.52
C ALA F 533 -26.11 -45.12 34.31
N VAL F 534 -25.67 -44.25 33.39
CA VAL F 534 -25.12 -44.65 32.09
C VAL F 534 -23.76 -44.01 31.93
N THR F 535 -22.72 -44.83 31.78
CA THR F 535 -21.38 -44.32 31.48
C THR F 535 -21.31 -43.82 30.04
N LYS F 536 -20.30 -42.97 29.78
CA LYS F 536 -20.06 -42.46 28.44
C LYS F 536 -19.69 -43.55 27.45
N GLU F 537 -19.00 -44.61 27.91
CA GLU F 537 -18.67 -45.72 27.03
C GLU F 537 -19.87 -46.58 26.68
N ASN F 538 -20.96 -46.47 27.44
CA ASN F 538 -22.16 -47.24 27.18
C ASN F 538 -23.30 -46.43 26.58
N THR F 539 -23.22 -45.10 26.61
CA THR F 539 -24.33 -44.28 26.14
C THR F 539 -24.46 -44.32 24.63
N ILE F 540 -25.66 -44.05 24.15
CA ILE F 540 -25.93 -43.87 22.73
C ILE F 540 -26.39 -42.44 22.50
N ILE F 541 -26.24 -41.98 21.25
CA ILE F 541 -26.47 -40.59 20.90
C ILE F 541 -27.43 -40.48 19.71
N ASN F 542 -27.83 -41.64 19.19
CA ASN F 542 -28.80 -41.73 18.10
C ASN F 542 -29.59 -43.01 18.30
N PRO F 543 -30.80 -43.10 17.72
CA PRO F 543 -31.56 -44.36 17.77
C PRO F 543 -30.86 -45.47 17.02
N SER F 544 -31.33 -46.71 17.27
CA SER F 544 -30.82 -47.89 16.58
C SER F 544 -31.18 -47.93 15.11
N GLU F 545 -30.83 -49.05 14.45
CA GLU F 545 -31.09 -49.27 13.03
C GLU F 545 -32.53 -49.00 12.61
N ASN F 546 -33.50 -49.71 13.19
CA ASN F 546 -34.87 -49.56 12.74
C ASN F 546 -35.56 -48.28 13.22
N GLY F 547 -35.88 -48.19 14.52
CA GLY F 547 -36.45 -46.97 15.05
C GLY F 547 -36.24 -46.74 16.54
N ASP F 548 -35.29 -47.45 17.16
CA ASP F 548 -35.33 -47.66 18.61
C ASP F 548 -34.91 -46.44 19.42
N THR F 549 -35.91 -45.63 19.80
CA THR F 549 -35.73 -44.49 20.69
C THR F 549 -35.97 -44.84 22.14
N SER F 550 -35.57 -46.02 22.59
CA SER F 550 -35.85 -46.49 23.94
C SER F 550 -34.55 -46.79 24.70
N THR F 551 -34.69 -46.96 26.02
CA THR F 551 -33.59 -47.30 26.91
C THR F 551 -33.36 -48.80 27.02
N ASN F 552 -33.81 -49.55 26.01
CA ASN F 552 -33.77 -51.01 26.02
C ASN F 552 -32.33 -51.52 25.94
N GLY F 553 -31.61 -51.18 24.87
CA GLY F 553 -30.24 -51.63 24.71
C GLY F 553 -29.20 -50.69 25.28
N ILE F 554 -29.19 -50.52 26.61
CA ILE F 554 -28.22 -49.66 27.30
C ILE F 554 -27.70 -50.43 28.51
N LYS F 555 -26.38 -50.39 28.71
CA LYS F 555 -25.73 -51.09 29.81
C LYS F 555 -25.86 -50.24 31.07
N LYS F 556 -26.99 -50.42 31.75
CA LYS F 556 -27.32 -49.68 32.95
C LYS F 556 -26.65 -50.30 34.18
N ILE F 557 -26.52 -49.49 35.23
CA ILE F 557 -25.80 -49.86 36.44
C ILE F 557 -26.67 -49.50 37.64
N LEU F 558 -26.79 -50.41 38.59
CA LEU F 558 -27.67 -50.24 39.76
C LEU F 558 -27.05 -49.24 40.74
N ILE F 559 -27.63 -48.05 40.84
CA ILE F 559 -27.23 -47.08 41.85
C ILE F 559 -28.26 -46.94 42.97
N PHE F 560 -29.55 -46.84 42.64
CA PHE F 560 -30.57 -46.51 43.62
C PHE F 560 -31.71 -47.50 43.54
N SER F 561 -32.03 -48.10 44.68
CA SER F 561 -33.18 -49.00 44.78
C SER F 561 -33.78 -48.97 46.17
N LYS F 562 -34.80 -48.14 46.38
CA LYS F 562 -35.47 -48.02 47.66
C LYS F 562 -36.97 -48.20 47.46
N LYS F 563 -37.66 -48.54 48.55
CA LYS F 563 -39.11 -48.71 48.52
C LYS F 563 -39.82 -47.37 48.42
N GLY F 564 -41.14 -47.43 48.28
CA GLY F 564 -41.95 -46.24 48.09
C GLY F 564 -42.39 -45.58 49.38
N TYR F 565 -42.39 -46.33 50.49
CA TYR F 565 -42.71 -45.79 51.80
C TYR F 565 -41.48 -45.22 52.50
N GLU F 566 -40.31 -45.30 51.87
CA GLU F 566 -39.06 -44.81 52.44
C GLU F 566 -38.55 -43.57 51.72
N ILE F 567 -39.42 -42.89 50.98
CA ILE F 567 -39.05 -41.72 50.21
C ILE F 567 -39.88 -40.53 50.68
N GLY F 568 -41.19 -40.66 50.63
CA GLY F 568 -42.09 -39.64 51.11
C GLY F 568 -43.45 -39.69 50.45
N THR G 7 49.78 -16.48 25.41
CA THR G 7 48.55 -16.41 24.64
C THR G 7 48.60 -17.35 23.45
N VAL G 8 47.74 -18.36 23.46
CA VAL G 8 47.70 -19.35 22.39
C VAL G 8 46.92 -18.78 21.21
N PRO G 9 47.37 -18.99 19.98
CA PRO G 9 46.65 -18.43 18.83
C PRO G 9 45.42 -19.22 18.42
N ASP G 10 44.43 -18.49 17.92
CA ASP G 10 43.23 -19.04 17.29
C ASP G 10 42.87 -18.05 16.17
N ARG G 11 43.41 -18.31 14.98
CA ARG G 11 43.23 -17.40 13.86
C ARG G 11 41.77 -17.37 13.42
N ASP G 12 41.13 -18.53 13.44
CA ASP G 12 39.73 -18.67 13.10
C ASP G 12 38.80 -18.05 14.12
N ASN G 13 39.32 -17.65 15.29
CA ASN G 13 38.62 -16.86 16.31
C ASN G 13 37.40 -17.58 16.85
N ASP G 14 37.37 -18.90 16.71
CA ASP G 14 36.24 -19.70 17.12
C ASP G 14 36.43 -20.27 18.52
N GLY G 15 37.30 -19.67 19.32
CA GLY G 15 37.44 -20.06 20.70
C GLY G 15 38.23 -21.33 20.92
N ILE G 16 38.82 -21.87 19.86
CA ILE G 16 39.55 -23.12 19.92
C ILE G 16 40.85 -22.96 19.14
N PRO G 17 41.99 -23.27 19.75
CA PRO G 17 43.27 -22.96 19.13
C PRO G 17 43.55 -23.82 17.92
N ASP G 18 44.58 -23.38 17.19
CA ASP G 18 44.77 -23.83 15.82
C ASP G 18 45.43 -25.19 15.77
N SER G 19 46.41 -25.41 16.65
CA SER G 19 47.12 -26.68 16.70
C SER G 19 46.21 -27.82 17.11
N LEU G 20 45.21 -27.55 17.95
CA LEU G 20 44.29 -28.60 18.34
C LEU G 20 43.40 -28.99 17.18
N GLU G 21 42.91 -28.00 16.42
CA GLU G 21 42.09 -28.28 15.24
C GLU G 21 42.88 -29.01 14.18
N VAL G 22 44.17 -28.75 14.09
CA VAL G 22 45.01 -29.47 13.14
C VAL G 22 45.25 -30.90 13.62
N GLU G 23 45.72 -31.05 14.85
CA GLU G 23 46.30 -32.31 15.29
C GLU G 23 45.30 -33.23 15.96
N GLY G 24 44.09 -32.78 16.18
CA GLY G 24 43.13 -33.67 16.80
C GLY G 24 42.83 -33.25 18.21
N TYR G 25 41.56 -33.38 18.59
CA TYR G 25 41.11 -32.95 19.90
C TYR G 25 39.81 -33.67 20.21
N THR G 26 39.26 -33.37 21.38
CA THR G 26 38.00 -33.92 21.84
C THR G 26 37.45 -33.05 22.96
N VAL G 27 36.20 -33.30 23.29
CA VAL G 27 35.50 -32.63 24.38
C VAL G 27 35.10 -33.70 25.37
N ASP G 28 35.39 -33.48 26.65
CA ASP G 28 35.07 -34.48 27.66
C ASP G 28 34.59 -33.83 28.94
N VAL G 29 33.50 -34.34 29.48
CA VAL G 29 33.07 -33.91 30.80
C VAL G 29 33.83 -34.68 31.86
N LYS G 30 34.09 -34.03 32.98
CA LYS G 30 34.76 -34.69 34.08
C LYS G 30 33.85 -34.89 35.28
N ASN G 31 33.29 -33.81 35.83
CA ASN G 31 32.33 -33.96 36.89
C ASN G 31 30.96 -33.48 36.44
N LYS G 32 30.84 -32.21 36.07
CA LYS G 32 29.71 -31.68 35.34
C LYS G 32 30.18 -30.63 34.35
N ARG G 33 31.43 -30.71 33.92
CA ARG G 33 32.05 -29.60 33.21
C ARG G 33 32.78 -30.08 31.98
N THR G 34 32.49 -29.43 30.86
CA THR G 34 33.08 -29.79 29.57
C THR G 34 34.49 -29.22 29.47
N PHE G 35 35.43 -30.08 29.10
CA PHE G 35 36.84 -29.74 29.01
C PHE G 35 37.31 -30.06 27.60
N LEU G 36 38.00 -29.11 26.99
CA LEU G 36 38.44 -29.25 25.61
C LEU G 36 39.85 -29.82 25.63
N SER G 37 39.93 -31.08 25.52
CA SER G 37 41.25 -31.68 25.55
C SER G 37 41.80 -31.84 24.13
N PRO G 38 43.11 -31.80 23.96
CA PRO G 38 43.71 -32.37 22.76
C PRO G 38 43.62 -33.87 22.80
N TRP G 39 43.80 -34.49 21.64
CA TRP G 39 43.58 -35.92 21.52
C TRP G 39 44.70 -36.71 22.18
N ILE G 40 44.32 -37.61 23.09
CA ILE G 40 45.21 -38.60 23.67
C ILE G 40 44.58 -39.96 23.48
N SER G 41 45.31 -40.86 22.82
CA SER G 41 44.73 -42.15 22.46
C SER G 41 44.68 -43.12 23.63
N ASN G 42 45.36 -42.82 24.73
CA ASN G 42 45.36 -43.76 25.85
C ASN G 42 44.06 -43.70 26.64
N ILE G 43 43.40 -42.56 26.63
CA ILE G 43 42.28 -42.29 27.51
C ILE G 43 41.00 -42.13 26.72
N HIS G 44 41.02 -41.28 25.72
CA HIS G 44 39.80 -40.88 25.03
C HIS G 44 39.32 -41.95 24.08
N GLU G 45 40.24 -42.77 23.58
CA GLU G 45 39.88 -43.89 22.75
C GLU G 45 39.18 -44.98 23.56
N LYS G 46 39.62 -45.17 24.81
CA LYS G 46 38.95 -46.15 25.66
C LYS G 46 37.57 -45.68 26.08
N LYS G 47 37.37 -44.37 26.16
CA LYS G 47 36.06 -43.83 26.48
C LYS G 47 35.12 -43.83 25.29
N GLY G 48 35.64 -44.02 24.08
CA GLY G 48 34.83 -43.96 22.90
C GLY G 48 34.64 -42.56 22.35
N LEU G 49 35.47 -41.61 22.77
CA LEU G 49 35.36 -40.24 22.30
C LEU G 49 35.88 -40.15 20.88
N THR G 50 35.23 -39.30 20.08
CA THR G 50 35.57 -39.19 18.68
C THR G 50 36.62 -38.10 18.47
N LYS G 51 37.71 -38.46 17.81
CA LYS G 51 38.76 -37.50 17.53
C LYS G 51 38.29 -36.52 16.47
N TYR G 52 38.52 -35.23 16.72
CA TYR G 52 38.00 -34.16 15.89
C TYR G 52 39.13 -33.39 15.25
N LYS G 53 38.99 -33.10 13.95
CA LYS G 53 39.90 -32.21 13.26
C LYS G 53 39.10 -31.20 12.46
N SER G 54 39.61 -29.97 12.39
CA SER G 54 38.90 -28.92 11.68
C SER G 54 39.90 -27.87 11.23
N SER G 55 39.39 -26.83 10.62
CA SER G 55 40.30 -25.84 10.06
C SER G 55 40.79 -24.89 11.13
N PRO G 56 42.08 -24.56 11.11
CA PRO G 56 42.61 -23.51 11.99
C PRO G 56 42.25 -22.13 11.54
N GLU G 57 41.73 -21.96 10.33
CA GLU G 57 41.41 -20.65 9.82
C GLU G 57 39.95 -20.48 9.47
N LYS G 58 39.14 -21.53 9.61
CA LYS G 58 37.71 -21.37 9.41
C LYS G 58 37.03 -21.38 10.77
N TRP G 59 36.32 -20.29 11.05
CA TRP G 59 35.43 -20.22 12.20
C TRP G 59 34.37 -21.30 12.12
N SER G 60 33.90 -21.58 10.91
CA SER G 60 33.03 -22.72 10.63
C SER G 60 33.67 -23.48 9.49
N THR G 61 34.21 -24.65 9.78
CA THR G 61 34.94 -25.42 8.78
C THR G 61 34.00 -25.94 7.70
N ALA G 62 32.77 -26.24 8.05
CA ALA G 62 31.77 -26.64 7.07
C ALA G 62 31.04 -25.47 6.46
N SER G 63 31.39 -24.24 6.86
CA SER G 63 30.85 -22.96 6.39
C SER G 63 29.36 -22.76 6.71
N ASP G 64 28.73 -23.70 7.41
CA ASP G 64 27.39 -23.53 7.94
C ASP G 64 27.42 -22.47 9.03
N PRO G 65 26.27 -21.82 9.36
CA PRO G 65 26.30 -20.72 10.32
C PRO G 65 26.41 -21.17 11.78
N TYR G 66 27.36 -22.07 12.04
CA TYR G 66 27.61 -22.61 13.36
C TYR G 66 29.10 -22.84 13.48
N SER G 67 29.70 -22.41 14.58
CA SER G 67 31.14 -22.54 14.72
C SER G 67 31.51 -23.99 14.94
N ASP G 68 32.81 -24.24 14.85
CA ASP G 68 33.35 -25.54 15.20
C ASP G 68 33.13 -25.83 16.67
N PHE G 69 33.37 -24.82 17.50
CA PHE G 69 33.31 -24.97 18.95
C PHE G 69 31.89 -25.18 19.44
N GLU G 70 30.93 -24.45 18.84
CA GLU G 70 29.53 -24.65 19.19
C GLU G 70 29.07 -26.04 18.81
N LYS G 71 29.60 -26.56 17.71
CA LYS G 71 29.16 -27.84 17.21
C LYS G 71 29.75 -28.97 18.03
N VAL G 72 30.96 -28.81 18.53
CA VAL G 72 31.53 -29.86 19.37
C VAL G 72 31.10 -29.71 20.82
N THR G 73 30.74 -28.50 21.24
CA THR G 73 30.38 -28.28 22.63
C THR G 73 28.94 -28.67 22.89
N GLY G 74 28.07 -28.39 21.93
CA GLY G 74 26.65 -28.58 22.11
C GLY G 74 25.88 -27.31 22.32
N ARG G 75 26.54 -26.16 22.32
CA ARG G 75 25.86 -24.88 22.47
C ARG G 75 25.32 -24.42 21.11
N ILE G 76 24.27 -25.12 20.70
CA ILE G 76 23.76 -25.05 19.35
C ILE G 76 22.25 -25.22 19.44
N ASP G 77 21.56 -24.87 18.36
CA ASP G 77 20.19 -25.29 18.16
C ASP G 77 20.12 -26.81 18.19
N LYS G 78 19.35 -27.34 19.12
CA LYS G 78 19.32 -28.77 19.33
C LYS G 78 18.54 -29.51 18.26
N ASN G 79 17.84 -28.80 17.40
CA ASN G 79 17.15 -29.44 16.29
C ASN G 79 18.11 -29.89 15.20
N VAL G 80 19.37 -29.48 15.28
CA VAL G 80 20.41 -30.03 14.43
C VAL G 80 20.54 -31.52 14.71
N SER G 81 20.56 -32.32 13.65
CA SER G 81 20.68 -33.77 13.77
C SER G 81 22.01 -34.15 14.40
N PRO G 82 22.05 -35.26 15.12
CA PRO G 82 23.30 -35.64 15.82
C PRO G 82 24.44 -35.98 14.89
N GLU G 83 24.16 -36.55 13.72
CA GLU G 83 25.22 -36.81 12.77
C GLU G 83 25.76 -35.54 12.14
N ALA G 84 25.03 -34.43 12.24
CA ALA G 84 25.54 -33.14 11.84
C ALA G 84 26.32 -32.46 12.94
N ARG G 85 26.51 -33.12 14.08
CA ARG G 85 27.31 -32.48 15.11
C ARG G 85 28.80 -32.65 14.89
N HIS G 86 29.20 -33.34 13.85
CA HIS G 86 30.61 -33.37 13.51
C HIS G 86 30.96 -32.16 12.66
N PRO G 87 32.14 -31.56 12.89
CA PRO G 87 32.47 -30.30 12.19
C PRO G 87 32.65 -30.44 10.70
N LEU G 88 33.05 -31.61 10.23
CA LEU G 88 33.18 -31.81 8.80
C LEU G 88 31.86 -32.19 8.14
N VAL G 89 30.79 -32.27 8.91
CA VAL G 89 29.46 -32.56 8.39
C VAL G 89 28.68 -31.27 8.36
N ALA G 90 28.15 -30.92 7.18
CA ALA G 90 27.37 -29.71 7.03
C ALA G 90 26.00 -29.86 7.65
N ALA G 91 25.42 -28.73 8.06
CA ALA G 91 24.08 -28.70 8.63
C ALA G 91 23.27 -27.65 7.88
N TYR G 92 22.23 -28.10 7.17
CA TYR G 92 21.48 -27.18 6.33
C TYR G 92 20.10 -27.75 6.10
N PRO G 93 19.08 -26.90 5.93
CA PRO G 93 17.75 -27.39 5.61
C PRO G 93 17.59 -27.72 4.14
N ILE G 94 16.72 -28.68 3.87
CA ILE G 94 16.28 -28.99 2.53
C ILE G 94 14.76 -28.95 2.57
N VAL G 95 14.19 -27.96 1.90
CA VAL G 95 12.76 -27.72 1.95
C VAL G 95 12.21 -27.82 0.53
N HIS G 96 11.16 -28.60 0.37
CA HIS G 96 10.40 -28.61 -0.87
C HIS G 96 8.94 -28.79 -0.53
N VAL G 97 8.09 -28.24 -1.39
CA VAL G 97 6.66 -28.16 -1.13
C VAL G 97 5.95 -29.19 -1.99
N ASP G 98 5.03 -29.93 -1.40
CA ASP G 98 4.14 -30.81 -2.12
C ASP G 98 2.74 -30.20 -2.16
N MET G 99 1.95 -30.64 -3.13
CA MET G 99 0.62 -30.10 -3.36
C MET G 99 -0.38 -31.24 -3.22
N GLU G 100 -1.24 -31.17 -2.21
CA GLU G 100 -2.14 -32.29 -2.00
C GLU G 100 -3.42 -32.13 -2.79
N ASN G 101 -3.91 -30.90 -2.96
CA ASN G 101 -5.23 -30.77 -3.54
C ASN G 101 -5.38 -29.43 -4.24
N ILE G 102 -6.21 -29.45 -5.28
CA ILE G 102 -6.60 -28.27 -6.03
C ILE G 102 -8.03 -27.91 -5.65
N ILE G 103 -8.34 -26.62 -5.67
CA ILE G 103 -9.71 -26.15 -5.58
C ILE G 103 -9.86 -25.06 -6.64
N LEU G 104 -10.67 -25.33 -7.64
CA LEU G 104 -11.01 -24.33 -8.64
C LEU G 104 -12.46 -23.90 -8.45
N SER G 105 -12.71 -22.62 -8.58
CA SER G 105 -14.06 -22.07 -8.46
C SER G 105 -14.36 -21.28 -9.71
N LYS G 106 -15.46 -21.60 -10.37
CA LYS G 106 -15.85 -20.90 -11.57
C LYS G 106 -16.51 -19.59 -11.18
N ASN G 107 -15.88 -18.47 -11.55
CA ASN G 107 -16.41 -17.15 -11.26
C ASN G 107 -17.48 -16.83 -12.30
N GLU G 108 -18.65 -17.43 -12.11
CA GLU G 108 -19.79 -17.24 -12.98
C GLU G 108 -20.95 -16.74 -12.13
N ASP G 109 -21.59 -15.67 -12.54
CA ASP G 109 -22.70 -15.14 -11.75
C ASP G 109 -24.02 -15.38 -12.47
N GLN G 110 -24.92 -16.11 -11.82
CA GLN G 110 -26.18 -16.48 -12.41
C GLN G 110 -27.32 -15.86 -11.62
N SER G 111 -28.44 -15.63 -12.30
CA SER G 111 -29.59 -15.02 -11.67
C SER G 111 -30.86 -15.58 -12.28
N THR G 112 -31.89 -15.70 -11.46
CA THR G 112 -33.21 -16.13 -11.88
C THR G 112 -34.22 -15.06 -11.52
N GLN G 113 -35.14 -14.80 -12.42
CA GLN G 113 -36.18 -13.80 -12.23
C GLN G 113 -37.55 -14.43 -12.44
N ASN G 114 -38.45 -14.16 -11.51
CA ASN G 114 -39.84 -14.57 -11.62
C ASN G 114 -40.69 -13.31 -11.66
N THR G 115 -41.70 -13.29 -12.54
CA THR G 115 -42.50 -12.09 -12.75
C THR G 115 -43.96 -12.47 -12.93
N ASP G 116 -44.86 -11.77 -12.24
CA ASP G 116 -46.30 -11.93 -12.44
C ASP G 116 -46.91 -10.60 -12.88
N SER G 117 -47.88 -10.66 -13.78
CA SER G 117 -48.46 -9.46 -14.37
C SER G 117 -49.94 -9.65 -14.62
N GLN G 118 -50.76 -8.77 -14.05
CA GLN G 118 -52.21 -8.81 -14.25
C GLN G 118 -52.65 -7.51 -14.87
N THR G 119 -53.25 -7.59 -16.06
CA THR G 119 -53.59 -6.42 -16.87
C THR G 119 -55.10 -6.38 -17.09
N ARG G 120 -55.70 -5.24 -16.79
CA ARG G 120 -57.12 -5.04 -17.01
C ARG G 120 -57.30 -3.95 -18.06
N THR G 121 -57.76 -4.35 -19.25
CA THR G 121 -57.89 -3.44 -20.38
C THR G 121 -59.36 -3.24 -20.69
N ILE G 122 -59.84 -2.01 -20.49
CA ILE G 122 -61.24 -1.66 -20.71
C ILE G 122 -61.31 -0.77 -21.94
N SER G 123 -62.03 -1.23 -22.97
CA SER G 123 -61.94 -0.64 -24.29
C SER G 123 -63.31 -0.19 -24.77
N LYS G 124 -63.35 0.94 -25.46
CA LYS G 124 -64.56 1.47 -26.06
C LYS G 124 -64.38 1.53 -27.57
N ASN G 125 -65.48 1.46 -28.32
CA ASN G 125 -65.46 1.59 -29.76
C ASN G 125 -66.80 2.14 -30.21
N THR G 126 -66.83 2.92 -31.29
CA THR G 126 -68.09 3.28 -31.92
C THR G 126 -67.89 3.32 -33.43
N SER G 127 -68.99 3.46 -34.16
CA SER G 127 -68.97 3.31 -35.61
C SER G 127 -70.18 3.97 -36.25
N THR G 128 -70.01 4.47 -37.48
CA THR G 128 -71.10 4.71 -38.42
C THR G 128 -70.67 4.16 -39.78
N SER G 129 -71.64 4.10 -40.70
CA SER G 129 -71.44 3.56 -42.04
C SER G 129 -72.54 4.11 -42.94
N ARG G 130 -72.22 4.39 -44.20
CA ARG G 130 -73.21 4.89 -45.16
C ARG G 130 -73.03 4.24 -46.52
N THR G 131 -74.06 3.52 -46.96
CA THR G 131 -74.02 2.67 -48.14
C THR G 131 -74.90 3.27 -49.22
N HIS G 132 -74.44 3.28 -50.47
CA HIS G 132 -75.24 3.78 -51.58
C HIS G 132 -75.24 2.75 -52.69
N THR G 133 -76.42 2.17 -52.96
CA THR G 133 -76.53 0.98 -53.80
C THR G 133 -77.37 1.29 -55.04
N SER G 134 -76.81 1.00 -56.21
CA SER G 134 -77.53 1.01 -57.47
C SER G 134 -77.67 -0.40 -58.00
N GLU G 135 -78.57 -0.59 -58.97
CA GLU G 135 -79.01 -1.90 -59.43
C GLU G 135 -79.76 -1.77 -60.75
N VAL G 136 -79.41 -2.60 -61.73
CA VAL G 136 -80.07 -2.62 -63.04
C VAL G 136 -80.43 -4.06 -63.38
N HIS G 137 -81.73 -4.39 -63.32
CA HIS G 137 -82.27 -5.72 -63.54
C HIS G 137 -82.71 -5.91 -64.99
N GLY G 138 -82.62 -7.15 -65.47
CA GLY G 138 -83.15 -7.53 -66.77
C GLY G 138 -84.01 -8.77 -66.67
N ASN G 139 -84.81 -9.00 -67.71
CA ASN G 139 -85.74 -10.11 -67.76
C ASN G 139 -86.22 -10.30 -69.20
N ALA G 140 -86.38 -11.57 -69.59
CA ALA G 140 -87.09 -11.97 -70.80
C ALA G 140 -87.92 -13.19 -70.45
N GLU G 141 -89.00 -13.43 -71.20
CA GLU G 141 -89.92 -14.50 -70.84
C GLU G 141 -90.64 -15.01 -72.09
N VAL G 142 -90.73 -16.33 -72.23
CA VAL G 142 -91.45 -16.95 -73.34
C VAL G 142 -92.46 -17.93 -72.76
N HIS G 143 -93.75 -17.64 -72.95
CA HIS G 143 -94.84 -18.45 -72.44
C HIS G 143 -95.50 -19.19 -73.60
N ALA G 144 -95.91 -20.43 -73.36
CA ALA G 144 -96.53 -21.25 -74.40
C ALA G 144 -97.63 -22.12 -73.81
N SER G 145 -98.75 -22.19 -74.53
CA SER G 145 -99.90 -22.98 -74.11
C SER G 145 -100.35 -23.92 -75.22
N PHE G 146 -101.56 -24.46 -75.08
CA PHE G 146 -102.18 -25.21 -76.18
C PHE G 146 -102.31 -24.35 -77.43
N PHE G 147 -102.77 -23.11 -77.28
CA PHE G 147 -102.93 -22.21 -78.42
C PHE G 147 -102.50 -20.79 -78.11
N ASP G 148 -101.86 -20.54 -76.97
CA ASP G 148 -101.48 -19.20 -76.56
C ASP G 148 -99.98 -19.14 -76.30
N ILE G 149 -99.30 -18.25 -77.04
CA ILE G 149 -97.86 -18.06 -76.91
C ILE G 149 -97.61 -16.57 -76.67
N GLY G 150 -96.81 -16.25 -75.67
CA GLY G 150 -96.47 -14.89 -75.36
C GLY G 150 -94.98 -14.72 -75.12
N GLY G 151 -94.54 -13.47 -75.18
CA GLY G 151 -93.18 -13.12 -74.80
C GLY G 151 -93.14 -11.76 -74.14
N SER G 152 -92.17 -11.59 -73.24
CA SER G 152 -92.12 -10.43 -72.36
C SER G 152 -90.67 -10.02 -72.12
N VAL G 153 -90.42 -8.70 -72.08
CA VAL G 153 -89.09 -8.15 -71.85
C VAL G 153 -89.20 -7.10 -70.74
N SER G 154 -88.35 -7.21 -69.72
CA SER G 154 -88.42 -6.33 -68.57
C SER G 154 -87.04 -5.84 -68.16
N ALA G 155 -87.00 -4.66 -67.53
CA ALA G 155 -85.77 -4.06 -67.03
C ALA G 155 -86.08 -3.18 -65.83
N GLY G 156 -85.18 -3.19 -64.85
CA GLY G 156 -85.41 -2.58 -63.55
C GLY G 156 -84.29 -1.68 -63.07
N PHE G 157 -84.63 -0.56 -62.44
CA PHE G 157 -83.64 0.41 -61.98
C PHE G 157 -83.83 0.69 -60.50
N SER G 158 -82.98 0.09 -59.66
CA SER G 158 -83.13 0.19 -58.21
C SER G 158 -81.99 1.01 -57.62
N ASN G 159 -82.32 2.10 -56.94
CA ASN G 159 -81.38 2.83 -56.11
C ASN G 159 -81.60 2.43 -54.66
N SER G 160 -80.55 2.57 -53.84
CA SER G 160 -80.65 2.29 -52.42
C SER G 160 -79.55 3.02 -51.64
N ASN G 161 -79.81 3.22 -50.34
CA ASN G 161 -78.97 4.02 -49.45
C ASN G 161 -79.23 3.61 -48.00
N SER G 162 -78.16 3.16 -47.34
CA SER G 162 -78.19 2.63 -45.98
C SER G 162 -77.28 3.47 -45.09
N SER G 163 -77.45 3.33 -43.77
CA SER G 163 -76.57 3.99 -42.80
C SER G 163 -76.60 3.25 -41.47
N THR G 164 -75.47 2.63 -41.13
CA THR G 164 -75.32 1.72 -39.99
C THR G 164 -74.55 2.40 -38.86
N VAL G 165 -75.18 2.55 -37.70
CA VAL G 165 -74.57 3.23 -36.57
C VAL G 165 -74.39 2.22 -35.43
N ALA G 166 -73.16 2.09 -34.95
CA ALA G 166 -72.73 0.99 -34.09
C ALA G 166 -71.93 1.51 -32.89
N ILE G 167 -71.84 0.67 -31.85
CA ILE G 167 -71.07 0.99 -30.65
C ILE G 167 -70.69 -0.32 -29.95
N ASP G 168 -69.51 -0.32 -29.32
CA ASP G 168 -68.90 -1.48 -28.69
C ASP G 168 -68.32 -1.11 -27.33
N HIS G 169 -68.45 -2.01 -26.35
CA HIS G 169 -67.69 -1.95 -25.11
C HIS G 169 -66.89 -3.25 -24.98
N SER G 170 -65.79 -3.23 -24.21
CA SER G 170 -64.89 -4.38 -24.16
C SER G 170 -64.13 -4.44 -22.83
N LEU G 171 -63.91 -5.65 -22.33
CA LEU G 171 -62.99 -5.91 -21.21
C LEU G 171 -61.88 -6.83 -21.69
N SER G 172 -60.78 -6.89 -20.92
CA SER G 172 -59.67 -7.82 -21.15
C SER G 172 -58.93 -8.06 -19.85
N LEU G 173 -58.76 -9.33 -19.48
CA LEU G 173 -58.03 -9.69 -18.26
C LEU G 173 -56.84 -10.56 -18.63
N ALA G 174 -55.64 -10.00 -18.55
CA ALA G 174 -54.43 -10.65 -19.02
C ALA G 174 -53.53 -11.01 -17.85
N GLY G 175 -53.40 -12.30 -17.57
CA GLY G 175 -52.53 -12.77 -16.50
C GLY G 175 -51.32 -13.46 -17.07
N GLU G 176 -50.14 -13.10 -16.57
CA GLU G 176 -48.89 -13.54 -17.15
C GLU G 176 -47.90 -13.95 -16.06
N ARG G 177 -47.25 -15.09 -16.27
CA ARG G 177 -46.19 -15.56 -15.38
C ARG G 177 -44.94 -15.78 -16.21
N THR G 178 -43.86 -15.11 -15.83
CA THR G 178 -42.63 -15.04 -16.58
C THR G 178 -41.49 -15.64 -15.78
N TRP G 179 -40.80 -16.62 -16.37
CA TRP G 179 -39.61 -17.19 -15.79
C TRP G 179 -38.39 -16.81 -16.61
N ALA G 180 -37.30 -16.46 -15.94
CA ALA G 180 -36.11 -15.97 -16.62
C ALA G 180 -34.86 -16.45 -15.91
N GLU G 181 -33.81 -16.70 -16.68
CA GLU G 181 -32.55 -17.19 -16.15
C GLU G 181 -31.41 -16.59 -16.95
N THR G 182 -30.34 -16.20 -16.27
CA THR G 182 -29.22 -15.49 -16.87
C THR G 182 -27.92 -15.99 -16.27
N MET G 183 -26.92 -16.20 -17.11
CA MET G 183 -25.60 -16.66 -16.67
C MET G 183 -24.54 -15.73 -17.25
N GLY G 184 -24.03 -14.82 -16.43
CA GLY G 184 -22.96 -13.95 -16.84
C GLY G 184 -21.58 -14.52 -16.52
N LEU G 185 -20.62 -14.12 -17.34
CA LEU G 185 -19.27 -14.64 -17.31
C LEU G 185 -18.33 -13.56 -17.83
N ASN G 186 -17.09 -13.57 -17.34
CA ASN G 186 -16.03 -12.75 -17.88
C ASN G 186 -14.88 -13.68 -18.26
N THR G 187 -14.46 -13.61 -19.53
CA THR G 187 -13.48 -14.54 -20.07
C THR G 187 -12.10 -14.37 -19.46
N ALA G 188 -11.81 -13.21 -18.89
CA ALA G 188 -10.51 -13.00 -18.27
C ALA G 188 -10.47 -13.48 -16.84
N ASP G 189 -11.62 -13.63 -16.20
CA ASP G 189 -11.70 -13.97 -14.78
C ASP G 189 -12.66 -15.13 -14.58
N THR G 190 -12.43 -16.21 -15.31
CA THR G 190 -13.34 -17.34 -15.24
C THR G 190 -13.19 -18.10 -13.94
N ALA G 191 -11.96 -18.32 -13.49
CA ALA G 191 -11.74 -19.25 -12.39
C ALA G 191 -10.84 -18.63 -11.33
N ARG G 192 -11.03 -19.11 -10.11
CA ARG G 192 -10.17 -18.76 -8.98
C ARG G 192 -9.59 -20.03 -8.40
N LEU G 193 -8.33 -19.96 -7.99
CA LEU G 193 -7.60 -21.13 -7.57
C LEU G 193 -7.36 -21.14 -6.06
N ASN G 194 -7.12 -22.34 -5.55
CA ASN G 194 -6.74 -22.51 -4.14
C ASN G 194 -5.96 -23.81 -4.01
N ALA G 195 -4.75 -23.71 -3.47
CA ALA G 195 -3.86 -24.85 -3.31
C ALA G 195 -3.88 -25.35 -1.87
N ASN G 196 -3.78 -26.67 -1.71
CA ASN G 196 -3.60 -27.27 -0.40
C ASN G 196 -2.22 -27.91 -0.37
N ILE G 197 -1.33 -27.34 0.44
CA ILE G 197 0.09 -27.65 0.36
C ILE G 197 0.67 -27.88 1.75
N ARG G 198 1.77 -28.63 1.79
CA ARG G 198 2.53 -28.83 3.00
C ARG G 198 3.99 -28.48 2.76
N TYR G 199 4.70 -28.32 3.88
CA TYR G 199 6.11 -28.01 3.89
C TYR G 199 6.85 -29.20 4.47
N VAL G 200 7.93 -29.61 3.81
CA VAL G 200 8.68 -30.79 4.21
C VAL G 200 10.13 -30.37 4.43
N ASN G 201 10.71 -30.77 5.56
CA ASN G 201 12.15 -30.57 5.75
C ASN G 201 12.82 -31.93 5.72
N THR G 202 13.58 -32.17 4.67
CA THR G 202 14.44 -33.34 4.61
C THR G 202 15.88 -33.02 4.93
N GLY G 203 16.17 -31.78 5.32
CA GLY G 203 17.53 -31.37 5.60
C GLY G 203 18.04 -31.81 6.94
N THR G 204 18.97 -31.03 7.48
CA THR G 204 19.62 -31.31 8.75
C THR G 204 19.57 -30.17 9.73
N ALA G 205 19.57 -28.95 9.25
CA ALA G 205 19.37 -27.83 10.15
C ALA G 205 17.94 -27.34 10.03
N PRO G 206 17.35 -26.83 11.10
CA PRO G 206 16.04 -26.20 10.99
C PRO G 206 16.15 -24.83 10.36
N ILE G 207 15.02 -24.37 9.81
CA ILE G 207 14.93 -23.09 9.14
C ILE G 207 13.75 -22.33 9.72
N TYR G 208 13.91 -21.05 9.96
CA TYR G 208 12.92 -20.25 10.65
C TYR G 208 12.35 -19.17 9.75
N ASN G 209 11.05 -18.88 9.96
CA ASN G 209 10.26 -17.94 9.18
C ASN G 209 10.26 -18.32 7.71
N VAL G 210 9.72 -19.50 7.45
CA VAL G 210 9.79 -20.10 6.13
C VAL G 210 8.79 -19.43 5.20
N LEU G 211 9.28 -18.89 4.08
CA LEU G 211 8.42 -18.34 3.05
C LEU G 211 8.89 -18.88 1.71
N PRO G 212 8.29 -19.95 1.23
CA PRO G 212 8.65 -20.46 -0.09
C PRO G 212 8.08 -19.59 -1.20
N THR G 213 8.79 -19.56 -2.31
CA THR G 213 8.31 -18.95 -3.54
C THR G 213 7.96 -20.09 -4.49
N THR G 214 6.68 -20.22 -4.81
CA THR G 214 6.21 -21.32 -5.63
C THR G 214 5.56 -20.83 -6.91
N SER G 215 5.15 -21.78 -7.74
CA SER G 215 4.62 -21.46 -9.06
C SER G 215 3.57 -22.49 -9.49
N LEU G 216 2.39 -21.98 -9.84
CA LEU G 216 1.35 -22.76 -10.50
C LEU G 216 1.61 -22.80 -12.00
N VAL G 217 1.66 -24.01 -12.57
CA VAL G 217 2.03 -24.25 -13.96
C VAL G 217 1.02 -25.19 -14.60
N LEU G 218 0.51 -24.80 -15.77
CA LEU G 218 -0.25 -25.71 -16.62
C LEU G 218 0.63 -26.34 -17.69
N GLY G 219 0.17 -27.50 -18.15
CA GLY G 219 0.67 -28.07 -19.40
C GLY G 219 2.11 -28.52 -19.30
N LYS G 220 2.86 -28.25 -20.36
CA LYS G 220 4.28 -28.54 -20.36
C LYS G 220 5.02 -27.52 -19.51
N ASN G 221 4.94 -26.26 -19.90
CA ASN G 221 5.61 -25.21 -19.14
C ASN G 221 4.79 -23.92 -19.12
N GLN G 222 3.48 -24.02 -19.23
CA GLN G 222 2.64 -22.82 -19.23
C GLN G 222 2.40 -22.43 -17.77
N THR G 223 3.14 -21.44 -17.31
CA THR G 223 3.05 -21.02 -15.92
C THR G 223 1.82 -20.16 -15.72
N LEU G 224 0.93 -20.59 -14.83
CA LEU G 224 -0.17 -19.73 -14.45
C LEU G 224 0.32 -18.55 -13.65
N ALA G 225 1.02 -18.82 -12.55
CA ALA G 225 1.33 -17.75 -11.62
C ALA G 225 2.54 -18.12 -10.79
N THR G 226 3.20 -17.11 -10.27
CA THR G 226 4.30 -17.27 -9.34
C THR G 226 3.96 -16.50 -8.08
N ILE G 227 3.90 -17.19 -6.96
CA ILE G 227 3.41 -16.62 -5.70
C ILE G 227 4.46 -16.83 -4.63
N LYS G 228 4.84 -15.74 -3.98
CA LYS G 228 5.60 -15.80 -2.74
C LYS G 228 4.66 -16.02 -1.57
N ALA G 229 5.08 -16.85 -0.61
CA ALA G 229 4.25 -17.15 0.54
C ALA G 229 4.04 -15.91 1.40
N LYS G 230 2.79 -15.66 1.76
CA LYS G 230 2.46 -14.47 2.52
C LYS G 230 2.36 -14.80 4.01
N GLU G 231 1.87 -13.83 4.79
CA GLU G 231 1.90 -13.96 6.24
C GLU G 231 0.87 -14.96 6.75
N ASN G 232 -0.16 -15.26 5.96
CA ASN G 232 -1.00 -16.40 6.29
C ASN G 232 -0.26 -17.70 6.08
N GLN G 233 0.74 -17.71 5.21
CA GLN G 233 1.44 -18.92 4.83
C GLN G 233 2.79 -19.04 5.51
N LEU G 234 3.02 -18.30 6.58
CA LEU G 234 4.31 -18.33 7.23
C LEU G 234 4.43 -19.57 8.09
N SER G 235 5.61 -20.17 8.07
CA SER G 235 5.95 -21.26 8.99
C SER G 235 7.06 -20.77 9.89
N GLN G 236 6.79 -20.75 11.19
CA GLN G 236 7.77 -20.24 12.14
C GLN G 236 8.94 -21.21 12.29
N ILE G 237 8.65 -22.49 12.45
CA ILE G 237 9.66 -23.52 12.65
C ILE G 237 9.45 -24.59 11.59
N LEU G 238 10.53 -25.00 10.94
CA LEU G 238 10.50 -26.24 10.18
C LEU G 238 11.76 -27.01 10.57
N ALA G 239 11.62 -27.82 11.61
CA ALA G 239 12.68 -28.72 12.03
C ALA G 239 12.84 -29.82 10.99
N PRO G 240 14.05 -30.41 10.88
CA PRO G 240 14.24 -31.50 9.93
C PRO G 240 13.46 -32.74 10.27
N ASN G 241 13.13 -33.49 9.22
CA ASN G 241 12.24 -34.65 9.26
C ASN G 241 10.89 -34.29 9.85
N ASN G 242 10.35 -33.14 9.42
CA ASN G 242 9.05 -32.71 9.87
C ASN G 242 8.28 -32.05 8.74
N TYR G 243 7.00 -31.86 9.00
CA TYR G 243 6.06 -31.25 8.09
C TYR G 243 5.48 -30.00 8.74
N TYR G 244 5.12 -29.03 7.89
CA TYR G 244 4.33 -27.91 8.32
C TYR G 244 3.10 -27.85 7.42
N PRO G 245 1.89 -28.05 7.94
CA PRO G 245 1.62 -28.42 9.33
C PRO G 245 1.84 -29.90 9.52
N SER G 246 1.62 -30.38 10.74
CA SER G 246 1.87 -31.77 11.06
C SER G 246 0.94 -32.69 10.27
N LYS G 247 1.35 -33.95 10.18
CA LYS G 247 0.73 -34.89 9.27
C LYS G 247 -0.70 -35.24 9.69
N ASN G 248 -1.00 -35.16 10.97
CA ASN G 248 -2.38 -35.38 11.41
C ASN G 248 -3.29 -34.23 10.98
N LEU G 249 -2.74 -33.03 10.86
CA LEU G 249 -3.55 -31.89 10.49
C LEU G 249 -3.64 -31.79 8.97
N ALA G 250 -4.54 -30.95 8.51
CA ALA G 250 -4.79 -30.76 7.09
C ALA G 250 -3.83 -29.72 6.51
N PRO G 251 -3.46 -29.84 5.24
CA PRO G 251 -2.50 -28.90 4.64
C PRO G 251 -3.08 -27.50 4.52
N ILE G 252 -2.20 -26.55 4.29
CA ILE G 252 -2.61 -25.16 4.32
C ILE G 252 -3.10 -24.73 2.96
N ALA G 253 -3.79 -23.60 2.93
CA ALA G 253 -4.48 -23.09 1.74
C ALA G 253 -3.78 -21.85 1.24
N LEU G 254 -3.40 -21.87 -0.03
CA LEU G 254 -2.83 -20.71 -0.71
C LEU G 254 -3.80 -20.27 -1.80
N ASN G 255 -4.32 -19.05 -1.67
CA ASN G 255 -5.30 -18.58 -2.64
C ASN G 255 -5.16 -17.11 -2.99
N ALA G 256 -4.00 -16.50 -2.75
CA ALA G 256 -3.90 -15.05 -2.84
C ALA G 256 -2.74 -14.66 -3.72
N GLN G 257 -2.84 -13.46 -4.26
CA GLN G 257 -1.77 -12.87 -5.05
C GLN G 257 -1.23 -11.59 -4.47
N ASP G 258 -2.05 -10.81 -3.77
CA ASP G 258 -1.61 -9.54 -3.22
C ASP G 258 -0.63 -9.74 -2.07
N ASP G 259 0.12 -8.68 -1.80
CA ASP G 259 0.97 -8.65 -0.63
C ASP G 259 0.16 -8.49 0.64
N PHE G 260 -1.07 -8.02 0.54
CA PHE G 260 -1.98 -8.02 1.68
C PHE G 260 -3.12 -8.99 1.49
N SER G 261 -2.98 -9.90 0.51
CA SER G 261 -3.85 -11.07 0.32
C SER G 261 -5.29 -10.67 0.06
N SER G 262 -5.48 -9.80 -0.92
CA SER G 262 -6.80 -9.29 -1.25
C SER G 262 -7.20 -9.59 -2.69
N THR G 263 -6.45 -10.42 -3.40
CA THR G 263 -6.79 -10.77 -4.76
C THR G 263 -6.67 -12.28 -4.95
N PRO G 264 -7.72 -12.94 -5.41
CA PRO G 264 -7.64 -14.37 -5.68
C PRO G 264 -6.81 -14.65 -6.91
N ILE G 265 -6.41 -15.91 -7.03
CA ILE G 265 -5.57 -16.36 -8.13
C ILE G 265 -6.46 -16.64 -9.33
N THR G 266 -6.26 -15.87 -10.40
CA THR G 266 -7.19 -15.75 -11.51
C THR G 266 -6.78 -16.67 -12.65
N MET G 267 -7.78 -17.27 -13.31
CA MET G 267 -7.58 -18.07 -14.51
C MET G 267 -8.58 -17.64 -15.56
N ASN G 268 -8.11 -17.48 -16.79
CA ASN G 268 -8.96 -17.07 -17.90
C ASN G 268 -9.67 -18.29 -18.51
N TYR G 269 -10.21 -18.11 -19.71
CA TYR G 269 -11.17 -19.06 -20.23
C TYR G 269 -10.49 -20.27 -20.85
N ASN G 270 -9.49 -20.03 -21.71
CA ASN G 270 -8.86 -21.12 -22.45
C ASN G 270 -8.08 -22.03 -21.52
N GLN G 271 -7.42 -21.44 -20.53
CA GLN G 271 -6.73 -22.24 -19.53
C GLN G 271 -7.70 -23.03 -18.68
N PHE G 272 -8.90 -22.49 -18.45
CA PHE G 272 -9.92 -23.21 -17.70
C PHE G 272 -10.40 -24.43 -18.47
N LEU G 273 -10.61 -24.26 -19.77
CA LEU G 273 -11.00 -25.38 -20.62
C LEU G 273 -9.91 -26.43 -20.68
N GLU G 274 -8.66 -26.00 -20.83
CA GLU G 274 -7.54 -26.93 -20.93
C GLU G 274 -7.32 -27.65 -19.61
N LEU G 275 -7.59 -26.98 -18.48
CA LEU G 275 -7.46 -27.64 -17.20
C LEU G 275 -8.56 -28.68 -17.01
N GLU G 276 -9.80 -28.34 -17.34
CA GLU G 276 -10.85 -29.33 -17.20
C GLU G 276 -10.76 -30.44 -18.24
N LYS G 277 -10.00 -30.26 -19.30
CA LYS G 277 -9.77 -31.37 -20.21
C LYS G 277 -8.62 -32.25 -19.72
N THR G 278 -7.47 -31.65 -19.45
CA THR G 278 -6.25 -32.40 -19.26
C THR G 278 -5.95 -32.76 -17.83
N LYS G 279 -6.47 -31.97 -16.87
CA LYS G 279 -6.29 -32.16 -15.43
C LYS G 279 -4.82 -32.16 -15.02
N GLN G 280 -3.98 -31.43 -15.76
CA GLN G 280 -2.56 -31.38 -15.50
C GLN G 280 -2.23 -30.01 -14.93
N LEU G 281 -2.04 -29.95 -13.62
CA LEU G 281 -1.74 -28.69 -12.94
C LEU G 281 -0.63 -29.00 -11.95
N ARG G 282 0.58 -28.55 -12.26
CA ARG G 282 1.73 -28.89 -11.46
C ARG G 282 2.21 -27.66 -10.71
N LEU G 283 3.05 -27.94 -9.71
CA LEU G 283 3.47 -26.94 -8.72
C LEU G 283 4.98 -27.00 -8.59
N ASP G 284 5.63 -25.87 -8.78
CA ASP G 284 7.08 -25.82 -8.67
C ASP G 284 7.51 -24.98 -7.47
N THR G 285 8.61 -25.40 -6.87
CA THR G 285 9.20 -24.73 -5.71
C THR G 285 10.47 -24.04 -6.20
N ASP G 286 10.38 -22.73 -6.41
CA ASP G 286 11.49 -22.01 -7.04
C ASP G 286 12.57 -21.69 -6.03
N GLN G 287 12.22 -21.00 -4.95
CA GLN G 287 13.18 -20.68 -3.91
C GLN G 287 12.43 -20.49 -2.61
N VAL G 288 13.16 -20.63 -1.51
CA VAL G 288 12.58 -20.65 -0.18
C VAL G 288 13.28 -19.61 0.66
N TYR G 289 12.52 -18.68 1.22
CA TYR G 289 13.08 -17.74 2.16
C TYR G 289 13.00 -18.31 3.57
N GLY G 290 14.01 -17.99 4.37
CA GLY G 290 14.07 -18.47 5.74
C GLY G 290 15.33 -18.08 6.49
N ASN G 291 15.22 -17.90 7.79
CA ASN G 291 16.28 -17.31 8.58
C ASN G 291 17.00 -18.34 9.43
N ILE G 292 18.15 -17.93 9.96
CA ILE G 292 18.95 -18.72 10.90
C ILE G 292 18.77 -18.11 12.28
N ALA G 293 18.60 -18.97 13.29
CA ALA G 293 18.75 -18.57 14.67
C ALA G 293 20.11 -19.04 15.16
N THR G 294 20.86 -18.13 15.79
CA THR G 294 22.21 -18.41 16.26
C THR G 294 22.25 -18.45 17.77
N TYR G 295 23.24 -19.17 18.28
CA TYR G 295 23.46 -19.24 19.71
C TYR G 295 24.01 -17.93 20.24
N ASN G 296 23.59 -17.56 21.44
CA ASN G 296 24.15 -16.41 22.14
C ASN G 296 25.00 -16.90 23.29
N PHE G 297 26.26 -16.46 23.32
CA PHE G 297 27.13 -16.80 24.44
C PHE G 297 26.79 -16.03 25.70
N GLU G 298 25.96 -15.00 25.58
CA GLU G 298 25.58 -14.20 26.73
C GLU G 298 24.72 -15.00 27.70
N ASN G 299 23.56 -15.45 27.23
CA ASN G 299 22.61 -16.10 28.12
C ASN G 299 22.22 -17.49 27.64
N GLY G 300 22.93 -18.03 26.66
CA GLY G 300 22.58 -19.31 26.11
C GLY G 300 21.40 -19.33 25.18
N ARG G 301 20.69 -18.23 25.02
CA ARG G 301 19.46 -18.26 24.26
C ARG G 301 19.73 -18.14 22.78
N VAL G 302 19.20 -19.10 22.02
CA VAL G 302 19.36 -19.07 20.58
C VAL G 302 18.34 -18.10 20.01
N ARG G 303 18.83 -17.09 19.30
CA ARG G 303 17.99 -15.98 18.84
C ARG G 303 18.02 -15.88 17.33
N VAL G 304 16.90 -15.48 16.76
CA VAL G 304 16.79 -15.34 15.31
C VAL G 304 17.38 -14.01 14.91
N ASP G 305 18.33 -14.03 13.98
CA ASP G 305 18.70 -12.85 13.21
C ASP G 305 17.74 -12.78 12.04
N THR G 306 16.88 -11.77 12.04
CA THR G 306 16.01 -11.57 10.90
C THR G 306 16.76 -11.05 9.68
N GLY G 307 17.96 -10.50 9.87
CA GLY G 307 18.70 -9.99 8.74
C GLY G 307 19.27 -11.09 7.88
N SER G 308 19.93 -12.07 8.50
CA SER G 308 20.55 -13.14 7.75
C SER G 308 19.53 -14.18 7.31
N ASN G 309 19.81 -14.80 6.17
CA ASN G 309 18.98 -15.87 5.65
C ASN G 309 19.86 -16.96 5.07
N TRP G 310 19.25 -18.13 4.85
CA TRP G 310 19.97 -19.26 4.26
C TRP G 310 20.36 -19.02 2.81
N SER G 311 19.77 -18.01 2.18
CA SER G 311 20.18 -17.60 0.85
C SER G 311 21.64 -17.21 0.80
N GLU G 312 22.16 -16.66 1.90
CA GLU G 312 23.58 -16.32 1.96
C GLU G 312 24.44 -17.56 2.05
N VAL G 313 23.91 -18.65 2.58
CA VAL G 313 24.72 -19.72 3.13
C VAL G 313 24.74 -20.95 2.23
N LEU G 314 23.60 -21.28 1.63
CA LEU G 314 23.50 -22.50 0.84
C LEU G 314 24.44 -22.58 -0.36
N PRO G 315 24.66 -21.53 -1.18
CA PRO G 315 25.69 -21.68 -2.23
C PRO G 315 27.08 -21.74 -1.68
N GLN G 316 27.33 -21.20 -0.50
CA GLN G 316 28.64 -21.36 0.13
C GLN G 316 28.87 -22.80 0.50
N ILE G 317 27.83 -23.49 0.94
CA ILE G 317 27.97 -24.90 1.27
C ILE G 317 28.12 -25.74 0.02
N GLN G 318 27.35 -25.41 -1.02
CA GLN G 318 27.35 -26.21 -2.23
C GLN G 318 28.66 -26.13 -2.99
N GLU G 319 29.36 -25.01 -2.90
CA GLU G 319 30.59 -24.85 -3.66
C GLU G 319 31.82 -25.31 -2.91
N THR G 320 31.67 -25.82 -1.69
CA THR G 320 32.81 -26.17 -0.88
C THR G 320 32.80 -27.62 -0.40
N THR G 321 31.74 -28.37 -0.69
CA THR G 321 31.58 -29.70 -0.13
C THR G 321 31.40 -30.71 -1.24
N ALA G 322 31.55 -31.98 -0.87
CA ALA G 322 31.13 -33.10 -1.69
C ALA G 322 29.76 -33.57 -1.22
N ARG G 323 28.88 -33.85 -2.17
CA ARG G 323 27.53 -34.28 -1.87
C ARG G 323 27.40 -35.78 -2.09
N ILE G 324 26.81 -36.47 -1.13
CA ILE G 324 26.61 -37.91 -1.20
C ILE G 324 25.15 -38.21 -0.90
N ILE G 325 24.50 -38.92 -1.81
CA ILE G 325 23.11 -39.33 -1.66
C ILE G 325 23.09 -40.85 -1.51
N PHE G 326 22.31 -41.32 -0.54
CA PHE G 326 22.29 -42.72 -0.16
C PHE G 326 20.89 -43.12 0.24
N ASN G 327 20.45 -44.30 -0.18
CA ASN G 327 19.07 -44.72 0.00
C ASN G 327 18.97 -46.10 0.62
N GLY G 328 19.92 -46.46 1.47
CA GLY G 328 19.80 -47.75 2.12
C GLY G 328 18.93 -47.75 3.35
N LYS G 329 18.56 -46.58 3.84
CA LYS G 329 17.63 -46.48 4.97
C LYS G 329 16.24 -46.32 4.39
N ASP G 330 15.58 -47.47 4.19
CA ASP G 330 14.18 -47.58 3.81
C ASP G 330 13.89 -46.91 2.47
N LEU G 331 14.86 -47.05 1.54
CA LEU G 331 14.74 -46.66 0.14
C LEU G 331 14.46 -45.17 -0.01
N ASN G 332 14.97 -44.37 0.91
CA ASN G 332 14.72 -42.94 0.96
C ASN G 332 16.01 -42.20 0.70
N LEU G 333 15.97 -41.25 -0.24
CA LEU G 333 17.16 -40.54 -0.66
C LEU G 333 17.61 -39.60 0.45
N VAL G 334 18.76 -39.90 1.03
CA VAL G 334 19.34 -39.13 2.12
C VAL G 334 20.59 -38.45 1.59
N GLU G 335 20.60 -37.12 1.69
CA GLU G 335 21.66 -36.29 1.13
C GLU G 335 22.50 -35.73 2.27
N ARG G 336 23.81 -35.85 2.15
CA ARG G 336 24.73 -35.26 3.11
C ARG G 336 25.87 -34.60 2.37
N ARG G 337 26.23 -33.40 2.81
CA ARG G 337 27.36 -32.66 2.24
C ARG G 337 28.49 -32.65 3.25
N ILE G 338 29.68 -33.01 2.79
CA ILE G 338 30.85 -33.17 3.63
C ILE G 338 31.93 -32.26 3.09
N ALA G 339 32.55 -31.49 3.99
CA ALA G 339 33.58 -30.54 3.57
C ALA G 339 34.79 -31.28 3.04
N ALA G 340 35.20 -30.92 1.82
CA ALA G 340 36.36 -31.53 1.20
C ALA G 340 37.15 -30.46 0.46
N VAL G 341 38.41 -30.76 0.20
CA VAL G 341 39.39 -29.75 -0.20
C VAL G 341 39.28 -29.47 -1.69
N ASN G 342 39.18 -28.19 -2.04
CA ASN G 342 39.45 -27.73 -3.39
C ASN G 342 40.91 -27.32 -3.47
N PRO G 343 41.71 -27.96 -4.32
CA PRO G 343 43.16 -27.65 -4.32
C PRO G 343 43.50 -26.28 -4.86
N SER G 344 42.67 -25.73 -5.74
CA SER G 344 42.97 -24.43 -6.34
C SER G 344 42.58 -23.26 -5.46
N ASP G 345 42.04 -23.51 -4.27
CA ASP G 345 41.62 -22.46 -3.35
C ASP G 345 42.46 -22.57 -2.09
N PRO G 346 43.28 -21.56 -1.77
CA PRO G 346 44.21 -21.69 -0.65
C PRO G 346 43.55 -21.78 0.70
N LEU G 347 42.46 -21.03 0.90
CA LEU G 347 41.74 -21.13 2.16
C LEU G 347 41.05 -22.48 2.29
N GLU G 348 40.58 -23.03 1.19
CA GLU G 348 39.89 -24.30 1.23
C GLU G 348 40.84 -25.45 1.51
N THR G 349 42.12 -25.28 1.20
CA THR G 349 43.12 -26.30 1.47
C THR G 349 43.52 -26.39 2.93
N THR G 350 43.03 -25.49 3.77
CA THR G 350 43.36 -25.50 5.19
C THR G 350 42.60 -26.54 5.98
N LYS G 351 41.70 -27.27 5.35
CA LYS G 351 40.94 -28.31 6.01
C LYS G 351 41.73 -29.60 6.09
N PRO G 352 41.44 -30.43 7.09
CA PRO G 352 42.03 -31.78 7.11
C PRO G 352 41.48 -32.64 5.98
N ASP G 353 42.28 -33.61 5.58
CA ASP G 353 41.94 -34.44 4.44
C ASP G 353 40.82 -35.41 4.79
N MET G 354 39.99 -35.71 3.79
CA MET G 354 38.85 -36.60 3.98
C MET G 354 38.96 -37.78 3.03
N THR G 355 39.15 -38.97 3.58
CA THR G 355 38.99 -40.18 2.78
C THR G 355 37.52 -40.50 2.64
N LEU G 356 37.22 -41.38 1.69
CA LEU G 356 35.83 -41.74 1.45
C LEU G 356 35.27 -42.59 2.58
N LYS G 357 36.08 -43.49 3.12
CA LYS G 357 35.61 -44.41 4.15
C LYS G 357 35.32 -43.67 5.44
N GLU G 358 36.18 -42.72 5.80
CA GLU G 358 35.95 -41.88 6.96
C GLU G 358 34.69 -41.05 6.80
N ALA G 359 34.45 -40.56 5.59
CA ALA G 359 33.26 -39.78 5.30
C ALA G 359 32.00 -40.62 5.45
N LEU G 360 32.04 -41.84 4.92
CA LEU G 360 30.90 -42.74 5.03
C LEU G 360 30.68 -43.18 6.46
N LYS G 361 31.75 -43.23 7.25
CA LYS G 361 31.61 -43.59 8.64
C LYS G 361 30.96 -42.48 9.43
N ILE G 362 31.39 -41.24 9.24
CA ILE G 362 30.88 -40.17 10.07
C ILE G 362 29.54 -39.65 9.56
N ALA G 363 29.23 -39.86 8.29
CA ALA G 363 28.05 -39.25 7.72
C ALA G 363 26.83 -40.13 7.83
N PHE G 364 27.01 -41.43 7.73
CA PHE G 364 25.91 -42.35 7.65
C PHE G 364 25.87 -43.30 8.83
N GLY G 365 26.75 -43.11 9.80
CA GLY G 365 26.81 -44.00 10.93
C GLY G 365 27.38 -45.36 10.59
N PHE G 366 28.24 -45.43 9.58
CA PHE G 366 28.81 -46.70 9.21
C PHE G 366 29.86 -47.14 10.23
N ASN G 367 30.18 -48.43 10.18
CA ASN G 367 31.17 -48.98 11.09
C ASN G 367 31.91 -50.11 10.43
N GLU G 368 33.06 -50.45 11.01
CA GLU G 368 33.78 -51.67 10.70
C GLU G 368 33.83 -52.50 11.97
N PRO G 369 32.75 -53.25 12.26
CA PRO G 369 32.73 -54.06 13.47
C PRO G 369 33.67 -55.26 13.40
N ASN G 370 34.03 -55.69 12.20
CA ASN G 370 34.99 -56.75 12.00
C ASN G 370 35.97 -56.36 10.92
N GLY G 371 36.38 -55.09 10.93
CA GLY G 371 37.25 -54.58 9.90
C GLY G 371 36.60 -54.41 8.54
N ASN G 372 35.27 -54.46 8.47
CA ASN G 372 34.56 -54.38 7.21
C ASN G 372 33.46 -53.34 7.31
N LEU G 373 33.44 -52.42 6.35
CA LEU G 373 32.56 -51.26 6.42
C LEU G 373 31.11 -51.69 6.23
N GLN G 374 30.27 -51.35 7.20
CA GLN G 374 28.92 -51.85 7.20
C GLN G 374 27.92 -50.77 7.58
N TYR G 375 26.77 -50.83 6.93
CA TYR G 375 25.65 -49.96 7.23
C TYR G 375 24.74 -51.00 7.87
N GLN G 376 24.40 -50.79 9.14
CA GLN G 376 23.59 -51.73 9.91
C GLN G 376 24.30 -53.08 9.83
N GLY G 377 23.58 -54.13 9.44
CA GLY G 377 24.18 -55.45 9.31
C GLY G 377 24.54 -55.82 7.88
N LYS G 378 24.43 -54.84 6.97
CA LYS G 378 24.67 -55.06 5.55
C LYS G 378 26.08 -54.62 5.17
N ASP G 379 26.71 -55.41 4.31
CA ASP G 379 28.03 -55.06 3.82
C ASP G 379 27.93 -53.92 2.82
N ILE G 380 29.05 -53.18 2.71
CA ILE G 380 29.16 -52.10 1.74
C ILE G 380 29.24 -52.65 0.32
N THR G 381 29.68 -53.90 0.17
CA THR G 381 29.87 -54.48 -1.15
C THR G 381 28.55 -54.79 -1.84
N GLU G 382 27.45 -54.78 -1.12
CA GLU G 382 26.13 -54.91 -1.73
C GLU G 382 25.56 -53.58 -2.20
N PHE G 383 26.35 -52.51 -2.13
CA PHE G 383 25.96 -51.20 -2.62
C PHE G 383 26.81 -50.83 -3.82
N ASP G 384 26.19 -50.16 -4.79
CA ASP G 384 26.88 -49.73 -5.98
C ASP G 384 27.01 -48.20 -6.02
N PHE G 385 28.05 -47.76 -6.72
CA PHE G 385 28.46 -46.37 -6.75
C PHE G 385 28.15 -45.75 -8.10
N ASN G 386 27.81 -44.46 -8.07
CA ASN G 386 27.47 -43.72 -9.27
C ASN G 386 28.03 -42.32 -9.14
N PHE G 387 28.55 -41.82 -10.25
CA PHE G 387 29.25 -40.55 -10.25
C PHE G 387 28.87 -39.79 -11.50
N ASP G 388 28.79 -38.47 -11.37
CA ASP G 388 28.75 -37.67 -12.58
C ASP G 388 30.14 -37.61 -13.20
N GLN G 389 30.19 -37.03 -14.41
CA GLN G 389 31.30 -37.22 -15.32
C GLN G 389 32.61 -36.64 -14.78
N GLN G 390 32.52 -35.49 -14.09
CA GLN G 390 33.70 -34.90 -13.49
C GLN G 390 34.21 -35.76 -12.33
N THR G 391 33.31 -36.15 -11.44
CA THR G 391 33.70 -36.96 -10.29
C THR G 391 34.14 -38.35 -10.74
N SER G 392 33.46 -38.91 -11.74
CA SER G 392 33.86 -40.21 -12.27
C SER G 392 35.24 -40.15 -12.92
N GLN G 393 35.53 -39.04 -13.61
CA GLN G 393 36.85 -38.84 -14.19
C GLN G 393 37.92 -38.74 -13.09
N ASN G 394 37.60 -38.02 -12.01
CA ASN G 394 38.58 -37.86 -10.95
C ASN G 394 38.82 -39.18 -10.21
N ILE G 395 37.76 -39.96 -10.02
CA ILE G 395 37.91 -41.29 -9.42
C ILE G 395 38.69 -42.21 -10.34
N LYS G 396 38.49 -42.08 -11.65
CA LYS G 396 39.27 -42.82 -12.62
C LYS G 396 40.75 -42.48 -12.52
N ASN G 397 41.06 -41.20 -12.37
CA ASN G 397 42.44 -40.77 -12.23
C ASN G 397 43.06 -41.28 -10.94
N GLN G 398 42.30 -41.24 -9.84
CA GLN G 398 42.81 -41.69 -8.56
C GLN G 398 43.03 -43.20 -8.56
N LEU G 399 42.15 -43.95 -9.21
CA LEU G 399 42.36 -45.39 -9.30
C LEU G 399 43.49 -45.74 -10.25
N ALA G 400 43.72 -44.90 -11.26
CA ALA G 400 44.88 -45.08 -12.12
C ALA G 400 46.16 -44.86 -11.36
N GLU G 401 46.17 -43.88 -10.45
CA GLU G 401 47.37 -43.63 -9.67
C GLU G 401 47.58 -44.67 -8.60
N LEU G 402 46.50 -45.22 -8.05
CA LEU G 402 46.64 -46.23 -7.01
C LEU G 402 46.86 -47.62 -7.55
N ASN G 403 46.74 -47.80 -8.88
CA ASN G 403 46.93 -49.07 -9.58
C ASN G 403 45.99 -50.15 -9.07
N ALA G 404 44.80 -49.76 -8.63
CA ALA G 404 43.82 -50.69 -8.12
C ALA G 404 42.62 -50.75 -9.06
N THR G 405 41.86 -51.83 -8.95
CA THR G 405 40.68 -52.04 -9.76
C THR G 405 39.39 -51.98 -8.96
N ASN G 406 39.29 -52.77 -7.91
CA ASN G 406 38.11 -52.71 -7.05
C ASN G 406 38.20 -51.44 -6.20
N ILE G 407 37.16 -50.62 -6.29
CA ILE G 407 37.08 -49.45 -5.43
C ILE G 407 36.81 -49.87 -3.99
N TYR G 408 36.17 -51.03 -3.80
CA TYR G 408 35.73 -51.47 -2.47
C TYR G 408 36.91 -51.85 -1.59
N THR G 409 38.06 -52.07 -2.18
CA THR G 409 39.27 -52.37 -1.44
C THR G 409 40.00 -51.12 -0.98
N VAL G 410 39.77 -49.98 -1.62
CA VAL G 410 40.64 -48.82 -1.43
C VAL G 410 39.86 -47.63 -0.90
N LEU G 411 38.77 -47.90 -0.18
CA LEU G 411 37.87 -46.86 0.30
C LEU G 411 38.52 -45.95 1.34
N ASP G 412 39.54 -46.44 2.01
CA ASP G 412 40.33 -45.65 2.94
C ASP G 412 41.38 -44.78 2.26
N LYS G 413 41.47 -44.83 0.94
CA LYS G 413 42.49 -44.10 0.23
C LYS G 413 41.91 -43.12 -0.78
N ILE G 414 40.60 -43.10 -0.94
CA ILE G 414 39.97 -42.26 -1.95
C ILE G 414 39.91 -40.83 -1.41
N LYS G 415 40.70 -39.95 -1.98
CA LYS G 415 40.70 -38.56 -1.58
C LYS G 415 39.51 -37.84 -2.20
N LEU G 416 38.75 -37.17 -1.36
CA LEU G 416 37.57 -36.46 -1.83
C LEU G 416 37.91 -34.99 -2.08
N ASN G 417 37.07 -34.35 -2.87
CA ASN G 417 37.28 -32.95 -3.23
C ASN G 417 35.95 -32.22 -3.20
N ALA G 418 36.01 -30.91 -3.38
CA ALA G 418 34.81 -30.11 -3.40
C ALA G 418 34.01 -30.39 -4.67
N LYS G 419 32.70 -30.17 -4.56
CA LYS G 419 31.73 -30.26 -5.65
C LYS G 419 31.61 -31.67 -6.22
N MET G 420 32.01 -32.69 -5.47
CA MET G 420 31.80 -34.06 -5.91
C MET G 420 30.35 -34.47 -5.67
N ASN G 421 29.93 -35.50 -6.40
CA ASN G 421 28.58 -36.03 -6.31
C ASN G 421 28.65 -37.55 -6.34
N ILE G 422 28.18 -38.19 -5.27
CA ILE G 422 28.34 -39.63 -5.09
C ILE G 422 26.98 -40.22 -4.77
N LEU G 423 26.45 -41.03 -5.67
CA LEU G 423 25.19 -41.73 -5.46
C LEU G 423 25.50 -43.17 -5.08
N ILE G 424 24.97 -43.61 -3.95
CA ILE G 424 25.22 -44.97 -3.46
C ILE G 424 23.88 -45.66 -3.32
N ARG G 425 23.65 -46.69 -4.13
CA ARG G 425 22.38 -47.39 -4.12
C ARG G 425 22.58 -48.85 -3.74
N ASP G 426 21.47 -49.54 -3.57
CA ASP G 426 21.51 -50.98 -3.33
C ASP G 426 21.64 -51.70 -4.67
N LYS G 427 22.46 -52.74 -4.67
CA LYS G 427 22.64 -53.54 -5.88
C LYS G 427 21.45 -54.44 -6.16
N ARG G 428 20.59 -54.69 -5.17
CA ARG G 428 19.50 -55.63 -5.36
C ARG G 428 18.42 -55.05 -6.26
N PHE G 429 17.92 -53.87 -5.91
CA PHE G 429 16.71 -53.37 -6.57
C PHE G 429 17.05 -52.74 -7.91
N HIS G 430 16.02 -52.57 -8.73
CA HIS G 430 16.18 -51.88 -9.99
C HIS G 430 15.66 -50.45 -9.83
N TYR G 431 16.29 -49.52 -10.54
CA TYR G 431 16.00 -48.12 -10.34
C TYR G 431 15.57 -47.50 -11.66
N ASP G 432 14.75 -46.46 -11.54
CA ASP G 432 14.19 -45.71 -12.65
C ASP G 432 15.06 -44.48 -12.96
N ARG G 433 14.53 -43.58 -13.78
CA ARG G 433 15.19 -42.32 -14.09
C ARG G 433 15.40 -41.49 -12.83
N ASN G 434 14.39 -41.44 -11.96
CA ASN G 434 14.43 -40.64 -10.74
C ASN G 434 15.09 -41.37 -9.57
N ASN G 435 15.74 -42.51 -9.83
CA ASN G 435 16.50 -43.29 -8.85
C ASN G 435 15.64 -43.72 -7.66
N ILE G 436 14.40 -44.08 -7.96
CA ILE G 436 13.50 -44.66 -6.97
C ILE G 436 13.64 -46.16 -7.10
N ALA G 437 13.44 -46.90 -6.00
CA ALA G 437 13.46 -48.35 -6.06
C ALA G 437 12.16 -48.83 -6.71
N VAL G 438 12.26 -49.57 -7.81
CA VAL G 438 11.10 -49.93 -8.60
C VAL G 438 10.82 -51.43 -8.59
N GLY G 439 11.81 -52.28 -8.33
CA GLY G 439 11.64 -53.71 -8.51
C GLY G 439 12.91 -54.51 -8.34
N ALA G 440 12.80 -55.71 -7.77
CA ALA G 440 13.94 -56.54 -7.50
C ALA G 440 14.07 -57.65 -8.55
N ASP G 441 15.00 -58.56 -8.32
CA ASP G 441 15.00 -59.84 -9.00
C ASP G 441 14.05 -60.81 -8.28
N GLU G 442 13.77 -61.93 -8.94
CA GLU G 442 12.80 -62.90 -8.42
C GLU G 442 13.31 -63.59 -7.16
N SER G 443 14.61 -63.91 -7.12
CA SER G 443 15.28 -64.52 -5.98
C SER G 443 15.11 -63.78 -4.66
N VAL G 444 14.96 -62.45 -4.72
CA VAL G 444 14.86 -61.60 -3.53
C VAL G 444 13.43 -61.51 -3.03
N VAL G 445 12.50 -61.34 -3.98
CA VAL G 445 11.08 -61.20 -3.66
C VAL G 445 10.55 -62.46 -2.99
N LYS G 446 10.96 -63.64 -3.49
CA LYS G 446 10.55 -64.91 -2.90
C LYS G 446 11.09 -65.08 -1.50
N GLU G 447 12.36 -64.72 -1.29
CA GLU G 447 13.07 -64.84 -0.02
C GLU G 447 12.39 -64.10 1.14
N ALA G 448 11.71 -63.01 0.85
CA ALA G 448 11.04 -62.24 1.89
C ALA G 448 9.67 -62.79 2.24
N HIS G 449 9.14 -63.71 1.43
CA HIS G 449 7.81 -64.27 1.62
C HIS G 449 7.83 -65.68 2.17
N ARG G 450 8.95 -66.11 2.76
CA ARG G 450 9.09 -67.48 3.26
C ARG G 450 8.57 -67.58 4.70
N GLU G 451 7.84 -66.58 5.16
CA GLU G 451 7.33 -66.56 6.53
C GLU G 451 5.81 -66.36 6.46
N VAL G 452 5.07 -67.47 6.59
CA VAL G 452 3.62 -67.47 6.58
C VAL G 452 3.14 -67.62 8.01
N ILE G 453 2.21 -66.77 8.42
CA ILE G 453 1.72 -66.72 9.80
C ILE G 453 0.31 -67.31 9.90
N ASN G 454 -0.64 -66.79 9.13
CA ASN G 454 -2.03 -67.24 9.17
C ASN G 454 -2.47 -67.60 7.77
N SER G 455 -2.94 -68.83 7.60
CA SER G 455 -3.50 -69.31 6.33
C SER G 455 -5.01 -69.42 6.49
N SER G 456 -5.75 -68.66 5.69
CA SER G 456 -7.20 -68.68 5.70
C SER G 456 -7.72 -68.48 4.28
N THR G 457 -9.00 -68.76 4.10
CA THR G 457 -9.66 -68.48 2.83
C THR G 457 -10.11 -67.03 2.73
N GLU G 458 -9.85 -66.24 3.77
CA GLU G 458 -10.16 -64.82 3.83
C GLU G 458 -8.96 -63.96 3.52
N GLY G 459 -7.78 -64.35 4.01
CA GLY G 459 -6.58 -63.63 3.65
C GLY G 459 -5.34 -64.41 4.00
N LEU G 460 -4.20 -63.73 3.87
CA LEU G 460 -2.90 -64.25 4.23
C LEU G 460 -2.17 -63.23 5.08
N LEU G 461 -1.57 -63.71 6.16
CA LEU G 461 -0.79 -62.89 7.06
C LEU G 461 0.67 -63.34 6.95
N LEU G 462 1.54 -62.44 6.53
CA LEU G 462 2.95 -62.75 6.37
C LEU G 462 3.78 -61.67 7.06
N ASN G 463 5.00 -62.04 7.40
CA ASN G 463 5.99 -61.12 7.95
C ASN G 463 6.90 -60.60 6.84
N ILE G 464 6.29 -59.97 5.82
CA ILE G 464 7.03 -59.43 4.68
C ILE G 464 7.94 -58.29 5.13
N ASP G 465 9.18 -58.32 4.62
CA ASP G 465 10.18 -57.30 4.96
C ASP G 465 9.77 -55.93 4.43
N LYS G 466 9.83 -54.94 5.33
CA LYS G 466 9.39 -53.56 5.10
C LYS G 466 10.02 -52.89 3.87
N ASP G 467 11.31 -53.14 3.63
CA ASP G 467 11.99 -52.66 2.44
C ASP G 467 11.38 -53.24 1.18
N ILE G 468 11.31 -54.57 1.12
CA ILE G 468 10.82 -55.37 0.01
C ILE G 468 9.43 -54.96 -0.46
N ARG G 469 8.45 -54.94 0.46
CA ARG G 469 7.05 -54.60 0.15
C ARG G 469 6.85 -53.25 -0.54
N LYS G 470 7.78 -52.31 -0.35
CA LYS G 470 7.67 -50.98 -0.92
C LYS G 470 7.90 -50.92 -2.43
N ILE G 471 8.31 -52.01 -3.08
CA ILE G 471 8.49 -52.01 -4.53
C ILE G 471 7.45 -52.87 -5.23
N LEU G 472 6.44 -53.33 -4.50
CA LEU G 472 5.39 -54.18 -5.05
C LEU G 472 4.10 -53.36 -5.15
N SER G 473 3.58 -53.25 -6.38
CA SER G 473 2.33 -52.51 -6.58
C SER G 473 1.14 -53.23 -5.98
N GLY G 474 1.01 -54.52 -6.25
CA GLY G 474 -0.15 -55.25 -5.81
C GLY G 474 0.04 -56.75 -5.98
N TYR G 475 -1.07 -57.47 -5.85
CA TYR G 475 -1.05 -58.93 -5.84
C TYR G 475 -2.08 -59.51 -6.82
N ILE G 476 -1.80 -60.73 -7.27
CA ILE G 476 -2.68 -61.48 -8.18
C ILE G 476 -3.04 -62.80 -7.50
N VAL G 477 -4.33 -63.12 -7.45
CA VAL G 477 -4.82 -64.35 -6.83
C VAL G 477 -5.51 -65.20 -7.88
N GLU G 478 -4.98 -66.39 -8.14
CA GLU G 478 -5.61 -67.34 -9.03
C GLU G 478 -5.70 -68.72 -8.37
N ILE G 479 -6.34 -69.66 -9.06
CA ILE G 479 -6.55 -71.03 -8.60
C ILE G 479 -6.18 -71.96 -9.75
N GLU G 480 -5.31 -72.93 -9.47
CA GLU G 480 -4.82 -73.87 -10.48
C GLU G 480 -5.51 -75.23 -10.31
N ASP G 481 -5.96 -75.79 -11.42
CA ASP G 481 -6.51 -77.14 -11.46
C ASP G 481 -5.41 -78.18 -11.25
N THR G 482 -5.80 -79.40 -10.91
CA THR G 482 -4.87 -80.52 -10.81
C THR G 482 -4.29 -80.92 -12.17
N GLU G 483 -4.97 -80.59 -13.27
CA GLU G 483 -4.40 -80.65 -14.60
C GLU G 483 -3.84 -79.31 -15.04
N GLY G 484 -4.38 -78.21 -14.50
CA GLY G 484 -3.88 -76.88 -14.76
C GLY G 484 -4.86 -75.98 -15.49
N LEU G 485 -5.51 -75.12 -14.73
CA LEU G 485 -6.30 -74.02 -15.26
C LEU G 485 -5.81 -72.70 -14.66
N LYS G 486 -6.25 -71.60 -15.26
CA LYS G 486 -5.89 -70.26 -14.80
C LYS G 486 -7.18 -69.46 -14.61
N GLU G 487 -7.76 -69.62 -13.43
CA GLU G 487 -8.96 -68.88 -13.03
C GLU G 487 -8.56 -67.85 -11.99
N VAL G 488 -8.58 -66.58 -12.36
CA VAL G 488 -8.07 -65.49 -11.53
C VAL G 488 -9.24 -64.81 -10.85
N ILE G 489 -9.20 -64.74 -9.52
CA ILE G 489 -10.22 -64.07 -8.73
C ILE G 489 -10.24 -62.58 -9.03
N ASN G 490 -9.11 -61.91 -8.79
CA ASN G 490 -8.99 -60.48 -9.00
C ASN G 490 -8.38 -60.23 -10.38
N ASP G 491 -9.17 -60.47 -11.42
CA ASP G 491 -8.66 -60.44 -12.80
C ASP G 491 -8.97 -59.10 -13.44
N ARG G 492 -8.35 -58.05 -12.88
CA ARG G 492 -8.33 -56.72 -13.47
C ARG G 492 -7.03 -56.05 -13.07
N TYR G 493 -6.63 -55.07 -13.90
CA TYR G 493 -5.44 -54.28 -13.63
C TYR G 493 -5.55 -53.48 -12.34
N ASP G 494 -6.77 -53.06 -11.97
CA ASP G 494 -7.01 -52.27 -10.77
C ASP G 494 -7.62 -53.10 -9.63
N MET G 495 -7.49 -54.42 -9.67
CA MET G 495 -7.90 -55.28 -8.57
C MET G 495 -6.67 -55.88 -7.89
N LEU G 496 -5.55 -55.15 -7.92
CA LEU G 496 -4.30 -55.66 -7.37
C LEU G 496 -4.10 -55.26 -5.92
N ASN G 497 -4.60 -54.08 -5.52
CA ASN G 497 -4.39 -53.57 -4.17
C ASN G 497 -5.22 -54.34 -3.17
N ILE G 498 -4.62 -55.34 -2.51
CA ILE G 498 -5.26 -56.10 -1.46
C ILE G 498 -4.36 -56.09 -0.23
N SER G 499 -3.08 -55.82 -0.44
CA SER G 499 -2.06 -55.91 0.61
C SER G 499 -2.20 -54.75 1.59
N SER G 500 -2.66 -55.06 2.80
CA SER G 500 -2.72 -54.11 3.91
C SER G 500 -1.58 -54.38 4.87
N LEU G 501 -1.21 -53.36 5.63
CA LEU G 501 -0.12 -53.44 6.59
C LEU G 501 -0.66 -53.17 7.99
N ARG G 502 -0.69 -54.21 8.82
CA ARG G 502 -1.10 -54.05 10.20
C ARG G 502 -0.01 -53.34 10.99
N GLN G 503 -0.40 -52.75 12.12
CA GLN G 503 0.56 -52.01 12.95
C GLN G 503 1.47 -52.93 13.76
N ASP G 504 1.30 -54.25 13.70
CA ASP G 504 2.19 -55.15 14.41
C ASP G 504 3.47 -55.49 13.64
N GLY G 505 3.64 -54.95 12.43
CA GLY G 505 4.78 -55.30 11.61
C GLY G 505 4.59 -56.52 10.74
N LYS G 506 3.35 -56.83 10.35
CA LYS G 506 3.06 -57.98 9.51
C LYS G 506 2.10 -57.56 8.42
N THR G 507 2.52 -57.71 7.17
CA THR G 507 1.69 -57.34 6.04
C THR G 507 0.56 -58.35 5.88
N PHE G 508 -0.65 -57.85 5.64
CA PHE G 508 -1.84 -58.70 5.56
C PHE G 508 -2.45 -58.62 4.17
N ILE G 509 -2.59 -59.79 3.56
CA ILE G 509 -3.24 -59.96 2.26
C ILE G 509 -4.71 -60.26 2.54
N ASP G 510 -5.60 -59.84 1.64
CA ASP G 510 -7.04 -60.03 1.83
C ASP G 510 -7.66 -60.46 0.51
N PHE G 511 -8.25 -61.67 0.49
CA PHE G 511 -8.96 -62.13 -0.69
C PHE G 511 -10.34 -61.49 -0.78
N LYS G 512 -10.94 -61.18 0.37
CA LYS G 512 -12.35 -60.80 0.46
C LYS G 512 -12.66 -59.48 -0.22
N LYS G 513 -11.69 -58.55 -0.25
CA LYS G 513 -11.89 -57.20 -0.79
C LYS G 513 -12.34 -57.20 -2.25
N TYR G 514 -11.83 -58.15 -3.04
CA TYR G 514 -12.25 -58.23 -4.44
C TYR G 514 -12.92 -59.57 -4.73
N ASN G 515 -13.77 -60.02 -3.81
CA ASN G 515 -14.56 -61.22 -4.05
C ASN G 515 -16.01 -61.01 -3.58
N ASP G 516 -16.48 -59.75 -3.52
CA ASP G 516 -17.81 -59.35 -3.08
C ASP G 516 -18.08 -59.80 -1.64
N LYS G 517 -17.15 -59.42 -0.76
CA LYS G 517 -17.21 -59.54 0.70
C LYS G 517 -17.14 -61.00 1.20
N LEU G 518 -17.03 -61.96 0.30
CA LEU G 518 -17.01 -63.38 0.59
C LEU G 518 -15.60 -63.95 0.47
N PRO G 519 -15.26 -64.97 1.27
CA PRO G 519 -13.98 -65.67 1.09
C PRO G 519 -13.86 -66.43 -0.23
N LEU G 520 -12.70 -67.05 -0.45
CA LEU G 520 -12.42 -67.80 -1.67
C LEU G 520 -13.35 -68.99 -1.82
N TYR G 521 -13.37 -69.55 -3.03
CA TYR G 521 -14.25 -70.65 -3.39
C TYR G 521 -13.41 -71.87 -3.69
N ILE G 522 -13.36 -72.81 -2.75
CA ILE G 522 -12.61 -74.05 -2.93
C ILE G 522 -13.60 -75.10 -3.43
N SER G 523 -13.61 -75.29 -4.76
CA SER G 523 -14.46 -76.29 -5.38
C SER G 523 -14.01 -77.71 -5.06
N ASN G 524 -12.71 -77.90 -4.87
CA ASN G 524 -12.10 -79.17 -4.52
C ASN G 524 -10.90 -78.85 -3.65
N PRO G 525 -10.79 -79.44 -2.43
CA PRO G 525 -9.64 -79.13 -1.56
C PRO G 525 -8.32 -79.74 -1.99
N ASN G 526 -8.22 -80.25 -3.21
CA ASN G 526 -6.96 -80.70 -3.77
C ASN G 526 -6.42 -79.77 -4.84
N TYR G 527 -7.02 -78.59 -5.03
CA TYR G 527 -6.48 -77.62 -5.99
C TYR G 527 -5.26 -76.91 -5.40
N LYS G 528 -4.78 -75.92 -6.14
CA LYS G 528 -3.68 -75.06 -5.72
C LYS G 528 -4.18 -73.61 -5.66
N VAL G 529 -3.93 -72.96 -4.55
CA VAL G 529 -4.28 -71.55 -4.35
C VAL G 529 -3.01 -70.75 -4.57
N ASN G 530 -2.92 -70.07 -5.70
CA ASN G 530 -1.74 -69.31 -6.06
C ASN G 530 -1.95 -67.83 -5.76
N VAL G 531 -0.95 -67.20 -5.15
CA VAL G 531 -0.92 -65.77 -4.94
C VAL G 531 0.39 -65.24 -5.51
N TYR G 532 0.30 -64.28 -6.44
CA TYR G 532 1.43 -63.75 -7.17
C TYR G 532 1.51 -62.25 -6.92
N ALA G 533 2.70 -61.67 -7.09
CA ALA G 533 2.92 -60.26 -6.83
C ALA G 533 3.44 -59.53 -8.07
N VAL G 534 3.23 -58.22 -8.10
CA VAL G 534 3.52 -57.37 -9.25
C VAL G 534 4.44 -56.24 -8.81
N THR G 535 5.63 -56.17 -9.39
CA THR G 535 6.52 -55.04 -9.13
C THR G 535 6.02 -53.77 -9.82
N LYS G 536 6.51 -52.63 -9.34
CA LYS G 536 6.15 -51.33 -9.93
C LYS G 536 6.66 -51.20 -11.37
N GLU G 537 7.80 -51.82 -11.69
CA GLU G 537 8.30 -51.78 -13.06
C GLU G 537 7.49 -52.66 -14.01
N ASN G 538 6.68 -53.57 -13.48
CA ASN G 538 5.86 -54.45 -14.31
C ASN G 538 4.38 -54.09 -14.29
N THR G 539 3.93 -53.26 -13.36
CA THR G 539 2.51 -52.98 -13.22
C THR G 539 2.01 -52.09 -14.36
N ILE G 540 0.72 -52.18 -14.63
CA ILE G 540 0.05 -51.29 -15.56
C ILE G 540 -0.99 -50.48 -14.78
N ILE G 541 -1.37 -49.33 -15.35
CA ILE G 541 -2.22 -48.37 -14.68
C ILE G 541 -3.40 -47.98 -15.55
N ASN G 542 -3.44 -48.53 -16.76
CA ASN G 542 -4.54 -48.36 -17.70
C ASN G 542 -4.68 -49.63 -18.51
N PRO G 543 -5.86 -49.89 -19.09
CA PRO G 543 -6.02 -51.03 -19.98
C PRO G 543 -5.16 -50.92 -21.23
N SER G 544 -5.03 -52.05 -21.93
CA SER G 544 -4.29 -52.10 -23.20
C SER G 544 -4.99 -51.34 -24.32
N GLU G 545 -4.42 -51.45 -25.53
CA GLU G 545 -4.92 -50.80 -26.73
C GLU G 545 -6.41 -51.03 -26.99
N ASN G 546 -6.82 -52.30 -27.14
CA ASN G 546 -8.21 -52.55 -27.49
C ASN G 546 -9.19 -52.39 -26.33
N GLY G 547 -9.18 -53.32 -25.36
CA GLY G 547 -10.01 -53.18 -24.18
C GLY G 547 -9.53 -53.88 -22.93
N ASP G 548 -8.26 -54.28 -22.88
CA ASP G 548 -7.83 -55.34 -21.98
C ASP G 548 -7.73 -54.93 -20.52
N THR G 549 -8.81 -55.14 -19.79
CA THR G 549 -8.87 -54.92 -18.34
C THR G 549 -8.56 -56.18 -17.56
N SER G 550 -7.62 -57.01 -18.00
CA SER G 550 -7.33 -58.29 -17.38
C SER G 550 -5.87 -58.35 -16.91
N THR G 551 -5.58 -59.37 -16.10
CA THR G 551 -4.24 -59.63 -15.58
C THR G 551 -3.42 -60.50 -16.52
N ASN G 552 -3.78 -60.52 -17.80
CA ASN G 552 -3.17 -61.41 -18.79
C ASN G 552 -1.72 -61.00 -19.06
N GLY G 553 -1.51 -59.77 -19.54
CA GLY G 553 -0.17 -59.31 -19.84
C GLY G 553 0.53 -58.61 -18.69
N ILE G 554 0.81 -59.35 -17.61
CA ILE G 554 1.52 -58.82 -16.44
C ILE G 554 2.59 -59.82 -16.03
N LYS G 555 3.79 -59.32 -15.75
CA LYS G 555 4.94 -60.15 -15.38
C LYS G 555 4.82 -60.49 -13.89
N LYS G 556 4.08 -61.55 -13.62
CA LYS G 556 3.81 -62.02 -12.27
C LYS G 556 4.96 -62.87 -11.76
N ILE G 557 5.03 -62.99 -10.43
CA ILE G 557 6.14 -63.66 -9.73
C ILE G 557 5.53 -64.61 -8.70
N LEU G 558 6.05 -65.83 -8.65
CA LEU G 558 5.51 -66.88 -7.78
C LEU G 558 5.93 -66.61 -6.33
N ILE G 559 4.97 -66.22 -5.49
CA ILE G 559 5.21 -66.08 -4.05
C ILE G 559 4.54 -67.19 -3.24
N PHE G 560 3.28 -67.52 -3.53
CA PHE G 560 2.50 -68.41 -2.68
C PHE G 560 1.87 -69.50 -3.54
N SER G 561 2.12 -70.75 -3.15
CA SER G 561 1.49 -71.90 -3.80
C SER G 561 1.32 -73.05 -2.82
N LYS G 562 0.15 -73.14 -2.20
CA LYS G 562 -0.15 -74.21 -1.26
C LYS G 562 -1.46 -74.89 -1.64
N LYS G 563 -1.65 -76.11 -1.16
CA LYS G 563 -2.85 -76.88 -1.44
C LYS G 563 -4.04 -76.31 -0.65
N GLY G 564 -5.21 -76.89 -0.92
CA GLY G 564 -6.44 -76.41 -0.32
C GLY G 564 -6.74 -77.03 1.04
N TYR G 565 -6.16 -78.20 1.31
CA TYR G 565 -6.31 -78.85 2.61
C TYR G 565 -5.26 -78.38 3.61
N GLU G 566 -4.38 -77.47 3.22
CA GLU G 566 -3.32 -76.96 4.08
C GLU G 566 -3.55 -75.52 4.46
N ILE G 567 -4.77 -75.03 4.31
CA ILE G 567 -5.12 -73.64 4.58
C ILE G 567 -6.18 -73.60 5.66
N GLY G 568 -7.31 -74.27 5.41
CA GLY G 568 -8.38 -74.35 6.39
C GLY G 568 -9.73 -74.60 5.75
N THR H 64 37.32 6.70 10.60
CA THR H 64 36.54 7.56 9.71
C THR H 64 37.32 7.93 8.46
N GLN H 65 36.63 8.61 7.54
CA GLN H 65 37.17 8.84 6.19
C GLN H 65 38.34 9.81 6.21
N GLU H 66 38.34 10.75 7.15
CA GLU H 66 39.43 11.73 7.22
C GLU H 66 40.69 11.10 7.80
N GLU H 67 40.54 10.18 8.74
CA GLU H 67 41.69 9.46 9.27
C GLU H 67 42.36 8.63 8.19
N HIS H 68 41.57 7.98 7.33
CA HIS H 68 42.13 7.32 6.17
C HIS H 68 42.80 8.31 5.24
N LEU H 69 42.24 9.50 5.11
CA LEU H 69 42.85 10.52 4.26
C LEU H 69 44.20 10.96 4.82
N LYS H 70 44.32 11.05 6.14
CA LYS H 70 45.60 11.45 6.74
C LYS H 70 46.65 10.37 6.57
N GLU H 71 46.24 9.10 6.58
CA GLU H 71 47.15 7.99 6.31
C GLU H 71 47.68 8.06 4.88
N ILE H 72 46.77 8.18 3.90
CA ILE H 72 47.17 8.07 2.51
C ILE H 72 47.99 9.30 2.10
N MET H 73 47.72 10.48 2.66
CA MET H 73 48.47 11.67 2.27
C MET H 73 49.90 11.68 2.82
N LYS H 74 50.07 11.24 4.07
CA LYS H 74 51.39 11.15 4.71
C LYS H 74 52.30 10.25 3.93
N HIS H 75 51.71 9.23 3.34
CA HIS H 75 52.36 8.47 2.31
C HIS H 75 52.51 9.25 1.01
N ILE H 76 51.47 9.98 0.59
CA ILE H 76 51.49 10.55 -0.78
C ILE H 76 52.23 11.87 -0.85
N VAL H 77 51.96 12.84 0.04
CA VAL H 77 52.44 14.19 -0.18
C VAL H 77 53.86 14.33 0.36
N LYS H 78 54.73 14.90 -0.45
CA LYS H 78 56.07 15.29 -0.04
C LYS H 78 56.19 16.80 -0.20
N ILE H 79 57.10 17.43 0.53
CA ILE H 79 57.19 18.87 0.43
C ILE H 79 58.57 19.29 -0.05
N GLU H 80 59.59 19.08 0.77
CA GLU H 80 60.93 19.51 0.40
C GLU H 80 61.60 18.45 -0.44
N VAL H 81 62.32 18.90 -1.46
CA VAL H 81 62.98 18.01 -2.40
C VAL H 81 64.43 17.87 -1.95
N LYS H 82 64.85 16.64 -1.65
CA LYS H 82 66.25 16.40 -1.34
C LYS H 82 67.11 16.53 -2.59
N GLY H 83 66.54 16.27 -3.76
CA GLY H 83 67.29 16.24 -4.99
C GLY H 83 67.84 14.86 -5.24
N GLU H 84 68.13 14.60 -6.53
CA GLU H 84 68.48 13.25 -6.97
C GLU H 84 69.70 12.71 -6.24
N GLU H 85 70.76 13.52 -6.17
CA GLU H 85 72.03 13.10 -5.57
C GLU H 85 71.87 12.80 -4.08
N ALA H 86 71.05 13.57 -3.37
CA ALA H 86 70.88 13.34 -1.95
C ALA H 86 70.01 12.12 -1.69
N VAL H 87 68.95 11.94 -2.50
CA VAL H 87 68.04 10.80 -2.36
C VAL H 87 68.76 9.50 -2.67
N LYS H 88 69.62 9.50 -3.70
CA LYS H 88 70.40 8.33 -4.06
C LYS H 88 71.29 7.90 -2.90
N LYS H 89 71.97 8.87 -2.29
CA LYS H 89 72.86 8.59 -1.17
C LYS H 89 72.08 8.13 0.05
N GLU H 90 70.99 8.82 0.37
CA GLU H 90 70.18 8.50 1.54
C GLU H 90 69.60 7.10 1.47
N ALA H 91 69.14 6.69 0.28
CA ALA H 91 68.55 5.37 0.09
C ALA H 91 69.55 4.26 0.40
N ALA H 92 70.79 4.45 -0.04
CA ALA H 92 71.87 3.52 0.27
C ALA H 92 72.15 3.45 1.77
N GLU H 93 72.14 4.60 2.45
CA GLU H 93 72.35 4.66 3.88
C GLU H 93 71.31 3.86 4.65
N LYS H 94 70.05 3.97 4.22
CA LYS H 94 68.94 3.29 4.86
C LYS H 94 69.10 1.77 4.84
N LEU H 95 69.70 1.24 3.77
CA LEU H 95 69.98 -0.19 3.68
C LEU H 95 70.94 -0.64 4.77
N LEU H 96 72.06 0.07 4.89
CA LEU H 96 73.09 -0.27 5.89
C LEU H 96 72.57 -0.17 7.31
N GLU H 97 71.56 0.68 7.54
CA GLU H 97 70.93 0.75 8.86
C GLU H 97 70.26 -0.56 9.25
N LYS H 98 69.81 -1.36 8.28
CA LYS H 98 69.28 -2.67 8.59
C LYS H 98 70.39 -3.63 9.00
N VAL H 99 71.55 -3.49 8.39
CA VAL H 99 72.71 -4.31 8.75
C VAL H 99 73.16 -3.94 10.15
N PRO H 100 73.35 -4.91 11.06
CA PRO H 100 73.92 -4.60 12.37
C PRO H 100 75.37 -4.15 12.22
N SER H 101 75.72 -3.09 12.95
CA SER H 101 77.06 -2.49 12.92
C SER H 101 78.13 -3.40 13.49
N ASP H 102 77.73 -4.49 14.15
CA ASP H 102 78.56 -5.62 14.53
C ASP H 102 79.52 -6.05 13.43
N VAL H 103 79.04 -6.15 12.20
CA VAL H 103 79.86 -6.64 11.11
C VAL H 103 80.49 -5.50 10.33
N LEU H 104 79.86 -4.32 10.36
CA LEU H 104 80.37 -3.16 9.65
C LEU H 104 81.70 -2.68 10.23
N GLU H 105 81.79 -2.66 11.57
CA GLU H 105 83.03 -2.29 12.22
C GLU H 105 84.13 -3.32 11.96
N MET H 106 83.74 -4.61 11.92
CA MET H 106 84.71 -5.64 11.60
C MET H 106 85.14 -5.57 10.14
N TYR H 107 84.36 -4.92 9.29
CA TYR H 107 84.70 -4.78 7.89
C TYR H 107 85.74 -3.68 7.67
N LYS H 108 85.55 -2.52 8.31
CA LYS H 108 86.59 -1.50 8.25
C LYS H 108 87.81 -1.87 9.10
N ALA H 109 87.65 -2.80 10.05
CA ALA H 109 88.79 -3.28 10.83
C ALA H 109 89.78 -4.04 9.96
N ILE H 110 89.29 -4.76 8.95
CA ILE H 110 90.15 -5.52 8.06
C ILE H 110 90.46 -4.70 6.82
N GLY H 111 90.23 -3.40 6.91
CA GLY H 111 90.46 -2.52 5.78
C GLY H 111 89.36 -2.62 4.75
N GLY H 112 88.15 -2.21 5.12
CA GLY H 112 86.99 -2.28 4.24
C GLY H 112 86.48 -0.90 3.88
N LYS H 113 86.16 -0.73 2.59
CA LYS H 113 85.65 0.54 2.06
C LYS H 113 84.28 0.33 1.44
N ILE H 114 83.37 1.25 1.71
CA ILE H 114 82.03 1.20 1.14
C ILE H 114 81.89 2.36 0.15
N TYR H 115 81.52 2.03 -1.09
CA TYR H 115 81.32 3.03 -2.12
C TYR H 115 79.91 2.98 -2.68
N ILE H 116 79.38 4.15 -3.05
CA ILE H 116 78.05 4.26 -3.68
C ILE H 116 78.18 5.00 -5.02
N VAL H 117 78.62 4.30 -6.05
CA VAL H 117 78.84 4.94 -7.36
C VAL H 117 77.56 5.01 -8.15
N ASP H 118 77.60 5.72 -9.27
CA ASP H 118 76.52 5.74 -10.24
C ASP H 118 76.97 5.03 -11.52
N GLY H 119 75.99 4.75 -12.38
CA GLY H 119 76.25 4.07 -13.64
C GLY H 119 76.74 2.65 -13.51
N ASP H 120 77.48 2.19 -14.52
CA ASP H 120 78.09 0.86 -14.48
C ASP H 120 79.14 0.77 -13.38
N ILE H 121 79.09 -0.31 -12.60
CA ILE H 121 80.04 -0.49 -11.52
C ILE H 121 81.43 -0.78 -12.07
N THR H 122 81.49 -1.52 -13.19
CA THR H 122 82.76 -1.87 -13.84
C THR H 122 83.60 -0.63 -14.18
N LYS H 123 82.93 0.47 -14.48
CA LYS H 123 83.55 1.78 -14.66
C LYS H 123 83.76 2.43 -13.29
N HIS H 124 84.83 2.01 -12.62
CA HIS H 124 85.17 2.55 -11.31
C HIS H 124 86.68 2.69 -11.19
N ILE H 125 87.09 3.54 -10.24
CA ILE H 125 88.50 3.77 -9.95
C ILE H 125 89.04 2.68 -9.04
N SER H 126 88.35 2.40 -7.92
CA SER H 126 88.79 1.32 -7.03
C SER H 126 88.55 -0.06 -7.62
N LEU H 127 87.78 -0.18 -8.69
CA LEU H 127 87.64 -1.44 -9.40
C LEU H 127 87.70 -1.13 -10.89
N GLU H 128 88.84 -1.48 -11.48
CA GLU H 128 89.10 -1.45 -12.91
C GLU H 128 88.69 -2.77 -13.54
N ALA H 129 89.23 -3.05 -14.72
CA ALA H 129 89.00 -4.31 -15.42
C ALA H 129 89.85 -5.39 -14.75
N LEU H 130 89.27 -6.03 -13.73
CA LEU H 130 89.86 -7.23 -13.13
C LEU H 130 89.06 -8.43 -13.60
N SER H 131 89.74 -9.31 -14.36
CA SER H 131 89.33 -10.69 -14.64
C SER H 131 87.90 -10.84 -15.12
N GLU H 132 87.65 -10.53 -16.40
CA GLU H 132 86.34 -10.53 -17.06
C GLU H 132 85.46 -11.77 -16.78
N ASP H 133 86.05 -12.91 -16.37
CA ASP H 133 85.25 -14.08 -15.99
C ASP H 133 84.31 -13.79 -14.82
N LYS H 134 84.79 -13.04 -13.83
CA LYS H 134 83.95 -12.72 -12.67
C LYS H 134 82.94 -11.61 -12.95
N LYS H 135 82.93 -11.02 -14.15
CA LYS H 135 81.86 -10.14 -14.57
C LYS H 135 80.64 -10.91 -15.10
N LYS H 136 80.66 -12.24 -15.01
CA LYS H 136 79.52 -13.12 -15.20
C LYS H 136 79.11 -13.63 -13.82
N ILE H 137 77.93 -13.20 -13.35
CA ILE H 137 77.51 -13.37 -11.97
C ILE H 137 76.10 -13.96 -11.99
N LYS H 138 75.76 -14.70 -10.92
CA LYS H 138 74.38 -15.12 -10.67
C LYS H 138 73.86 -14.33 -9.48
N ASP H 139 72.55 -14.06 -9.48
CA ASP H 139 71.93 -13.32 -8.38
C ASP H 139 71.75 -14.22 -7.16
N ILE H 140 70.96 -13.76 -6.18
CA ILE H 140 70.61 -14.64 -5.07
C ILE H 140 69.68 -15.76 -5.53
N TYR H 141 69.05 -15.61 -6.67
CA TYR H 141 68.25 -16.66 -7.24
C TYR H 141 69.07 -17.64 -8.06
N GLY H 142 70.32 -17.31 -8.34
CA GLY H 142 71.14 -18.21 -9.11
C GLY H 142 70.94 -18.05 -10.59
N LYS H 143 70.23 -17.02 -11.01
CA LYS H 143 70.05 -16.70 -12.42
C LYS H 143 71.16 -15.75 -12.85
N ASP H 144 71.70 -16.00 -14.05
CA ASP H 144 72.86 -15.28 -14.56
C ASP H 144 72.58 -13.79 -14.72
N ALA H 145 73.67 -13.03 -14.74
CA ALA H 145 73.60 -11.58 -14.81
C ALA H 145 74.96 -11.05 -15.27
N LEU H 146 74.91 -9.94 -15.99
CA LEU H 146 76.11 -9.27 -16.46
C LEU H 146 76.39 -8.12 -15.50
N LEU H 147 77.61 -8.10 -14.94
CA LEU H 147 77.98 -7.21 -13.84
C LEU H 147 77.77 -5.74 -14.16
N HIS H 148 78.00 -5.33 -15.42
CA HIS H 148 77.84 -3.94 -15.78
C HIS H 148 76.39 -3.47 -15.76
N GLU H 149 75.43 -4.37 -15.63
CA GLU H 149 74.03 -4.04 -15.48
C GLU H 149 73.57 -4.11 -14.03
N HIS H 150 74.44 -4.57 -13.12
CA HIS H 150 74.11 -4.82 -11.72
C HIS H 150 74.32 -3.55 -10.88
N TYR H 151 74.26 -3.71 -9.55
CA TYR H 151 74.15 -2.57 -8.65
C TYR H 151 74.87 -2.80 -7.30
N VAL H 152 75.59 -3.92 -7.16
CA VAL H 152 76.41 -4.19 -5.99
C VAL H 152 77.44 -5.24 -6.40
N TYR H 153 78.65 -5.13 -5.82
CA TYR H 153 79.66 -6.17 -5.96
C TYR H 153 80.69 -6.02 -4.86
N ALA H 154 81.11 -7.16 -4.28
CA ALA H 154 82.12 -7.22 -3.24
C ALA H 154 83.41 -7.82 -3.78
N LYS H 155 84.53 -7.33 -3.27
CA LYS H 155 85.83 -7.64 -3.86
C LYS H 155 86.65 -8.53 -2.95
N GLU H 156 87.11 -9.64 -3.51
CA GLU H 156 87.99 -10.56 -2.82
C GLU H 156 89.44 -10.14 -3.06
N GLY H 157 90.07 -9.61 -2.02
CA GLY H 157 91.47 -9.23 -2.11
C GLY H 157 92.00 -8.95 -0.72
N TYR H 158 93.30 -8.62 -0.67
CA TYR H 158 93.92 -8.26 0.60
C TYR H 158 93.39 -6.95 1.15
N GLU H 159 92.81 -6.10 0.30
CA GLU H 159 92.07 -4.92 0.71
C GLU H 159 90.63 -5.13 0.24
N PRO H 160 89.77 -5.68 1.09
CA PRO H 160 88.37 -5.89 0.70
C PRO H 160 87.63 -4.56 0.59
N VAL H 161 86.75 -4.46 -0.39
CA VAL H 161 86.03 -3.22 -0.67
C VAL H 161 84.71 -3.58 -1.33
N LEU H 162 83.64 -2.95 -0.85
CA LEU H 162 82.29 -3.11 -1.38
C LEU H 162 81.84 -1.83 -2.07
N VAL H 163 81.18 -1.98 -3.22
CA VAL H 163 80.74 -0.85 -4.04
C VAL H 163 79.35 -1.16 -4.57
N ILE H 164 78.45 -0.17 -4.50
CA ILE H 164 77.07 -0.35 -4.93
C ILE H 164 76.69 0.77 -5.87
N GLN H 165 75.66 0.54 -6.68
CA GLN H 165 75.02 1.61 -7.43
C GLN H 165 74.08 2.36 -6.48
N SER H 166 73.66 3.57 -6.88
CA SER H 166 72.72 4.38 -6.13
C SER H 166 71.41 4.52 -6.90
N SER H 167 70.29 4.30 -6.21
CA SER H 167 68.97 4.26 -6.86
C SER H 167 67.92 4.65 -5.84
N GLU H 168 66.77 5.11 -6.35
CA GLU H 168 65.60 5.23 -5.49
C GLU H 168 65.18 3.87 -4.95
N ASP H 169 65.33 2.84 -5.79
CA ASP H 169 64.74 1.52 -5.64
C ASP H 169 65.22 0.81 -4.38
N TYR H 170 66.26 1.30 -3.70
CA TYR H 170 66.67 0.70 -2.45
C TYR H 170 65.74 1.01 -1.28
N VAL H 171 64.66 1.75 -1.49
CA VAL H 171 63.63 1.86 -0.47
C VAL H 171 62.39 1.20 -1.06
N GLU H 172 62.42 0.95 -2.36
CA GLU H 172 61.36 0.18 -2.98
C GLU H 172 61.77 -1.27 -3.15
N ASN H 173 62.75 -1.56 -4.02
CA ASN H 173 63.01 -2.94 -4.43
C ASN H 173 63.70 -3.68 -3.31
N THR H 174 62.88 -4.49 -2.63
CA THR H 174 63.35 -5.49 -1.70
C THR H 174 64.19 -6.54 -2.42
N GLU H 175 63.87 -6.82 -3.69
CA GLU H 175 64.72 -7.66 -4.52
C GLU H 175 66.11 -7.05 -4.67
N LYS H 176 66.17 -5.73 -4.85
CA LYS H 176 67.46 -5.08 -4.96
C LYS H 176 68.22 -5.14 -3.65
N ALA H 177 67.56 -4.81 -2.54
CA ALA H 177 68.18 -4.92 -1.23
C ALA H 177 68.67 -6.34 -0.94
N LEU H 178 67.86 -7.34 -1.32
CA LEU H 178 68.14 -8.75 -0.97
C LEU H 178 69.45 -9.24 -1.58
N ASN H 179 69.77 -8.78 -2.78
CA ASN H 179 71.07 -9.10 -3.36
C ASN H 179 72.19 -8.29 -2.74
N VAL H 180 71.91 -7.11 -2.17
CA VAL H 180 73.03 -6.40 -1.53
C VAL H 180 73.36 -7.03 -0.19
N TYR H 181 72.34 -7.51 0.55
CA TYR H 181 72.60 -8.21 1.79
C TYR H 181 73.21 -9.57 1.52
N TYR H 182 72.96 -10.11 0.32
CA TYR H 182 73.59 -11.33 -0.15
C TYR H 182 75.10 -11.16 -0.30
N GLU H 183 75.52 -10.11 -0.98
CA GLU H 183 76.94 -9.85 -1.17
C GLU H 183 77.64 -9.56 0.16
N ILE H 184 76.95 -8.87 1.07
CA ILE H 184 77.43 -8.68 2.44
C ILE H 184 77.56 -10.02 3.14
N GLY H 185 76.62 -10.94 2.87
CA GLY H 185 76.71 -12.29 3.41
C GLY H 185 77.95 -13.04 2.97
N LYS H 186 78.37 -12.81 1.72
CA LYS H 186 79.62 -13.37 1.22
C LYS H 186 80.82 -12.84 2.03
N ILE H 187 80.89 -11.52 2.17
CA ILE H 187 81.91 -10.77 2.90
C ILE H 187 82.13 -11.30 4.31
N LEU H 188 81.04 -11.58 5.02
CA LEU H 188 81.17 -12.20 6.32
C LEU H 188 81.72 -13.61 6.13
N SER H 189 81.04 -14.41 5.31
CA SER H 189 81.29 -15.84 5.17
C SER H 189 82.71 -16.19 4.73
N ARG H 190 83.38 -15.30 3.99
CA ARG H 190 84.80 -15.51 3.70
C ARG H 190 85.67 -14.44 4.37
N ASP H 191 85.47 -13.16 4.08
CA ASP H 191 86.45 -12.15 4.45
C ASP H 191 86.44 -11.85 5.94
N ILE H 192 85.45 -12.38 6.66
CA ILE H 192 85.38 -12.19 8.11
C ILE H 192 85.28 -13.56 8.78
N LEU H 193 84.88 -14.60 8.03
CA LEU H 193 84.70 -15.90 8.67
C LEU H 193 85.74 -16.94 8.30
N SER H 194 86.34 -16.86 7.10
CA SER H 194 87.30 -17.89 6.66
C SER H 194 88.54 -17.97 7.52
N LYS H 195 88.84 -16.93 8.31
CA LYS H 195 90.02 -16.91 9.18
C LYS H 195 89.99 -17.97 10.27
N ILE H 196 89.10 -17.79 11.24
CA ILE H 196 89.03 -18.63 12.43
C ILE H 196 87.74 -19.44 12.30
N ASN H 197 87.41 -19.86 11.08
CA ASN H 197 86.22 -20.69 10.89
C ASN H 197 86.28 -21.97 11.73
N GLN H 198 87.44 -22.63 11.74
CA GLN H 198 87.60 -23.95 12.35
C GLN H 198 87.35 -23.89 13.87
N PRO H 199 86.83 -24.97 14.48
CA PRO H 199 86.36 -26.28 14.02
C PRO H 199 85.15 -26.25 13.07
N TYR H 200 84.35 -25.18 13.13
CA TYR H 200 83.30 -24.81 12.17
C TYR H 200 82.06 -25.71 12.23
N GLN H 201 82.14 -26.76 13.06
CA GLN H 201 81.09 -27.78 13.19
C GLN H 201 79.76 -27.16 13.62
N LYS H 202 79.82 -26.01 14.30
CA LYS H 202 78.65 -25.30 14.78
C LYS H 202 77.69 -24.92 13.66
N PHE H 203 78.22 -24.50 12.51
CA PHE H 203 77.33 -24.31 11.37
C PHE H 203 77.26 -25.53 10.47
N LEU H 204 78.26 -26.41 10.54
CA LEU H 204 78.29 -27.59 9.68
C LEU H 204 77.13 -28.54 9.96
N ASP H 205 76.67 -28.60 11.21
CA ASP H 205 75.64 -29.58 11.54
C ASP H 205 74.25 -29.16 11.07
N VAL H 206 73.95 -27.86 11.12
CA VAL H 206 72.63 -27.37 10.76
C VAL H 206 72.45 -27.46 9.25
N LEU H 207 73.55 -27.36 8.50
CA LEU H 207 73.52 -27.49 7.05
C LEU H 207 73.21 -28.92 6.62
N ASN H 208 73.52 -29.88 7.49
CA ASN H 208 73.16 -31.28 7.22
C ASN H 208 71.65 -31.48 7.26
N THR H 209 70.98 -30.91 8.28
CA THR H 209 69.55 -31.07 8.49
C THR H 209 68.72 -30.61 7.30
N ILE H 210 69.18 -29.56 6.62
CA ILE H 210 68.52 -29.09 5.41
C ILE H 210 68.62 -30.14 4.31
N LYS H 211 69.79 -30.80 4.21
CA LYS H 211 70.01 -31.84 3.21
C LYS H 211 69.12 -33.06 3.41
N ASN H 212 69.19 -33.75 4.53
CA ASN H 212 68.34 -34.92 4.73
C ASN H 212 67.16 -34.55 5.62
N ALA H 213 66.01 -34.32 4.97
CA ALA H 213 64.76 -33.97 5.63
C ALA H 213 63.68 -34.02 4.56
N SER H 214 62.45 -34.20 4.99
CA SER H 214 61.30 -33.89 4.14
C SER H 214 61.28 -32.41 3.77
N ASP H 215 60.50 -32.08 2.71
CA ASP H 215 60.37 -30.73 2.16
C ASP H 215 61.69 -30.16 1.64
N SER H 216 62.05 -30.54 0.42
CA SER H 216 63.20 -29.99 -0.30
C SER H 216 63.22 -28.46 -0.46
N ASP H 217 62.14 -27.75 -0.08
CA ASP H 217 62.03 -26.30 -0.14
C ASP H 217 63.24 -25.53 0.40
N GLY H 218 63.66 -25.87 1.62
CA GLY H 218 64.82 -25.23 2.23
C GLY H 218 66.09 -25.40 1.41
N GLN H 219 66.29 -26.58 0.85
CA GLN H 219 67.45 -26.76 0.00
C GLN H 219 67.20 -26.27 -1.43
N ASP H 220 65.94 -26.05 -1.81
CA ASP H 220 65.66 -25.34 -3.05
C ASP H 220 65.80 -23.84 -2.87
N LEU H 221 65.84 -23.39 -1.63
CA LEU H 221 66.04 -21.99 -1.29
C LEU H 221 67.51 -21.64 -1.17
N LEU H 222 68.28 -22.49 -0.50
CA LEU H 222 69.64 -22.13 -0.12
C LEU H 222 70.71 -22.90 -0.84
N PHE H 223 70.46 -24.15 -1.22
CA PHE H 223 71.50 -24.90 -1.88
C PHE H 223 71.46 -24.63 -3.37
N THR H 224 72.62 -24.75 -4.00
CA THR H 224 72.75 -24.69 -5.44
C THR H 224 72.32 -26.01 -6.06
N ASN H 225 72.45 -26.08 -7.38
CA ASN H 225 72.03 -27.23 -8.16
C ASN H 225 73.01 -28.39 -8.05
N GLN H 226 73.97 -28.30 -7.13
CA GLN H 226 75.01 -29.29 -6.93
C GLN H 226 74.87 -29.97 -5.58
N LEU H 227 74.76 -29.19 -4.50
CA LEU H 227 74.61 -29.76 -3.17
C LEU H 227 73.29 -30.49 -3.01
N LYS H 228 72.25 -30.08 -3.75
CA LYS H 228 70.99 -30.79 -3.72
C LYS H 228 71.13 -32.20 -4.27
N GLU H 229 71.83 -32.34 -5.40
CA GLU H 229 71.90 -33.61 -6.11
C GLU H 229 73.05 -34.50 -5.62
N HIS H 230 73.86 -34.03 -4.69
CA HIS H 230 74.89 -34.87 -4.12
C HIS H 230 74.27 -35.92 -3.21
N PRO H 231 74.25 -37.21 -3.63
CA PRO H 231 73.43 -38.25 -2.99
C PRO H 231 73.76 -38.54 -1.53
N THR H 232 75.05 -38.74 -1.28
CA THR H 232 75.61 -39.00 0.04
C THR H 232 75.32 -37.83 0.97
N ASP H 233 75.26 -38.11 2.28
CA ASP H 233 75.24 -37.03 3.27
C ASP H 233 76.55 -36.23 3.21
N PHE H 234 76.53 -35.08 3.86
CA PHE H 234 77.64 -34.14 3.72
C PHE H 234 78.78 -34.55 4.64
N SER H 235 79.92 -34.84 4.02
CA SER H 235 81.11 -35.22 4.75
C SER H 235 81.70 -33.99 5.42
N VAL H 236 82.49 -34.24 6.47
CA VAL H 236 83.16 -33.20 7.23
C VAL H 236 84.49 -32.85 6.58
N GLU H 237 84.63 -33.18 5.30
CA GLU H 237 85.69 -32.71 4.44
C GLU H 237 85.21 -31.78 3.32
N PHE H 238 83.90 -31.71 3.08
CA PHE H 238 83.37 -30.92 1.96
C PHE H 238 83.62 -29.44 2.15
N LEU H 239 83.50 -28.96 3.40
CA LEU H 239 83.81 -27.57 3.77
C LEU H 239 85.25 -27.20 3.44
N GLU H 240 86.16 -28.17 3.41
CA GLU H 240 87.55 -27.89 3.10
C GLU H 240 87.72 -27.75 1.60
N GLN H 241 87.31 -28.78 0.85
CA GLN H 241 87.37 -28.75 -0.61
C GLN H 241 86.51 -27.64 -1.21
N ASN H 242 85.38 -27.36 -0.59
CA ASN H 242 84.38 -26.46 -1.15
C ASN H 242 83.95 -25.44 -0.10
N SER H 243 84.94 -24.72 0.46
CA SER H 243 84.63 -23.56 1.29
C SER H 243 83.87 -22.49 0.53
N ASN H 244 83.97 -22.46 -0.80
CA ASN H 244 83.17 -21.64 -1.69
C ASN H 244 81.67 -21.90 -1.53
N GLU H 245 81.25 -23.14 -1.73
CA GLU H 245 79.81 -23.43 -1.78
C GLU H 245 79.14 -23.27 -0.42
N VAL H 246 79.82 -23.71 0.64
CA VAL H 246 79.23 -23.68 1.97
C VAL H 246 79.09 -22.24 2.48
N GLN H 247 79.81 -21.30 1.89
CA GLN H 247 79.74 -19.92 2.33
C GLN H 247 78.78 -19.11 1.47
N GLU H 248 78.49 -19.56 0.25
CA GLU H 248 77.39 -19.02 -0.52
C GLU H 248 76.06 -19.24 0.18
N VAL H 249 75.87 -20.45 0.72
CA VAL H 249 74.67 -20.79 1.49
C VAL H 249 74.52 -19.86 2.68
N PHE H 250 75.61 -19.68 3.44
CA PHE H 250 75.62 -18.71 4.54
C PHE H 250 75.33 -17.30 4.05
N ALA H 251 75.81 -16.96 2.86
CA ALA H 251 75.51 -15.66 2.27
C ALA H 251 74.01 -15.53 1.95
N LYS H 252 73.41 -16.61 1.43
CA LYS H 252 71.97 -16.61 1.13
C LYS H 252 71.14 -16.42 2.39
N ALA H 253 71.27 -17.36 3.34
CA ALA H 253 70.47 -17.35 4.55
C ALA H 253 70.70 -16.09 5.39
N PHE H 254 71.86 -15.46 5.24
CA PHE H 254 72.07 -14.15 5.85
C PHE H 254 71.10 -13.14 5.27
N ALA H 255 71.06 -13.03 3.93
CA ALA H 255 70.30 -12.00 3.25
C ALA H 255 68.80 -12.12 3.49
N TYR H 256 68.29 -13.35 3.50
CA TYR H 256 66.88 -13.55 3.80
C TYR H 256 66.57 -13.13 5.24
N TYR H 257 67.48 -13.43 6.16
CA TYR H 257 67.25 -13.05 7.56
C TYR H 257 67.32 -11.54 7.74
N ILE H 258 68.24 -10.87 7.06
CA ILE H 258 68.45 -9.44 7.29
C ILE H 258 67.32 -8.63 6.69
N GLU H 259 66.96 -8.93 5.44
CA GLU H 259 65.81 -8.33 4.77
C GLU H 259 64.56 -8.66 5.57
N PRO H 260 63.88 -7.63 6.10
CA PRO H 260 62.79 -7.87 7.07
C PRO H 260 61.61 -8.64 6.53
N GLN H 261 61.30 -8.48 5.25
CA GLN H 261 60.11 -9.13 4.70
C GLN H 261 60.37 -10.55 4.25
N HIS H 262 61.57 -10.84 3.76
CA HIS H 262 61.95 -12.22 3.47
C HIS H 262 62.41 -12.97 4.72
N ARG H 263 62.33 -12.34 5.89
CA ARG H 263 62.77 -12.96 7.12
C ARG H 263 61.90 -14.15 7.50
N ASP H 264 60.59 -13.93 7.58
CA ASP H 264 59.65 -15.00 7.90
C ASP H 264 59.67 -16.09 6.84
N VAL H 265 59.99 -15.73 5.60
CA VAL H 265 60.21 -16.69 4.54
C VAL H 265 61.33 -17.66 4.91
N LEU H 266 62.40 -17.13 5.51
CA LEU H 266 63.49 -18.00 5.97
C LEU H 266 63.05 -18.90 7.11
N GLN H 267 62.35 -18.31 8.10
CA GLN H 267 61.73 -19.08 9.19
C GLN H 267 60.77 -20.14 8.66
N LEU H 268 60.20 -19.89 7.49
CA LEU H 268 59.26 -20.82 6.89
C LEU H 268 59.97 -21.98 6.23
N TYR H 269 60.55 -21.72 5.05
CA TYR H 269 61.00 -22.78 4.17
C TYR H 269 62.25 -23.46 4.71
N ALA H 270 63.07 -22.75 5.47
CA ALA H 270 64.28 -23.32 6.09
C ALA H 270 64.31 -22.94 7.55
N PRO H 271 63.49 -23.61 8.38
CA PRO H 271 63.37 -23.20 9.80
C PRO H 271 64.66 -23.28 10.58
N GLU H 272 65.51 -24.26 10.25
CA GLU H 272 66.78 -24.46 10.93
C GLU H 272 67.77 -23.34 10.63
N ALA H 273 67.90 -22.98 9.35
CA ALA H 273 68.79 -21.89 8.94
C ALA H 273 68.39 -20.58 9.57
N PHE H 274 67.08 -20.37 9.72
CA PHE H 274 66.60 -19.24 10.48
C PHE H 274 66.96 -19.39 11.95
N ASN H 275 66.70 -20.58 12.50
CA ASN H 275 66.91 -20.86 13.92
C ASN H 275 68.35 -20.61 14.33
N TYR H 276 69.29 -20.89 13.43
CA TYR H 276 70.69 -20.61 13.68
C TYR H 276 71.01 -19.13 13.55
N MET H 277 70.67 -18.56 12.38
CA MET H 277 70.96 -17.15 12.09
C MET H 277 70.22 -16.20 13.02
N ASP H 278 69.10 -16.64 13.60
CA ASP H 278 68.48 -15.86 14.68
C ASP H 278 69.38 -15.89 15.91
N LYS H 279 69.87 -17.06 16.30
CA LYS H 279 70.71 -17.15 17.49
C LYS H 279 72.04 -16.43 17.30
N PHE H 280 72.68 -16.64 16.15
CA PHE H 280 73.99 -16.16 15.76
C PHE H 280 74.26 -14.68 16.03
N ASN H 281 73.40 -13.79 15.53
CA ASN H 281 73.71 -12.37 15.55
C ASN H 281 73.54 -11.77 16.94
N GLU H 282 72.36 -11.94 17.53
CA GLU H 282 72.00 -11.39 18.83
C GLU H 282 72.85 -11.93 19.97
N GLN H 283 73.51 -13.06 19.80
CA GLN H 283 74.45 -13.59 20.79
C GLN H 283 75.46 -14.49 20.09
CA CA I . 47.97 -3.24 -0.49
CA CA J . 45.80 -3.03 -3.47
CA CA K . 43.68 22.49 0.91
CA CA L . 40.88 23.52 -1.28
CA CA M . 29.84 35.52 19.06
CA CA N . 26.39 36.24 17.90
CA CA O . 17.38 26.17 40.34
CA CA P . 13.75 25.77 39.71
CA CA Q . 15.56 1.17 48.64
CA CA R . 12.34 -0.35 47.63
CA CA S . 25.72 -20.54 37.70
CA CA T . 23.19 -22.33 35.68
CA CA U . 40.26 -22.52 15.94
CA CA V . 38.21 -23.51 13.03
#